data_5BK7
#
_entry.id   5BK7
#
_cell.length_a   64.441
_cell.length_b   200.514
_cell.length_c   139.930
_cell.angle_alpha   90.00
_cell.angle_beta   103.25
_cell.angle_gamma   90.00
#
_symmetry.space_group_name_H-M   'P 1 21 1'
#
loop_
_entity.id
_entity.type
_entity.pdbx_description
1 polymer 'PLP-Dependent L-Arginine Hydroxylase MppP'
2 non-polymer (E)-N~2~-({3-hydroxy-2-methyl-5-[(phosphonooxy)methyl]pyridin-4-yl}methylidene)-L-arginine
3 water water
#
_entity_poly.entity_id   1
_entity_poly.type   'polypeptide(L)'
_entity_poly.pdbx_seq_one_letter_code
;MTTQPQLKENLTQWAYLALNSELNIADGHARQALSPGQQKIVNELPVLWAESEQRPVQQIESEAHQAYFTLLGQHGYPAE
PGRVLSCYSSSVSMEILARSLSASVDRVALVHPTFDNIADLLRGNGLDLVPVEEDALHGADLSAELLSSVGCVFVTTPNN
PTGRVLAEERLRRLAEQCAEHGTVLALDTSFRGFDAAAHYDHYAVLQEAGCRWVVIEDTGKLWPTLDLKAGLLVFSEDIG
LPVEKIYSDILLGVSPLILALIREFSRDAADGGLADLHAFILHNRSVVRRALAGVEGVSFPDPESRSSVERVAFAGRTGT
EVWEELQRHHVFALPCRQFHWAEPSDGDHMVRIALSRSTEPLEKSVQVLRTVLETR
;
_entity_poly.pdbx_strand_id   A,B,C,D,E,F,G,H
#
loop_
_chem_comp.id
_chem_comp.type
_chem_comp.name
_chem_comp.formula
EQJ non-polymer (E)-N~2~-({3-hydroxy-2-methyl-5-[(phosphonooxy)methyl]pyridin-4-yl}methylidene)-L-arginine 'C14 H22 N5 O7 P'
#
# COMPACT_ATOMS: atom_id res chain seq x y z
N LYS A 8 3.96 -1.31 34.59
CA LYS A 8 2.97 -2.34 34.29
C LYS A 8 1.57 -1.81 33.88
N GLU A 9 0.76 -1.31 34.78
CA GLU A 9 -0.64 -1.02 34.46
C GLU A 9 -0.87 0.25 33.62
N ASN A 10 0.07 1.20 33.57
CA ASN A 10 -0.13 2.45 32.82
C ASN A 10 1.26 3.04 32.67
N LEU A 11 1.36 4.16 31.93
CA LEU A 11 2.69 4.71 31.66
C LEU A 11 3.30 5.36 32.91
N THR A 12 2.48 5.85 33.83
CA THR A 12 3.04 6.38 35.06
C THR A 12 3.80 5.30 35.82
N GLN A 13 3.28 4.07 35.81
CA GLN A 13 3.98 2.97 36.50
C GLN A 13 5.31 2.59 35.85
N TRP A 14 5.40 2.57 34.52
CA TRP A 14 6.71 2.47 33.87
C TRP A 14 7.61 3.63 34.26
N ALA A 15 7.02 4.80 34.40
CA ALA A 15 7.85 5.98 34.68
C ALA A 15 8.43 5.94 36.09
N TYR A 16 7.69 5.39 37.08
CA TYR A 16 8.25 5.15 38.41
C TYR A 16 9.65 4.54 38.37
N LEU A 17 9.83 3.55 37.52
CA LEU A 17 11.11 2.81 37.47
C LEU A 17 12.30 3.72 37.25
N ALA A 18 12.08 4.88 36.64
CA ALA A 18 13.16 5.76 36.24
C ALA A 18 13.56 6.78 37.32
N LEU A 19 12.66 7.08 38.26
CA LEU A 19 12.72 8.31 39.05
C LEU A 19 14.02 8.50 39.80
N ASN A 20 14.72 7.42 40.10
CA ASN A 20 15.89 7.54 40.96
C ASN A 20 17.19 7.20 40.22
N SER A 21 17.18 7.19 38.89
CA SER A 21 18.34 6.77 38.13
C SER A 21 18.89 7.90 37.26
N GLU A 22 20.23 7.92 37.13
CA GLU A 22 20.88 9.03 36.43
C GLU A 22 20.31 9.19 35.04
N LEU A 23 20.02 8.08 34.38
CA LEU A 23 19.67 8.12 32.96
C LEU A 23 18.17 7.95 32.76
N ASN A 24 17.40 8.69 33.57
CA ASN A 24 15.96 8.85 33.40
C ASN A 24 15.69 9.69 32.17
N ILE A 25 15.10 9.07 31.17
CA ILE A 25 14.56 9.78 30.00
C ILE A 25 13.17 9.26 29.79
N ALA A 26 12.44 9.00 30.89
CA ALA A 26 11.07 8.50 30.81
C ALA A 26 9.99 9.59 30.96
N ASP A 27 9.68 10.06 32.17
CA ASP A 27 8.55 10.99 32.36
C ASP A 27 8.80 12.30 31.61
N GLY A 28 7.71 12.99 31.27
CA GLY A 28 7.83 14.24 30.51
C GLY A 28 8.13 15.49 31.31
N HIS A 29 8.36 15.35 32.61
CA HIS A 29 8.62 16.50 33.46
C HIS A 29 9.92 17.15 33.06
N ALA A 30 9.98 18.47 33.27
CA ALA A 30 11.22 19.22 33.04
C ALA A 30 12.21 18.95 34.17
N ARG A 31 13.38 18.41 33.81
CA ARG A 31 14.43 18.04 34.75
C ARG A 31 15.82 18.50 34.28
N GLN A 32 15.95 19.28 33.21
CA GLN A 32 17.23 19.86 32.88
C GLN A 32 17.66 20.83 34.00
N ALA A 33 18.90 21.33 33.94
CA ALA A 33 19.38 22.30 34.93
C ALA A 33 18.75 23.67 34.73
N LEU A 34 18.61 24.39 35.83
CA LEU A 34 18.11 25.75 35.78
C LEU A 34 18.96 26.61 34.85
N SER A 35 18.31 27.44 34.04
CA SER A 35 19.05 28.49 33.33
C SER A 35 19.56 29.54 34.32
N PRO A 36 20.61 30.28 33.96
CA PRO A 36 21.11 31.31 34.90
C PRO A 36 19.99 32.26 35.38
N GLY A 37 19.14 32.72 34.46
CA GLY A 37 17.97 33.51 34.84
C GLY A 37 17.05 32.79 35.83
N GLN A 38 16.82 31.50 35.63
CA GLN A 38 15.94 30.77 36.54
C GLN A 38 16.56 30.59 37.93
N GLN A 39 17.85 30.30 37.98
CA GLN A 39 18.55 30.16 39.25
C GLN A 39 18.47 31.48 40.05
N LYS A 40 18.30 32.60 39.35
CA LYS A 40 18.15 33.85 40.06
C LYS A 40 16.79 33.93 40.74
N ILE A 41 15.75 33.38 40.11
CA ILE A 41 14.47 33.25 40.80
C ILE A 41 14.64 32.43 42.06
N VAL A 42 15.35 31.30 41.94
CA VAL A 42 15.47 30.36 43.06
C VAL A 42 16.23 30.99 44.21
N ASN A 43 17.36 31.62 43.88
CA ASN A 43 18.18 32.34 44.86
C ASN A 43 17.35 33.26 45.74
N GLU A 44 16.25 33.80 45.23
CA GLU A 44 15.47 34.75 46.01
C GLU A 44 14.17 34.15 46.56
N LEU A 45 14.05 32.82 46.61
CA LEU A 45 12.91 32.19 47.28
C LEU A 45 12.54 32.80 48.65
N PRO A 46 13.48 33.03 49.59
CA PRO A 46 13.10 33.66 50.87
C PRO A 46 12.34 34.97 50.71
N VAL A 47 12.75 35.75 49.73
CA VAL A 47 12.05 36.99 49.44
C VAL A 47 10.64 36.69 48.94
N LEU A 48 10.52 35.79 47.96
CA LEU A 48 9.21 35.40 47.46
C LEU A 48 8.34 34.81 48.58
N TRP A 49 8.96 34.06 49.50
CA TRP A 49 8.23 33.48 50.63
C TRP A 49 7.61 34.58 51.47
N ALA A 50 8.41 35.60 51.78
CA ALA A 50 7.88 36.73 52.55
C ALA A 50 6.85 37.53 51.76
N GLU A 51 6.96 37.58 50.44
CA GLU A 51 5.87 38.16 49.65
C GLU A 51 4.63 37.31 49.80
N SER A 52 4.77 36.00 49.73
CA SER A 52 3.58 35.15 49.74
C SER A 52 2.89 35.17 51.11
N GLU A 53 3.62 35.47 52.19
CA GLU A 53 2.99 35.66 53.49
C GLU A 53 2.16 36.92 53.51
N GLN A 54 2.74 38.03 53.06
CA GLN A 54 2.16 39.36 53.25
C GLN A 54 0.99 39.66 52.31
N ARG A 55 1.01 39.15 51.06
CA ARG A 55 0.03 39.71 50.14
C ARG A 55 -1.19 38.81 49.96
N PRO A 56 -2.33 39.39 49.64
CA PRO A 56 -3.52 38.61 49.30
C PRO A 56 -3.28 37.69 48.11
N VAL A 57 -3.56 36.40 48.32
CA VAL A 57 -3.33 35.39 47.28
C VAL A 57 -4.11 35.70 46.00
N GLN A 58 -5.18 36.51 46.08
CA GLN A 58 -5.86 36.89 44.86
C GLN A 58 -4.95 37.67 43.94
N GLN A 59 -4.15 38.56 44.50
CA GLN A 59 -3.31 39.41 43.67
C GLN A 59 -2.18 38.61 43.05
N ILE A 60 -1.52 37.77 43.84
CA ILE A 60 -0.45 36.93 43.31
C ILE A 60 -1.01 35.99 42.25
N GLU A 61 -2.20 35.43 42.51
CA GLU A 61 -2.81 34.51 41.56
C GLU A 61 -3.15 35.23 40.26
N SER A 62 -3.74 36.42 40.33
CA SER A 62 -4.05 37.19 39.14
C SER A 62 -2.78 37.46 38.36
N GLU A 63 -1.70 37.81 39.04
CA GLU A 63 -0.48 38.14 38.33
C GLU A 63 0.11 36.92 37.65
N ALA A 64 -0.02 35.75 38.26
CA ALA A 64 0.58 34.56 37.68
C ALA A 64 -0.20 34.08 36.47
N HIS A 65 -1.53 34.07 36.59
CA HIS A 65 -2.36 33.80 35.43
C HIS A 65 -2.07 34.77 34.30
N GLN A 66 -2.17 36.06 34.57
CA GLN A 66 -1.98 37.04 33.49
C GLN A 66 -0.63 36.81 32.80
N ALA A 67 0.40 36.55 33.58
CA ALA A 67 1.74 36.39 33.02
C ALA A 67 1.82 35.14 32.14
N TYR A 68 1.21 34.02 32.61
CA TYR A 68 1.31 32.75 31.90
C TYR A 68 0.51 32.80 30.63
N PHE A 69 -0.74 33.27 30.72
CA PHE A 69 -1.59 33.31 29.55
C PHE A 69 -1.03 34.26 28.47
N THR A 70 -0.62 35.47 28.86
CA THR A 70 -0.14 36.38 27.83
C THR A 70 1.19 35.90 27.25
N LEU A 71 2.01 35.22 28.05
CA LEU A 71 3.23 34.65 27.50
C LEU A 71 2.92 33.83 26.26
N LEU A 72 1.88 33.01 26.34
CA LEU A 72 1.57 32.02 25.32
C LEU A 72 0.42 32.45 24.41
N GLY A 73 0.18 33.77 24.30
CA GLY A 73 -0.76 34.29 23.31
C GLY A 73 -2.21 34.16 23.69
N GLN A 74 -2.52 33.82 24.93
CA GLN A 74 -3.92 33.52 25.27
C GLN A 74 -4.60 34.74 25.91
N HIS A 75 -4.68 35.82 25.13
CA HIS A 75 -5.05 37.14 25.65
C HIS A 75 -6.50 37.19 26.10
N GLY A 76 -7.40 36.54 25.37
CA GLY A 76 -8.80 36.60 25.69
C GLY A 76 -9.24 35.66 26.79
N TYR A 77 -8.31 35.17 27.63
CA TYR A 77 -8.68 34.21 28.67
C TYR A 77 -9.55 34.92 29.70
N PRO A 78 -10.59 34.24 30.27
CA PRO A 78 -11.45 34.90 31.26
C PRO A 78 -10.66 35.20 32.53
N ALA A 79 -10.51 36.50 32.82
CA ALA A 79 -9.63 36.98 33.88
C ALA A 79 -10.39 37.35 35.16
N GLU A 80 -11.70 37.33 35.15
CA GLU A 80 -12.42 37.70 36.35
C GLU A 80 -12.20 36.61 37.40
N PRO A 81 -12.08 36.96 38.67
CA PRO A 81 -11.80 35.94 39.68
C PRO A 81 -12.80 34.77 39.62
N GLY A 82 -12.26 33.54 39.64
CA GLY A 82 -13.03 32.33 39.73
C GLY A 82 -13.21 31.60 38.42
N ARG A 83 -12.85 32.21 37.31
CA ARG A 83 -13.06 31.55 36.04
C ARG A 83 -11.90 30.64 35.68
N VAL A 84 -10.72 30.88 36.26
CA VAL A 84 -9.55 30.04 36.08
C VAL A 84 -9.30 29.39 37.44
N LEU A 85 -9.43 28.07 37.54
CA LEU A 85 -9.29 27.39 38.82
C LEU A 85 -7.94 26.71 38.88
N SER A 86 -7.15 27.10 39.88
CA SER A 86 -5.76 26.63 39.99
C SER A 86 -5.79 25.35 40.78
N CYS A 87 -5.21 24.30 40.23
CA CYS A 87 -5.22 22.97 40.81
C CYS A 87 -3.78 22.55 41.05
N TYR A 88 -3.58 21.58 41.93
CA TYR A 88 -2.22 21.15 42.21
C TYR A 88 -1.53 20.66 40.96
N SER A 89 -2.28 20.07 40.04
CA SER A 89 -1.71 19.55 38.79
C SER A 89 -2.78 19.46 37.71
N SER A 90 -2.30 19.27 36.49
CA SER A 90 -3.14 18.96 35.35
C SER A 90 -4.01 17.72 35.63
N SER A 91 -3.42 16.67 36.20
CA SER A 91 -4.17 15.44 36.49
C SER A 91 -5.32 15.72 37.44
N VAL A 92 -5.11 16.61 38.41
CA VAL A 92 -6.16 16.87 39.37
C VAL A 92 -7.27 17.67 38.70
N SER A 93 -6.93 18.62 37.81
CA SER A 93 -7.97 19.27 37.00
C SER A 93 -8.74 18.23 36.19
N MET A 94 -7.98 17.25 35.66
CA MET A 94 -8.55 16.19 34.86
C MET A 94 -9.48 15.32 35.69
N GLU A 95 -9.10 15.03 36.96
CA GLU A 95 -10.00 14.28 37.83
C GLU A 95 -11.27 15.08 38.08
N ILE A 96 -11.12 16.38 38.36
CA ILE A 96 -12.27 17.23 38.51
C ILE A 96 -13.14 17.20 37.27
N LEU A 97 -12.54 17.33 36.08
CA LEU A 97 -13.34 17.35 34.85
C LEU A 97 -14.03 16.02 34.64
N ALA A 98 -13.26 14.93 34.71
CA ALA A 98 -13.82 13.62 34.43
C ALA A 98 -14.98 13.33 35.38
N ARG A 99 -14.82 13.64 36.68
CA ARG A 99 -15.93 13.31 37.55
C ARG A 99 -17.11 14.25 37.31
N SER A 100 -16.86 15.49 36.87
CA SER A 100 -17.96 16.38 36.52
C SER A 100 -18.74 15.85 35.32
N LEU A 101 -18.03 15.35 34.31
CA LEU A 101 -18.70 14.82 33.13
C LEU A 101 -19.65 13.66 33.48
N SER A 102 -19.21 12.71 34.32
CA SER A 102 -19.99 11.51 34.60
C SER A 102 -21.39 11.85 35.08
N ALA A 103 -21.61 13.04 35.62
CA ALA A 103 -22.93 13.40 36.09
C ALA A 103 -23.96 13.37 34.96
N SER A 104 -23.51 13.51 33.70
CA SER A 104 -24.43 13.87 32.62
C SER A 104 -23.98 13.36 31.27
N VAL A 105 -22.82 12.71 31.16
CA VAL A 105 -22.26 12.28 29.90
C VAL A 105 -21.92 10.81 30.05
N ASP A 106 -22.17 10.03 29.00
CA ASP A 106 -21.87 8.60 29.05
C ASP A 106 -20.67 8.25 28.23
N ARG A 107 -20.38 9.06 27.21
CA ARG A 107 -19.43 8.70 26.17
C ARG A 107 -18.62 9.93 25.83
N VAL A 108 -17.32 9.74 25.61
CA VAL A 108 -16.40 10.84 25.34
C VAL A 108 -15.60 10.46 24.11
N ALA A 109 -15.55 11.36 23.14
CA ALA A 109 -14.67 11.18 22.00
C ALA A 109 -13.32 11.75 22.38
N LEU A 110 -12.25 10.96 22.24
CA LEU A 110 -10.94 11.32 22.74
C LEU A 110 -9.93 11.12 21.62
N VAL A 111 -9.05 12.12 21.41
CA VAL A 111 -7.99 11.91 20.42
C VAL A 111 -7.21 10.67 20.79
N HIS A 112 -6.66 9.99 19.79
CA HIS A 112 -5.93 8.72 19.90
C HIS A 112 -4.79 8.80 18.89
N PRO A 113 -3.50 8.61 19.31
CA PRO A 113 -3.14 8.36 20.72
C PRO A 113 -3.21 9.60 21.57
N THR A 114 -3.00 9.42 22.87
CA THR A 114 -2.79 10.54 23.79
C THR A 114 -2.30 9.96 25.11
N PHE A 115 -1.91 10.87 26.01
CA PHE A 115 -1.36 10.42 27.27
C PHE A 115 -2.42 9.62 28.02
N ASP A 116 -2.00 8.50 28.62
CA ASP A 116 -2.97 7.46 28.94
C ASP A 116 -3.74 7.75 30.23
N ASN A 117 -3.19 8.58 31.12
CA ASN A 117 -3.97 8.93 32.29
C ASN A 117 -5.17 9.79 31.95
N ILE A 118 -5.26 10.33 30.74
CA ILE A 118 -6.52 11.02 30.37
C ILE A 118 -7.63 10.00 30.18
N ALA A 119 -7.34 8.93 29.43
CA ALA A 119 -8.32 7.87 29.24
C ALA A 119 -8.59 7.14 30.55
N ASP A 120 -7.54 6.84 31.33
CA ASP A 120 -7.73 6.17 32.61
C ASP A 120 -8.59 7.01 33.54
N LEU A 121 -8.38 8.31 33.58
CA LEU A 121 -9.19 9.05 34.54
C LEU A 121 -10.63 9.09 34.08
N LEU A 122 -10.85 9.18 32.75
CA LEU A 122 -12.22 9.16 32.24
C LEU A 122 -12.90 7.81 32.48
N ARG A 123 -12.28 6.72 32.00
CA ARG A 123 -12.88 5.42 32.23
C ARG A 123 -13.05 5.16 33.72
N GLY A 124 -12.05 5.52 34.53
CA GLY A 124 -12.16 5.40 35.98
C GLY A 124 -13.37 6.10 36.58
N ASN A 125 -13.88 7.13 35.93
CA ASN A 125 -15.00 7.86 36.49
C ASN A 125 -16.30 7.47 35.83
N GLY A 126 -16.32 6.36 35.11
CA GLY A 126 -17.55 5.86 34.53
C GLY A 126 -17.87 6.23 33.09
N LEU A 127 -16.95 6.81 32.34
CA LEU A 127 -17.22 7.28 30.98
C LEU A 127 -16.70 6.23 30.01
N ASP A 128 -17.43 6.01 28.90
CA ASP A 128 -16.94 5.18 27.82
C ASP A 128 -16.21 6.08 26.83
N LEU A 129 -15.28 5.52 26.10
CA LEU A 129 -14.47 6.33 25.21
C LEU A 129 -14.63 5.87 23.77
N VAL A 130 -14.50 6.82 22.87
CA VAL A 130 -14.52 6.57 21.44
C VAL A 130 -13.24 7.18 20.87
N PRO A 131 -12.38 6.42 20.22
CA PRO A 131 -11.14 7.03 19.73
C PRO A 131 -11.44 7.92 18.54
N VAL A 132 -10.64 8.98 18.40
CA VAL A 132 -10.58 9.72 17.14
C VAL A 132 -9.11 9.78 16.66
N GLU A 133 -8.82 9.18 15.50
CA GLU A 133 -7.46 9.25 15.00
C GLU A 133 -7.10 10.68 14.67
N GLU A 134 -5.80 10.93 14.58
CA GLU A 134 -5.35 12.29 14.39
C GLU A 134 -5.74 12.81 13.02
N ASP A 135 -5.56 11.99 11.96
CA ASP A 135 -5.88 12.51 10.62
C ASP A 135 -7.36 12.88 10.54
N ALA A 136 -8.24 12.05 11.10
CA ALA A 136 -9.67 12.34 11.10
C ALA A 136 -9.95 13.65 11.77
N LEU A 137 -9.28 13.88 12.91
CA LEU A 137 -9.54 15.05 13.76
C LEU A 137 -9.09 16.35 13.10
N HIS A 138 -7.89 16.36 12.51
CA HIS A 138 -7.30 17.60 11.98
C HIS A 138 -7.70 17.95 10.56
N GLY A 139 -8.06 16.95 9.74
CA GLY A 139 -8.39 17.15 8.34
C GLY A 139 -9.82 16.99 7.92
N ALA A 140 -10.76 16.84 8.84
CA ALA A 140 -12.14 16.65 8.42
C ALA A 140 -13.09 16.92 9.58
N ASP A 141 -14.31 17.29 9.21
CA ASP A 141 -15.43 17.33 10.14
C ASP A 141 -15.55 15.99 10.89
N LEU A 142 -15.95 16.06 12.14
CA LEU A 142 -16.40 14.85 12.83
C LEU A 142 -17.85 14.56 12.44
N SER A 143 -18.20 13.28 12.33
CA SER A 143 -19.50 12.94 11.77
C SER A 143 -20.61 13.33 12.71
N ALA A 144 -21.83 13.42 12.14
CA ALA A 144 -23.02 13.62 12.95
C ALA A 144 -23.33 12.40 13.79
N GLU A 145 -23.14 11.21 13.21
CA GLU A 145 -23.28 9.97 13.95
C GLU A 145 -22.45 10.02 15.23
N LEU A 146 -21.14 10.26 15.09
CA LEU A 146 -20.25 10.34 16.24
C LEU A 146 -20.70 11.41 17.22
N LEU A 147 -21.03 12.61 16.72
CA LEU A 147 -21.23 13.74 17.61
C LEU A 147 -22.49 13.60 18.43
N SER A 148 -23.51 12.98 17.88
CA SER A 148 -24.73 12.77 18.65
C SER A 148 -24.56 11.61 19.64
N SER A 149 -23.63 10.68 19.41
CA SER A 149 -23.41 9.57 20.33
C SER A 149 -22.55 9.94 21.53
N VAL A 150 -22.14 11.20 21.65
CA VAL A 150 -21.10 11.62 22.59
C VAL A 150 -21.47 12.95 23.23
N GLY A 151 -21.09 13.12 24.48
CA GLY A 151 -21.42 14.36 25.18
C GLY A 151 -20.25 15.29 25.42
N CYS A 152 -19.05 14.85 25.02
CA CYS A 152 -17.83 15.65 25.13
C CYS A 152 -16.85 15.22 24.05
N VAL A 153 -16.11 16.18 23.51
CA VAL A 153 -14.97 15.91 22.63
C VAL A 153 -13.74 16.47 23.32
N PHE A 154 -12.72 15.60 23.48
CA PHE A 154 -11.51 15.90 24.24
C PHE A 154 -10.30 15.82 23.34
N VAL A 155 -9.58 16.93 23.23
CA VAL A 155 -8.42 17.03 22.35
C VAL A 155 -7.23 17.51 23.15
N THR A 156 -6.15 16.77 23.09
CA THR A 156 -4.88 17.18 23.65
C THR A 156 -4.10 17.93 22.57
N THR A 157 -3.80 19.21 22.82
CA THR A 157 -3.10 19.99 21.81
C THR A 157 -2.17 21.04 22.40
N PRO A 158 -0.87 20.98 22.07
CA PRO A 158 -0.14 19.97 21.27
C PRO A 158 -0.24 18.56 21.86
N ASN A 159 -0.37 17.52 21.01
CA ASN A 159 -0.66 16.22 21.57
C ASN A 159 0.61 15.60 22.09
N ASN A 160 0.42 14.72 23.07
CA ASN A 160 1.44 13.88 23.67
C ASN A 160 1.01 12.47 23.34
N PRO A 161 1.79 11.73 22.59
CA PRO A 161 3.23 11.80 22.28
C PRO A 161 3.64 12.35 20.94
N THR A 162 2.70 12.90 20.19
CA THR A 162 3.00 13.12 18.80
C THR A 162 3.45 14.55 18.54
N GLY A 163 3.15 15.49 19.43
CA GLY A 163 3.45 16.89 19.16
C GLY A 163 2.50 17.57 18.18
N ARG A 164 1.46 16.91 17.73
CA ARG A 164 0.61 17.49 16.71
C ARG A 164 -0.28 18.58 17.32
N VAL A 165 -0.27 19.75 16.70
CA VAL A 165 -1.06 20.91 17.14
C VAL A 165 -2.33 21.07 16.31
N LEU A 166 -3.46 21.22 16.98
CA LEU A 166 -4.72 21.54 16.29
C LEU A 166 -4.73 23.00 15.84
N ALA A 167 -4.65 23.19 14.52
CA ALA A 167 -4.63 24.52 13.90
C ALA A 167 -5.92 25.31 14.17
N GLU A 168 -5.87 26.63 13.93
CA GLU A 168 -6.95 27.51 14.36
C GLU A 168 -8.26 27.28 13.55
N GLU A 169 -8.17 27.08 12.23
CA GLU A 169 -9.40 26.92 11.42
C GLU A 169 -10.13 25.65 11.79
N ARG A 170 -9.37 24.61 12.12
CA ARG A 170 -10.03 23.37 12.56
C ARG A 170 -10.62 23.52 13.96
N LEU A 171 -9.96 24.24 14.86
CA LEU A 171 -10.59 24.45 16.15
C LEU A 171 -11.84 25.31 16.02
N ARG A 172 -11.80 26.33 15.19
CA ARG A 172 -13.01 27.10 14.90
C ARG A 172 -14.15 26.20 14.44
N ARG A 173 -13.86 25.33 13.47
CA ARG A 173 -14.89 24.44 12.97
C ARG A 173 -15.34 23.43 14.01
N LEU A 174 -14.40 22.84 14.74
CA LEU A 174 -14.75 21.86 15.78
C LEU A 174 -15.65 22.49 16.82
N ALA A 175 -15.30 23.68 17.28
CA ALA A 175 -16.08 24.37 18.29
C ALA A 175 -17.49 24.68 17.79
N GLU A 176 -17.60 25.17 16.54
CA GLU A 176 -18.89 25.30 15.87
C GLU A 176 -19.64 23.99 15.89
N GLN A 177 -18.99 22.90 15.51
CA GLN A 177 -19.66 21.63 15.51
C GLN A 177 -20.20 21.32 16.91
N CYS A 178 -19.40 21.61 17.94
CA CYS A 178 -19.82 21.33 19.30
C CYS A 178 -20.98 22.22 19.70
N ALA A 179 -21.03 23.47 19.21
CA ALA A 179 -22.15 24.32 19.55
C ALA A 179 -23.44 23.81 18.90
N GLU A 180 -23.37 23.35 17.66
CA GLU A 180 -24.62 22.95 17.05
C GLU A 180 -25.17 21.67 17.67
N HIS A 181 -24.32 20.84 18.27
CA HIS A 181 -24.79 19.64 18.94
C HIS A 181 -24.92 19.80 20.45
N GLY A 182 -24.53 20.92 21.05
CA GLY A 182 -24.59 21.06 22.51
C GLY A 182 -23.49 20.34 23.28
N THR A 183 -22.40 20.00 22.61
CA THR A 183 -21.36 19.15 23.16
C THR A 183 -20.37 20.01 23.90
N VAL A 184 -19.73 19.40 24.89
CA VAL A 184 -18.60 20.04 25.55
C VAL A 184 -17.38 19.77 24.70
N LEU A 185 -16.72 20.84 24.28
CA LEU A 185 -15.36 20.77 23.76
C LEU A 185 -14.38 20.99 24.92
N ALA A 186 -13.47 20.01 25.12
CA ALA A 186 -12.53 20.01 26.25
C ALA A 186 -11.14 19.93 25.64
N LEU A 187 -10.26 20.86 26.00
CA LEU A 187 -8.86 20.81 25.52
C LEU A 187 -7.85 20.62 26.65
N ASP A 188 -6.75 19.90 26.35
CA ASP A 188 -5.58 19.78 27.24
C ASP A 188 -4.38 20.44 26.56
N THR A 189 -3.91 21.55 27.09
CA THR A 189 -2.91 22.40 26.45
C THR A 189 -1.65 22.48 27.31
N SER A 190 -1.43 21.41 28.07
CA SER A 190 -0.22 21.26 28.86
C SER A 190 1.07 21.55 28.06
N PHE A 191 1.10 21.18 26.80
CA PHE A 191 2.36 21.35 26.05
C PHE A 191 2.39 22.66 25.25
N ARG A 192 1.37 23.50 25.39
CA ARG A 192 1.27 24.75 24.66
C ARG A 192 2.60 25.50 24.54
N GLY A 193 3.26 25.76 25.66
CA GLY A 193 4.48 26.54 25.61
C GLY A 193 5.52 26.09 24.61
N PHE A 194 5.58 24.79 24.30
CA PHE A 194 6.71 24.31 23.50
C PHE A 194 6.61 24.65 22.02
N ASP A 195 5.43 25.06 21.53
CA ASP A 195 5.21 25.22 20.10
C ASP A 195 4.36 26.44 19.79
N ALA A 196 4.95 27.40 19.07
CA ALA A 196 4.30 28.67 18.73
C ALA A 196 3.06 28.48 17.90
N ALA A 197 2.94 27.36 17.20
CA ALA A 197 1.75 27.10 16.42
C ALA A 197 0.52 26.98 17.30
N ALA A 198 0.71 26.80 18.61
CA ALA A 198 -0.36 26.69 19.62
C ALA A 198 -0.60 27.98 20.36
N HIS A 199 0.03 29.07 19.91
CA HIS A 199 -0.05 30.32 20.65
C HIS A 199 -1.07 31.28 20.06
N TYR A 200 -1.72 30.93 18.97
CA TYR A 200 -2.89 31.71 18.62
C TYR A 200 -3.91 31.60 19.76
N ASP A 201 -4.82 32.57 19.82
CA ASP A 201 -5.66 32.77 20.99
C ASP A 201 -6.79 31.76 20.94
N HIS A 202 -6.69 30.72 21.76
CA HIS A 202 -7.72 29.68 21.81
C HIS A 202 -9.00 30.21 22.42
N TYR A 203 -8.88 31.10 23.39
CA TYR A 203 -10.04 31.53 24.13
C TYR A 203 -10.91 32.40 23.24
N ALA A 204 -10.28 33.16 22.37
CA ALA A 204 -11.04 33.96 21.43
C ALA A 204 -11.89 33.06 20.52
N VAL A 205 -11.30 31.98 19.97
CA VAL A 205 -12.12 31.16 19.08
C VAL A 205 -13.18 30.38 19.85
N LEU A 206 -12.88 29.87 21.05
CA LEU A 206 -13.91 29.18 21.82
C LEU A 206 -15.07 30.12 22.18
N GLN A 207 -14.75 31.34 22.59
CA GLN A 207 -15.79 32.26 23.01
C GLN A 207 -16.62 32.75 21.83
N GLU A 208 -15.96 33.02 20.69
CA GLU A 208 -16.67 33.40 19.47
C GLU A 208 -17.59 32.28 18.97
N ALA A 209 -17.20 31.05 19.14
CA ALA A 209 -18.04 29.96 18.68
C ALA A 209 -19.22 29.75 19.62
N GLY A 210 -19.04 30.07 20.90
CA GLY A 210 -20.12 29.93 21.86
C GLY A 210 -20.53 28.51 22.17
N CYS A 211 -19.62 27.54 22.04
CA CYS A 211 -19.83 26.17 22.49
C CYS A 211 -19.62 26.09 24.01
N ARG A 212 -20.10 25.01 24.63
CA ARG A 212 -19.68 24.66 25.98
C ARG A 212 -18.22 24.22 25.95
N TRP A 213 -17.33 24.86 26.75
CA TRP A 213 -15.91 24.51 26.67
C TRP A 213 -15.21 24.51 28.03
N VAL A 214 -14.17 23.68 28.10
CA VAL A 214 -13.21 23.62 29.20
C VAL A 214 -11.83 23.47 28.61
N VAL A 215 -10.87 24.23 29.16
CA VAL A 215 -9.45 24.04 28.88
C VAL A 215 -8.72 23.77 30.20
N ILE A 216 -7.76 22.84 30.15
CA ILE A 216 -6.79 22.57 31.21
C ILE A 216 -5.42 23.00 30.71
N GLU A 217 -4.94 24.13 31.23
CA GLU A 217 -3.58 24.61 31.04
C GLU A 217 -2.70 23.99 32.12
N ASP A 218 -1.38 23.96 31.86
CA ASP A 218 -0.45 23.33 32.79
C ASP A 218 0.88 24.07 32.72
N THR A 219 1.35 24.60 33.86
CA THR A 219 2.67 25.23 33.94
C THR A 219 3.83 24.22 34.12
N GLY A 220 3.55 22.98 34.50
CA GLY A 220 4.61 22.09 34.93
C GLY A 220 5.62 21.68 33.86
N LYS A 221 5.16 21.38 32.67
CA LYS A 221 6.06 20.71 31.72
C LYS A 221 7.25 21.55 31.33
N LEU A 222 7.10 22.85 31.42
CA LEU A 222 7.93 23.81 30.69
C LEU A 222 9.24 24.11 31.40
N TRP A 223 9.22 24.18 32.74
CA TRP A 223 10.41 24.64 33.46
C TRP A 223 10.85 23.66 34.54
N PRO A 224 12.15 23.53 34.77
CA PRO A 224 12.52 22.58 35.84
C PRO A 224 12.28 23.17 37.23
N THR A 225 11.00 23.17 37.65
CA THR A 225 10.56 23.70 38.93
C THR A 225 10.42 22.63 40.02
N LEU A 226 11.10 21.48 39.90
CA LEU A 226 10.98 20.43 40.90
C LEU A 226 9.52 20.08 41.19
N ASP A 227 8.71 20.01 40.11
CA ASP A 227 7.29 19.62 40.16
C ASP A 227 6.43 20.64 40.91
N LEU A 228 6.93 21.87 41.11
CA LEU A 228 6.13 22.96 41.69
C LEU A 228 5.40 23.63 40.54
N LYS A 229 4.08 23.44 40.50
CA LYS A 229 3.35 23.73 39.28
C LYS A 229 1.88 23.97 39.62
N ALA A 230 1.12 24.29 38.58
CA ALA A 230 -0.32 24.37 38.72
C ALA A 230 -0.95 23.91 37.44
N GLY A 231 -2.02 23.13 37.55
CA GLY A 231 -2.96 22.94 36.46
C GLY A 231 -4.02 24.02 36.59
N LEU A 232 -4.42 24.60 35.45
CA LEU A 232 -5.39 25.70 35.43
C LEU A 232 -6.58 25.21 34.64
N LEU A 233 -7.73 25.16 35.29
CA LEU A 233 -8.95 24.59 34.73
C LEU A 233 -9.83 25.78 34.41
N VAL A 234 -10.09 26.00 33.12
CA VAL A 234 -10.79 27.18 32.61
C VAL A 234 -12.06 26.66 31.98
N PHE A 235 -13.17 27.33 32.23
CA PHE A 235 -14.44 26.78 31.73
C PHE A 235 -15.33 27.92 31.26
N SER A 236 -16.21 27.59 30.32
CA SER A 236 -17.18 28.54 29.80
C SER A 236 -18.28 28.80 30.83
N GLU A 237 -18.85 30.00 30.80
CA GLU A 237 -19.85 30.33 31.81
C GLU A 237 -21.03 29.36 31.78
N ASP A 238 -21.37 28.82 30.61
CA ASP A 238 -22.48 27.89 30.47
C ASP A 238 -22.05 26.44 30.53
N ILE A 239 -20.95 26.13 31.20
CA ILE A 239 -20.36 24.80 31.03
C ILE A 239 -21.36 23.71 31.42
N GLY A 240 -22.13 23.95 32.48
CA GLY A 240 -23.17 23.01 32.85
C GLY A 240 -22.67 21.67 33.34
N LEU A 241 -21.45 21.64 33.89
CA LEU A 241 -20.83 20.52 34.57
C LEU A 241 -20.48 21.00 35.97
N PRO A 242 -20.61 20.14 37.01
CA PRO A 242 -20.34 20.60 38.38
C PRO A 242 -18.87 20.90 38.70
N VAL A 243 -18.13 21.48 37.76
CA VAL A 243 -16.66 21.52 37.90
C VAL A 243 -16.29 22.38 39.09
N GLU A 244 -17.01 23.47 39.29
CA GLU A 244 -16.75 24.35 40.44
C GLU A 244 -17.06 23.67 41.76
N LYS A 245 -18.20 22.97 41.85
CA LYS A 245 -18.53 22.31 43.10
C LYS A 245 -17.40 21.36 43.48
N ILE A 246 -16.99 20.54 42.52
CA ILE A 246 -16.06 19.45 42.81
C ILE A 246 -14.66 20.00 43.06
N TYR A 247 -14.29 21.09 42.37
CA TYR A 247 -13.08 21.80 42.75
C TYR A 247 -13.11 22.16 44.25
N SER A 248 -14.15 22.86 44.73
CA SER A 248 -14.20 23.24 46.14
C SER A 248 -14.16 22.01 47.05
N ASP A 249 -14.68 20.87 46.59
CA ASP A 249 -14.57 19.65 47.39
C ASP A 249 -13.10 19.27 47.58
N ILE A 250 -12.30 19.40 46.53
CA ILE A 250 -10.92 18.94 46.63
C ILE A 250 -9.99 19.98 47.26
N LEU A 251 -10.11 21.27 46.91
CA LEU A 251 -9.15 22.20 47.48
C LEU A 251 -9.70 23.60 47.64
N LEU A 252 -9.01 24.32 48.52
CA LEU A 252 -9.21 25.74 48.76
C LEU A 252 -8.40 26.57 47.78
N GLY A 253 -7.31 26.03 47.29
CA GLY A 253 -6.44 26.76 46.40
C GLY A 253 -5.06 26.14 46.41
N VAL A 254 -4.12 26.78 45.71
CA VAL A 254 -2.74 26.31 45.70
C VAL A 254 -1.86 27.29 46.47
N SER A 255 -0.65 26.83 46.79
CA SER A 255 0.32 27.65 47.49
C SER A 255 0.52 28.99 46.80
N PRO A 256 0.49 30.11 47.54
CA PRO A 256 0.86 31.41 46.94
C PRO A 256 2.31 31.47 46.53
N LEU A 257 3.16 30.68 47.16
CA LEU A 257 4.52 30.58 46.71
C LEU A 257 4.58 29.96 45.33
N ILE A 258 3.85 28.88 45.12
CA ILE A 258 3.88 28.25 43.79
C ILE A 258 3.38 29.26 42.77
N LEU A 259 2.35 30.02 43.13
CA LEU A 259 1.80 31.01 42.22
C LEU A 259 2.80 32.14 41.95
N ALA A 260 3.54 32.57 42.98
CA ALA A 260 4.64 33.51 42.75
C ALA A 260 5.69 32.91 41.79
N LEU A 261 6.06 31.64 41.99
CA LEU A 261 7.09 31.01 41.16
C LEU A 261 6.65 31.00 39.71
N ILE A 262 5.39 30.66 39.47
CA ILE A 262 4.87 30.66 38.13
C ILE A 262 5.03 32.03 37.52
N ARG A 263 4.65 33.05 38.27
CA ARG A 263 4.71 34.41 37.79
C ARG A 263 6.12 34.78 37.40
N GLU A 264 7.11 34.39 38.21
CA GLU A 264 8.49 34.79 37.94
C GLU A 264 9.06 33.99 36.77
N PHE A 265 8.78 32.70 36.70
CA PHE A 265 9.28 31.92 35.58
C PHE A 265 8.60 32.36 34.30
N SER A 266 7.32 32.73 34.37
CA SER A 266 6.63 33.22 33.19
C SER A 266 7.27 34.53 32.71
N ARG A 267 7.67 35.40 33.64
CA ARG A 267 8.26 36.67 33.24
C ARG A 267 9.68 36.51 32.71
N ASP A 268 10.46 35.60 33.32
CA ASP A 268 11.74 35.19 32.74
C ASP A 268 11.55 34.59 31.36
N ALA A 269 10.47 33.82 31.17
CA ALA A 269 10.16 33.25 29.85
C ALA A 269 9.89 34.33 28.81
N ALA A 270 9.15 35.38 29.20
CA ALA A 270 8.79 36.48 28.29
C ALA A 270 9.96 37.40 28.02
N ASP A 271 11.02 37.30 28.82
CA ASP A 271 12.26 38.07 28.70
C ASP A 271 13.28 37.44 27.76
N GLY A 272 12.94 36.36 27.06
CA GLY A 272 13.87 35.61 26.26
C GLY A 272 14.01 34.14 26.65
N GLY A 273 13.60 33.76 27.86
CA GLY A 273 13.76 32.38 28.28
C GLY A 273 13.02 31.38 27.39
N LEU A 274 11.85 31.77 26.88
CA LEU A 274 11.04 30.83 26.09
C LEU A 274 11.72 30.53 24.75
N ALA A 275 12.24 31.57 24.09
CA ALA A 275 13.10 31.38 22.95
C ALA A 275 14.27 30.49 23.28
N ASP A 276 14.85 30.64 24.48
CA ASP A 276 15.98 29.77 24.85
C ASP A 276 15.52 28.32 25.00
N LEU A 277 14.39 28.11 25.67
CA LEU A 277 13.81 26.76 25.83
C LEU A 277 13.63 26.08 24.48
N HIS A 278 12.86 26.76 23.59
CA HIS A 278 12.62 26.29 22.23
C HIS A 278 13.92 25.87 21.54
N ALA A 279 14.98 26.67 21.69
CA ALA A 279 16.24 26.32 21.05
C ALA A 279 16.89 25.12 21.76
N PHE A 280 16.80 25.10 23.09
CA PHE A 280 17.25 23.97 23.88
C PHE A 280 16.57 22.67 23.46
N ILE A 281 15.23 22.66 23.43
CA ILE A 281 14.49 21.45 23.05
C ILE A 281 14.87 21.01 21.64
N LEU A 282 15.02 21.97 20.72
CA LEU A 282 15.38 21.68 19.34
C LEU A 282 16.74 21.02 19.27
N HIS A 283 17.70 21.54 20.05
CA HIS A 283 19.03 20.96 20.12
C HIS A 283 18.98 19.53 20.65
N ASN A 284 18.24 19.31 21.73
CA ASN A 284 18.16 17.97 22.27
C ASN A 284 17.44 17.02 21.32
N ARG A 285 16.42 17.51 20.59
CA ARG A 285 15.86 16.66 19.53
C ARG A 285 16.91 16.36 18.47
N SER A 286 17.74 17.33 18.13
CA SER A 286 18.77 17.06 17.13
C SER A 286 19.83 16.09 17.67
N VAL A 287 20.11 16.16 18.98
CA VAL A 287 20.99 15.20 19.64
C VAL A 287 20.48 13.77 19.46
N VAL A 288 19.19 13.56 19.74
CA VAL A 288 18.60 12.22 19.64
C VAL A 288 18.71 11.70 18.22
N ARG A 289 18.31 12.52 17.26
CA ARG A 289 18.10 11.98 15.91
C ARG A 289 19.41 11.79 15.17
N ARG A 290 20.38 12.68 15.37
CA ARG A 290 21.69 12.51 14.75
C ARG A 290 22.43 11.33 15.36
N ALA A 291 22.18 11.06 16.62
CA ALA A 291 22.81 9.91 17.25
C ALA A 291 22.28 8.60 16.68
N LEU A 292 21.10 8.61 16.10
CA LEU A 292 20.53 7.41 15.52
C LEU A 292 20.63 7.39 14.00
N ALA A 293 21.33 8.37 13.43
CA ALA A 293 21.36 8.59 11.99
C ALA A 293 21.52 7.28 11.25
N GLY A 294 22.71 6.73 11.21
CA GLY A 294 22.93 5.68 10.23
C GLY A 294 22.52 4.28 10.65
N VAL A 295 21.55 4.18 11.55
CA VAL A 295 21.12 2.93 12.15
C VAL A 295 19.94 2.41 11.35
N GLU A 296 20.16 1.32 10.63
CA GLU A 296 19.10 0.70 9.85
C GLU A 296 17.86 0.50 10.72
N GLY A 297 16.71 0.82 10.15
CA GLY A 297 15.42 0.50 10.75
C GLY A 297 14.84 1.53 11.71
N VAL A 298 15.50 2.64 11.91
CA VAL A 298 15.00 3.72 12.74
C VAL A 298 14.18 4.70 11.92
N SER A 299 13.05 5.15 12.47
CA SER A 299 12.43 6.32 11.89
C SER A 299 11.90 7.20 13.02
N PHE A 300 11.48 8.39 12.63
CA PHE A 300 10.87 9.35 13.55
C PHE A 300 9.46 9.67 13.08
N PRO A 301 8.44 9.22 13.79
CA PRO A 301 7.08 9.34 13.30
C PRO A 301 6.58 10.75 13.27
N ASP A 302 7.24 11.67 13.95
CA ASP A 302 6.73 13.01 14.13
C ASP A 302 7.86 13.95 13.76
N PRO A 303 8.25 13.94 12.51
CA PRO A 303 9.43 14.69 12.10
C PRO A 303 9.37 16.17 12.43
N GLU A 304 8.17 16.71 12.50
CA GLU A 304 7.98 18.13 12.76
C GLU A 304 7.71 18.46 14.22
N SER A 305 7.60 17.49 15.11
CA SER A 305 7.23 17.87 16.46
C SER A 305 8.26 18.80 17.07
N ARG A 306 7.74 19.72 17.86
CA ARG A 306 8.52 20.57 18.75
C ARG A 306 8.29 20.23 20.22
N SER A 307 7.55 19.16 20.50
CA SER A 307 7.30 18.80 21.89
C SER A 307 8.58 18.48 22.63
N SER A 308 8.49 18.46 23.97
CA SER A 308 9.61 18.06 24.82
C SER A 308 9.71 16.53 25.01
N VAL A 309 8.92 15.75 24.27
CA VAL A 309 9.09 14.31 24.20
C VAL A 309 9.15 13.94 22.73
N GLU A 310 9.86 12.84 22.42
CA GLU A 310 10.17 12.41 21.07
C GLU A 310 9.89 10.91 20.89
N ARG A 311 9.17 10.59 19.83
CA ARG A 311 8.92 9.20 19.46
C ARG A 311 10.00 8.73 18.53
N VAL A 312 10.42 7.47 18.71
CA VAL A 312 11.35 6.81 17.81
C VAL A 312 10.77 5.47 17.47
N ALA A 313 10.75 5.12 16.18
CA ALA A 313 10.16 3.87 15.75
C ALA A 313 11.25 2.95 15.18
N PHE A 314 10.94 1.66 15.21
CA PHE A 314 11.85 0.60 14.75
C PHE A 314 11.10 -0.39 13.88
N ALA A 315 11.67 -0.66 12.72
CA ALA A 315 11.07 -1.63 11.81
C ALA A 315 11.13 -3.02 12.42
N GLY A 316 12.30 -3.39 12.96
CA GLY A 316 12.50 -4.77 13.33
C GLY A 316 12.46 -5.10 14.80
N ARG A 317 11.89 -4.24 15.62
CA ARG A 317 11.92 -4.44 17.06
C ARG A 317 10.70 -3.80 17.70
N THR A 318 10.20 -4.44 18.74
CA THR A 318 9.11 -3.88 19.49
C THR A 318 9.67 -2.89 20.52
N GLY A 319 8.82 -1.93 20.92
CA GLY A 319 9.25 -0.98 21.92
C GLY A 319 9.52 -1.61 23.27
N THR A 320 8.85 -2.72 23.56
CA THR A 320 9.09 -3.49 24.77
C THR A 320 10.49 -4.08 24.78
N GLU A 321 10.87 -4.79 23.71
CA GLU A 321 12.22 -5.30 23.58
C GLU A 321 13.24 -4.19 23.78
N VAL A 322 13.09 -3.09 23.05
CA VAL A 322 14.08 -2.01 23.17
C VAL A 322 14.13 -1.50 24.61
N TRP A 323 12.98 -1.32 25.23
CA TRP A 323 12.93 -0.78 26.58
C TRP A 323 13.60 -1.73 27.57
N GLU A 324 13.40 -3.04 27.40
CA GLU A 324 14.05 -4.03 28.25
C GLU A 324 15.56 -4.05 28.03
N GLU A 325 16.01 -3.94 26.78
CA GLU A 325 17.44 -3.86 26.51
C GLU A 325 18.04 -2.60 27.13
N LEU A 326 17.37 -1.46 26.98
CA LEU A 326 17.90 -0.24 27.58
C LEU A 326 18.00 -0.35 29.11
N GLN A 327 16.97 -0.91 29.74
CA GLN A 327 16.94 -1.10 31.20
C GLN A 327 18.18 -1.80 31.72
N ARG A 328 18.68 -2.81 30.99
CA ARG A 328 19.87 -3.56 31.39
C ARG A 328 21.11 -2.70 31.38
N HIS A 329 21.10 -1.57 30.67
CA HIS A 329 22.16 -0.58 30.73
C HIS A 329 21.73 0.63 31.55
N HIS A 330 20.68 0.49 32.35
CA HIS A 330 20.27 1.51 33.31
C HIS A 330 19.76 2.79 32.62
N VAL A 331 19.16 2.62 31.45
CA VAL A 331 18.53 3.70 30.71
C VAL A 331 17.04 3.44 30.70
N PHE A 332 16.23 4.44 31.10
CA PHE A 332 14.79 4.26 31.26
C PHE A 332 14.02 5.19 30.34
N ALA A 333 13.38 4.61 29.33
CA ALA A 333 12.50 5.35 28.42
C ALA A 333 11.05 4.96 28.71
N LEU A 334 10.19 5.05 27.69
CA LEU A 334 8.84 4.55 27.83
C LEU A 334 8.52 3.69 26.61
N PRO A 335 7.91 2.53 26.81
CA PRO A 335 7.26 1.86 25.67
C PRO A 335 5.99 2.60 25.30
N CYS A 336 5.74 2.70 24.01
CA CYS A 336 4.62 3.54 23.56
C CYS A 336 3.25 2.87 23.53
N ARG A 337 3.14 1.54 23.75
CA ARG A 337 1.85 0.86 23.50
C ARG A 337 0.68 1.57 24.17
N GLN A 338 0.88 2.02 25.40
CA GLN A 338 -0.24 2.48 26.21
C GLN A 338 -0.68 3.90 25.90
N PHE A 339 0.12 4.65 25.10
CA PHE A 339 -0.38 5.89 24.49
C PHE A 339 -1.57 5.63 23.57
N HIS A 340 -1.57 4.47 22.87
CA HIS A 340 -2.65 4.05 22.00
C HIS A 340 -3.65 3.29 22.82
N TRP A 341 -4.39 4.07 23.59
CA TRP A 341 -5.23 3.58 24.65
C TRP A 341 -6.46 2.79 24.17
N ALA A 342 -6.73 2.81 22.88
CA ALA A 342 -7.80 2.02 22.28
C ALA A 342 -7.28 0.83 21.50
N GLU A 343 -6.05 0.89 20.99
CA GLU A 343 -5.46 -0.22 20.26
C GLU A 343 -3.95 -0.24 20.52
N PRO A 344 -3.52 -0.87 21.63
CA PRO A 344 -2.11 -0.79 22.09
C PRO A 344 -1.07 -1.26 21.08
N SER A 345 -1.43 -2.24 20.23
CA SER A 345 -0.50 -2.69 19.21
C SER A 345 -0.18 -1.58 18.21
N ASP A 346 -0.94 -0.48 18.21
CA ASP A 346 -0.59 0.62 17.30
C ASP A 346 0.79 1.17 17.65
N GLY A 347 1.18 1.04 18.91
CA GLY A 347 2.43 1.57 19.39
C GLY A 347 3.47 0.51 19.69
N ASP A 348 3.30 -0.69 19.14
CA ASP A 348 4.14 -1.82 19.54
C ASP A 348 5.59 -1.63 19.12
N HIS A 349 5.88 -0.71 18.16
CA HIS A 349 7.21 -0.55 17.61
C HIS A 349 7.80 0.82 17.90
N MET A 350 7.39 1.47 19.01
CA MET A 350 7.98 2.75 19.33
C MET A 350 8.29 2.86 20.81
N VAL A 351 9.33 3.62 21.11
CA VAL A 351 9.57 4.12 22.46
C VAL A 351 9.49 5.65 22.42
N ARG A 352 9.25 6.21 23.59
CA ARG A 352 9.26 7.66 23.75
C ARG A 352 10.45 8.06 24.64
N ILE A 353 11.07 9.16 24.22
CA ILE A 353 12.28 9.70 24.83
C ILE A 353 11.93 11.08 25.35
N ALA A 354 12.23 11.32 26.63
CA ALA A 354 12.10 12.62 27.26
C ALA A 354 13.29 13.51 26.93
N LEU A 355 12.99 14.72 26.41
CA LEU A 355 13.94 15.71 25.93
C LEU A 355 14.18 16.86 26.91
N SER A 356 13.31 17.03 27.92
CA SER A 356 13.52 18.01 28.99
C SER A 356 14.53 17.43 30.02
N ARG A 357 15.78 17.33 29.58
CA ARG A 357 16.88 16.78 30.34
C ARG A 357 18.10 17.62 29.99
N SER A 358 19.09 17.62 30.88
CA SER A 358 20.37 18.21 30.46
C SER A 358 20.91 17.44 29.29
N THR A 359 21.66 18.13 28.44
CA THR A 359 22.04 17.50 27.18
C THR A 359 22.97 16.31 27.38
N GLU A 360 23.84 16.38 28.40
CA GLU A 360 24.84 15.32 28.62
C GLU A 360 24.20 13.99 28.99
N PRO A 361 23.39 13.88 30.04
CA PRO A 361 22.74 12.59 30.32
C PRO A 361 21.85 12.10 29.19
N LEU A 362 21.20 13.01 28.45
CA LEU A 362 20.41 12.57 27.29
C LEU A 362 21.31 11.91 26.24
N GLU A 363 22.48 12.54 25.98
CA GLU A 363 23.40 12.06 24.94
C GLU A 363 24.00 10.71 25.31
N LYS A 364 24.31 10.53 26.59
CA LYS A 364 24.74 9.24 27.07
C LYS A 364 23.66 8.20 26.83
N SER A 365 22.39 8.55 27.08
CA SER A 365 21.35 7.53 26.98
C SER A 365 21.18 7.10 25.53
N VAL A 366 21.17 8.06 24.59
CA VAL A 366 20.94 7.72 23.18
C VAL A 366 22.15 7.02 22.58
N GLN A 367 23.37 7.36 23.03
CA GLN A 367 24.53 6.60 22.58
C GLN A 367 24.43 5.14 23.01
N VAL A 368 23.88 4.88 24.20
CA VAL A 368 23.58 3.49 24.56
C VAL A 368 22.50 2.93 23.62
N LEU A 369 21.39 3.66 23.44
CA LEU A 369 20.40 3.24 22.43
C LEU A 369 21.09 2.91 21.11
N ARG A 370 21.96 3.78 20.63
CA ARG A 370 22.61 3.48 19.38
C ARG A 370 23.35 2.16 19.46
N THR A 371 24.10 1.95 20.55
CA THR A 371 24.84 0.70 20.68
C THR A 371 23.88 -0.48 20.67
N VAL A 372 22.79 -0.35 21.43
CA VAL A 372 21.78 -1.42 21.48
C VAL A 372 21.31 -1.77 20.08
N LEU A 373 20.95 -0.75 19.29
CA LEU A 373 20.31 -1.01 18.00
C LEU A 373 21.29 -1.59 16.99
N GLU A 374 22.57 -1.25 17.08
CA GLU A 374 23.62 -1.80 16.24
C GLU A 374 23.96 -3.25 16.60
N THR A 375 23.39 -3.80 17.67
CA THR A 375 23.57 -5.20 18.05
C THR A 375 22.55 -6.10 17.34
N LYS B 8 -23.50 29.27 49.12
CA LYS B 8 -22.33 28.51 49.55
C LYS B 8 -22.68 27.10 49.96
N GLU B 9 -22.23 26.13 49.16
CA GLU B 9 -22.65 24.74 49.31
C GLU B 9 -21.64 23.84 50.03
N ASN B 10 -20.56 24.40 50.56
CA ASN B 10 -19.74 23.65 51.51
C ASN B 10 -18.87 24.63 52.28
N LEU B 11 -18.15 24.12 53.28
CA LEU B 11 -17.38 25.00 54.14
C LEU B 11 -16.23 25.63 53.37
N THR B 12 -15.73 24.95 52.34
CA THR B 12 -14.69 25.55 51.53
C THR B 12 -15.22 26.79 50.81
N GLN B 13 -16.48 26.76 50.36
CA GLN B 13 -17.03 27.93 49.68
C GLN B 13 -17.25 29.08 50.65
N TRP B 14 -17.61 28.80 51.91
CA TRP B 14 -17.58 29.83 52.96
C TRP B 14 -16.16 30.35 53.18
N ALA B 15 -15.16 29.46 53.21
CA ALA B 15 -13.79 29.85 53.52
C ALA B 15 -13.16 30.68 52.42
N TYR B 16 -13.56 30.44 51.16
CA TYR B 16 -13.04 31.24 50.04
C TYR B 16 -13.18 32.72 50.32
N LEU B 17 -14.31 33.13 50.91
CA LEU B 17 -14.59 34.53 51.17
C LEU B 17 -13.60 35.17 52.12
N ALA B 18 -12.86 34.36 52.87
CA ALA B 18 -11.96 34.87 53.90
C ALA B 18 -10.54 35.10 53.40
N LEU B 19 -10.15 34.48 52.27
CA LEU B 19 -8.74 34.22 51.98
C LEU B 19 -7.93 35.49 51.79
N ASN B 20 -8.56 36.58 51.34
CA ASN B 20 -7.92 37.87 51.07
C ASN B 20 -8.22 38.94 52.14
N SER B 21 -8.68 38.54 53.33
CA SER B 21 -8.95 39.45 54.43
C SER B 21 -7.91 39.32 55.54
N GLU B 22 -7.46 40.46 56.08
CA GLU B 22 -6.56 40.45 57.23
C GLU B 22 -7.16 39.67 58.41
N LEU B 23 -8.49 39.60 58.48
CA LEU B 23 -9.21 38.99 59.60
C LEU B 23 -9.83 37.65 59.20
N ASN B 24 -9.09 36.89 58.39
CA ASN B 24 -9.45 35.51 58.12
C ASN B 24 -9.24 34.70 59.38
N ILE B 25 -10.33 34.17 59.94
CA ILE B 25 -10.27 33.16 61.01
C ILE B 25 -11.18 32.02 60.59
N ALA B 26 -11.14 31.66 59.30
CA ALA B 26 -12.06 30.64 58.80
C ALA B 26 -11.33 29.34 58.55
N ASP B 27 -10.54 29.24 57.47
CA ASP B 27 -9.92 27.98 57.11
C ASP B 27 -8.91 27.57 58.17
N GLY B 28 -8.63 26.28 58.24
CA GLY B 28 -7.81 25.76 59.30
C GLY B 28 -6.32 25.72 59.06
N HIS B 29 -5.87 26.17 57.89
CA HIS B 29 -4.45 26.15 57.59
C HIS B 29 -3.66 27.03 58.55
N ALA B 30 -2.40 26.70 58.73
CA ALA B 30 -1.52 27.46 59.61
C ALA B 30 -1.03 28.73 58.92
N ARG B 31 -1.48 29.88 59.44
CA ARG B 31 -1.14 31.16 58.83
C ARG B 31 -0.49 32.11 59.84
N GLN B 32 0.03 31.59 60.95
CA GLN B 32 0.75 32.42 61.90
C GLN B 32 2.15 32.66 61.37
N ALA B 33 2.93 33.49 62.08
CA ALA B 33 4.27 33.78 61.63
C ALA B 33 5.16 32.57 61.86
N LEU B 34 6.11 32.41 60.96
CA LEU B 34 7.21 31.50 61.18
C LEU B 34 7.87 31.79 62.52
N SER B 35 8.29 30.74 63.17
CA SER B 35 9.16 30.89 64.33
C SER B 35 10.55 31.21 63.83
N PRO B 36 11.50 31.48 64.73
CA PRO B 36 12.89 31.67 64.27
C PRO B 36 13.50 30.44 63.61
N GLY B 37 13.29 29.24 64.18
CA GLY B 37 13.83 28.05 63.56
C GLY B 37 13.21 27.73 62.21
N GLN B 38 11.94 28.09 62.01
CA GLN B 38 11.28 27.89 60.73
C GLN B 38 11.77 28.90 59.70
N GLN B 39 11.98 30.13 60.11
CA GLN B 39 12.60 31.12 59.23
C GLN B 39 14.01 30.72 58.79
N LYS B 40 14.76 30.07 59.66
CA LYS B 40 16.07 29.62 59.24
C LYS B 40 15.94 28.58 58.14
N ILE B 41 14.89 27.75 58.20
CA ILE B 41 14.64 26.78 57.14
C ILE B 41 14.26 27.51 55.85
N VAL B 42 13.36 28.48 55.93
CA VAL B 42 13.03 29.23 54.73
C VAL B 42 14.30 29.83 54.14
N ASN B 43 15.26 30.17 55.00
CA ASN B 43 16.38 30.96 54.54
C ASN B 43 17.36 30.10 53.75
N GLU B 44 17.34 28.77 53.95
CA GLU B 44 18.19 27.87 53.20
C GLU B 44 17.45 27.19 52.03
N LEU B 45 16.30 27.74 51.62
CA LEU B 45 15.59 27.14 50.48
C LEU B 45 16.47 27.00 49.24
N PRO B 46 17.31 27.99 48.85
CA PRO B 46 18.18 27.77 47.68
C PRO B 46 19.08 26.57 47.86
N VAL B 47 19.49 26.29 49.10
CA VAL B 47 20.28 25.08 49.36
C VAL B 47 19.41 23.83 49.30
N LEU B 48 18.18 23.90 49.84
CA LEU B 48 17.28 22.74 49.79
C LEU B 48 16.95 22.41 48.35
N TRP B 49 16.75 23.45 47.56
CA TRP B 49 16.48 23.28 46.14
C TRP B 49 17.56 22.47 45.47
N ALA B 50 18.81 22.89 45.65
CA ALA B 50 19.92 22.15 45.06
C ALA B 50 19.95 20.70 45.51
N GLU B 51 19.77 20.45 46.80
CA GLU B 51 19.69 19.09 47.29
C GLU B 51 18.56 18.34 46.60
N SER B 52 17.40 18.99 46.42
CA SER B 52 16.30 18.31 45.72
C SER B 52 16.58 18.05 44.22
N GLU B 53 17.32 18.93 43.53
CA GLU B 53 17.83 18.62 42.19
C GLU B 53 18.73 17.39 42.20
N GLN B 54 19.57 17.29 43.21
CA GLN B 54 20.72 16.41 43.14
C GLN B 54 20.42 15.01 43.67
N ARG B 55 19.58 14.89 44.72
CA ARG B 55 19.44 13.58 45.36
C ARG B 55 18.29 12.79 44.76
N PRO B 56 18.29 11.46 44.86
CA PRO B 56 17.10 10.73 44.46
C PRO B 56 15.94 11.02 45.37
N VAL B 57 14.79 11.34 44.76
CA VAL B 57 13.58 11.65 45.51
C VAL B 57 13.25 10.56 46.52
N GLN B 58 13.62 9.30 46.23
CA GLN B 58 13.24 8.24 47.17
C GLN B 58 13.97 8.42 48.49
N GLN B 59 15.19 8.92 48.45
CA GLN B 59 15.89 9.19 49.69
C GLN B 59 15.24 10.35 50.42
N ILE B 60 15.01 11.47 49.73
CA ILE B 60 14.38 12.57 50.42
C ILE B 60 13.05 12.11 50.99
N GLU B 61 12.26 11.38 50.18
CA GLU B 61 10.92 10.99 50.62
C GLU B 61 10.99 10.12 51.86
N SER B 62 11.91 9.17 51.89
CA SER B 62 12.05 8.29 53.04
C SER B 62 12.36 9.09 54.30
N GLU B 63 13.39 9.94 54.24
CA GLU B 63 13.74 10.79 55.35
C GLU B 63 12.55 11.65 55.79
N ALA B 64 11.75 12.18 54.84
CA ALA B 64 10.61 13.01 55.22
C ALA B 64 9.56 12.21 55.98
N HIS B 65 9.19 11.05 55.44
CA HIS B 65 8.30 10.13 56.16
C HIS B 65 8.89 9.74 57.52
N GLN B 66 10.15 9.30 57.54
CA GLN B 66 10.73 8.90 58.82
C GLN B 66 10.65 10.04 59.82
N ALA B 67 10.93 11.28 59.39
CA ALA B 67 10.93 12.39 60.33
C ALA B 67 9.54 12.68 60.86
N TYR B 68 8.53 12.60 60.00
CA TYR B 68 7.22 13.09 60.43
C TYR B 68 6.47 12.03 61.25
N PHE B 69 6.64 10.74 60.91
CA PHE B 69 5.96 9.67 61.65
C PHE B 69 6.56 9.52 63.05
N THR B 70 7.87 9.38 63.15
CA THR B 70 8.49 9.26 64.45
C THR B 70 8.16 10.48 65.30
N LEU B 71 8.18 11.67 64.70
CA LEU B 71 7.87 12.90 65.45
C LEU B 71 6.56 12.74 66.23
N LEU B 72 5.59 12.01 65.66
CA LEU B 72 4.25 11.90 66.20
C LEU B 72 3.93 10.49 66.72
N GLY B 73 4.95 9.65 66.89
CA GLY B 73 4.82 8.41 67.63
C GLY B 73 4.39 7.21 66.83
N GLN B 74 4.31 7.33 65.52
CA GLN B 74 3.82 6.24 64.68
C GLN B 74 4.99 5.39 64.19
N HIS B 75 5.69 4.79 65.15
CA HIS B 75 6.95 4.10 64.85
C HIS B 75 6.72 2.85 64.00
N GLY B 76 5.61 2.17 64.14
CA GLY B 76 5.32 1.03 63.31
C GLY B 76 4.80 1.33 61.90
N TYR B 77 4.85 2.58 61.47
CA TYR B 77 4.36 2.90 60.13
C TYR B 77 5.08 2.04 59.10
N PRO B 78 4.43 1.61 58.02
CA PRO B 78 5.15 0.78 57.06
C PRO B 78 6.10 1.64 56.24
N ALA B 79 7.38 1.34 56.33
CA ALA B 79 8.42 2.16 55.76
C ALA B 79 9.02 1.58 54.48
N GLU B 80 8.57 0.42 54.04
CA GLU B 80 9.07 -0.13 52.78
C GLU B 80 8.59 0.76 51.62
N PRO B 81 9.39 0.94 50.57
CA PRO B 81 8.94 1.79 49.47
C PRO B 81 7.66 1.28 48.84
N GLY B 82 6.67 2.17 48.78
CA GLY B 82 5.40 1.91 48.12
C GLY B 82 4.22 1.98 49.04
N ARG B 83 4.46 1.82 50.34
CA ARG B 83 3.40 1.66 51.32
C ARG B 83 2.82 3.00 51.78
N VAL B 84 3.61 4.06 51.75
CA VAL B 84 3.13 5.40 52.06
C VAL B 84 3.11 6.21 50.75
N LEU B 85 1.92 6.65 50.34
CA LEU B 85 1.75 7.31 49.06
C LEU B 85 1.60 8.81 49.31
N SER B 86 2.64 9.57 48.93
CA SER B 86 2.67 11.03 49.01
C SER B 86 1.75 11.66 47.96
N CYS B 87 0.76 12.41 48.42
CA CYS B 87 -0.22 13.08 47.58
C CYS B 87 -0.14 14.59 47.76
N TYR B 88 -0.58 15.34 46.74
CA TYR B 88 -0.54 16.80 46.82
C TYR B 88 -1.18 17.30 48.11
N SER B 89 -2.21 16.61 48.58
CA SER B 89 -2.98 17.10 49.72
C SER B 89 -3.76 15.92 50.31
N SER B 90 -4.18 16.09 51.56
CA SER B 90 -5.03 15.08 52.19
C SER B 90 -6.34 14.88 51.43
N SER B 91 -6.89 15.97 50.86
CA SER B 91 -8.07 15.86 49.99
C SER B 91 -7.79 15.00 48.75
N VAL B 92 -6.60 15.13 48.15
CA VAL B 92 -6.28 14.25 47.04
C VAL B 92 -6.23 12.80 47.50
N SER B 93 -5.58 12.54 48.64
CA SER B 93 -5.59 11.20 49.24
C SER B 93 -7.02 10.75 49.46
N MET B 94 -7.87 11.65 49.93
CA MET B 94 -9.23 11.27 50.17
C MET B 94 -9.95 10.89 48.86
N GLU B 95 -9.82 11.70 47.80
CA GLU B 95 -10.46 11.33 46.55
C GLU B 95 -9.97 9.95 46.07
N ILE B 96 -8.68 9.67 46.18
CA ILE B 96 -8.18 8.37 45.71
C ILE B 96 -8.90 7.24 46.44
N LEU B 97 -9.03 7.39 47.75
CA LEU B 97 -9.66 6.37 48.59
C LEU B 97 -11.13 6.27 48.30
N ALA B 98 -11.81 7.41 48.20
CA ALA B 98 -13.24 7.35 47.94
C ALA B 98 -13.51 6.68 46.60
N ARG B 99 -12.80 7.09 45.56
CA ARG B 99 -13.00 6.44 44.27
C ARG B 99 -12.62 4.97 44.35
N SER B 100 -11.62 4.63 45.16
CA SER B 100 -11.17 3.26 45.28
C SER B 100 -12.25 2.39 45.92
N LEU B 101 -12.80 2.86 47.04
CA LEU B 101 -13.92 2.19 47.69
C LEU B 101 -15.04 1.89 46.72
N SER B 102 -15.42 2.90 45.91
CA SER B 102 -16.67 2.82 45.15
C SER B 102 -16.75 1.55 44.33
N ALA B 103 -15.60 0.98 43.97
CA ALA B 103 -15.59 -0.25 43.19
C ALA B 103 -16.17 -1.45 43.94
N SER B 104 -16.14 -1.47 45.27
CA SER B 104 -16.43 -2.70 46.00
C SER B 104 -17.25 -2.48 47.26
N VAL B 105 -17.67 -1.25 47.52
CA VAL B 105 -18.36 -0.86 48.74
C VAL B 105 -19.52 0.01 48.31
N ASP B 106 -20.61 -0.07 49.07
CA ASP B 106 -21.81 0.69 48.78
C ASP B 106 -22.08 1.77 49.81
N ARG B 107 -21.83 1.44 51.07
CA ARG B 107 -22.21 2.26 52.20
C ARG B 107 -21.02 2.40 53.15
N VAL B 108 -20.88 3.59 53.73
CA VAL B 108 -19.75 3.90 54.58
C VAL B 108 -20.29 4.48 55.87
N ALA B 109 -19.84 3.95 57.00
CA ALA B 109 -20.18 4.50 58.29
C ALA B 109 -19.14 5.55 58.64
N LEU B 110 -19.59 6.79 58.87
CA LEU B 110 -18.71 7.94 58.98
C LEU B 110 -19.03 8.73 60.23
N VAL B 111 -17.98 9.12 60.97
CA VAL B 111 -18.22 9.92 62.17
C VAL B 111 -18.90 11.21 61.79
N HIS B 112 -19.89 11.61 62.60
CA HIS B 112 -20.64 12.82 62.39
C HIS B 112 -20.71 13.59 63.71
N PRO B 113 -20.34 14.88 63.74
CA PRO B 113 -19.86 15.71 62.62
C PRO B 113 -18.38 15.47 62.30
N THR B 114 -17.95 16.02 61.17
CA THR B 114 -16.55 15.97 60.75
C THR B 114 -16.43 16.98 59.61
N PHE B 115 -15.21 17.15 59.07
CA PHE B 115 -15.08 18.14 58.03
C PHE B 115 -15.83 17.66 56.78
N ASP B 116 -16.64 18.56 56.20
CA ASP B 116 -17.68 18.18 55.23
C ASP B 116 -17.14 17.71 53.89
N ASN B 117 -15.92 18.08 53.48
CA ASN B 117 -15.46 17.52 52.20
C ASN B 117 -15.23 16.02 52.30
N ILE B 118 -15.03 15.47 53.50
CA ILE B 118 -14.92 14.01 53.60
C ILE B 118 -16.21 13.37 53.08
N ALA B 119 -17.36 13.91 53.51
CA ALA B 119 -18.65 13.35 53.11
C ALA B 119 -18.96 13.69 51.66
N ASP B 120 -18.76 14.95 51.28
CA ASP B 120 -19.02 15.36 49.90
C ASP B 120 -18.17 14.57 48.91
N LEU B 121 -16.92 14.26 49.26
CA LEU B 121 -16.13 13.38 48.40
C LEU B 121 -16.67 11.96 48.40
N LEU B 122 -17.04 11.43 49.55
CA LEU B 122 -17.53 10.06 49.56
C LEU B 122 -18.82 9.94 48.75
N ARG B 123 -19.72 10.90 48.93
CA ARG B 123 -20.96 10.90 48.18
C ARG B 123 -20.73 11.16 46.70
N GLY B 124 -19.79 12.05 46.36
CA GLY B 124 -19.58 12.38 44.96
C GLY B 124 -19.06 11.21 44.18
N ASN B 125 -18.42 10.27 44.87
CA ASN B 125 -17.91 9.02 44.30
C ASN B 125 -18.89 7.85 44.45
N GLY B 126 -20.11 8.14 44.88
CA GLY B 126 -21.17 7.17 44.76
C GLY B 126 -21.45 6.36 46.00
N LEU B 127 -20.90 6.75 47.14
CA LEU B 127 -21.12 6.01 48.37
C LEU B 127 -22.25 6.65 49.16
N ASP B 128 -23.07 5.80 49.79
CA ASP B 128 -24.03 6.28 50.76
C ASP B 128 -23.38 6.23 52.13
N LEU B 129 -23.77 7.18 52.97
CA LEU B 129 -23.22 7.33 54.31
C LEU B 129 -24.25 7.01 55.37
N VAL B 130 -23.82 6.33 56.42
CA VAL B 130 -24.59 6.16 57.65
C VAL B 130 -23.81 6.83 58.77
N PRO B 131 -24.35 7.85 59.42
CA PRO B 131 -23.57 8.58 60.42
C PRO B 131 -23.45 7.79 61.71
N VAL B 132 -22.43 8.13 62.48
CA VAL B 132 -22.16 7.57 63.80
C VAL B 132 -21.85 8.72 64.71
N GLU B 133 -22.77 9.05 65.62
CA GLU B 133 -22.51 10.15 66.53
C GLU B 133 -21.28 9.81 67.37
N GLU B 134 -20.69 10.85 67.98
CA GLU B 134 -19.40 10.70 68.64
C GLU B 134 -19.51 9.89 69.94
N ASP B 135 -20.47 10.24 70.78
CA ASP B 135 -20.78 9.40 71.94
C ASP B 135 -20.75 7.91 71.61
N ALA B 136 -21.64 7.45 70.71
CA ALA B 136 -21.69 6.04 70.33
C ALA B 136 -20.37 5.56 69.77
N LEU B 137 -19.70 6.40 69.01
CA LEU B 137 -18.46 5.97 68.39
C LEU B 137 -17.44 5.56 69.45
N HIS B 138 -17.19 6.43 70.43
CA HIS B 138 -16.16 6.28 71.44
C HIS B 138 -16.62 5.47 72.64
N GLY B 139 -17.76 5.84 73.22
CA GLY B 139 -18.21 5.25 74.47
C GLY B 139 -19.01 3.97 74.34
N ALA B 140 -18.88 3.25 73.23
CA ALA B 140 -19.72 2.07 72.99
C ALA B 140 -19.28 1.36 71.73
N ASP B 141 -19.23 0.03 71.79
CA ASP B 141 -19.05 -0.80 70.62
C ASP B 141 -20.02 -0.33 69.54
N LEU B 142 -19.90 -0.87 68.33
CA LEU B 142 -20.80 -0.54 67.24
C LEU B 142 -21.67 -1.74 66.91
N SER B 143 -22.93 -1.47 66.56
CA SER B 143 -23.92 -2.53 66.36
C SER B 143 -23.54 -3.47 65.23
N ALA B 144 -23.69 -4.78 65.46
CA ALA B 144 -23.42 -5.73 64.39
C ALA B 144 -24.33 -5.50 63.19
N GLU B 145 -25.51 -4.90 63.41
CA GLU B 145 -26.38 -4.57 62.27
C GLU B 145 -25.74 -3.48 61.41
N LEU B 146 -24.89 -2.66 62.01
CA LEU B 146 -24.22 -1.56 61.33
C LEU B 146 -23.05 -2.07 60.50
N LEU B 147 -22.14 -2.80 61.13
CA LEU B 147 -20.93 -3.28 60.46
C LEU B 147 -21.26 -4.18 59.29
N SER B 148 -22.25 -5.05 59.47
CA SER B 148 -22.64 -5.97 58.41
C SER B 148 -23.27 -5.26 57.21
N SER B 149 -23.73 -4.01 57.39
CA SER B 149 -24.35 -3.25 56.32
C SER B 149 -23.41 -2.22 55.66
N VAL B 150 -22.13 -2.18 56.03
CA VAL B 150 -21.18 -1.20 55.49
C VAL B 150 -19.86 -1.86 55.18
N GLY B 151 -19.17 -1.30 54.17
CA GLY B 151 -17.95 -1.86 53.67
C GLY B 151 -16.78 -1.15 54.30
N CYS B 152 -17.05 -0.03 54.94
CA CYS B 152 -15.97 0.77 55.47
C CYS B 152 -16.44 1.54 56.70
N VAL B 153 -15.56 1.65 57.68
CA VAL B 153 -15.76 2.57 58.81
C VAL B 153 -14.67 3.62 58.76
N PHE B 154 -15.05 4.89 58.96
CA PHE B 154 -14.18 6.03 58.71
C PHE B 154 -14.22 7.00 59.88
N VAL B 155 -13.09 7.16 60.58
CA VAL B 155 -13.01 8.06 61.73
C VAL B 155 -11.97 9.16 61.52
N THR B 156 -12.33 10.37 61.93
CA THR B 156 -11.42 11.51 61.99
C THR B 156 -10.97 11.74 63.44
N THR B 157 -9.67 11.63 63.68
CA THR B 157 -9.10 11.69 65.03
C THR B 157 -7.68 12.27 65.00
N PRO B 158 -7.45 13.42 65.61
CA PRO B 158 -8.46 14.29 66.20
C PRO B 158 -9.52 14.76 65.20
N ASN B 159 -10.75 14.68 65.66
CA ASN B 159 -11.82 15.10 64.81
C ASN B 159 -11.75 16.60 64.57
N ASN B 160 -12.36 17.02 63.47
CA ASN B 160 -12.58 18.41 63.14
C ASN B 160 -14.08 18.52 62.92
N PRO B 161 -14.77 19.40 63.62
CA PRO B 161 -14.38 20.53 64.48
C PRO B 161 -14.26 20.27 65.98
N THR B 162 -14.45 19.02 66.44
CA THR B 162 -14.61 18.75 67.87
C THR B 162 -13.30 18.54 68.60
N GLY B 163 -12.26 18.11 67.90
CA GLY B 163 -11.03 17.82 68.57
C GLY B 163 -11.02 16.51 69.30
N ARG B 164 -12.08 15.72 69.18
CA ARG B 164 -12.19 14.51 69.96
C ARG B 164 -11.20 13.47 69.46
N VAL B 165 -10.44 12.88 70.38
CA VAL B 165 -9.45 11.87 70.04
C VAL B 165 -10.02 10.50 70.34
N LEU B 166 -9.91 9.63 69.35
CA LEU B 166 -10.18 8.22 69.51
C LEU B 166 -9.12 7.62 70.40
N ALA B 167 -9.53 7.14 71.57
CA ALA B 167 -8.62 6.51 72.51
C ALA B 167 -8.08 5.19 71.96
N GLU B 168 -6.88 4.84 72.41
CA GLU B 168 -6.26 3.60 71.92
C GLU B 168 -7.13 2.38 72.21
N GLU B 169 -7.48 2.19 73.47
CA GLU B 169 -8.41 1.15 73.87
C GLU B 169 -9.57 0.98 72.88
N ARG B 170 -10.25 2.09 72.54
CA ARG B 170 -11.36 2.03 71.59
C ARG B 170 -10.89 1.84 70.15
N LEU B 171 -9.72 2.38 69.79
CA LEU B 171 -9.20 2.08 68.47
C LEU B 171 -8.94 0.58 68.32
N ARG B 172 -8.39 -0.04 69.37
CA ARG B 172 -8.17 -1.49 69.37
C ARG B 172 -9.47 -2.25 69.15
N ARG B 173 -10.52 -1.91 69.89
CA ARG B 173 -11.78 -2.64 69.77
C ARG B 173 -12.34 -2.47 68.37
N LEU B 174 -12.29 -1.23 67.87
CA LEU B 174 -12.86 -0.90 66.57
C LEU B 174 -12.17 -1.67 65.44
N ALA B 175 -10.84 -1.64 65.41
CA ALA B 175 -10.12 -2.45 64.44
C ALA B 175 -10.48 -3.91 64.57
N GLU B 176 -10.68 -4.37 65.81
CA GLU B 176 -11.04 -5.77 66.05
C GLU B 176 -12.42 -6.08 65.47
N GLN B 177 -13.41 -5.25 65.79
CA GLN B 177 -14.74 -5.42 65.19
C GLN B 177 -14.64 -5.51 63.67
N CYS B 178 -13.89 -4.57 63.06
CA CYS B 178 -13.77 -4.55 61.60
C CYS B 178 -13.16 -5.83 61.09
N ALA B 179 -12.18 -6.37 61.79
CA ALA B 179 -11.58 -7.62 61.34
C ALA B 179 -12.62 -8.74 61.27
N GLU B 180 -13.60 -8.75 62.17
CA GLU B 180 -14.63 -9.79 62.16
C GLU B 180 -15.40 -9.81 60.85
N HIS B 181 -15.79 -8.63 60.37
CA HIS B 181 -16.63 -8.46 59.19
C HIS B 181 -15.84 -8.25 57.90
N GLY B 182 -14.52 -8.36 57.94
CA GLY B 182 -13.73 -7.94 56.79
C GLY B 182 -14.12 -6.56 56.31
N THR B 183 -14.30 -5.62 57.23
CA THR B 183 -14.61 -4.23 56.90
C THR B 183 -13.33 -3.40 56.88
N VAL B 184 -13.29 -2.41 55.99
CA VAL B 184 -12.18 -1.47 55.96
C VAL B 184 -12.37 -0.46 57.08
N LEU B 185 -11.31 -0.21 57.82
CA LEU B 185 -11.25 0.84 58.84
C LEU B 185 -10.33 1.96 58.38
N ALA B 186 -10.87 3.17 58.28
CA ALA B 186 -10.15 4.28 57.71
C ALA B 186 -10.07 5.44 58.69
N LEU B 187 -8.88 6.02 58.79
CA LEU B 187 -8.64 7.13 59.71
C LEU B 187 -8.09 8.33 58.97
N ASP B 188 -8.66 9.49 59.25
CA ASP B 188 -8.05 10.75 58.84
C ASP B 188 -7.40 11.38 60.07
N THR B 189 -6.09 11.52 60.03
CA THR B 189 -5.36 12.02 61.18
C THR B 189 -4.70 13.36 60.89
N SER B 190 -5.37 14.17 60.09
CA SER B 190 -4.81 15.43 59.67
C SER B 190 -4.32 16.22 60.88
N PHE B 191 -5.15 16.26 61.94
CA PHE B 191 -4.89 17.04 63.14
C PHE B 191 -3.97 16.32 64.11
N ARG B 192 -3.40 15.18 63.73
CA ARG B 192 -2.69 14.34 64.70
C ARG B 192 -1.70 15.13 65.57
N GLY B 193 -0.99 16.08 64.98
CA GLY B 193 0.12 16.70 65.68
C GLY B 193 -0.26 17.69 66.76
N PHE B 194 -1.51 18.12 66.86
CA PHE B 194 -1.86 19.10 67.88
C PHE B 194 -2.11 18.51 69.27
N ASP B 195 -2.34 17.20 69.37
CA ASP B 195 -2.82 16.58 70.60
C ASP B 195 -2.01 15.33 70.89
N ALA B 196 -1.29 15.33 72.01
CA ALA B 196 -0.47 14.16 72.37
C ALA B 196 -1.30 12.92 72.66
N ALA B 197 -2.58 13.08 72.99
CA ALA B 197 -3.48 11.95 73.08
C ALA B 197 -3.55 11.13 71.80
N ALA B 198 -3.04 11.66 70.68
CA ALA B 198 -3.11 10.96 69.39
C ALA B 198 -1.77 10.36 68.96
N HIS B 199 -0.77 10.35 69.85
CA HIS B 199 0.56 9.96 69.42
C HIS B 199 0.97 8.57 69.87
N TYR B 200 0.05 7.75 70.42
CA TYR B 200 0.32 6.34 70.56
C TYR B 200 0.35 5.73 69.17
N ASP B 201 1.09 4.66 69.01
CA ASP B 201 1.40 4.15 67.68
C ASP B 201 0.19 3.45 67.08
N HIS B 202 -0.61 4.18 66.28
CA HIS B 202 -1.79 3.60 65.65
C HIS B 202 -1.44 2.46 64.71
N TYR B 203 -0.31 2.56 64.00
CA TYR B 203 0.06 1.47 63.10
C TYR B 203 0.32 0.19 63.87
N ALA B 204 0.65 0.32 65.16
CA ALA B 204 0.78 -0.83 66.05
C ALA B 204 -0.57 -1.51 66.24
N VAL B 205 -1.56 -0.78 66.73
CA VAL B 205 -2.84 -1.42 67.01
C VAL B 205 -3.47 -1.92 65.71
N LEU B 206 -3.37 -1.13 64.64
CA LEU B 206 -3.97 -1.50 63.36
C LEU B 206 -3.35 -2.79 62.81
N GLN B 207 -2.02 -2.86 62.77
CA GLN B 207 -1.39 -4.05 62.23
C GLN B 207 -1.58 -5.26 63.15
N GLU B 208 -1.94 -5.02 64.41
CA GLU B 208 -2.09 -6.07 65.40
C GLU B 208 -3.48 -6.69 65.29
N ALA B 209 -4.50 -5.85 65.25
CA ALA B 209 -5.84 -6.35 64.94
C ALA B 209 -5.81 -7.18 63.65
N GLY B 210 -5.06 -6.73 62.65
CA GLY B 210 -5.05 -7.38 61.35
C GLY B 210 -6.27 -7.13 60.49
N CYS B 211 -7.03 -6.07 60.73
CA CYS B 211 -8.08 -5.70 59.80
C CYS B 211 -7.46 -5.07 58.55
N ARG B 212 -8.31 -4.84 57.56
CA ARG B 212 -7.94 -3.99 56.43
C ARG B 212 -8.10 -2.54 56.86
N TRP B 213 -7.05 -1.74 56.69
CA TRP B 213 -7.09 -0.36 57.18
C TRP B 213 -6.41 0.58 56.21
N VAL B 214 -6.82 1.85 56.32
CA VAL B 214 -6.23 2.96 55.57
C VAL B 214 -6.08 4.13 56.52
N VAL B 215 -4.93 4.80 56.46
CA VAL B 215 -4.72 6.03 57.20
C VAL B 215 -4.28 7.12 56.24
N ILE B 216 -4.87 8.28 56.38
CA ILE B 216 -4.51 9.47 55.65
C ILE B 216 -3.94 10.45 56.65
N GLU B 217 -2.62 10.59 56.65
CA GLU B 217 -1.93 11.64 57.38
C GLU B 217 -1.86 12.91 56.53
N ASP B 218 -1.52 14.02 57.19
CA ASP B 218 -1.49 15.35 56.58
C ASP B 218 -0.44 16.18 57.32
N THR B 219 0.45 16.85 56.59
CA THR B 219 1.41 17.79 57.18
C THR B 219 0.97 19.25 57.10
N GLY B 220 -0.19 19.53 56.50
CA GLY B 220 -0.56 20.90 56.21
C GLY B 220 -0.94 21.74 57.42
N LYS B 221 -1.80 21.23 58.29
CA LYS B 221 -2.37 22.09 59.34
C LYS B 221 -1.33 22.62 60.28
N LEU B 222 -0.28 21.86 60.45
CA LEU B 222 0.62 22.01 61.58
C LEU B 222 1.47 23.26 61.50
N TRP B 223 2.06 23.54 60.34
CA TRP B 223 3.04 24.61 60.25
C TRP B 223 2.69 25.60 59.15
N PRO B 224 3.08 26.90 59.31
CA PRO B 224 2.78 27.91 58.28
C PRO B 224 3.74 27.85 57.10
N THR B 225 3.46 26.86 56.24
CA THR B 225 4.23 26.52 55.05
C THR B 225 3.59 27.01 53.75
N LEU B 226 2.64 27.93 53.82
CA LEU B 226 2.07 28.50 52.61
C LEU B 226 1.41 27.42 51.76
N ASP B 227 0.83 26.42 52.43
CA ASP B 227 0.09 25.34 51.77
C ASP B 227 0.98 24.40 50.98
N LEU B 228 2.28 24.40 51.29
CA LEU B 228 3.23 23.40 50.79
C LEU B 228 3.25 22.21 51.73
N LYS B 229 2.86 21.05 51.25
CA LYS B 229 2.40 19.99 52.15
C LYS B 229 2.27 18.70 51.35
N ALA B 230 1.97 17.63 52.07
CA ALA B 230 1.60 16.36 51.46
C ALA B 230 0.52 15.68 52.30
N GLY B 231 -0.36 14.97 51.62
CA GLY B 231 -1.19 13.96 52.25
C GLY B 231 -0.46 12.65 52.09
N LEU B 232 -0.50 11.82 53.14
CA LEU B 232 0.17 10.53 53.14
C LEU B 232 -0.88 9.44 53.25
N LEU B 233 -0.98 8.61 52.22
CA LEU B 233 -1.97 7.54 52.16
C LEU B 233 -1.25 6.23 52.45
N VAL B 234 -1.62 5.62 53.57
CA VAL B 234 -0.98 4.41 54.07
C VAL B 234 -2.06 3.34 54.14
N PHE B 235 -1.73 2.14 53.69
CA PHE B 235 -2.75 1.13 53.55
C PHE B 235 -2.12 -0.21 53.93
N SER B 236 -2.95 -1.05 54.58
CA SER B 236 -2.54 -2.41 54.87
C SER B 236 -2.28 -3.17 53.58
N GLU B 237 -1.46 -4.20 53.66
CA GLU B 237 -1.15 -5.00 52.49
C GLU B 237 -2.38 -5.65 51.92
N ASP B 238 -3.37 -5.94 52.78
CA ASP B 238 -4.57 -6.65 52.38
C ASP B 238 -5.68 -5.70 51.98
N ILE B 239 -5.37 -4.42 51.74
CA ILE B 239 -6.43 -3.44 51.53
C ILE B 239 -7.43 -3.94 50.49
N GLY B 240 -6.95 -4.54 49.41
CA GLY B 240 -7.84 -4.97 48.33
C GLY B 240 -8.83 -3.93 47.83
N LEU B 241 -8.40 -2.69 47.83
CA LEU B 241 -8.93 -1.55 47.12
C LEU B 241 -7.89 -1.11 46.11
N PRO B 242 -8.31 -0.55 44.96
CA PRO B 242 -7.33 -0.14 43.92
C PRO B 242 -6.65 1.21 44.20
N VAL B 243 -6.30 1.50 45.47
CA VAL B 243 -5.67 2.80 45.78
C VAL B 243 -4.33 2.98 45.05
N GLU B 244 -3.57 1.91 44.80
CA GLU B 244 -2.27 2.07 44.15
C GLU B 244 -2.43 2.47 42.67
N LYS B 245 -3.35 1.82 41.96
CA LYS B 245 -3.58 2.14 40.56
C LYS B 245 -4.19 3.54 40.40
N ILE B 246 -5.20 3.86 41.20
CA ILE B 246 -5.80 5.19 41.11
C ILE B 246 -4.78 6.27 41.49
N TYR B 247 -3.96 6.03 42.52
CA TYR B 247 -2.86 6.94 42.80
C TYR B 247 -2.02 7.21 41.55
N SER B 248 -1.57 6.15 40.86
CA SER B 248 -0.71 6.34 39.68
C SER B 248 -1.46 6.97 38.51
N ASP B 249 -2.79 6.85 38.44
CA ASP B 249 -3.52 7.62 37.44
C ASP B 249 -3.40 9.10 37.68
N ILE B 250 -3.38 9.51 38.95
CA ILE B 250 -3.36 10.94 39.31
C ILE B 250 -1.95 11.54 39.34
N LEU B 251 -0.92 10.91 39.94
CA LEU B 251 0.36 11.59 40.06
C LEU B 251 1.54 10.63 40.02
N LEU B 252 2.63 11.14 39.43
CA LEU B 252 3.94 10.51 39.47
C LEU B 252 4.58 10.57 40.86
N GLY B 253 4.19 11.53 41.68
CA GLY B 253 4.86 11.78 42.93
C GLY B 253 4.70 13.24 43.24
N VAL B 254 5.14 13.62 44.42
CA VAL B 254 5.11 15.01 44.81
C VAL B 254 6.52 15.61 44.72
N SER B 255 6.60 16.92 44.93
CA SER B 255 7.82 17.67 44.67
C SER B 255 8.88 17.28 45.69
N PRO B 256 10.07 16.90 45.26
CA PRO B 256 11.11 16.59 46.24
C PRO B 256 11.39 17.76 47.16
N LEU B 257 11.13 18.99 46.71
CA LEU B 257 11.41 20.12 47.59
C LEU B 257 10.41 20.18 48.73
N ILE B 258 9.13 19.92 48.44
CA ILE B 258 8.12 19.88 49.49
C ILE B 258 8.45 18.79 50.50
N LEU B 259 8.93 17.66 50.00
CA LEU B 259 9.34 16.57 50.89
C LEU B 259 10.51 17.00 51.78
N ALA B 260 11.52 17.65 51.19
CA ALA B 260 12.67 18.11 51.95
C ALA B 260 12.21 19.08 53.03
N LEU B 261 11.21 19.89 52.73
CA LEU B 261 10.70 20.89 53.65
C LEU B 261 9.94 20.24 54.81
N ILE B 262 9.18 19.19 54.50
CA ILE B 262 8.50 18.41 55.52
C ILE B 262 9.55 17.86 56.48
N ARG B 263 10.60 17.23 55.94
CA ARG B 263 11.68 16.69 56.75
C ARG B 263 12.25 17.76 57.68
N GLU B 264 12.62 18.91 57.11
CA GLU B 264 13.29 19.95 57.88
C GLU B 264 12.35 20.55 58.93
N PHE B 265 11.07 20.77 58.58
CA PHE B 265 10.11 21.26 59.57
C PHE B 265 9.81 20.20 60.64
N SER B 266 9.78 18.92 60.26
CA SER B 266 9.65 17.86 61.26
C SER B 266 10.81 17.88 62.22
N ARG B 267 12.01 18.12 61.72
CA ARG B 267 13.16 18.04 62.61
C ARG B 267 13.18 19.23 63.56
N ASP B 268 12.74 20.40 63.09
CA ASP B 268 12.60 21.54 63.98
C ASP B 268 11.51 21.33 65.01
N ALA B 269 10.43 20.65 64.62
CA ALA B 269 9.42 20.27 65.59
C ALA B 269 10.02 19.38 66.68
N ALA B 270 10.86 18.41 66.31
CA ALA B 270 11.43 17.48 67.29
C ALA B 270 12.45 18.16 68.19
N ASP B 271 13.10 19.22 67.72
CA ASP B 271 14.01 19.98 68.57
C ASP B 271 13.29 21.08 69.31
N GLY B 272 12.06 20.82 69.74
CA GLY B 272 11.34 21.74 70.59
C GLY B 272 10.24 22.51 69.90
N GLY B 273 10.15 22.48 68.57
CA GLY B 273 9.14 23.28 67.89
C GLY B 273 7.73 22.78 68.12
N LEU B 274 7.54 21.49 68.34
CA LEU B 274 6.17 21.00 68.55
C LEU B 274 5.63 21.40 69.91
N ALA B 275 6.48 21.41 70.94
CA ALA B 275 6.06 21.95 72.23
C ALA B 275 5.70 23.43 72.09
N ASP B 276 6.56 24.21 71.42
CA ASP B 276 6.25 25.63 71.16
C ASP B 276 4.89 25.78 70.51
N LEU B 277 4.60 24.92 69.52
CA LEU B 277 3.33 25.00 68.80
C LEU B 277 2.13 24.70 69.71
N HIS B 278 2.20 23.62 70.50
CA HIS B 278 1.11 23.30 71.43
C HIS B 278 0.82 24.45 72.38
N ALA B 279 1.88 25.08 72.90
CA ALA B 279 1.75 26.29 73.72
C ALA B 279 1.08 27.45 72.99
N PHE B 280 1.51 27.71 71.74
CA PHE B 280 0.96 28.84 71.01
C PHE B 280 -0.52 28.63 70.75
N ILE B 281 -0.91 27.42 70.35
CA ILE B 281 -2.31 27.08 70.14
C ILE B 281 -3.10 27.21 71.45
N LEU B 282 -2.52 26.78 72.57
CA LEU B 282 -3.20 26.92 73.85
C LEU B 282 -3.43 28.39 74.20
N HIS B 283 -2.39 29.21 74.04
CA HIS B 283 -2.51 30.65 74.23
C HIS B 283 -3.67 31.21 73.42
N ASN B 284 -3.72 30.87 72.12
CA ASN B 284 -4.75 31.47 71.28
C ASN B 284 -6.14 30.94 71.65
N ARG B 285 -6.26 29.69 72.10
CA ARG B 285 -7.53 29.21 72.63
C ARG B 285 -7.91 29.97 73.88
N SER B 286 -6.97 30.18 74.80
CA SER B 286 -7.24 31.01 75.98
C SER B 286 -7.76 32.38 75.58
N VAL B 287 -7.16 32.97 74.54
CA VAL B 287 -7.48 34.34 74.15
C VAL B 287 -8.95 34.45 73.69
N VAL B 288 -9.45 33.47 72.96
CA VAL B 288 -10.84 33.58 72.52
C VAL B 288 -11.78 33.27 73.68
N ARG B 289 -11.41 32.31 74.53
CA ARG B 289 -12.28 31.95 75.65
C ARG B 289 -12.32 33.08 76.67
N ARG B 290 -11.16 33.69 76.95
CA ARG B 290 -11.11 34.84 77.84
C ARG B 290 -12.08 35.95 77.42
N ALA B 291 -12.27 36.16 76.12
CA ALA B 291 -13.05 37.32 75.66
C ALA B 291 -14.51 37.01 75.44
N LEU B 292 -14.94 35.77 75.62
CA LEU B 292 -16.28 35.39 75.22
C LEU B 292 -17.03 34.52 76.24
N ALA B 293 -16.35 33.90 77.20
CA ALA B 293 -17.05 33.00 78.13
C ALA B 293 -18.04 33.76 79.01
N GLY B 294 -17.76 35.02 79.31
CA GLY B 294 -18.63 35.85 80.12
C GLY B 294 -19.79 36.44 79.38
N VAL B 295 -19.87 36.26 78.07
CA VAL B 295 -21.03 36.73 77.32
C VAL B 295 -22.23 35.81 77.56
N GLU B 296 -23.43 36.40 77.49
CA GLU B 296 -24.67 35.65 77.68
C GLU B 296 -24.92 34.76 76.49
N GLY B 297 -25.19 33.50 76.74
CA GLY B 297 -25.38 32.53 75.69
C GLY B 297 -24.13 31.80 75.24
N VAL B 298 -22.96 32.29 75.60
CA VAL B 298 -21.73 31.76 75.02
C VAL B 298 -21.19 30.62 75.88
N SER B 299 -21.17 29.43 75.28
CA SER B 299 -20.50 28.26 75.81
C SER B 299 -19.54 27.71 74.77
N PHE B 300 -18.57 26.94 75.25
CA PHE B 300 -17.56 26.32 74.40
C PHE B 300 -17.70 24.81 74.52
N PRO B 301 -18.19 24.13 73.48
CA PRO B 301 -18.58 22.72 73.64
C PRO B 301 -17.44 21.72 73.68
N ASP B 302 -16.26 22.09 73.23
CA ASP B 302 -15.12 21.19 73.28
C ASP B 302 -14.18 21.71 74.35
N PRO B 303 -14.56 21.62 75.62
CA PRO B 303 -13.73 22.22 76.66
C PRO B 303 -12.31 21.69 76.64
N GLU B 304 -12.09 20.45 76.23
CA GLU B 304 -10.75 19.87 76.27
C GLU B 304 -10.03 19.82 74.90
N SER B 305 -10.54 20.52 73.88
CA SER B 305 -9.91 20.40 72.57
C SER B 305 -8.51 21.02 72.58
N ARG B 306 -7.56 20.36 71.92
CA ARG B 306 -6.23 20.91 71.67
C ARG B 306 -5.98 21.21 70.19
N SER B 307 -7.04 21.18 69.37
CA SER B 307 -6.92 21.39 67.93
C SER B 307 -6.74 22.86 67.59
N SER B 308 -6.26 23.13 66.36
CA SER B 308 -6.04 24.49 65.88
C SER B 308 -7.34 25.23 65.51
N VAL B 309 -8.51 24.59 65.64
CA VAL B 309 -9.79 25.25 65.45
C VAL B 309 -10.63 25.05 66.70
N GLU B 310 -11.46 26.05 66.98
CA GLU B 310 -12.23 26.12 68.19
C GLU B 310 -13.68 26.43 67.87
N ARG B 311 -14.60 25.64 68.40
CA ARG B 311 -16.01 25.94 68.26
C ARG B 311 -16.49 26.88 69.37
N VAL B 312 -17.52 27.68 69.06
CA VAL B 312 -18.21 28.52 70.04
C VAL B 312 -19.72 28.44 69.77
N ALA B 313 -20.51 28.39 70.85
CA ALA B 313 -21.95 28.24 70.77
C ALA B 313 -22.65 29.46 71.39
N PHE B 314 -23.76 29.86 70.78
CA PHE B 314 -24.60 30.93 71.31
C PHE B 314 -26.04 30.45 71.27
N ALA B 315 -26.84 31.01 72.16
CA ALA B 315 -28.12 30.38 72.50
C ALA B 315 -29.30 30.99 71.78
N GLY B 316 -29.21 32.24 71.35
CA GLY B 316 -30.37 32.93 70.83
C GLY B 316 -30.27 33.45 69.42
N ARG B 317 -29.36 32.89 68.62
CA ARG B 317 -29.27 33.28 67.22
C ARG B 317 -28.48 32.23 66.46
N THR B 318 -28.64 32.25 65.14
CA THR B 318 -28.14 31.18 64.29
C THR B 318 -26.71 31.50 63.86
N GLY B 319 -25.86 30.46 63.80
CA GLY B 319 -24.49 30.61 63.38
C GLY B 319 -24.33 31.29 62.04
N THR B 320 -25.29 31.06 61.14
CA THR B 320 -25.30 31.81 59.90
C THR B 320 -25.48 33.31 60.19
N GLU B 321 -26.39 33.67 61.09
CA GLU B 321 -26.65 35.09 61.35
C GLU B 321 -25.46 35.75 62.00
N VAL B 322 -24.73 35.02 62.86
CA VAL B 322 -23.48 35.55 63.39
C VAL B 322 -22.47 35.77 62.27
N TRP B 323 -22.34 34.78 61.38
CA TRP B 323 -21.46 34.95 60.22
C TRP B 323 -21.82 36.22 59.46
N GLU B 324 -23.10 36.39 59.10
CA GLU B 324 -23.51 37.55 58.30
C GLU B 324 -23.18 38.86 59.01
N GLU B 325 -23.48 38.95 60.31
CA GLU B 325 -23.17 40.18 61.05
C GLU B 325 -21.66 40.38 61.14
N LEU B 326 -20.91 39.32 61.38
CA LEU B 326 -19.46 39.41 61.41
C LEU B 326 -18.87 39.96 60.11
N GLN B 327 -19.38 39.48 58.95
CA GLN B 327 -18.87 39.91 57.64
C GLN B 327 -18.81 41.42 57.52
N ARG B 328 -19.82 42.11 58.08
CA ARG B 328 -19.95 43.55 57.86
C ARG B 328 -18.76 44.29 58.44
N HIS B 329 -18.15 43.73 59.49
CA HIS B 329 -16.94 44.29 60.09
C HIS B 329 -15.68 43.55 59.63
N HIS B 330 -15.78 42.78 58.53
CA HIS B 330 -14.63 42.28 57.77
C HIS B 330 -13.92 41.13 58.46
N VAL B 331 -14.71 40.34 59.20
CA VAL B 331 -14.24 39.20 59.95
C VAL B 331 -14.91 37.95 59.38
N PHE B 332 -14.12 36.90 59.16
CA PHE B 332 -14.59 35.71 58.47
C PHE B 332 -14.27 34.46 59.28
N ALA B 333 -15.32 33.80 59.76
CA ALA B 333 -15.20 32.51 60.42
C ALA B 333 -16.08 31.58 59.61
N LEU B 334 -16.46 30.43 60.18
CA LEU B 334 -17.29 29.43 59.49
C LEU B 334 -18.58 29.16 60.26
N PRO B 335 -19.75 29.19 59.61
CA PRO B 335 -20.94 28.60 60.24
C PRO B 335 -20.81 27.09 60.25
N CYS B 336 -21.21 26.47 61.36
CA CYS B 336 -20.92 25.06 61.56
C CYS B 336 -21.97 24.12 61.02
N ARG B 337 -23.09 24.62 60.50
CA ARG B 337 -24.14 23.74 59.98
C ARG B 337 -23.57 22.61 59.13
N GLN B 338 -22.67 22.93 58.19
CA GLN B 338 -22.20 21.92 57.25
C GLN B 338 -21.24 20.92 57.86
N PHE B 339 -20.58 21.22 58.99
CA PHE B 339 -19.85 20.15 59.65
C PHE B 339 -20.78 18.99 60.02
N HIS B 340 -22.06 19.31 60.27
CA HIS B 340 -23.08 18.32 60.58
C HIS B 340 -23.75 17.84 59.28
N TRP B 341 -22.95 17.09 58.52
CA TRP B 341 -23.25 16.68 57.16
C TRP B 341 -24.46 15.77 57.03
N ALA B 342 -24.83 15.06 58.10
CA ALA B 342 -26.03 14.23 58.07
C ALA B 342 -27.25 14.92 58.69
N GLU B 343 -27.06 15.96 59.49
CA GLU B 343 -28.17 16.77 59.98
C GLU B 343 -27.65 18.16 60.15
N PRO B 344 -27.78 19.01 59.13
CA PRO B 344 -27.19 20.35 59.22
C PRO B 344 -27.70 21.19 60.40
N SER B 345 -28.96 20.98 60.84
CA SER B 345 -29.47 21.77 61.96
C SER B 345 -28.67 21.51 63.24
N ASP B 346 -28.01 20.35 63.36
CA ASP B 346 -27.20 20.09 64.54
C ASP B 346 -26.17 21.18 64.82
N GLY B 347 -25.79 21.97 63.82
CA GLY B 347 -24.77 22.99 64.00
C GLY B 347 -25.31 24.38 63.75
N ASP B 348 -26.61 24.54 63.99
CA ASP B 348 -27.28 25.81 63.72
C ASP B 348 -26.83 26.92 64.65
N HIS B 349 -26.24 26.61 65.81
CA HIS B 349 -25.99 27.62 66.83
C HIS B 349 -24.51 27.73 67.20
N MET B 350 -23.64 27.51 66.21
CA MET B 350 -22.22 27.45 66.45
C MET B 350 -21.45 28.04 65.28
N VAL B 351 -20.28 28.63 65.56
CA VAL B 351 -19.30 29.02 64.55
C VAL B 351 -17.92 28.52 64.95
N ARG B 352 -17.12 28.20 63.93
CA ARG B 352 -15.76 27.71 64.10
C ARG B 352 -14.79 28.84 63.83
N ILE B 353 -13.78 28.92 64.68
CA ILE B 353 -12.79 29.97 64.66
C ILE B 353 -11.45 29.28 64.46
N ALA B 354 -10.57 29.91 63.70
CA ALA B 354 -9.27 29.35 63.39
C ALA B 354 -8.24 29.96 64.33
N LEU B 355 -7.41 29.11 64.93
CA LEU B 355 -6.43 29.55 65.92
C LEU B 355 -5.04 29.58 65.35
N SER B 356 -4.84 28.92 64.20
CA SER B 356 -3.58 28.90 63.49
C SER B 356 -3.33 30.25 62.83
N ARG B 357 -3.26 31.28 63.65
CA ARG B 357 -3.17 32.65 63.22
C ARG B 357 -2.30 33.35 64.23
N SER B 358 -1.68 34.46 63.82
CA SER B 358 -0.94 35.26 64.77
C SER B 358 -1.92 35.92 65.76
N THR B 359 -1.44 36.15 66.98
CA THR B 359 -2.34 36.46 68.10
C THR B 359 -3.08 37.77 67.87
N GLU B 360 -2.37 38.76 67.38
CA GLU B 360 -2.98 40.05 67.15
C GLU B 360 -4.28 39.93 66.34
N PRO B 361 -4.23 39.69 65.02
CA PRO B 361 -5.49 39.66 64.26
C PRO B 361 -6.52 38.72 64.84
N LEU B 362 -6.08 37.72 65.59
CA LEU B 362 -7.04 36.87 66.30
C LEU B 362 -7.82 37.69 67.32
N GLU B 363 -7.11 38.46 68.14
CA GLU B 363 -7.77 39.25 69.18
C GLU B 363 -8.69 40.28 68.58
N LYS B 364 -8.18 41.05 67.60
CA LYS B 364 -9.03 41.96 66.84
C LYS B 364 -10.36 41.29 66.51
N SER B 365 -10.31 40.03 66.04
CA SER B 365 -11.48 39.34 65.48
C SER B 365 -12.49 38.98 66.57
N VAL B 366 -12.01 38.42 67.69
CA VAL B 366 -12.92 37.99 68.74
C VAL B 366 -13.59 39.19 69.41
N GLN B 367 -12.87 40.32 69.53
CA GLN B 367 -13.48 41.53 70.09
C GLN B 367 -14.61 42.00 69.19
N VAL B 368 -14.40 41.90 67.88
CA VAL B 368 -15.50 42.13 66.97
C VAL B 368 -16.57 41.08 67.17
N LEU B 369 -16.18 39.85 67.52
CA LEU B 369 -17.17 38.83 67.76
C LEU B 369 -17.97 39.13 69.02
N ARG B 370 -17.29 39.59 70.08
CA ARG B 370 -17.94 40.03 71.30
C ARG B 370 -19.06 41.04 70.99
N THR B 371 -18.69 42.13 70.35
CA THR B 371 -19.65 43.18 70.06
C THR B 371 -20.86 42.65 69.28
N VAL B 372 -20.63 41.76 68.30
CA VAL B 372 -21.74 41.17 67.54
C VAL B 372 -22.67 40.41 68.48
N LEU B 373 -22.11 39.71 69.47
CA LEU B 373 -22.93 38.90 70.37
C LEU B 373 -23.66 39.75 71.40
N GLU B 374 -23.06 40.85 71.85
CA GLU B 374 -23.69 41.74 72.79
C GLU B 374 -24.75 42.64 72.14
N THR B 375 -25.01 42.49 70.84
CA THR B 375 -26.04 43.31 70.17
C THR B 375 -27.44 42.94 70.65
N LYS C 8 -28.52 -31.55 29.12
CA LYS C 8 -28.61 -30.85 30.39
C LYS C 8 -28.47 -29.31 30.41
N GLU C 9 -27.72 -28.66 29.51
CA GLU C 9 -27.42 -27.23 29.69
C GLU C 9 -28.64 -26.31 29.43
N ASN C 10 -29.63 -26.76 28.68
CA ASN C 10 -30.82 -25.97 28.38
C ASN C 10 -31.88 -26.92 27.84
N LEU C 11 -33.09 -26.40 27.65
CA LEU C 11 -34.21 -27.24 27.28
C LEU C 11 -34.01 -27.88 25.91
N THR C 12 -33.37 -27.15 24.98
CA THR C 12 -33.09 -27.70 23.66
C THR C 12 -32.22 -28.94 23.75
N GLN C 13 -31.19 -28.91 24.61
CA GLN C 13 -30.35 -30.09 24.84
C GLN C 13 -31.14 -31.27 25.43
N TRP C 14 -32.12 -30.99 26.29
CA TRP C 14 -33.06 -32.03 26.71
C TRP C 14 -33.87 -32.57 25.52
N ALA C 15 -34.49 -31.69 24.73
CA ALA C 15 -35.27 -32.16 23.58
C ALA C 15 -34.45 -32.98 22.57
N TYR C 16 -33.12 -32.80 22.52
CA TYR C 16 -32.30 -33.47 21.49
C TYR C 16 -32.46 -34.98 21.52
N LEU C 17 -32.43 -35.61 22.70
CA LEU C 17 -32.50 -37.08 22.68
C LEU C 17 -33.92 -37.59 22.59
N ALA C 18 -34.87 -36.71 22.31
CA ALA C 18 -36.21 -37.11 21.92
C ALA C 18 -36.36 -37.24 20.42
N LEU C 19 -35.43 -36.69 19.64
CA LEU C 19 -35.70 -36.40 18.25
C LEU C 19 -35.86 -37.63 17.38
N ASN C 20 -35.30 -38.77 17.81
CA ASN C 20 -35.28 -40.00 17.01
C ASN C 20 -36.03 -41.14 17.66
N SER C 21 -36.89 -40.85 18.64
CA SER C 21 -37.73 -41.86 19.25
C SER C 21 -39.17 -41.71 18.76
N GLU C 22 -39.86 -42.85 18.59
CA GLU C 22 -41.27 -42.84 18.23
C GLU C 22 -42.11 -42.09 19.27
N LEU C 23 -41.67 -42.07 20.53
CA LEU C 23 -42.42 -41.43 21.61
C LEU C 23 -41.77 -40.14 22.08
N ASN C 24 -41.41 -39.31 21.10
CA ASN C 24 -41.02 -37.93 21.34
C ASN C 24 -42.26 -37.15 21.71
N ILE C 25 -42.32 -36.65 22.95
CA ILE C 25 -43.33 -35.71 23.41
C ILE C 25 -42.59 -34.60 24.10
N ALA C 26 -41.41 -34.25 23.58
CA ALA C 26 -40.56 -33.21 24.15
C ALA C 26 -40.75 -31.86 23.46
N ASP C 27 -40.14 -31.69 22.30
CA ASP C 27 -40.11 -30.38 21.67
C ASP C 27 -41.51 -29.95 21.21
N GLY C 28 -41.68 -28.65 21.09
CA GLY C 28 -42.97 -28.08 20.78
C GLY C 28 -43.37 -28.03 19.33
N HIS C 29 -42.58 -28.58 18.40
CA HIS C 29 -42.89 -28.48 16.98
C HIS C 29 -44.04 -29.43 16.57
N ALA C 30 -44.74 -29.05 15.50
CA ALA C 30 -45.92 -29.79 15.03
C ALA C 30 -45.52 -31.04 14.25
N ARG C 31 -45.77 -32.23 14.81
CA ARG C 31 -45.39 -33.48 14.15
C ARG C 31 -46.55 -34.45 13.99
N GLN C 32 -47.80 -33.98 13.96
CA GLN C 32 -48.92 -34.86 13.68
C GLN C 32 -49.04 -35.06 12.17
N ALA C 33 -49.86 -36.01 11.77
CA ALA C 33 -50.12 -36.18 10.35
C ALA C 33 -50.68 -34.90 9.78
N LEU C 34 -50.38 -34.70 8.50
CA LEU C 34 -51.05 -33.68 7.71
C LEU C 34 -52.52 -33.98 7.62
N SER C 35 -53.32 -32.92 7.55
CA SER C 35 -54.71 -33.09 7.24
C SER C 35 -54.83 -33.43 5.76
N PRO C 36 -56.00 -33.88 5.33
CA PRO C 36 -56.26 -33.98 3.90
C PRO C 36 -55.94 -32.72 3.15
N GLY C 37 -56.34 -31.56 3.68
CA GLY C 37 -56.12 -30.32 2.96
C GLY C 37 -54.65 -29.94 2.93
N GLN C 38 -53.92 -30.32 3.98
CA GLN C 38 -52.50 -30.03 4.00
C GLN C 38 -51.73 -30.96 3.07
N GLN C 39 -52.14 -32.23 2.98
CA GLN C 39 -51.45 -33.15 2.09
C GLN C 39 -51.64 -32.74 0.63
N LYS C 40 -52.73 -32.06 0.33
CA LYS C 40 -52.94 -31.62 -1.03
C LYS C 40 -51.91 -30.57 -1.41
N ILE C 41 -51.63 -29.63 -0.50
CA ILE C 41 -50.59 -28.62 -0.72
C ILE C 41 -49.26 -29.32 -1.00
N VAL C 42 -48.94 -30.32 -0.18
CA VAL C 42 -47.71 -31.06 -0.34
C VAL C 42 -47.66 -31.69 -1.72
N ASN C 43 -48.81 -32.16 -2.21
CA ASN C 43 -48.80 -32.89 -3.46
C ASN C 43 -48.47 -31.97 -4.60
N GLU C 44 -48.71 -30.67 -4.40
CA GLU C 44 -48.50 -29.68 -5.46
C GLU C 44 -47.16 -28.96 -5.31
N LEU C 45 -46.22 -29.54 -4.53
CA LEU C 45 -44.93 -28.87 -4.29
C LEU C 45 -44.16 -28.65 -5.57
N PRO C 46 -44.22 -29.54 -6.56
CA PRO C 46 -43.54 -29.24 -7.82
C PRO C 46 -44.11 -28.02 -8.48
N VAL C 47 -45.42 -27.80 -8.34
CA VAL C 47 -46.05 -26.62 -8.93
C VAL C 47 -45.62 -25.37 -8.17
N LEU C 48 -45.61 -25.44 -6.85
CA LEU C 48 -45.22 -24.31 -6.04
C LEU C 48 -43.76 -23.92 -6.27
N TRP C 49 -42.90 -24.92 -6.50
CA TRP C 49 -41.50 -24.65 -6.80
C TRP C 49 -41.37 -23.80 -8.06
N ALA C 50 -42.08 -24.18 -9.14
CA ALA C 50 -42.09 -23.39 -10.37
C ALA C 50 -42.52 -21.95 -10.15
N GLU C 51 -43.69 -21.77 -9.55
CA GLU C 51 -44.14 -20.47 -9.12
C GLU C 51 -43.04 -19.74 -8.36
N SER C 52 -42.41 -20.42 -7.40
CA SER C 52 -41.39 -19.74 -6.61
C SER C 52 -40.17 -19.38 -7.47
N GLU C 53 -39.82 -20.24 -8.47
CA GLU C 53 -38.75 -19.94 -9.40
C GLU C 53 -39.05 -18.75 -10.26
N GLN C 54 -40.32 -18.50 -10.54
CA GLN C 54 -40.68 -17.54 -11.60
C GLN C 54 -41.14 -16.21 -11.05
N ARG C 55 -41.84 -16.20 -9.95
CA ARG C 55 -42.40 -14.96 -9.47
C ARG C 55 -41.38 -14.17 -8.66
N PRO C 56 -41.47 -12.84 -8.65
CA PRO C 56 -40.68 -12.06 -7.71
C PRO C 56 -41.04 -12.41 -6.28
N VAL C 57 -40.00 -12.71 -5.50
CA VAL C 57 -40.17 -13.09 -4.09
C VAL C 57 -41.03 -12.06 -3.36
N GLN C 58 -40.86 -10.77 -3.66
CA GLN C 58 -41.62 -9.74 -2.93
C GLN C 58 -43.12 -10.02 -2.97
N GLN C 59 -43.64 -10.35 -4.15
CA GLN C 59 -45.05 -10.72 -4.31
C GLN C 59 -45.41 -11.93 -3.43
N ILE C 60 -44.73 -13.05 -3.63
CA ILE C 60 -44.96 -14.20 -2.78
C ILE C 60 -44.81 -13.83 -1.31
N GLU C 61 -43.85 -12.96 -0.98
CA GLU C 61 -43.66 -12.62 0.43
C GLU C 61 -44.86 -11.86 0.99
N SER C 62 -45.39 -10.91 0.22
CA SER C 62 -46.53 -10.13 0.72
C SER C 62 -47.78 -10.99 0.82
N GLU C 63 -47.98 -11.87 -0.14
CA GLU C 63 -49.07 -12.80 -0.08
C GLU C 63 -48.94 -13.68 1.14
N ALA C 64 -47.72 -14.02 1.53
CA ALA C 64 -47.55 -14.88 2.69
C ALA C 64 -47.86 -14.13 3.97
N HIS C 65 -47.29 -12.94 4.10
CA HIS C 65 -47.59 -12.15 5.31
C HIS C 65 -49.08 -11.81 5.37
N GLN C 66 -49.66 -11.29 4.29
CA GLN C 66 -51.06 -10.93 4.32
C GLN C 66 -51.90 -12.10 4.75
N ALA C 67 -51.58 -13.30 4.25
CA ALA C 67 -52.39 -14.45 4.56
C ALA C 67 -52.28 -14.81 6.03
N TYR C 68 -51.07 -14.73 6.57
CA TYR C 68 -50.87 -15.20 7.92
C TYR C 68 -51.38 -14.18 8.91
N PHE C 69 -51.13 -12.90 8.69
CA PHE C 69 -51.56 -11.91 9.65
C PHE C 69 -53.08 -11.88 9.74
N THR C 70 -53.77 -11.70 8.60
CA THR C 70 -55.23 -11.65 8.60
C THR C 70 -55.83 -12.92 9.17
N LEU C 71 -55.21 -14.08 8.91
CA LEU C 71 -55.68 -15.33 9.51
C LEU C 71 -55.87 -15.17 11.02
N LEU C 72 -54.96 -14.47 11.67
CA LEU C 72 -54.90 -14.47 13.11
C LEU C 72 -55.28 -13.12 13.72
N GLY C 73 -55.83 -12.21 12.93
CA GLY C 73 -56.53 -11.04 13.44
C GLY C 73 -55.71 -9.78 13.49
N GLN C 74 -54.49 -9.82 12.97
CA GLN C 74 -53.53 -8.71 13.09
C GLN C 74 -53.62 -7.80 11.89
N HIS C 75 -54.83 -7.31 11.62
CA HIS C 75 -55.08 -6.57 10.38
C HIS C 75 -54.24 -5.30 10.27
N GLY C 76 -53.91 -4.66 11.39
CA GLY C 76 -53.11 -3.44 11.37
C GLY C 76 -51.61 -3.60 11.19
N TYR C 77 -51.14 -4.79 10.88
CA TYR C 77 -49.71 -5.02 10.78
C TYR C 77 -49.13 -4.12 9.68
N PRO C 78 -47.91 -3.68 9.84
CA PRO C 78 -47.30 -2.81 8.83
C PRO C 78 -46.97 -3.56 7.58
N ALA C 79 -47.70 -3.26 6.52
CA ALA C 79 -47.59 -4.01 5.31
C ALA C 79 -46.70 -3.34 4.27
N GLU C 80 -46.06 -2.23 4.59
CA GLU C 80 -45.14 -1.66 3.63
C GLU C 80 -43.91 -2.57 3.52
N PRO C 81 -43.31 -2.71 2.33
CA PRO C 81 -42.10 -3.54 2.22
C PRO C 81 -41.03 -3.06 3.19
N GLY C 82 -40.49 -4.01 3.95
CA GLY C 82 -39.34 -3.79 4.79
C GLY C 82 -39.64 -3.82 6.25
N ARG C 83 -40.94 -3.72 6.59
CA ARG C 83 -41.36 -3.57 7.98
C ARG C 83 -41.52 -4.91 8.66
N VAL C 84 -41.79 -5.96 7.88
CA VAL C 84 -41.82 -7.34 8.39
C VAL C 84 -40.60 -8.06 7.81
N LEU C 85 -39.68 -8.48 8.68
CA LEU C 85 -38.45 -9.15 8.24
C LEU C 85 -38.59 -10.65 8.43
N SER C 86 -38.74 -11.38 7.31
CA SER C 86 -38.80 -12.83 7.35
C SER C 86 -37.40 -13.38 7.66
N CYS C 87 -37.33 -14.14 8.75
CA CYS C 87 -36.14 -14.82 9.23
C CYS C 87 -36.31 -16.33 9.13
N TYR C 88 -35.18 -17.02 9.12
CA TYR C 88 -35.21 -18.49 9.09
C TYR C 88 -36.11 -19.10 10.18
N SER C 89 -36.21 -18.44 11.32
CA SER C 89 -36.83 -19.00 12.52
C SER C 89 -37.06 -17.86 13.49
N SER C 90 -37.90 -18.15 14.50
CA SER C 90 -38.15 -17.21 15.57
C SER C 90 -36.92 -17.02 16.44
N SER C 91 -36.15 -18.10 16.66
CA SER C 91 -34.86 -17.98 17.35
C SER C 91 -33.93 -16.98 16.66
N VAL C 92 -33.82 -17.00 15.33
CA VAL C 92 -32.86 -16.07 14.75
C VAL C 92 -33.43 -14.65 14.79
N SER C 93 -34.76 -14.48 14.65
CA SER C 93 -35.39 -13.19 14.95
C SER C 93 -34.99 -12.72 16.34
N MET C 94 -35.14 -13.57 17.33
CA MET C 94 -34.73 -13.18 18.68
C MET C 94 -33.26 -12.80 18.75
N GLU C 95 -32.37 -13.60 18.12
CA GLU C 95 -30.96 -13.26 18.19
C GLU C 95 -30.70 -11.91 17.56
N ILE C 96 -31.31 -11.62 16.42
CA ILE C 96 -31.23 -10.27 15.85
C ILE C 96 -31.62 -9.23 16.90
N LEU C 97 -32.77 -9.45 17.54
CA LEU C 97 -33.31 -8.48 18.49
C LEU C 97 -32.38 -8.32 19.69
N ALA C 98 -31.97 -9.45 20.29
CA ALA C 98 -31.11 -9.38 21.47
C ALA C 98 -29.81 -8.68 21.14
N ARG C 99 -29.21 -8.99 20.01
CA ARG C 99 -27.98 -8.30 19.67
C ARG C 99 -28.27 -6.84 19.34
N SER C 100 -29.41 -6.56 18.72
CA SER C 100 -29.79 -5.17 18.49
C SER C 100 -29.87 -4.43 19.81
N LEU C 101 -30.63 -5.00 20.76
CA LEU C 101 -30.85 -4.38 22.05
C LEU C 101 -29.55 -4.01 22.73
N SER C 102 -28.56 -4.92 22.71
CA SER C 102 -27.36 -4.71 23.51
C SER C 102 -26.59 -3.47 23.05
N ALA C 103 -26.93 -2.88 21.91
CA ALA C 103 -26.31 -1.62 21.53
C ALA C 103 -26.67 -0.51 22.51
N SER C 104 -27.91 -0.49 23.02
CA SER C 104 -28.39 0.68 23.74
C SER C 104 -29.12 0.35 25.02
N VAL C 105 -29.21 -0.92 25.40
CA VAL C 105 -29.98 -1.34 26.56
C VAL C 105 -29.09 -2.20 27.42
N ASP C 106 -29.20 -2.04 28.74
CA ASP C 106 -28.43 -2.79 29.72
C ASP C 106 -29.24 -3.89 30.37
N ARG C 107 -30.54 -3.64 30.53
CA ARG C 107 -31.41 -4.46 31.36
C ARG C 107 -32.72 -4.73 30.63
N VAL C 108 -33.21 -5.95 30.78
CA VAL C 108 -34.47 -6.36 30.19
C VAL C 108 -35.35 -6.97 31.27
N ALA C 109 -36.62 -6.55 31.29
CA ALA C 109 -37.64 -7.15 32.13
C ALA C 109 -38.38 -8.21 31.31
N LEU C 110 -38.30 -9.45 31.77
CA LEU C 110 -38.74 -10.60 30.99
C LEU C 110 -39.74 -11.40 31.78
N VAL C 111 -40.85 -11.78 31.15
CA VAL C 111 -41.81 -12.63 31.82
C VAL C 111 -41.11 -13.90 32.27
N HIS C 112 -41.45 -14.33 33.49
CA HIS C 112 -40.94 -15.54 34.15
C HIS C 112 -42.15 -16.32 34.66
N PRO C 113 -42.25 -17.63 34.35
CA PRO C 113 -41.41 -18.40 33.43
C PRO C 113 -41.70 -18.13 31.95
N THR C 114 -40.81 -18.65 31.12
CA THR C 114 -40.95 -18.55 29.67
C THR C 114 -39.94 -19.52 29.08
N PHE C 115 -40.04 -19.72 27.77
CA PHE C 115 -39.15 -20.67 27.15
C PHE C 115 -37.73 -20.12 27.20
N ASP C 116 -36.77 -20.95 27.62
CA ASP C 116 -35.51 -20.50 28.18
C ASP C 116 -34.54 -19.92 27.16
N ASN C 117 -34.64 -20.30 25.88
CA ASN C 117 -33.72 -19.70 24.91
C ASN C 117 -34.03 -18.22 24.70
N ILE C 118 -35.21 -17.76 25.11
CA ILE C 118 -35.42 -16.31 25.15
C ILE C 118 -34.43 -15.68 26.12
N ALA C 119 -34.28 -16.31 27.29
CA ALA C 119 -33.39 -15.81 28.33
C ALA C 119 -31.93 -16.01 27.95
N ASP C 120 -31.57 -17.23 27.52
CA ASP C 120 -30.17 -17.51 27.17
C ASP C 120 -29.70 -16.69 25.98
N LEU C 121 -30.54 -16.43 24.99
CA LEU C 121 -30.18 -15.53 23.89
C LEU C 121 -30.00 -14.10 24.38
N LEU C 122 -30.97 -13.59 25.16
CA LEU C 122 -30.81 -12.26 25.76
C LEU C 122 -29.55 -12.15 26.61
N ARG C 123 -29.35 -13.10 27.52
CA ARG C 123 -28.20 -13.04 28.42
C ARG C 123 -26.91 -13.31 27.66
N GLY C 124 -26.95 -14.23 26.69
CA GLY C 124 -25.77 -14.52 25.90
C GLY C 124 -25.28 -13.32 25.11
N ASN C 125 -26.17 -12.39 24.80
CA ASN C 125 -25.84 -11.16 24.08
C ASN C 125 -25.57 -9.98 25.02
N GLY C 126 -25.49 -10.23 26.32
CA GLY C 126 -24.99 -9.22 27.23
C GLY C 126 -26.02 -8.43 28.02
N LEU C 127 -27.29 -8.76 27.93
CA LEU C 127 -28.29 -8.01 28.68
C LEU C 127 -28.53 -8.69 30.02
N ASP C 128 -28.67 -7.89 31.08
CA ASP C 128 -29.08 -8.43 32.35
C ASP C 128 -30.59 -8.54 32.36
N LEU C 129 -31.10 -9.54 33.05
CA LEU C 129 -32.52 -9.86 33.10
C LEU C 129 -33.09 -9.59 34.49
N VAL C 130 -34.31 -9.07 34.54
CA VAL C 130 -35.07 -8.97 35.77
C VAL C 130 -36.42 -9.64 35.52
N PRO C 131 -36.78 -10.66 36.31
CA PRO C 131 -38.02 -11.39 36.03
C PRO C 131 -39.24 -10.64 36.50
N VAL C 132 -40.37 -11.03 35.93
CA VAL C 132 -41.70 -10.54 36.29
C VAL C 132 -42.59 -11.76 36.36
N GLU C 133 -43.06 -12.11 37.55
CA GLU C 133 -43.91 -13.29 37.62
C GLU C 133 -45.22 -13.03 36.90
N GLU C 134 -45.97 -14.11 36.67
CA GLU C 134 -47.12 -14.00 35.79
C GLU C 134 -48.29 -13.30 36.44
N ASP C 135 -48.60 -13.64 37.70
CA ASP C 135 -49.67 -12.93 38.38
C ASP C 135 -49.47 -11.42 38.32
N ALA C 136 -48.23 -10.96 38.51
CA ALA C 136 -47.91 -9.52 38.56
C ALA C 136 -47.94 -8.87 37.18
N LEU C 137 -47.46 -9.57 36.16
CA LEU C 137 -47.45 -8.99 34.82
C LEU C 137 -48.86 -8.63 34.38
N HIS C 138 -49.78 -9.58 34.51
CA HIS C 138 -51.13 -9.43 34.00
C HIS C 138 -52.00 -8.62 34.95
N GLY C 139 -51.94 -8.96 36.25
CA GLY C 139 -52.78 -8.34 37.26
C GLY C 139 -52.59 -6.86 37.39
N ALA C 140 -51.36 -6.41 37.63
CA ALA C 140 -51.08 -5.03 38.02
C ALA C 140 -50.11 -4.32 37.09
N ASP C 141 -50.17 -2.98 37.12
CA ASP C 141 -49.22 -2.18 36.39
C ASP C 141 -47.81 -2.56 36.85
N LEU C 142 -46.82 -2.04 36.14
CA LEU C 142 -45.44 -2.35 36.49
C LEU C 142 -44.88 -1.17 37.26
N SER C 143 -44.05 -1.47 38.28
CA SER C 143 -43.45 -0.44 39.10
C SER C 143 -42.93 0.69 38.23
N ALA C 144 -43.13 1.93 38.66
CA ALA C 144 -42.34 3.01 38.09
C ALA C 144 -40.86 2.74 38.30
N GLU C 145 -40.53 2.06 39.42
CA GLU C 145 -39.14 1.72 39.70
C GLU C 145 -38.57 0.84 38.59
N LEU C 146 -39.34 -0.16 38.20
CA LEU C 146 -38.89 -1.13 37.21
C LEU C 146 -38.60 -0.47 35.87
N LEU C 147 -39.57 0.24 35.33
CA LEU C 147 -39.49 0.76 33.98
C LEU C 147 -38.38 1.77 33.78
N SER C 148 -37.93 2.42 34.84
CA SER C 148 -36.85 3.39 34.74
C SER C 148 -35.47 2.74 34.78
N SER C 149 -35.40 1.49 35.29
CA SER C 149 -34.18 0.71 35.37
C SER C 149 -34.03 -0.29 34.24
N VAL C 150 -34.92 -0.27 33.27
CA VAL C 150 -35.01 -1.28 32.24
C VAL C 150 -35.24 -0.57 30.91
N GLY C 151 -34.54 -1.06 29.87
CA GLY C 151 -34.67 -0.53 28.53
C GLY C 151 -35.69 -1.24 27.67
N CYS C 152 -36.12 -2.41 28.12
CA CYS C 152 -37.03 -3.21 27.33
C CYS C 152 -37.87 -4.08 28.25
N VAL C 153 -39.12 -4.30 27.84
CA VAL C 153 -40.02 -5.24 28.50
C VAL C 153 -40.47 -6.26 27.46
N PHE C 154 -40.41 -7.54 27.83
CA PHE C 154 -40.52 -8.64 26.88
C PHE C 154 -41.52 -9.66 27.39
N VAL C 155 -42.64 -9.83 26.67
CA VAL C 155 -43.66 -10.78 27.10
C VAL C 155 -43.92 -11.79 25.98
N THR C 156 -43.87 -13.05 26.34
CA THR C 156 -44.25 -14.11 25.44
C THR C 156 -45.75 -14.28 25.59
N THR C 157 -46.47 -14.23 24.47
CA THR C 157 -47.91 -14.43 24.58
C THR C 157 -48.58 -14.97 23.32
N PRO C 158 -49.33 -16.08 23.43
CA PRO C 158 -49.48 -16.92 24.62
C PRO C 158 -48.16 -17.45 25.17
N ASN C 159 -48.02 -17.51 26.47
CA ASN C 159 -46.75 -17.86 27.05
C ASN C 159 -46.50 -19.35 26.91
N ASN C 160 -45.23 -19.71 26.90
CA ASN C 160 -44.79 -21.09 26.89
C ASN C 160 -44.06 -21.34 28.20
N PRO C 161 -44.45 -22.32 29.01
CA PRO C 161 -45.37 -23.47 28.91
C PRO C 161 -46.82 -23.26 29.38
N THR C 162 -47.12 -22.05 29.86
CA THR C 162 -48.36 -21.84 30.60
C THR C 162 -49.55 -21.63 29.68
N GLY C 163 -49.35 -21.10 28.48
CA GLY C 163 -50.47 -20.69 27.67
C GLY C 163 -51.08 -19.36 28.04
N ARG C 164 -50.69 -18.76 29.17
CA ARG C 164 -51.25 -17.51 29.62
C ARG C 164 -51.22 -16.44 28.52
N VAL C 165 -52.42 -15.99 28.12
CA VAL C 165 -52.56 -14.93 27.13
C VAL C 165 -52.59 -13.58 27.83
N LEU C 166 -51.82 -12.65 27.29
CA LEU C 166 -51.88 -11.25 27.71
C LEU C 166 -53.13 -10.58 27.15
N ALA C 167 -54.01 -10.15 28.05
CA ALA C 167 -55.26 -9.55 27.64
C ALA C 167 -55.05 -8.19 27.01
N GLU C 168 -55.96 -7.83 26.10
CA GLU C 168 -55.90 -6.57 25.38
C GLU C 168 -55.84 -5.37 26.32
N GLU C 169 -56.71 -5.32 27.34
CA GLU C 169 -56.66 -4.25 28.32
C GLU C 169 -55.25 -4.10 28.89
N ARG C 170 -54.66 -5.21 29.33
CA ARG C 170 -53.34 -5.15 29.94
C ARG C 170 -52.27 -4.75 28.93
N LEU C 171 -52.30 -5.35 27.74
CA LEU C 171 -51.36 -4.98 26.69
C LEU C 171 -51.40 -3.47 26.43
N ARG C 172 -52.60 -2.91 26.29
CA ARG C 172 -52.78 -1.47 26.09
C ARG C 172 -52.12 -0.65 27.19
N ARG C 173 -52.33 -1.05 28.45
CA ARG C 173 -51.77 -0.32 29.56
C ARG C 173 -50.25 -0.38 29.52
N LEU C 174 -49.72 -1.58 29.30
CA LEU C 174 -48.29 -1.78 29.23
C LEU C 174 -47.67 -0.95 28.11
N ALA C 175 -48.19 -1.06 26.89
CA ALA C 175 -47.68 -0.22 25.81
C ALA C 175 -47.61 1.24 26.24
N GLU C 176 -48.59 1.68 27.05
CA GLU C 176 -48.68 3.06 27.50
C GLU C 176 -47.64 3.39 28.56
N GLN C 177 -47.47 2.50 29.57
CA GLN C 177 -46.34 2.61 30.48
C GLN C 177 -45.02 2.74 29.70
N CYS C 178 -44.77 1.82 28.78
CA CYS C 178 -43.51 1.85 28.05
C CYS C 178 -43.31 3.15 27.30
N ALA C 179 -44.39 3.68 26.72
CA ALA C 179 -44.26 4.91 25.93
C ALA C 179 -43.81 6.08 26.81
N GLU C 180 -44.32 6.16 28.05
CA GLU C 180 -43.97 7.30 28.89
C GLU C 180 -42.54 7.21 29.43
N HIS C 181 -41.94 6.01 29.44
CA HIS C 181 -40.54 5.85 29.83
C HIS C 181 -39.58 5.74 28.65
N GLY C 182 -40.07 5.81 27.42
CA GLY C 182 -39.26 5.47 26.25
C GLY C 182 -38.71 4.06 26.29
N THR C 183 -39.40 3.14 26.96
CA THR C 183 -39.03 1.73 26.97
C THR C 183 -39.48 1.06 25.67
N VAL C 184 -38.73 0.03 25.30
CA VAL C 184 -39.13 -0.82 24.18
C VAL C 184 -40.07 -1.89 24.71
N LEU C 185 -41.16 -2.11 24.01
CA LEU C 185 -42.06 -3.22 24.34
C LEU C 185 -41.89 -4.32 23.31
N ALA C 186 -41.66 -5.54 23.76
CA ALA C 186 -41.34 -6.65 22.86
C ALA C 186 -42.18 -7.88 23.18
N LEU C 187 -42.82 -8.41 22.15
CA LEU C 187 -43.71 -9.56 22.29
C LEU C 187 -43.20 -10.70 21.42
N ASP C 188 -43.19 -11.89 21.98
CA ASP C 188 -43.03 -13.11 21.24
C ASP C 188 -44.40 -13.78 21.18
N THR C 189 -44.97 -13.79 20.00
CA THR C 189 -46.29 -14.37 19.77
C THR C 189 -46.21 -15.68 19.00
N SER C 190 -45.16 -16.47 19.29
CA SER C 190 -45.01 -17.75 18.61
C SER C 190 -46.30 -18.56 18.66
N PHE C 191 -46.95 -18.62 19.82
CA PHE C 191 -48.10 -19.52 19.96
C PHE C 191 -49.43 -18.87 19.59
N ARG C 192 -49.41 -17.70 18.98
CA ARG C 192 -50.64 -16.94 18.76
C ARG C 192 -51.74 -17.77 18.15
N GLY C 193 -51.41 -18.68 17.24
CA GLY C 193 -52.43 -19.35 16.46
C GLY C 193 -53.29 -20.32 17.25
N PHE C 194 -52.80 -20.81 18.40
CA PHE C 194 -53.54 -21.85 19.11
C PHE C 194 -54.70 -21.32 19.94
N ASP C 195 -54.65 -20.05 20.35
CA ASP C 195 -55.59 -19.52 21.32
C ASP C 195 -56.25 -18.28 20.73
N ALA C 196 -57.58 -18.29 20.59
CA ALA C 196 -58.29 -17.15 20.01
C ALA C 196 -58.28 -15.92 20.92
N ALA C 197 -57.96 -16.11 22.19
CA ALA C 197 -57.74 -14.97 23.08
C ALA C 197 -56.58 -14.09 22.61
N ALA C 198 -55.71 -14.60 21.74
CA ALA C 198 -54.56 -13.85 21.26
C ALA C 198 -54.76 -13.28 19.85
N HIS C 199 -56.02 -13.22 19.38
CA HIS C 199 -56.31 -12.85 17.98
C HIS C 199 -56.91 -11.45 17.82
N TYR C 200 -56.99 -10.65 18.89
CA TYR C 200 -57.28 -9.22 18.75
C TYR C 200 -56.06 -8.52 18.16
N ASP C 201 -56.31 -7.51 17.33
CA ASP C 201 -55.28 -6.79 16.61
C ASP C 201 -54.27 -6.15 17.56
N HIS C 202 -53.18 -6.87 17.87
CA HIS C 202 -52.09 -6.30 18.66
C HIS C 202 -51.48 -5.07 17.99
N TYR C 203 -51.40 -5.05 16.66
CA TYR C 203 -50.73 -3.95 16.01
C TYR C 203 -51.54 -2.67 16.09
N ALA C 204 -52.86 -2.81 16.27
CA ALA C 204 -53.75 -1.68 16.53
C ALA C 204 -53.43 -1.00 17.86
N VAL C 205 -53.27 -1.77 18.94
CA VAL C 205 -53.03 -1.13 20.24
C VAL C 205 -51.59 -0.63 20.35
N LEU C 206 -50.61 -1.36 19.78
CA LEU C 206 -49.22 -0.89 19.85
C LEU C 206 -49.05 0.42 19.10
N GLN C 207 -49.56 0.48 17.89
CA GLN C 207 -49.48 1.69 17.10
C GLN C 207 -50.32 2.82 17.70
N GLU C 208 -51.43 2.49 18.36
CA GLU C 208 -52.21 3.50 19.09
C GLU C 208 -51.40 4.06 20.25
N ALA C 209 -51.02 3.19 21.20
CA ALA C 209 -50.18 3.63 22.32
C ALA C 209 -48.99 4.44 21.86
N GLY C 210 -48.37 4.04 20.73
CA GLY C 210 -47.22 4.74 20.19
C GLY C 210 -45.92 4.57 20.97
N CYS C 211 -45.73 3.46 21.67
CA CYS C 211 -44.43 3.15 22.25
C CYS C 211 -43.46 2.68 21.16
N ARG C 212 -42.23 2.41 21.57
CA ARG C 212 -41.29 1.70 20.71
C ARG C 212 -41.54 0.21 20.91
N TRP C 213 -41.76 -0.52 19.82
CA TRP C 213 -42.17 -1.90 19.98
C TRP C 213 -41.54 -2.78 18.91
N VAL C 214 -41.51 -4.07 19.25
CA VAL C 214 -41.09 -5.16 18.37
C VAL C 214 -41.96 -6.39 18.65
N VAL C 215 -42.28 -7.11 17.58
CA VAL C 215 -43.04 -8.35 17.70
C VAL C 215 -42.41 -9.42 16.82
N ILE C 216 -42.22 -10.61 17.42
CA ILE C 216 -41.69 -11.78 16.74
C ILE C 216 -42.84 -12.74 16.54
N GLU C 217 -43.41 -12.77 15.33
CA GLU C 217 -44.34 -13.83 15.00
C GLU C 217 -43.57 -15.06 14.50
N ASP C 218 -44.26 -16.19 14.43
CA ASP C 218 -43.66 -17.48 14.06
C ASP C 218 -44.72 -18.36 13.41
N THR C 219 -44.40 -18.91 12.23
CA THR C 219 -45.31 -19.85 11.60
C THR C 219 -45.05 -21.31 12.00
N GLY C 220 -44.06 -21.56 12.86
CA GLY C 220 -43.51 -22.91 13.00
C GLY C 220 -44.32 -23.87 13.82
N LYS C 221 -45.00 -23.39 14.84
CA LYS C 221 -45.61 -24.27 15.81
C LYS C 221 -46.88 -24.91 15.31
N LEU C 222 -47.59 -24.15 14.51
CA LEU C 222 -48.98 -24.44 14.17
C LEU C 222 -49.13 -25.67 13.32
N TRP C 223 -48.36 -25.76 12.21
CA TRP C 223 -48.64 -26.78 11.24
C TRP C 223 -47.46 -27.72 11.10
N PRO C 224 -47.71 -29.00 10.83
CA PRO C 224 -46.63 -29.98 10.64
C PRO C 224 -45.98 -29.89 9.26
N THR C 225 -45.10 -28.90 9.11
CA THR C 225 -44.42 -28.56 7.87
C THR C 225 -42.97 -28.99 7.86
N LEU C 226 -42.56 -29.85 8.78
CA LEU C 226 -41.21 -30.40 8.81
C LEU C 226 -40.22 -29.29 9.07
N ASP C 227 -40.62 -28.40 9.97
CA ASP C 227 -39.81 -27.27 10.40
C ASP C 227 -39.45 -26.34 9.23
N LEU C 228 -40.25 -26.35 8.17
CA LEU C 228 -40.22 -25.33 7.14
C LEU C 228 -41.12 -24.22 7.63
N LYS C 229 -40.52 -23.09 8.00
CA LYS C 229 -41.19 -22.06 8.79
C LYS C 229 -40.53 -20.72 8.47
N ALA C 230 -41.06 -19.67 9.08
CA ALA C 230 -40.36 -18.39 9.14
C ALA C 230 -40.66 -17.74 10.49
N GLY C 231 -39.68 -17.01 10.99
CA GLY C 231 -39.89 -16.06 12.05
C GLY C 231 -40.14 -14.72 11.42
N LEU C 232 -40.97 -13.89 12.06
CA LEU C 232 -41.36 -12.60 11.48
C LEU C 232 -41.06 -11.49 12.48
N LEU C 233 -40.14 -10.60 12.12
CA LEU C 233 -39.65 -9.56 13.01
C LEU C 233 -40.32 -8.26 12.58
N VAL C 234 -41.26 -7.78 13.38
CA VAL C 234 -42.04 -6.58 13.08
C VAL C 234 -41.68 -5.52 14.09
N PHE C 235 -41.42 -4.32 13.60
CA PHE C 235 -40.92 -3.27 14.47
C PHE C 235 -41.60 -1.95 14.16
N SER C 236 -41.79 -1.16 15.22
CA SER C 236 -42.23 0.20 15.09
C SER C 236 -41.21 1.02 14.32
N GLU C 237 -41.70 2.07 13.64
CA GLU C 237 -40.84 2.94 12.85
C GLU C 237 -39.77 3.62 13.70
N ASP C 238 -40.03 3.80 14.98
CA ASP C 238 -39.16 4.57 15.87
C ASP C 238 -38.37 3.68 16.82
N ILE C 239 -38.20 2.39 16.47
CA ILE C 239 -37.63 1.41 17.40
C ILE C 239 -36.23 1.83 17.87
N GLY C 240 -35.45 2.53 17.04
CA GLY C 240 -34.14 2.97 17.47
C GLY C 240 -33.23 1.86 17.92
N LEU C 241 -33.42 0.68 17.42
CA LEU C 241 -32.52 -0.45 17.52
C LEU C 241 -32.01 -0.73 16.15
N PRO C 242 -30.86 -1.40 16.01
CA PRO C 242 -30.32 -1.69 14.68
C PRO C 242 -30.80 -3.03 14.07
N VAL C 243 -32.07 -3.42 14.29
CA VAL C 243 -32.53 -4.72 13.81
C VAL C 243 -32.47 -4.83 12.28
N GLU C 244 -32.62 -3.70 11.57
CA GLU C 244 -32.56 -3.78 10.12
C GLU C 244 -31.13 -4.05 9.65
N LYS C 245 -30.12 -3.42 10.27
CA LYS C 245 -28.74 -3.65 9.85
C LYS C 245 -28.30 -5.06 10.17
N ILE C 246 -28.55 -5.51 11.40
CA ILE C 246 -28.14 -6.85 11.80
C ILE C 246 -28.91 -7.93 11.02
N TYR C 247 -30.18 -7.69 10.69
CA TYR C 247 -30.88 -8.66 9.86
C TYR C 247 -30.12 -8.89 8.56
N SER C 248 -29.65 -7.80 7.94
CA SER C 248 -28.96 -7.84 6.64
C SER C 248 -27.58 -8.46 6.75
N ASP C 249 -26.96 -8.35 7.92
CA ASP C 249 -25.71 -9.06 8.13
C ASP C 249 -25.95 -10.56 8.13
N ILE C 250 -27.08 -11.00 8.65
CA ILE C 250 -27.40 -12.43 8.73
C ILE C 250 -28.04 -12.98 7.45
N LEU C 251 -28.97 -12.29 6.78
CA LEU C 251 -29.60 -12.94 5.64
C LEU C 251 -30.13 -11.97 4.59
N LEU C 252 -30.22 -12.50 3.38
CA LEU C 252 -30.80 -11.81 2.22
C LEU C 252 -32.30 -11.98 2.16
N GLY C 253 -32.81 -12.99 2.83
CA GLY C 253 -34.23 -13.26 2.89
C GLY C 253 -34.38 -14.74 3.07
N VAL C 254 -35.64 -15.19 3.11
CA VAL C 254 -35.84 -16.63 3.23
C VAL C 254 -36.28 -17.17 1.88
N SER C 255 -36.47 -18.49 1.85
CA SER C 255 -36.82 -19.19 0.63
C SER C 255 -38.20 -18.76 0.14
N PRO C 256 -38.35 -18.37 -1.13
CA PRO C 256 -39.70 -18.16 -1.67
C PRO C 256 -40.54 -19.39 -1.68
N LEU C 257 -39.97 -20.59 -1.54
CA LEU C 257 -40.81 -21.77 -1.44
C LEU C 257 -41.41 -21.91 -0.03
N ILE C 258 -40.64 -21.61 1.02
CA ILE C 258 -41.23 -21.59 2.35
C ILE C 258 -42.28 -20.48 2.46
N LEU C 259 -42.04 -19.36 1.82
CA LEU C 259 -43.06 -18.32 1.80
C LEU C 259 -44.33 -18.80 1.06
N ALA C 260 -44.17 -19.45 -0.11
CA ALA C 260 -45.34 -19.95 -0.80
C ALA C 260 -46.06 -20.99 0.05
N LEU C 261 -45.32 -21.78 0.82
CA LEU C 261 -45.92 -22.79 1.69
C LEU C 261 -46.69 -22.15 2.84
N ILE C 262 -46.08 -21.13 3.45
CA ILE C 262 -46.75 -20.39 4.50
C ILE C 262 -48.06 -19.85 3.98
N ARG C 263 -48.05 -19.30 2.76
CA ARG C 263 -49.26 -18.76 2.18
C ARG C 263 -50.33 -19.84 2.11
N GLU C 264 -49.97 -21.02 1.60
CA GLU C 264 -50.98 -22.03 1.34
C GLU C 264 -51.48 -22.66 2.62
N PHE C 265 -50.61 -22.92 3.60
CA PHE C 265 -51.08 -23.44 4.88
C PHE C 265 -51.94 -22.40 5.62
N SER C 266 -51.67 -21.12 5.43
CA SER C 266 -52.54 -20.09 6.00
C SER C 266 -53.92 -20.15 5.37
N ARG C 267 -53.97 -20.23 4.04
CA ARG C 267 -55.26 -20.22 3.34
C ARG C 267 -56.06 -21.46 3.67
N ASP C 268 -55.40 -22.60 3.83
CA ASP C 268 -56.10 -23.80 4.25
C ASP C 268 -56.60 -23.65 5.69
N ALA C 269 -55.75 -23.09 6.56
CA ALA C 269 -56.16 -22.82 7.92
C ALA C 269 -57.41 -21.96 7.94
N ALA C 270 -57.44 -20.91 7.11
CA ALA C 270 -58.53 -19.93 7.10
C ALA C 270 -59.81 -20.49 6.49
N ASP C 271 -59.73 -21.56 5.72
CA ASP C 271 -60.88 -22.22 5.12
C ASP C 271 -61.29 -23.42 5.95
N GLY C 272 -61.19 -23.31 7.29
CA GLY C 272 -61.60 -24.34 8.19
C GLY C 272 -60.50 -25.16 8.81
N GLY C 273 -59.26 -25.03 8.33
CA GLY C 273 -58.17 -25.80 8.91
C GLY C 273 -57.83 -25.36 10.32
N LEU C 274 -58.00 -24.07 10.62
CA LEU C 274 -57.60 -23.57 11.94
C LEU C 274 -58.53 -24.04 13.04
N ALA C 275 -59.83 -24.12 12.75
CA ALA C 275 -60.77 -24.67 13.74
C ALA C 275 -60.52 -26.15 13.94
N ASP C 276 -60.30 -26.89 12.85
CA ASP C 276 -59.88 -28.29 12.93
C ASP C 276 -58.68 -28.45 13.88
N LEU C 277 -57.73 -27.52 13.84
CA LEU C 277 -56.55 -27.63 14.70
C LEU C 277 -56.90 -27.41 16.17
N HIS C 278 -57.59 -26.31 16.47
CA HIS C 278 -58.09 -26.11 17.82
C HIS C 278 -58.77 -27.36 18.37
N ALA C 279 -59.66 -27.97 17.58
CA ALA C 279 -60.31 -29.19 18.02
C ALA C 279 -59.32 -30.31 18.32
N PHE C 280 -58.32 -30.49 17.44
CA PHE C 280 -57.37 -31.59 17.60
C PHE C 280 -56.54 -31.39 18.84
N ILE C 281 -56.10 -30.17 19.09
CA ILE C 281 -55.30 -29.92 20.28
C ILE C 281 -56.14 -30.14 21.53
N LEU C 282 -57.36 -29.61 21.55
CA LEU C 282 -58.27 -29.85 22.67
C LEU C 282 -58.48 -31.35 22.91
N HIS C 283 -58.73 -32.12 21.85
CA HIS C 283 -58.81 -33.57 21.99
C HIS C 283 -57.59 -34.12 22.71
N ASN C 284 -56.41 -33.67 22.30
CA ASN C 284 -55.19 -34.25 22.82
C ASN C 284 -54.88 -33.78 24.24
N ARG C 285 -55.22 -32.55 24.59
CA ARG C 285 -55.07 -32.16 25.99
C ARG C 285 -55.97 -33.04 26.88
N SER C 286 -57.17 -33.34 26.38
CA SER C 286 -58.11 -34.09 27.21
C SER C 286 -57.68 -35.54 27.35
N VAL C 287 -57.11 -36.10 26.27
CA VAL C 287 -56.55 -37.45 26.34
C VAL C 287 -55.49 -37.53 27.45
N VAL C 288 -54.68 -36.47 27.59
CA VAL C 288 -53.65 -36.46 28.62
C VAL C 288 -54.26 -36.25 30.00
N ARG C 289 -55.24 -35.36 30.12
CA ARG C 289 -55.82 -35.07 31.43
C ARG C 289 -56.66 -36.24 31.91
N ARG C 290 -57.44 -36.84 31.01
CA ARG C 290 -58.18 -38.06 31.34
C ARG C 290 -57.26 -39.11 31.94
N ALA C 291 -56.12 -39.37 31.32
CA ALA C 291 -55.29 -40.48 31.74
C ALA C 291 -54.54 -40.23 33.05
N LEU C 292 -54.45 -38.98 33.51
CA LEU C 292 -53.61 -38.66 34.65
C LEU C 292 -54.33 -37.93 35.79
N ALA C 293 -55.51 -37.35 35.55
CA ALA C 293 -56.17 -36.53 36.56
C ALA C 293 -56.46 -37.29 37.85
N GLY C 294 -56.59 -38.61 37.80
CA GLY C 294 -56.93 -39.42 38.95
C GLY C 294 -55.77 -39.99 39.72
N VAL C 295 -54.55 -39.63 39.37
CA VAL C 295 -53.37 -40.20 40.02
C VAL C 295 -53.09 -39.43 41.31
N GLU C 296 -52.47 -40.13 42.28
CA GLU C 296 -52.00 -39.51 43.52
C GLU C 296 -50.87 -38.54 43.21
N GLY C 297 -51.14 -37.24 43.37
CA GLY C 297 -50.13 -36.21 43.22
C GLY C 297 -50.31 -35.34 42.01
N VAL C 298 -51.22 -35.67 41.11
CA VAL C 298 -51.26 -35.04 39.79
C VAL C 298 -52.25 -33.88 39.78
N SER C 299 -51.79 -32.74 39.26
CA SER C 299 -52.64 -31.61 38.96
C SER C 299 -52.17 -31.00 37.64
N PHE C 300 -52.93 -30.05 37.12
CA PHE C 300 -52.62 -29.40 35.86
C PHE C 300 -52.59 -27.90 36.12
N PRO C 301 -51.40 -27.28 36.15
CA PRO C 301 -51.32 -25.88 36.62
C PRO C 301 -51.95 -24.89 35.69
N ASP C 302 -52.24 -25.29 34.44
CA ASP C 302 -52.77 -24.39 33.42
C ASP C 302 -54.10 -24.94 32.95
N PRO C 303 -55.12 -24.90 33.81
CA PRO C 303 -56.38 -25.55 33.45
C PRO C 303 -57.02 -25.00 32.18
N GLU C 304 -56.79 -23.74 31.83
CA GLU C 304 -57.37 -23.16 30.61
C GLU C 304 -56.34 -22.97 29.47
N SER C 305 -55.17 -23.61 29.53
CA SER C 305 -54.24 -23.49 28.41
C SER C 305 -54.90 -24.00 27.14
N ARG C 306 -54.70 -23.29 26.04
CA ARG C 306 -55.01 -23.85 24.72
C ARG C 306 -53.73 -24.05 23.88
N SER C 307 -52.57 -23.84 24.49
CA SER C 307 -51.27 -24.01 23.87
C SER C 307 -51.06 -25.46 23.48
N SER C 308 -50.23 -25.68 22.45
CA SER C 308 -49.92 -27.05 22.02
C SER C 308 -48.98 -27.78 22.97
N VAL C 309 -48.62 -27.18 24.10
CA VAL C 309 -47.86 -27.85 25.15
C VAL C 309 -48.64 -27.71 26.47
N GLU C 310 -48.59 -28.79 27.25
CA GLU C 310 -49.27 -28.92 28.52
C GLU C 310 -48.26 -29.24 29.61
N ARG C 311 -48.28 -28.48 30.70
CA ARG C 311 -47.59 -28.88 31.91
C ARG C 311 -48.44 -29.84 32.75
N VAL C 312 -47.76 -30.76 33.43
CA VAL C 312 -48.39 -31.65 34.38
C VAL C 312 -47.54 -31.63 35.67
N ALA C 313 -48.19 -31.34 36.80
CA ALA C 313 -47.51 -31.21 38.08
C ALA C 313 -47.81 -32.40 38.95
N PHE C 314 -46.82 -32.86 39.71
CA PHE C 314 -47.01 -33.97 40.65
C PHE C 314 -46.23 -33.66 41.91
N ALA C 315 -46.78 -34.06 43.04
CA ALA C 315 -46.14 -33.83 44.32
C ALA C 315 -45.35 -35.06 44.75
N GLY C 316 -44.41 -34.83 45.67
CA GLY C 316 -43.55 -35.89 46.15
C GLY C 316 -42.78 -36.57 45.03
N ARG C 317 -42.29 -35.77 44.08
CA ARG C 317 -41.61 -36.26 42.90
C ARG C 317 -41.07 -35.07 42.13
N THR C 318 -39.85 -35.22 41.61
CA THR C 318 -39.19 -34.14 40.91
C THR C 318 -39.21 -34.40 39.41
N GLY C 319 -39.62 -33.39 38.63
CA GLY C 319 -39.68 -33.55 37.18
C GLY C 319 -38.41 -34.17 36.60
N THR C 320 -37.26 -33.84 37.19
CA THR C 320 -35.99 -34.38 36.72
C THR C 320 -35.97 -35.91 36.78
N GLU C 321 -36.54 -36.50 37.83
CA GLU C 321 -36.53 -37.96 38.00
C GLU C 321 -37.76 -38.61 37.37
N VAL C 322 -38.89 -37.93 37.29
CA VAL C 322 -39.99 -38.41 36.44
C VAL C 322 -39.48 -38.55 35.01
N TRP C 323 -38.78 -37.53 34.53
CA TRP C 323 -38.17 -37.62 33.22
C TRP C 323 -37.27 -38.82 33.11
N GLU C 324 -36.36 -39.01 34.08
CA GLU C 324 -35.39 -40.09 34.01
C GLU C 324 -36.09 -41.45 33.91
N GLU C 325 -37.29 -41.57 34.44
CA GLU C 325 -37.97 -42.85 34.46
C GLU C 325 -38.75 -43.10 33.19
N LEU C 326 -39.44 -42.08 32.69
CA LEU C 326 -40.01 -42.15 31.35
C LEU C 326 -38.96 -42.57 30.32
N GLN C 327 -37.75 -42.01 30.43
CA GLN C 327 -36.70 -42.25 29.45
C GLN C 327 -36.32 -43.72 29.42
N ARG C 328 -36.35 -44.38 30.58
CA ARG C 328 -36.08 -45.81 30.64
C ARG C 328 -37.06 -46.60 29.77
N HIS C 329 -38.27 -46.07 29.58
CA HIS C 329 -39.29 -46.72 28.77
C HIS C 329 -39.41 -46.15 27.37
N HIS C 330 -38.49 -45.25 26.99
CA HIS C 330 -38.40 -44.69 25.64
C HIS C 330 -39.49 -43.66 25.42
N VAL C 331 -39.72 -42.84 26.43
CA VAL C 331 -40.60 -41.68 26.37
C VAL C 331 -39.80 -40.43 26.75
N PHE C 332 -39.99 -39.36 25.98
CA PHE C 332 -39.17 -38.15 26.15
C PHE C 332 -40.08 -36.93 26.25
N ALA C 333 -40.26 -36.45 27.48
CA ALA C 333 -40.87 -35.16 27.77
C ALA C 333 -39.75 -34.18 28.16
N LEU C 334 -40.10 -33.03 28.73
CA LEU C 334 -39.14 -32.02 29.18
C LEU C 334 -39.26 -31.76 30.67
N PRO C 335 -38.17 -31.75 31.43
CA PRO C 335 -38.25 -31.26 32.82
C PRO C 335 -38.35 -29.74 32.85
N CYS C 336 -39.16 -29.23 33.78
CA CYS C 336 -39.62 -27.84 33.70
C CYS C 336 -38.71 -26.83 34.36
N ARG C 337 -37.78 -27.27 35.20
CA ARG C 337 -36.91 -26.34 35.94
C ARG C 337 -36.45 -25.19 35.07
N GLN C 338 -35.97 -25.49 33.86
CA GLN C 338 -35.29 -24.46 33.09
C GLN C 338 -36.22 -23.49 32.39
N PHE C 339 -37.52 -23.81 32.26
CA PHE C 339 -38.48 -22.76 31.89
C PHE C 339 -38.45 -21.60 32.90
N HIS C 340 -38.11 -21.90 34.15
CA HIS C 340 -38.07 -20.92 35.24
C HIS C 340 -36.65 -20.35 35.35
N TRP C 341 -36.28 -19.64 34.30
CA TRP C 341 -34.90 -19.20 34.03
C TRP C 341 -34.33 -18.26 35.10
N ALA C 342 -35.10 -17.85 36.11
CA ALA C 342 -34.56 -17.09 37.21
C ALA C 342 -34.55 -17.86 38.52
N GLU C 343 -35.40 -18.87 38.65
CA GLU C 343 -35.41 -19.72 39.84
C GLU C 343 -35.71 -21.11 39.34
N PRO C 344 -34.68 -21.87 38.99
CA PRO C 344 -34.94 -23.23 38.49
C PRO C 344 -35.80 -24.06 39.42
N SER C 345 -35.60 -23.99 40.74
CA SER C 345 -36.38 -24.84 41.64
C SER C 345 -37.89 -24.59 41.50
N ASP C 346 -38.30 -23.45 40.96
CA ASP C 346 -39.73 -23.21 40.78
C ASP C 346 -40.39 -24.30 39.95
N GLY C 347 -39.67 -24.93 39.03
CA GLY C 347 -40.22 -25.95 38.15
C GLY C 347 -39.86 -27.37 38.53
N ASP C 348 -39.17 -27.56 39.65
CA ASP C 348 -38.73 -28.87 40.14
C ASP C 348 -39.82 -29.93 40.09
N HIS C 349 -41.11 -29.56 40.11
CA HIS C 349 -42.17 -30.55 40.32
C HIS C 349 -43.14 -30.67 39.14
N MET C 350 -42.68 -30.32 37.94
CA MET C 350 -43.48 -30.43 36.73
C MET C 350 -42.66 -30.94 35.56
N VAL C 351 -43.35 -31.61 34.62
CA VAL C 351 -42.86 -31.95 33.29
C VAL C 351 -43.83 -31.38 32.27
N ARG C 352 -43.32 -31.16 31.04
CA ARG C 352 -44.12 -30.65 29.94
C ARG C 352 -44.23 -31.71 28.86
N ILE C 353 -45.42 -31.82 28.30
CA ILE C 353 -45.78 -32.82 27.31
C ILE C 353 -46.15 -32.07 26.06
N ALA C 354 -45.71 -32.56 24.91
CA ALA C 354 -46.00 -31.92 23.64
C ALA C 354 -47.29 -32.50 23.09
N LEU C 355 -48.19 -31.63 22.64
CA LEU C 355 -49.49 -32.07 22.14
C LEU C 355 -49.57 -32.11 20.62
N SER C 356 -48.67 -31.41 19.93
CA SER C 356 -48.60 -31.38 18.46
C SER C 356 -48.05 -32.70 17.93
N ARG C 357 -48.82 -33.75 18.11
CA ARG C 357 -48.41 -35.11 17.78
C ARG C 357 -49.68 -35.86 17.43
N SER C 358 -49.53 -36.94 16.67
CA SER C 358 -50.67 -37.80 16.40
C SER C 358 -51.14 -38.45 17.71
N THR C 359 -52.45 -38.70 17.80
CA THR C 359 -53.03 -39.00 19.11
C THR C 359 -52.54 -40.36 19.65
N GLU C 360 -52.33 -41.35 18.78
CA GLU C 360 -51.91 -42.67 19.24
C GLU C 360 -50.60 -42.64 20.03
N PRO C 361 -49.47 -42.24 19.44
CA PRO C 361 -48.23 -42.23 20.22
C PRO C 361 -48.30 -41.29 21.41
N LEU C 362 -49.19 -40.32 21.38
CA LEU C 362 -49.45 -39.53 22.59
C LEU C 362 -50.08 -40.40 23.66
N GLU C 363 -51.22 -41.03 23.35
CA GLU C 363 -51.87 -41.95 24.28
C GLU C 363 -50.84 -42.85 24.94
N LYS C 364 -50.06 -43.58 24.15
CA LYS C 364 -49.18 -44.57 24.75
C LYS C 364 -48.06 -43.92 25.55
N SER C 365 -47.73 -42.65 25.28
CA SER C 365 -46.73 -41.98 26.11
C SER C 365 -47.29 -41.67 27.49
N VAL C 366 -48.51 -41.11 27.54
CA VAL C 366 -49.07 -40.74 28.84
C VAL C 366 -49.43 -41.97 29.65
N GLN C 367 -49.78 -43.08 28.99
CA GLN C 367 -49.98 -44.33 29.73
C GLN C 367 -48.69 -44.78 30.40
N VAL C 368 -47.55 -44.67 29.71
CA VAL C 368 -46.27 -44.96 30.36
C VAL C 368 -46.06 -44.00 31.52
N LEU C 369 -46.42 -42.73 31.34
CA LEU C 369 -46.29 -41.75 32.40
C LEU C 369 -47.06 -42.20 33.64
N ARG C 370 -48.31 -42.60 33.43
CA ARG C 370 -49.18 -43.07 34.52
C ARG C 370 -48.51 -44.18 35.32
N THR C 371 -48.03 -45.22 34.64
CA THR C 371 -47.30 -46.29 35.31
C THR C 371 -46.12 -45.75 36.12
N VAL C 372 -45.27 -44.91 35.53
CA VAL C 372 -44.15 -44.32 36.26
C VAL C 372 -44.65 -43.57 37.49
N LEU C 373 -45.80 -42.90 37.35
CA LEU C 373 -46.37 -42.14 38.45
C LEU C 373 -47.07 -43.00 39.48
N GLU C 374 -47.46 -44.24 39.11
CA GLU C 374 -48.17 -45.13 40.02
C GLU C 374 -47.23 -46.09 40.75
N THR C 375 -45.93 -45.91 40.66
CA THR C 375 -45.03 -46.83 41.32
C THR C 375 -44.36 -46.24 42.55
N LYS D 8 -26.90 2.24 2.04
CA LYS D 8 -26.33 0.93 1.64
C LYS D 8 -25.12 0.53 2.49
N GLU D 9 -25.38 -0.02 3.68
CA GLU D 9 -24.33 -0.21 4.68
C GLU D 9 -23.52 -1.49 4.50
N ASN D 10 -23.85 -2.34 3.53
CA ASN D 10 -23.12 -3.58 3.28
C ASN D 10 -23.58 -4.11 1.93
N LEU D 11 -22.96 -5.21 1.50
CA LEU D 11 -23.29 -5.75 0.19
C LEU D 11 -24.66 -6.40 0.18
N THR D 12 -25.11 -6.98 1.27
CA THR D 12 -26.46 -7.54 1.25
C THR D 12 -27.47 -6.47 0.85
N GLN D 13 -27.36 -5.27 1.42
CA GLN D 13 -28.32 -4.22 1.10
C GLN D 13 -28.22 -3.82 -0.36
N TRP D 14 -27.00 -3.77 -0.93
CA TRP D 14 -26.92 -3.61 -2.38
C TRP D 14 -27.68 -4.73 -3.08
N ALA D 15 -27.52 -5.97 -2.56
CA ALA D 15 -28.14 -7.12 -3.21
C ALA D 15 -29.67 -7.13 -3.11
N TYR D 16 -30.26 -6.57 -2.06
CA TYR D 16 -31.72 -6.46 -2.00
C TYR D 16 -32.27 -5.77 -3.24
N LEU D 17 -31.53 -4.78 -3.77
CA LEU D 17 -32.11 -3.97 -4.86
C LEU D 17 -32.38 -4.80 -6.11
N ALA D 18 -31.76 -5.96 -6.20
CA ALA D 18 -31.81 -6.76 -7.39
C ALA D 18 -32.84 -7.87 -7.32
N LEU D 19 -33.38 -8.15 -6.14
CA LEU D 19 -34.02 -9.43 -5.89
C LEU D 19 -35.22 -9.66 -6.79
N ASN D 20 -35.89 -8.59 -7.19
CA ASN D 20 -37.13 -8.73 -7.93
C ASN D 20 -36.94 -8.30 -9.38
N SER D 21 -35.71 -8.41 -9.86
CA SER D 21 -35.37 -7.94 -11.20
C SER D 21 -34.91 -9.10 -12.09
N GLU D 22 -35.30 -9.03 -13.35
CA GLU D 22 -34.91 -10.05 -14.31
C GLU D 22 -33.39 -10.09 -14.49
N LEU D 23 -32.76 -8.91 -14.53
CA LEU D 23 -31.32 -8.81 -14.75
C LEU D 23 -30.56 -8.61 -13.45
N ASN D 24 -30.93 -9.44 -12.47
CA ASN D 24 -30.19 -9.63 -11.22
C ASN D 24 -28.90 -10.37 -11.53
N ILE D 25 -27.77 -9.66 -11.47
CA ILE D 25 -26.48 -10.33 -11.44
C ILE D 25 -25.71 -9.96 -10.18
N ALA D 26 -26.44 -9.83 -9.07
CA ALA D 26 -25.87 -9.31 -7.82
C ALA D 26 -25.53 -10.46 -6.85
N ASP D 27 -26.51 -10.96 -6.10
CA ASP D 27 -26.17 -11.95 -5.09
C ASP D 27 -25.55 -13.20 -5.73
N GLY D 28 -24.77 -13.93 -4.95
CA GLY D 28 -24.11 -15.11 -5.48
C GLY D 28 -24.84 -16.42 -5.33
N HIS D 29 -26.06 -16.42 -4.81
CA HIS D 29 -26.85 -17.65 -4.78
C HIS D 29 -27.10 -18.15 -6.20
N ALA D 30 -27.39 -19.45 -6.29
CA ALA D 30 -27.62 -20.12 -7.56
C ALA D 30 -29.08 -19.92 -7.98
N ARG D 31 -29.27 -19.31 -9.13
CA ARG D 31 -30.60 -18.98 -9.64
C ARG D 31 -30.80 -19.47 -11.07
N GLN D 32 -29.87 -20.25 -11.61
CA GLN D 32 -30.07 -20.78 -12.96
C GLN D 32 -31.19 -21.83 -12.93
N ALA D 33 -31.68 -22.20 -14.10
CA ALA D 33 -32.72 -23.22 -14.16
C ALA D 33 -32.19 -24.57 -13.72
N LEU D 34 -33.07 -25.38 -13.11
CA LEU D 34 -32.74 -26.75 -12.77
C LEU D 34 -32.24 -27.47 -14.02
N SER D 35 -31.28 -28.37 -13.81
CA SER D 35 -30.93 -29.35 -14.83
C SER D 35 -31.99 -30.44 -14.86
N PRO D 36 -32.03 -31.23 -15.93
CA PRO D 36 -33.01 -32.32 -15.99
C PRO D 36 -32.94 -33.23 -14.78
N GLY D 37 -31.73 -33.59 -14.32
CA GLY D 37 -31.63 -34.43 -13.14
C GLY D 37 -32.13 -33.76 -11.88
N GLN D 38 -32.00 -32.45 -11.78
CA GLN D 38 -32.44 -31.77 -10.57
C GLN D 38 -33.96 -31.59 -10.52
N GLN D 39 -34.58 -31.35 -11.68
CA GLN D 39 -36.02 -31.26 -11.78
C GLN D 39 -36.65 -32.58 -11.36
N LYS D 40 -36.02 -33.68 -11.74
CA LYS D 40 -36.53 -34.98 -11.33
C LYS D 40 -36.59 -35.07 -9.81
N ILE D 41 -35.60 -34.49 -9.11
CA ILE D 41 -35.67 -34.39 -7.65
C ILE D 41 -36.88 -33.54 -7.22
N VAL D 42 -37.00 -32.32 -7.77
CA VAL D 42 -38.12 -31.44 -7.41
C VAL D 42 -39.45 -32.16 -7.64
N ASN D 43 -39.52 -32.92 -8.75
CA ASN D 43 -40.76 -33.62 -9.16
C ASN D 43 -41.22 -34.62 -8.12
N GLU D 44 -40.30 -35.17 -7.32
CA GLU D 44 -40.67 -36.15 -6.32
C GLU D 44 -40.61 -35.56 -4.90
N LEU D 45 -40.78 -34.25 -4.77
CA LEU D 45 -40.94 -33.68 -3.43
C LEU D 45 -41.99 -34.37 -2.58
N PRO D 46 -43.19 -34.68 -3.05
CA PRO D 46 -44.13 -35.42 -2.18
C PRO D 46 -43.54 -36.70 -1.55
N VAL D 47 -42.76 -37.47 -2.32
CA VAL D 47 -42.12 -38.66 -1.79
C VAL D 47 -41.07 -38.30 -0.75
N LEU D 48 -40.25 -37.28 -1.05
CA LEU D 48 -39.27 -36.84 -0.06
C LEU D 48 -39.97 -36.35 1.20
N TRP D 49 -41.13 -35.72 1.04
CA TRP D 49 -41.84 -35.26 2.21
C TRP D 49 -42.25 -36.45 3.08
N ALA D 50 -42.90 -37.44 2.47
CA ALA D 50 -43.34 -38.60 3.24
C ALA D 50 -42.15 -39.25 3.93
N GLU D 51 -41.03 -39.42 3.22
CA GLU D 51 -39.84 -39.98 3.85
C GLU D 51 -39.41 -39.17 5.06
N SER D 52 -39.52 -37.84 4.97
CA SER D 52 -39.07 -36.99 6.08
C SER D 52 -40.03 -37.08 7.27
N GLU D 53 -41.33 -37.29 7.02
CA GLU D 53 -42.24 -37.58 8.13
C GLU D 53 -41.84 -38.85 8.83
N GLN D 54 -41.48 -39.89 8.07
CA GLN D 54 -41.40 -41.24 8.61
C GLN D 54 -40.07 -41.57 9.28
N ARG D 55 -38.90 -41.07 8.68
CA ARG D 55 -37.64 -41.62 9.17
C ARG D 55 -37.08 -40.78 10.30
N PRO D 56 -36.22 -41.37 11.12
CA PRO D 56 -35.46 -40.57 12.08
C PRO D 56 -34.57 -39.55 11.38
N VAL D 57 -34.69 -38.31 11.82
CA VAL D 57 -33.88 -37.24 11.22
C VAL D 57 -32.38 -37.58 11.27
N GLN D 58 -31.93 -38.23 12.34
CA GLN D 58 -30.52 -38.62 12.47
C GLN D 58 -30.02 -39.39 11.26
N GLN D 59 -30.85 -40.26 10.71
CA GLN D 59 -30.42 -41.08 9.58
C GLN D 59 -30.31 -40.24 8.32
N ILE D 60 -31.33 -39.42 8.06
CA ILE D 60 -31.36 -38.53 6.91
C ILE D 60 -30.22 -37.52 7.00
N GLU D 61 -30.03 -36.93 8.17
CA GLU D 61 -28.94 -35.98 8.36
C GLU D 61 -27.60 -36.62 8.06
N SER D 62 -27.38 -37.84 8.52
CA SER D 62 -26.08 -38.45 8.27
C SER D 62 -25.93 -38.76 6.80
N GLU D 63 -26.99 -39.24 6.16
CA GLU D 63 -26.88 -39.53 4.75
C GLU D 63 -26.56 -38.27 3.97
N ALA D 64 -27.12 -37.13 4.38
CA ALA D 64 -26.86 -35.89 3.67
C ALA D 64 -25.42 -35.45 3.86
N HIS D 65 -24.90 -35.60 5.09
CA HIS D 65 -23.54 -35.15 5.36
C HIS D 65 -22.56 -35.99 4.59
N GLN D 66 -22.72 -37.31 4.69
CA GLN D 66 -21.84 -38.23 4.00
C GLN D 66 -21.81 -37.94 2.51
N ALA D 67 -22.98 -37.66 1.93
CA ALA D 67 -23.03 -37.44 0.49
C ALA D 67 -22.37 -36.12 0.12
N TYR D 68 -22.62 -35.05 0.90
CA TYR D 68 -22.01 -33.76 0.58
C TYR D 68 -20.52 -33.80 0.80
N PHE D 69 -20.07 -34.32 1.95
CA PHE D 69 -18.64 -34.24 2.24
C PHE D 69 -17.82 -35.12 1.28
N THR D 70 -18.26 -36.35 1.03
CA THR D 70 -17.49 -37.20 0.13
C THR D 70 -17.53 -36.67 -1.30
N LEU D 71 -18.62 -36.00 -1.68
CA LEU D 71 -18.71 -35.48 -3.03
C LEU D 71 -17.56 -34.53 -3.29
N LEU D 72 -17.23 -33.73 -2.28
CA LEU D 72 -16.20 -32.70 -2.34
C LEU D 72 -14.88 -33.14 -1.69
N GLY D 73 -14.69 -34.45 -1.51
CA GLY D 73 -13.36 -34.97 -1.19
C GLY D 73 -13.03 -34.94 0.28
N GLN D 74 -13.98 -34.58 1.13
CA GLN D 74 -13.66 -34.38 2.54
C GLN D 74 -13.92 -35.66 3.37
N HIS D 75 -13.30 -36.76 2.92
CA HIS D 75 -13.53 -38.08 3.50
C HIS D 75 -13.25 -38.11 5.00
N GLY D 76 -12.30 -37.31 5.48
CA GLY D 76 -11.91 -37.32 6.87
C GLY D 76 -12.79 -36.56 7.83
N TYR D 77 -13.97 -36.14 7.42
CA TYR D 77 -14.76 -35.31 8.30
C TYR D 77 -15.29 -36.15 9.46
N PRO D 78 -15.40 -35.55 10.68
CA PRO D 78 -15.89 -36.30 11.85
C PRO D 78 -17.35 -36.65 11.67
N ALA D 79 -17.61 -37.92 11.42
CA ALA D 79 -18.94 -38.37 11.07
C ALA D 79 -19.77 -38.78 12.30
N GLU D 80 -19.22 -38.67 13.50
CA GLU D 80 -19.95 -39.10 14.67
C GLU D 80 -21.04 -38.05 15.00
N PRO D 81 -22.22 -38.48 15.45
CA PRO D 81 -23.32 -37.53 15.66
C PRO D 81 -23.00 -36.40 16.64
N GLY D 82 -23.44 -35.19 16.30
CA GLY D 82 -23.17 -34.00 17.06
C GLY D 82 -21.90 -33.30 16.70
N ARG D 83 -21.09 -33.88 15.81
CA ARG D 83 -19.85 -33.22 15.46
C ARG D 83 -20.01 -32.26 14.29
N VAL D 84 -21.03 -32.46 13.45
CA VAL D 84 -21.36 -31.54 12.35
C VAL D 84 -22.72 -30.93 12.69
N LEU D 85 -22.75 -29.60 12.89
CA LEU D 85 -23.95 -28.91 13.33
C LEU D 85 -24.60 -28.25 12.13
N SER D 86 -25.76 -28.75 11.78
CA SER D 86 -26.51 -28.26 10.63
C SER D 86 -27.28 -27.01 11.02
N CYS D 87 -27.08 -25.94 10.27
CA CYS D 87 -27.62 -24.64 10.56
C CYS D 87 -28.43 -24.19 9.37
N TYR D 88 -29.36 -23.26 9.61
CA TYR D 88 -30.22 -22.77 8.52
C TYR D 88 -29.37 -22.21 7.36
N SER D 89 -28.23 -21.64 7.67
CA SER D 89 -27.42 -21.02 6.63
C SER D 89 -26.00 -20.80 7.12
N SER D 90 -25.13 -20.61 6.16
CA SER D 90 -23.74 -20.29 6.49
C SER D 90 -23.65 -19.08 7.42
N SER D 91 -24.43 -18.02 7.15
CA SER D 91 -24.39 -16.84 8.02
C SER D 91 -24.76 -17.19 9.47
N VAL D 92 -25.77 -18.06 9.70
CA VAL D 92 -26.10 -18.31 11.10
C VAL D 92 -25.00 -19.15 11.75
N SER D 93 -24.34 -20.04 10.99
CA SER D 93 -23.16 -20.69 11.55
C SER D 93 -22.15 -19.65 11.95
N MET D 94 -21.96 -18.64 11.10
CA MET D 94 -20.99 -17.60 11.40
C MET D 94 -21.40 -16.83 12.64
N GLU D 95 -22.69 -16.54 12.82
CA GLU D 95 -23.10 -15.84 14.04
C GLU D 95 -22.77 -16.66 15.28
N ILE D 96 -23.10 -17.94 15.25
CA ILE D 96 -22.71 -18.82 16.36
C ILE D 96 -21.22 -18.71 16.63
N LEU D 97 -20.41 -18.89 15.59
CA LEU D 97 -18.97 -18.89 15.77
C LEU D 97 -18.49 -17.54 16.32
N ALA D 98 -18.97 -16.44 15.74
CA ALA D 98 -18.51 -15.10 16.12
C ALA D 98 -18.88 -14.77 17.57
N ARG D 99 -20.06 -15.16 18.01
CA ARG D 99 -20.41 -14.87 19.40
C ARG D 99 -19.69 -15.84 20.34
N SER D 100 -19.46 -17.08 19.90
CA SER D 100 -18.64 -17.98 20.70
C SER D 100 -17.23 -17.41 20.87
N LEU D 101 -16.65 -16.93 19.78
CA LEU D 101 -15.30 -16.37 19.82
C LEU D 101 -15.23 -15.21 20.80
N SER D 102 -16.25 -14.34 20.80
CA SER D 102 -16.16 -13.13 21.62
C SER D 102 -15.96 -13.49 23.07
N ALA D 103 -16.33 -14.71 23.47
CA ALA D 103 -16.19 -15.14 24.86
C ALA D 103 -14.74 -15.14 25.35
N SER D 104 -13.76 -15.36 24.46
CA SER D 104 -12.39 -15.54 24.91
C SER D 104 -11.36 -14.94 23.97
N VAL D 105 -11.78 -14.16 22.97
CA VAL D 105 -10.91 -13.70 21.92
C VAL D 105 -11.22 -12.23 21.70
N ASP D 106 -10.17 -11.43 21.59
CA ASP D 106 -10.32 -10.01 21.34
C ASP D 106 -10.13 -9.63 19.89
N ARG D 107 -9.28 -10.37 19.16
CA ARG D 107 -8.81 -9.93 17.85
C ARG D 107 -8.70 -11.13 16.94
N VAL D 108 -9.08 -10.91 15.68
CA VAL D 108 -9.15 -11.96 14.67
C VAL D 108 -8.37 -11.50 13.45
N ALA D 109 -7.50 -12.38 12.97
CA ALA D 109 -6.86 -12.18 11.68
C ALA D 109 -7.76 -12.77 10.61
N LEU D 110 -8.09 -11.93 9.63
CA LEU D 110 -9.13 -12.22 8.65
C LEU D 110 -8.63 -11.88 7.27
N VAL D 111 -8.76 -12.83 6.34
CA VAL D 111 -8.32 -12.57 4.97
C VAL D 111 -9.04 -11.38 4.38
N HIS D 112 -8.37 -10.69 3.49
CA HIS D 112 -8.84 -9.42 2.95
C HIS D 112 -8.39 -9.36 1.50
N PRO D 113 -9.31 -9.15 0.52
CA PRO D 113 -10.76 -8.99 0.72
C PRO D 113 -11.47 -10.28 1.17
N THR D 114 -12.71 -10.18 1.61
CA THR D 114 -13.58 -11.35 1.70
C THR D 114 -15.03 -10.88 1.72
N PHE D 115 -15.97 -11.82 1.84
CA PHE D 115 -17.37 -11.43 1.87
C PHE D 115 -17.67 -10.63 3.16
N ASP D 116 -18.35 -9.50 3.05
CA ASP D 116 -18.27 -8.49 4.12
C ASP D 116 -19.02 -8.92 5.36
N ASN D 117 -20.04 -9.79 5.23
CA ASN D 117 -20.79 -10.11 6.44
C ASN D 117 -19.96 -10.94 7.40
N ILE D 118 -18.82 -11.47 6.95
CA ILE D 118 -17.93 -12.17 7.87
C ILE D 118 -17.30 -11.17 8.82
N ALA D 119 -16.83 -10.06 8.28
CA ALA D 119 -16.27 -8.98 9.09
C ALA D 119 -17.36 -8.35 9.95
N ASP D 120 -18.51 -8.04 9.34
CA ASP D 120 -19.59 -7.37 10.05
C ASP D 120 -20.15 -8.26 11.16
N LEU D 121 -20.23 -9.56 10.95
CA LEU D 121 -20.72 -10.40 12.04
C LEU D 121 -19.68 -10.57 13.14
N LEU D 122 -18.37 -10.48 12.80
CA LEU D 122 -17.34 -10.55 13.83
C LEU D 122 -17.27 -9.25 14.60
N ARG D 123 -17.26 -8.14 13.89
CA ARG D 123 -17.29 -6.83 14.55
C ARG D 123 -18.58 -6.63 15.34
N GLY D 124 -19.71 -7.01 14.75
CA GLY D 124 -20.94 -6.91 15.47
C GLY D 124 -20.91 -7.65 16.78
N ASN D 125 -20.08 -8.69 16.89
CA ASN D 125 -20.05 -9.50 18.09
C ASN D 125 -18.91 -9.13 19.04
N GLY D 126 -18.25 -8.00 18.79
CA GLY D 126 -17.27 -7.48 19.72
C GLY D 126 -15.81 -7.74 19.38
N LEU D 127 -15.50 -8.35 18.24
CA LEU D 127 -14.12 -8.68 17.88
C LEU D 127 -13.54 -7.57 17.06
N ASP D 128 -12.24 -7.31 17.26
CA ASP D 128 -11.47 -6.41 16.38
C ASP D 128 -10.76 -7.25 15.30
N LEU D 129 -10.54 -6.63 14.15
CA LEU D 129 -10.08 -7.37 12.98
C LEU D 129 -8.74 -6.82 12.56
N VAL D 130 -7.92 -7.72 12.03
CA VAL D 130 -6.66 -7.35 11.40
C VAL D 130 -6.65 -7.96 10.01
N PRO D 131 -6.45 -7.22 8.97
CA PRO D 131 -6.49 -7.83 7.65
C PRO D 131 -5.22 -8.62 7.39
N VAL D 132 -5.37 -9.71 6.63
CA VAL D 132 -4.24 -10.38 6.01
C VAL D 132 -4.50 -10.36 4.51
N GLU D 133 -3.58 -9.77 3.73
CA GLU D 133 -3.76 -9.80 2.29
C GLU D 133 -3.50 -11.22 1.76
N GLU D 134 -4.02 -11.48 0.54
CA GLU D 134 -3.96 -12.85 -0.02
C GLU D 134 -2.53 -13.29 -0.34
N ASP D 135 -1.71 -12.43 -0.94
CA ASP D 135 -0.33 -12.79 -1.20
C ASP D 135 0.41 -13.14 0.09
N ALA D 136 0.18 -12.35 1.16
CA ALA D 136 0.80 -12.70 2.45
C ALA D 136 0.34 -14.06 2.91
N LEU D 137 -0.99 -14.26 2.88
CA LEU D 137 -1.59 -15.49 3.40
C LEU D 137 -1.10 -16.72 2.64
N HIS D 138 -1.02 -16.65 1.31
CA HIS D 138 -0.76 -17.84 0.51
C HIS D 138 0.72 -18.10 0.30
N GLY D 139 1.51 -17.02 0.21
CA GLY D 139 2.95 -17.00 -0.08
C GLY D 139 3.92 -17.15 1.10
N ALA D 140 3.46 -17.09 2.34
CA ALA D 140 4.37 -16.95 3.47
C ALA D 140 3.69 -17.31 4.78
N ASP D 141 4.52 -17.69 5.74
CA ASP D 141 4.10 -17.74 7.13
C ASP D 141 3.52 -16.41 7.57
N LEU D 142 2.52 -16.47 8.45
CA LEU D 142 2.12 -15.30 9.22
C LEU D 142 3.16 -15.00 10.29
N SER D 143 3.43 -13.72 10.53
CA SER D 143 4.41 -13.36 11.55
C SER D 143 3.98 -13.80 12.94
N ALA D 144 4.98 -14.05 13.81
CA ALA D 144 4.73 -14.34 15.22
C ALA D 144 4.06 -13.18 15.95
N GLU D 145 4.51 -11.97 15.68
CA GLU D 145 3.86 -10.76 16.18
C GLU D 145 2.37 -10.79 15.91
N LEU D 146 1.99 -11.06 14.66
CA LEU D 146 0.56 -11.19 14.35
C LEU D 146 -0.08 -12.32 15.15
N LEU D 147 0.46 -13.55 15.05
CA LEU D 147 -0.23 -14.69 15.66
C LEU D 147 -0.42 -14.52 17.16
N SER D 148 0.54 -13.92 17.82
CA SER D 148 0.41 -13.79 19.27
C SER D 148 -0.43 -12.59 19.68
N SER D 149 -0.88 -11.77 18.73
CA SER D 149 -1.83 -10.71 19.05
C SER D 149 -3.26 -11.03 18.61
N VAL D 150 -3.54 -12.25 18.12
CA VAL D 150 -4.87 -12.63 17.69
C VAL D 150 -5.21 -13.96 18.32
N GLY D 151 -6.49 -14.21 18.47
CA GLY D 151 -6.90 -15.48 19.03
C GLY D 151 -7.47 -16.42 17.99
N CYS D 152 -7.68 -15.94 16.76
CA CYS D 152 -8.19 -16.78 15.69
C CYS D 152 -7.68 -16.22 14.36
N VAL D 153 -7.49 -17.13 13.41
CA VAL D 153 -7.19 -16.81 12.02
C VAL D 153 -8.34 -17.33 11.16
N PHE D 154 -8.96 -16.46 10.36
CA PHE D 154 -10.14 -16.84 9.58
C PHE D 154 -9.83 -16.73 8.12
N VAL D 155 -10.06 -17.83 7.38
CA VAL D 155 -9.74 -17.91 5.94
C VAL D 155 -10.97 -18.40 5.17
N THR D 156 -11.32 -17.66 4.14
CA THR D 156 -12.37 -18.01 3.20
C THR D 156 -11.67 -18.63 2.02
N THR D 157 -11.95 -19.91 1.74
CA THR D 157 -11.32 -20.60 0.60
C THR D 157 -12.29 -21.62 0.01
N PRO D 158 -12.58 -21.61 -1.31
CA PRO D 158 -12.13 -20.58 -2.24
C PRO D 158 -12.65 -19.23 -1.76
N ASN D 159 -11.90 -18.15 -1.97
CA ASN D 159 -12.30 -16.90 -1.37
C ASN D 159 -13.38 -16.29 -2.25
N ASN D 160 -14.26 -15.51 -1.63
CA ASN D 160 -15.22 -14.65 -2.32
C ASN D 160 -14.77 -13.23 -2.04
N PRO D 161 -14.43 -12.41 -3.04
CA PRO D 161 -14.73 -12.50 -4.47
C PRO D 161 -13.64 -13.01 -5.42
N THR D 162 -12.51 -13.48 -4.89
CA THR D 162 -11.32 -13.64 -5.72
C THR D 162 -11.25 -15.01 -6.33
N GLY D 163 -11.87 -16.00 -5.67
CA GLY D 163 -11.80 -17.40 -6.08
C GLY D 163 -10.51 -18.07 -5.70
N ARG D 164 -9.66 -17.39 -4.97
CA ARG D 164 -8.37 -17.99 -4.65
C ARG D 164 -8.55 -19.08 -3.63
N VAL D 165 -7.83 -20.17 -3.85
CA VAL D 165 -7.88 -21.38 -3.03
C VAL D 165 -6.60 -21.54 -2.21
N LEU D 166 -6.75 -21.61 -0.91
CA LEU D 166 -5.67 -21.99 0.01
C LEU D 166 -5.16 -23.39 -0.30
N ALA D 167 -3.97 -23.48 -0.86
CA ALA D 167 -3.46 -24.80 -1.20
C ALA D 167 -3.09 -25.63 0.05
N GLU D 168 -2.94 -26.95 -0.17
CA GLU D 168 -2.77 -27.93 0.90
C GLU D 168 -1.48 -27.71 1.71
N GLU D 169 -0.35 -27.44 1.05
CA GLU D 169 0.90 -27.22 1.80
C GLU D 169 0.82 -26.00 2.69
N ARG D 170 0.17 -24.95 2.19
CA ARG D 170 0.03 -23.75 2.99
C ARG D 170 -1.00 -23.95 4.09
N LEU D 171 -2.05 -24.73 3.85
CA LEU D 171 -2.99 -24.96 4.96
C LEU D 171 -2.32 -25.80 6.05
N ARG D 172 -1.49 -26.75 5.63
CA ARG D 172 -0.74 -27.59 6.55
C ARG D 172 0.14 -26.72 7.43
N ARG D 173 0.87 -25.78 6.82
CA ARG D 173 1.76 -24.93 7.59
C ARG D 173 0.96 -24.01 8.52
N LEU D 174 -0.10 -23.40 8.00
CA LEU D 174 -0.90 -22.47 8.81
C LEU D 174 -1.57 -23.19 9.96
N ALA D 175 -2.07 -24.41 9.72
CA ALA D 175 -2.68 -25.14 10.80
C ALA D 175 -1.64 -25.44 11.86
N GLU D 176 -0.44 -25.78 11.40
CA GLU D 176 0.71 -25.99 12.28
C GLU D 176 1.12 -24.71 12.97
N GLN D 177 1.04 -23.57 12.29
CA GLN D 177 1.37 -22.33 12.99
C GLN D 177 0.34 -22.06 14.07
N CYS D 178 -0.94 -22.29 13.78
CA CYS D 178 -1.98 -22.07 14.79
C CYS D 178 -1.79 -22.99 15.98
N ALA D 179 -1.32 -24.22 15.76
CA ALA D 179 -1.17 -25.15 16.86
C ALA D 179 -0.04 -24.72 17.78
N GLU D 180 1.06 -24.22 17.25
CA GLU D 180 2.12 -23.80 18.16
C GLU D 180 1.73 -22.54 18.95
N HIS D 181 0.89 -21.66 18.41
CA HIS D 181 0.48 -20.49 19.20
C HIS D 181 -0.83 -20.68 19.98
N GLY D 182 -1.47 -21.85 19.92
CA GLY D 182 -2.76 -22.08 20.56
C GLY D 182 -3.96 -21.44 19.89
N THR D 183 -3.77 -20.92 18.67
CA THR D 183 -4.77 -20.16 17.92
C THR D 183 -5.83 -21.07 17.32
N VAL D 184 -7.05 -20.53 17.20
CA VAL D 184 -8.13 -21.19 16.45
C VAL D 184 -8.00 -20.84 14.99
N LEU D 185 -7.99 -21.88 14.16
CA LEU D 185 -8.01 -21.75 12.71
C LEU D 185 -9.43 -22.02 12.24
N ALA D 186 -10.04 -20.99 11.65
CA ALA D 186 -11.44 -21.03 11.15
C ALA D 186 -11.44 -20.93 9.64
N LEU D 187 -12.14 -21.85 8.97
CA LEU D 187 -12.28 -21.82 7.51
C LEU D 187 -13.76 -21.72 7.08
N ASP D 188 -14.01 -20.86 6.07
CA ASP D 188 -15.27 -20.78 5.31
C ASP D 188 -15.07 -21.36 3.91
N THR D 189 -15.68 -22.54 3.68
CA THR D 189 -15.51 -23.33 2.46
C THR D 189 -16.82 -23.39 1.65
N SER D 190 -17.59 -22.30 1.79
CA SER D 190 -18.85 -22.12 1.07
C SER D 190 -18.69 -22.36 -0.44
N PHE D 191 -17.60 -21.89 -1.03
CA PHE D 191 -17.43 -22.06 -2.47
C PHE D 191 -16.65 -23.32 -2.86
N ARG D 192 -16.49 -24.23 -1.92
CA ARG D 192 -15.68 -25.43 -2.13
C ARG D 192 -16.08 -26.18 -3.41
N GLY D 193 -17.38 -26.39 -3.63
CA GLY D 193 -17.77 -27.25 -4.72
C GLY D 193 -17.39 -26.76 -6.11
N PHE D 194 -17.10 -25.48 -6.28
CA PHE D 194 -16.86 -24.95 -7.61
C PHE D 194 -15.46 -25.24 -8.13
N ASP D 195 -14.49 -25.54 -7.25
CA ASP D 195 -13.09 -25.62 -7.65
C ASP D 195 -12.43 -26.86 -7.09
N ALA D 196 -12.04 -27.79 -7.97
CA ALA D 196 -11.43 -29.06 -7.58
C ALA D 196 -10.15 -28.87 -6.83
N ALA D 197 -9.49 -27.73 -6.99
CA ALA D 197 -8.32 -27.44 -6.16
C ALA D 197 -8.67 -27.35 -4.67
N ALA D 198 -9.96 -27.27 -4.31
CA ALA D 198 -10.38 -27.18 -2.90
C ALA D 198 -10.90 -28.50 -2.37
N HIS D 199 -10.68 -29.57 -3.11
CA HIS D 199 -11.26 -30.86 -2.78
C HIS D 199 -10.25 -31.82 -2.14
N TYR D 200 -8.98 -31.44 -2.03
CA TYR D 200 -8.16 -32.24 -1.14
C TYR D 200 -8.81 -32.20 0.23
N ASP D 201 -8.50 -33.21 1.04
CA ASP D 201 -9.18 -33.46 2.31
C ASP D 201 -8.65 -32.50 3.36
N HIS D 202 -9.45 -31.51 3.68
CA HIS D 202 -9.07 -30.49 4.66
C HIS D 202 -9.10 -31.07 6.05
N TYR D 203 -10.05 -31.96 6.30
CA TYR D 203 -10.16 -32.47 7.65
C TYR D 203 -8.93 -33.30 8.00
N ALA D 204 -8.34 -33.96 6.99
CA ALA D 204 -7.19 -34.78 7.31
C ALA D 204 -6.01 -33.91 7.68
N VAL D 205 -5.89 -32.77 7.01
CA VAL D 205 -4.82 -31.83 7.31
C VAL D 205 -5.08 -31.18 8.66
N LEU D 206 -6.30 -30.69 8.87
CA LEU D 206 -6.62 -30.10 10.16
C LEU D 206 -6.39 -31.09 11.30
N GLN D 207 -6.83 -32.35 11.15
CA GLN D 207 -6.71 -33.29 12.26
C GLN D 207 -5.25 -33.65 12.52
N GLU D 208 -4.53 -33.97 11.44
CA GLU D 208 -3.12 -34.33 11.55
C GLU D 208 -2.31 -33.26 12.23
N ALA D 209 -2.69 -32.00 12.05
CA ALA D 209 -1.94 -30.89 12.63
C ALA D 209 -2.33 -30.67 14.08
N GLY D 210 -3.52 -31.06 14.47
CA GLY D 210 -3.90 -30.94 15.86
C GLY D 210 -4.06 -29.53 16.36
N CYS D 211 -4.30 -28.54 15.49
CA CYS D 211 -4.68 -27.22 15.99
C CYS D 211 -6.12 -27.23 16.46
N ARG D 212 -6.52 -26.13 17.10
CA ARG D 212 -7.93 -25.86 17.34
C ARG D 212 -8.53 -25.35 16.04
N TRP D 213 -9.64 -25.97 15.59
CA TRP D 213 -10.20 -25.62 14.28
C TRP D 213 -11.73 -25.66 14.25
N VAL D 214 -12.27 -24.82 13.37
CA VAL D 214 -13.68 -24.78 12.99
C VAL D 214 -13.74 -24.65 11.48
N VAL D 215 -14.65 -25.40 10.86
CA VAL D 215 -15.01 -25.16 9.45
C VAL D 215 -16.50 -24.94 9.31
N ILE D 216 -16.83 -24.02 8.40
CA ILE D 216 -18.19 -23.75 7.99
C ILE D 216 -18.27 -24.12 6.52
N GLU D 217 -18.94 -25.25 6.24
CA GLU D 217 -19.36 -25.63 4.91
C GLU D 217 -20.71 -24.99 4.60
N ASP D 218 -21.05 -24.98 3.31
CA ASP D 218 -22.29 -24.39 2.83
C ASP D 218 -22.72 -25.15 1.58
N THR D 219 -23.98 -25.66 1.62
CA THR D 219 -24.58 -26.32 0.45
C THR D 219 -25.24 -25.33 -0.52
N GLY D 220 -25.48 -24.08 -0.13
CA GLY D 220 -26.45 -23.28 -0.83
C GLY D 220 -26.01 -22.67 -2.16
N LYS D 221 -24.74 -22.43 -2.32
CA LYS D 221 -24.30 -21.67 -3.48
C LYS D 221 -24.37 -22.48 -4.76
N LEU D 222 -24.20 -23.77 -4.61
CA LEU D 222 -23.88 -24.69 -5.69
C LEU D 222 -25.07 -24.96 -6.59
N TRP D 223 -26.26 -25.11 -6.00
CA TRP D 223 -27.43 -25.62 -6.69
C TRP D 223 -28.62 -24.65 -6.61
N PRO D 224 -29.43 -24.54 -7.67
CA PRO D 224 -30.63 -23.68 -7.56
C PRO D 224 -31.79 -24.31 -6.78
N THR D 225 -31.65 -24.32 -5.45
CA THR D 225 -32.59 -24.95 -4.54
C THR D 225 -33.54 -23.93 -3.89
N LEU D 226 -33.79 -22.78 -4.54
CA LEU D 226 -34.68 -21.79 -3.94
C LEU D 226 -34.24 -21.48 -2.52
N ASP D 227 -32.92 -21.43 -2.31
CA ASP D 227 -32.33 -21.07 -1.02
C ASP D 227 -32.69 -22.05 0.09
N LEU D 228 -33.08 -23.28 -0.25
CA LEU D 228 -33.17 -24.35 0.71
C LEU D 228 -31.79 -24.97 0.82
N LYS D 229 -31.23 -24.94 2.03
CA LYS D 229 -29.80 -25.17 2.16
C LYS D 229 -29.46 -25.36 3.62
N ALA D 230 -28.21 -25.76 3.88
CA ALA D 230 -27.68 -25.76 5.23
C ALA D 230 -26.27 -25.22 5.26
N GLY D 231 -25.98 -24.45 6.30
CA GLY D 231 -24.63 -24.28 6.72
C GLY D 231 -24.29 -25.42 7.64
N LEU D 232 -23.02 -25.81 7.61
CA LEU D 232 -22.55 -27.01 8.30
C LEU D 232 -21.33 -26.56 9.08
N LEU D 233 -21.45 -26.63 10.39
CA LEU D 233 -20.45 -26.11 11.31
C LEU D 233 -19.72 -27.29 11.96
N VAL D 234 -18.45 -27.44 11.60
CA VAL D 234 -17.64 -28.57 12.03
C VAL D 234 -16.57 -28.00 12.93
N PHE D 235 -16.20 -28.75 13.96
CA PHE D 235 -15.27 -28.18 14.94
C PHE D 235 -14.45 -29.32 15.55
N SER D 236 -13.19 -28.99 15.85
CA SER D 236 -12.33 -29.89 16.59
C SER D 236 -12.86 -30.09 18.01
N GLU D 237 -12.64 -31.31 18.55
CA GLU D 237 -13.09 -31.71 19.88
C GLU D 237 -12.62 -30.75 20.97
N ASP D 238 -11.42 -30.20 20.82
CA ASP D 238 -10.77 -29.34 21.80
C ASP D 238 -10.96 -27.87 21.47
N ILE D 239 -12.07 -27.53 20.80
CA ILE D 239 -12.19 -26.21 20.19
C ILE D 239 -12.14 -25.14 21.27
N GLY D 240 -12.79 -25.36 22.40
CA GLY D 240 -12.64 -24.44 23.51
C GLY D 240 -13.45 -23.18 23.39
N LEU D 241 -14.49 -23.19 22.57
CA LEU D 241 -15.47 -22.14 22.37
C LEU D 241 -16.85 -22.71 22.58
N PRO D 242 -17.78 -21.91 23.07
CA PRO D 242 -19.09 -22.43 23.42
C PRO D 242 -19.97 -22.63 22.19
N VAL D 243 -19.41 -23.25 21.14
CA VAL D 243 -20.10 -23.40 19.86
C VAL D 243 -21.32 -24.30 20.03
N GLU D 244 -21.21 -25.36 20.81
CA GLU D 244 -22.36 -26.26 20.95
C GLU D 244 -23.47 -25.60 21.78
N LYS D 245 -23.09 -24.90 22.85
CA LYS D 245 -24.10 -24.26 23.67
C LYS D 245 -24.92 -23.26 22.84
N ILE D 246 -24.24 -22.36 22.14
CA ILE D 246 -24.93 -21.28 21.47
C ILE D 246 -25.73 -21.79 20.29
N TYR D 247 -25.26 -22.86 19.66
CA TYR D 247 -26.06 -23.52 18.63
C TYR D 247 -27.40 -23.99 19.21
N SER D 248 -27.36 -24.71 20.32
CA SER D 248 -28.60 -25.17 20.96
C SER D 248 -29.46 -24.01 21.43
N ASP D 249 -28.86 -22.86 21.73
CA ASP D 249 -29.66 -21.68 22.02
C ASP D 249 -30.46 -21.27 20.80
N ILE D 250 -29.87 -21.40 19.62
CA ILE D 250 -30.52 -20.88 18.43
C ILE D 250 -31.46 -21.91 17.80
N LEU D 251 -31.13 -23.22 17.82
CA LEU D 251 -31.98 -24.14 17.08
C LEU D 251 -31.87 -25.58 17.52
N LEU D 252 -32.98 -26.29 17.33
CA LEU D 252 -33.05 -27.73 17.53
C LEU D 252 -32.39 -28.51 16.39
N GLY D 253 -32.38 -27.96 15.19
CA GLY D 253 -31.85 -28.61 14.01
C GLY D 253 -32.53 -28.00 12.82
N VAL D 254 -32.33 -28.60 11.64
CA VAL D 254 -32.96 -28.10 10.41
C VAL D 254 -34.00 -29.08 9.86
N SER D 255 -34.74 -28.63 8.84
CA SER D 255 -35.82 -29.44 8.31
C SER D 255 -35.28 -30.76 7.75
N PRO D 256 -35.86 -31.92 8.11
CA PRO D 256 -35.41 -33.14 7.42
C PRO D 256 -35.62 -33.07 5.94
N LEU D 257 -36.60 -32.31 5.48
CA LEU D 257 -36.80 -32.27 4.04
C LEU D 257 -35.65 -31.52 3.39
N ILE D 258 -35.13 -30.48 4.04
CA ILE D 258 -33.96 -29.79 3.45
C ILE D 258 -32.78 -30.74 3.41
N LEU D 259 -32.55 -31.45 4.52
CA LEU D 259 -31.51 -32.46 4.58
C LEU D 259 -31.67 -33.51 3.47
N ALA D 260 -32.89 -34.02 3.28
CA ALA D 260 -33.11 -34.96 2.18
C ALA D 260 -32.82 -34.29 0.83
N LEU D 261 -33.26 -33.07 0.64
CA LEU D 261 -32.92 -32.36 -0.58
C LEU D 261 -31.40 -32.31 -0.78
N ILE D 262 -30.63 -32.07 0.27
CA ILE D 262 -29.18 -31.95 0.11
C ILE D 262 -28.61 -33.29 -0.34
N ARG D 263 -29.04 -34.39 0.30
CA ARG D 263 -28.66 -35.74 -0.11
C ARG D 263 -28.92 -35.96 -1.60
N GLU D 264 -30.12 -35.63 -2.06
CA GLU D 264 -30.49 -35.95 -3.42
C GLU D 264 -29.73 -35.08 -4.42
N PHE D 265 -29.46 -33.83 -4.07
CA PHE D 265 -28.73 -32.96 -4.99
C PHE D 265 -27.23 -33.32 -4.99
N SER D 266 -26.70 -33.69 -3.81
CA SER D 266 -25.32 -34.16 -3.71
C SER D 266 -25.12 -35.41 -4.57
N ARG D 267 -26.09 -36.32 -4.53
CA ARG D 267 -25.95 -37.56 -5.28
C ARG D 267 -26.08 -37.31 -6.77
N ASP D 268 -27.01 -36.44 -7.18
CA ASP D 268 -27.06 -36.10 -8.60
C ASP D 268 -25.77 -35.41 -9.05
N ALA D 269 -25.11 -34.68 -8.14
CA ALA D 269 -23.86 -34.01 -8.46
C ALA D 269 -22.72 -35.02 -8.58
N ALA D 270 -22.70 -36.01 -7.71
CA ALA D 270 -21.71 -37.08 -7.82
C ALA D 270 -21.94 -37.99 -9.03
N ASP D 271 -23.16 -37.99 -9.60
CA ASP D 271 -23.54 -38.81 -10.76
C ASP D 271 -23.26 -38.10 -12.06
N GLY D 272 -22.42 -37.08 -12.07
CA GLY D 272 -22.22 -36.25 -13.24
C GLY D 272 -22.65 -34.79 -13.11
N GLY D 273 -23.42 -34.40 -12.11
CA GLY D 273 -23.90 -33.02 -12.04
C GLY D 273 -22.78 -32.02 -11.77
N LEU D 274 -21.77 -32.42 -10.97
CA LEU D 274 -20.73 -31.47 -10.58
C LEU D 274 -19.89 -31.08 -11.77
N ALA D 275 -19.58 -32.06 -12.63
CA ALA D 275 -18.85 -31.78 -13.86
C ALA D 275 -19.66 -30.90 -14.78
N ASP D 276 -20.97 -31.18 -14.89
CA ASP D 276 -21.85 -30.31 -15.68
C ASP D 276 -21.86 -28.88 -15.10
N LEU D 277 -21.93 -28.77 -13.77
CA LEU D 277 -21.95 -27.45 -13.12
C LEU D 277 -20.65 -26.68 -13.41
N HIS D 278 -19.49 -27.32 -13.24
CA HIS D 278 -18.22 -26.69 -13.58
C HIS D 278 -18.19 -26.25 -15.06
N ALA D 279 -18.70 -27.08 -15.95
CA ALA D 279 -18.72 -26.66 -17.34
C ALA D 279 -19.64 -25.47 -17.53
N PHE D 280 -20.77 -25.45 -16.84
CA PHE D 280 -21.71 -24.35 -16.95
C PHE D 280 -21.07 -23.03 -16.49
N ILE D 281 -20.46 -23.07 -15.30
CA ILE D 281 -19.83 -21.87 -14.75
C ILE D 281 -18.70 -21.40 -15.67
N LEU D 282 -17.91 -22.34 -16.16
CA LEU D 282 -16.85 -21.99 -17.09
C LEU D 282 -17.44 -21.32 -18.31
N HIS D 283 -18.54 -21.84 -18.80
CA HIS D 283 -19.11 -21.24 -20.00
C HIS D 283 -19.64 -19.83 -19.69
N ASN D 284 -20.27 -19.66 -18.52
CA ASN D 284 -20.79 -18.33 -18.20
C ASN D 284 -19.68 -17.32 -17.99
N ARG D 285 -18.63 -17.69 -17.26
CA ARG D 285 -17.43 -16.86 -17.22
C ARG D 285 -16.94 -16.49 -18.62
N SER D 286 -16.85 -17.47 -19.52
CA SER D 286 -16.42 -17.20 -20.90
C SER D 286 -17.37 -16.22 -21.61
N VAL D 287 -18.67 -16.33 -21.35
CA VAL D 287 -19.64 -15.41 -21.96
C VAL D 287 -19.35 -13.98 -21.56
N VAL D 288 -19.16 -13.77 -20.26
CA VAL D 288 -18.84 -12.45 -19.72
C VAL D 288 -17.51 -11.91 -20.29
N ARG D 289 -16.45 -12.73 -20.31
CA ARG D 289 -15.17 -12.12 -20.70
C ARG D 289 -15.11 -11.86 -22.17
N ARG D 290 -15.60 -12.80 -22.98
CA ARG D 290 -15.71 -12.56 -24.42
C ARG D 290 -16.59 -11.35 -24.73
N ALA D 291 -17.68 -11.16 -23.98
CA ALA D 291 -18.55 -10.03 -24.27
C ALA D 291 -17.85 -8.71 -24.02
N LEU D 292 -16.82 -8.69 -23.17
CA LEU D 292 -16.11 -7.47 -22.86
C LEU D 292 -14.79 -7.37 -23.59
N ALA D 293 -14.50 -8.32 -24.48
CA ALA D 293 -13.19 -8.44 -25.07
C ALA D 293 -12.75 -7.06 -25.51
N GLY D 294 -13.26 -6.53 -26.59
CA GLY D 294 -12.46 -5.43 -27.12
C GLY D 294 -12.70 -4.08 -26.48
N VAL D 295 -13.11 -4.04 -25.21
CA VAL D 295 -13.51 -2.79 -24.57
C VAL D 295 -12.33 -2.16 -23.85
N GLU D 296 -12.09 -0.89 -24.10
CA GLU D 296 -10.92 -0.24 -23.50
C GLU D 296 -11.05 -0.18 -21.98
N GLY D 297 -9.94 -0.40 -21.30
CA GLY D 297 -9.85 -0.23 -19.87
C GLY D 297 -10.38 -1.35 -19.02
N VAL D 298 -10.89 -2.48 -19.63
CA VAL D 298 -11.39 -3.64 -18.89
C VAL D 298 -10.24 -4.60 -18.61
N SER D 299 -10.30 -5.23 -17.45
CA SER D 299 -9.37 -6.28 -17.08
C SER D 299 -10.06 -7.22 -16.10
N PHE D 300 -9.53 -8.43 -16.02
CA PHE D 300 -10.09 -9.44 -15.12
C PHE D 300 -9.07 -9.78 -14.05
N PRO D 301 -9.29 -9.34 -12.81
CA PRO D 301 -8.30 -9.49 -11.74
C PRO D 301 -8.00 -10.91 -11.34
N ASP D 302 -8.88 -11.84 -11.63
CA ASP D 302 -8.74 -13.20 -11.19
C ASP D 302 -8.84 -14.05 -12.43
N PRO D 303 -7.87 -13.96 -13.31
CA PRO D 303 -8.01 -14.70 -14.57
C PRO D 303 -8.29 -16.18 -14.38
N GLU D 304 -7.88 -16.80 -13.28
CA GLU D 304 -8.03 -18.24 -13.13
C GLU D 304 -9.16 -18.66 -12.18
N SER D 305 -9.99 -17.76 -11.70
CA SER D 305 -11.05 -18.21 -10.79
C SER D 305 -11.98 -19.16 -11.50
N ARG D 306 -12.44 -20.14 -10.76
CA ARG D 306 -13.53 -21.01 -11.10
C ARG D 306 -14.75 -20.73 -10.25
N SER D 307 -14.73 -19.64 -9.47
CA SER D 307 -15.87 -19.32 -8.62
C SER D 307 -17.08 -19.00 -9.49
N SER D 308 -18.23 -19.20 -8.92
CA SER D 308 -19.48 -18.71 -9.47
C SER D 308 -19.62 -17.21 -9.31
N VAL D 309 -18.65 -16.42 -8.85
CA VAL D 309 -18.69 -14.97 -9.00
C VAL D 309 -17.42 -14.51 -9.67
N GLU D 310 -17.52 -13.36 -10.33
CA GLU D 310 -16.53 -12.84 -11.24
C GLU D 310 -16.32 -11.36 -11.02
N ARG D 311 -15.07 -10.97 -10.79
CA ARG D 311 -14.73 -9.55 -10.74
C ARG D 311 -14.32 -9.02 -12.10
N VAL D 312 -14.78 -7.82 -12.40
CA VAL D 312 -14.33 -7.10 -13.59
C VAL D 312 -13.80 -5.77 -13.07
N ALA D 313 -12.65 -5.34 -13.59
CA ALA D 313 -12.07 -4.08 -13.16
C ALA D 313 -12.03 -3.11 -14.32
N PHE D 314 -12.09 -1.82 -13.99
CA PHE D 314 -12.02 -0.74 -15.00
C PHE D 314 -10.95 0.27 -14.64
N ALA D 315 -10.12 0.59 -15.63
CA ALA D 315 -9.00 1.49 -15.43
C ALA D 315 -9.45 2.87 -14.98
N GLY D 316 -10.40 3.46 -15.70
CA GLY D 316 -10.81 4.81 -15.33
C GLY D 316 -12.24 5.02 -14.92
N ARG D 317 -12.85 4.07 -14.22
CA ARG D 317 -14.20 4.19 -13.67
C ARG D 317 -14.28 3.42 -12.38
N THR D 318 -15.18 3.86 -11.49
CA THR D 318 -15.46 3.11 -10.26
C THR D 318 -16.60 2.13 -10.49
N GLY D 319 -16.62 1.10 -9.66
CA GLY D 319 -17.74 0.18 -9.69
C GLY D 319 -19.02 0.81 -9.17
N THR D 320 -18.91 1.81 -8.31
CA THR D 320 -20.08 2.58 -7.91
C THR D 320 -20.68 3.32 -9.09
N GLU D 321 -19.84 3.97 -9.88
CA GLU D 321 -20.32 4.67 -11.07
C GLU D 321 -20.92 3.69 -12.06
N VAL D 322 -20.16 2.65 -12.44
CA VAL D 322 -20.70 1.65 -13.33
C VAL D 322 -21.98 1.03 -12.75
N TRP D 323 -21.99 0.70 -11.46
CA TRP D 323 -23.19 0.11 -10.88
C TRP D 323 -24.40 1.02 -11.11
N GLU D 324 -24.24 2.33 -10.87
CA GLU D 324 -25.33 3.29 -11.10
C GLU D 324 -25.74 3.36 -12.57
N GLU D 325 -24.76 3.43 -13.49
CA GLU D 325 -25.11 3.34 -14.90
C GLU D 325 -25.86 2.03 -15.22
N LEU D 326 -25.45 0.91 -14.62
CA LEU D 326 -26.16 -0.35 -14.92
C LEU D 326 -27.62 -0.35 -14.42
N GLN D 327 -27.87 0.15 -13.21
CA GLN D 327 -29.22 0.10 -12.62
C GLN D 327 -30.25 0.93 -13.42
N ARG D 328 -29.80 1.97 -14.12
CA ARG D 328 -30.59 2.78 -15.03
C ARG D 328 -31.09 2.03 -16.25
N HIS D 329 -30.45 0.91 -16.58
CA HIS D 329 -30.93 0.00 -17.60
C HIS D 329 -31.43 -1.28 -16.97
N HIS D 330 -31.64 -1.25 -15.65
CA HIS D 330 -32.27 -2.33 -14.89
C HIS D 330 -31.41 -3.59 -14.75
N VAL D 331 -30.08 -3.44 -14.82
CA VAL D 331 -29.12 -4.50 -14.53
C VAL D 331 -28.51 -4.25 -13.17
N PHE D 332 -28.49 -5.28 -12.29
CA PHE D 332 -28.02 -5.10 -10.92
C PHE D 332 -26.82 -6.00 -10.60
N ALA D 333 -25.66 -5.37 -10.44
CA ALA D 333 -24.43 -6.04 -10.10
C ALA D 333 -24.10 -5.69 -8.65
N LEU D 334 -22.84 -5.79 -8.29
CA LEU D 334 -22.41 -5.37 -6.97
C LEU D 334 -21.13 -4.57 -7.09
N PRO D 335 -21.03 -3.43 -6.41
CA PRO D 335 -19.74 -2.73 -6.38
C PRO D 335 -18.83 -3.41 -5.36
N CYS D 336 -17.53 -3.51 -5.66
CA CYS D 336 -16.64 -4.35 -4.86
C CYS D 336 -16.05 -3.69 -3.62
N ARG D 337 -16.27 -2.39 -3.39
CA ARG D 337 -15.63 -1.72 -2.25
C ARG D 337 -15.74 -2.54 -0.97
N GLN D 338 -16.94 -3.01 -0.67
CA GLN D 338 -17.21 -3.50 0.67
C GLN D 338 -16.62 -4.88 0.89
N PHE D 339 -16.24 -5.59 -0.18
CA PHE D 339 -15.40 -6.78 -0.02
C PHE D 339 -14.07 -6.44 0.64
N HIS D 340 -13.53 -5.24 0.40
CA HIS D 340 -12.29 -4.82 1.06
C HIS D 340 -12.64 -4.09 2.35
N TRP D 341 -12.90 -4.90 3.36
CA TRP D 341 -13.57 -4.46 4.58
C TRP D 341 -12.66 -3.67 5.51
N ALA D 342 -11.37 -3.67 5.28
CA ALA D 342 -10.43 -2.84 6.02
C ALA D 342 -9.95 -1.62 5.25
N GLU D 343 -10.16 -1.58 3.94
CA GLU D 343 -9.72 -0.52 3.05
C GLU D 343 -10.60 -0.47 1.78
N PRO D 344 -11.83 0.04 1.90
CA PRO D 344 -12.80 -0.02 0.77
C PRO D 344 -12.27 0.48 -0.56
N SER D 345 -11.41 1.52 -0.57
CA SER D 345 -10.92 2.06 -1.83
C SER D 345 -10.15 1.02 -2.64
N ASP D 346 -9.69 -0.06 -2.01
CA ASP D 346 -9.04 -1.14 -2.78
C ASP D 346 -9.99 -1.70 -3.82
N GLY D 347 -11.29 -1.69 -3.54
CA GLY D 347 -12.22 -2.31 -4.46
C GLY D 347 -13.02 -1.38 -5.33
N ASP D 348 -12.70 -0.08 -5.40
CA ASP D 348 -13.68 0.78 -6.04
C ASP D 348 -13.51 0.83 -7.54
N HIS D 349 -12.59 0.05 -8.11
CA HIS D 349 -12.51 -0.05 -9.56
C HIS D 349 -13.08 -1.34 -10.11
N MET D 350 -13.87 -2.05 -9.33
CA MET D 350 -14.38 -3.32 -9.78
C MET D 350 -15.87 -3.45 -9.47
N VAL D 351 -16.56 -4.21 -10.32
CA VAL D 351 -17.87 -4.75 -10.04
C VAL D 351 -17.73 -6.25 -9.92
N ARG D 352 -18.62 -6.86 -9.15
CA ARG D 352 -18.75 -8.30 -9.06
C ARG D 352 -20.01 -8.73 -9.77
N ILE D 353 -19.89 -9.76 -10.59
CA ILE D 353 -20.95 -10.29 -11.45
C ILE D 353 -21.24 -11.73 -11.06
N ALA D 354 -22.52 -12.04 -10.88
CA ALA D 354 -22.97 -13.36 -10.47
C ALA D 354 -23.15 -14.23 -11.72
N LEU D 355 -22.50 -15.40 -11.73
CA LEU D 355 -22.53 -16.31 -12.89
C LEU D 355 -23.50 -17.47 -12.71
N SER D 356 -23.99 -17.72 -11.49
CA SER D 356 -24.99 -18.74 -11.23
C SER D 356 -26.33 -18.20 -11.68
N ARG D 357 -26.48 -18.13 -12.99
CA ARG D 357 -27.63 -17.53 -13.67
C ARG D 357 -27.78 -18.24 -15.00
N SER D 358 -29.01 -18.32 -15.50
CA SER D 358 -29.20 -18.77 -16.87
C SER D 358 -28.40 -17.91 -17.81
N THR D 359 -27.85 -18.53 -18.84
CA THR D 359 -26.94 -17.82 -19.71
C THR D 359 -27.61 -16.64 -20.40
N GLU D 360 -28.91 -16.76 -20.71
CA GLU D 360 -29.61 -15.71 -21.45
C GLU D 360 -29.70 -14.41 -20.66
N PRO D 361 -30.21 -14.39 -19.43
CA PRO D 361 -30.19 -13.14 -18.68
C PRO D 361 -28.76 -12.65 -18.39
N LEU D 362 -27.78 -13.54 -18.23
CA LEU D 362 -26.43 -13.05 -17.99
C LEU D 362 -25.89 -12.37 -19.23
N GLU D 363 -26.14 -12.97 -20.40
CA GLU D 363 -25.65 -12.39 -21.65
C GLU D 363 -26.28 -11.04 -21.92
N LYS D 364 -27.57 -10.94 -21.64
CA LYS D 364 -28.23 -9.64 -21.82
C LYS D 364 -27.62 -8.60 -20.88
N SER D 365 -27.38 -8.97 -19.63
CA SER D 365 -26.85 -7.99 -18.69
C SER D 365 -25.47 -7.56 -19.13
N VAL D 366 -24.66 -8.50 -19.60
CA VAL D 366 -23.30 -8.14 -19.97
C VAL D 366 -23.26 -7.33 -21.27
N GLN D 367 -24.14 -7.64 -22.26
CA GLN D 367 -24.28 -6.77 -23.43
C GLN D 367 -24.54 -5.33 -23.02
N VAL D 368 -25.37 -5.12 -22.01
CA VAL D 368 -25.61 -3.76 -21.53
C VAL D 368 -24.33 -3.17 -20.92
N LEU D 369 -23.64 -3.94 -20.03
CA LEU D 369 -22.39 -3.42 -19.50
C LEU D 369 -21.45 -3.01 -20.64
N ARG D 370 -21.32 -3.85 -21.67
CA ARG D 370 -20.45 -3.49 -22.79
C ARG D 370 -20.87 -2.15 -23.36
N THR D 371 -22.16 -1.92 -23.44
CA THR D 371 -22.65 -0.69 -24.04
C THR D 371 -22.33 0.48 -23.14
N VAL D 372 -22.56 0.30 -21.84
CA VAL D 372 -22.21 1.33 -20.85
C VAL D 372 -20.73 1.71 -20.94
N LEU D 373 -19.86 0.71 -21.14
CA LEU D 373 -18.44 0.97 -21.09
C LEU D 373 -17.96 1.60 -22.39
N GLU D 374 -18.68 1.37 -23.47
CA GLU D 374 -18.36 1.93 -24.78
C GLU D 374 -18.81 3.38 -24.91
N THR D 375 -19.10 4.05 -23.81
CA THR D 375 -19.52 5.45 -23.85
C THR D 375 -18.41 6.30 -23.24
N LYS E 8 -6.05 13.08 -22.33
CA LYS E 8 -5.35 13.92 -21.35
C LYS E 8 -4.14 13.20 -20.79
N GLU E 9 -2.99 13.42 -21.41
CA GLU E 9 -1.78 12.67 -21.09
C GLU E 9 -1.03 13.17 -19.86
N ASN E 10 -1.39 14.30 -19.25
CA ASN E 10 -0.67 14.80 -18.08
C ASN E 10 -1.49 15.94 -17.48
N LEU E 11 -1.02 16.49 -16.37
CA LEU E 11 -1.79 17.56 -15.72
C LEU E 11 -1.77 18.85 -16.55
N THR E 12 -0.70 19.13 -17.32
CA THR E 12 -0.69 20.34 -18.13
C THR E 12 -1.83 20.32 -19.14
N GLN E 13 -2.12 19.15 -19.72
CA GLN E 13 -3.18 19.07 -20.71
C GLN E 13 -4.55 19.21 -20.06
N TRP E 14 -4.71 18.69 -18.85
CA TRP E 14 -5.92 19.00 -18.12
C TRP E 14 -6.02 20.50 -17.89
N ALA E 15 -4.88 21.14 -17.63
CA ALA E 15 -4.85 22.57 -17.31
C ALA E 15 -5.19 23.44 -18.54
N TYR E 16 -4.85 23.00 -19.76
CA TYR E 16 -5.20 23.77 -20.97
C TYR E 16 -6.68 24.11 -21.02
N LEU E 17 -7.52 23.16 -20.58
CA LEU E 17 -8.97 23.32 -20.70
C LEU E 17 -9.49 24.49 -19.89
N ALA E 18 -8.81 24.82 -18.79
CA ALA E 18 -9.19 25.96 -17.97
C ALA E 18 -8.74 27.30 -18.53
N LEU E 19 -7.77 27.31 -19.45
CA LEU E 19 -6.94 28.50 -19.70
C LEU E 19 -7.74 29.73 -20.12
N ASN E 20 -8.90 29.55 -20.74
CA ASN E 20 -9.71 30.68 -21.18
C ASN E 20 -11.06 30.79 -20.45
N SER E 21 -11.17 30.19 -19.27
CA SER E 21 -12.39 30.17 -18.50
C SER E 21 -12.29 31.07 -17.26
N GLU E 22 -13.39 31.78 -16.98
CA GLU E 22 -13.47 32.66 -15.82
C GLU E 22 -13.18 31.91 -14.54
N LEU E 23 -13.65 30.67 -14.43
CA LEU E 23 -13.52 29.81 -13.26
C LEU E 23 -12.43 28.76 -13.50
N ASN E 24 -11.32 29.25 -14.02
CA ASN E 24 -10.08 28.48 -13.95
C ASN E 24 -9.61 28.49 -12.51
N ILE E 25 -9.62 27.31 -11.86
CA ILE E 25 -8.86 27.09 -10.63
C ILE E 25 -8.00 25.85 -10.81
N ALA E 26 -7.36 25.72 -11.98
CA ALA E 26 -6.50 24.57 -12.29
C ALA E 26 -5.02 24.86 -12.07
N ASP E 27 -4.36 25.49 -13.06
CA ASP E 27 -2.91 25.68 -13.01
C ASP E 27 -2.55 26.47 -11.76
N GLY E 28 -1.31 26.22 -11.26
CA GLY E 28 -0.73 26.88 -10.11
C GLY E 28 -0.15 28.26 -10.36
N HIS E 29 -0.36 28.82 -11.54
CA HIS E 29 0.19 30.14 -11.79
C HIS E 29 -0.57 31.18 -10.99
N ALA E 30 0.12 32.29 -10.75
CA ALA E 30 -0.45 33.40 -10.01
C ALA E 30 -1.34 34.22 -10.94
N ARG E 31 -2.64 34.25 -10.69
CA ARG E 31 -3.56 34.98 -11.56
C ARG E 31 -4.49 35.94 -10.81
N GLN E 32 -4.31 36.15 -9.50
CA GLN E 32 -5.01 37.20 -8.78
C GLN E 32 -4.55 38.60 -9.26
N ALA E 33 -5.24 39.62 -8.80
CA ALA E 33 -4.94 40.99 -9.22
C ALA E 33 -3.66 41.51 -8.57
N LEU E 34 -3.00 42.46 -9.28
CA LEU E 34 -1.82 43.11 -8.76
C LEU E 34 -2.17 43.84 -7.48
N SER E 35 -1.21 43.89 -6.56
CA SER E 35 -1.39 44.73 -5.40
C SER E 35 -1.07 46.16 -5.79
N PRO E 36 -1.47 47.13 -4.97
CA PRO E 36 -1.10 48.52 -5.28
C PRO E 36 0.38 48.68 -5.59
N GLY E 37 1.27 48.11 -4.78
CA GLY E 37 2.69 48.23 -5.05
C GLY E 37 3.10 47.55 -6.34
N GLN E 38 2.44 46.45 -6.69
CA GLN E 38 2.80 45.76 -7.91
C GLN E 38 2.35 46.56 -9.12
N GLN E 39 1.16 47.13 -9.05
CA GLN E 39 0.64 47.98 -10.13
C GLN E 39 1.55 49.19 -10.37
N LYS E 40 2.22 49.69 -9.31
CA LYS E 40 3.15 50.79 -9.51
C LYS E 40 4.34 50.34 -10.35
N ILE E 41 4.75 49.09 -10.20
CA ILE E 41 5.83 48.57 -11.02
C ILE E 41 5.39 48.50 -12.47
N VAL E 42 4.18 47.98 -12.70
CA VAL E 42 3.69 47.84 -14.06
C VAL E 42 3.69 49.20 -14.75
N ASN E 43 3.20 50.23 -14.03
CA ASN E 43 3.09 51.57 -14.58
C ASN E 43 4.43 52.15 -14.97
N GLU E 44 5.50 51.66 -14.36
CA GLU E 44 6.84 52.10 -14.65
C GLU E 44 7.56 51.17 -15.62
N LEU E 45 6.83 50.30 -16.30
CA LEU E 45 7.46 49.45 -17.31
C LEU E 45 8.25 50.25 -18.37
N PRO E 46 7.73 51.34 -18.94
CA PRO E 46 8.54 52.08 -19.91
C PRO E 46 9.87 52.53 -19.35
N VAL E 47 9.91 52.93 -18.08
CA VAL E 47 11.18 53.23 -17.44
C VAL E 47 12.04 51.99 -17.33
N LEU E 48 11.45 50.86 -16.96
CA LEU E 48 12.24 49.64 -16.83
C LEU E 48 12.76 49.21 -18.20
N TRP E 49 11.96 49.41 -19.25
CA TRP E 49 12.41 49.08 -20.59
C TRP E 49 13.72 49.83 -20.92
N ALA E 50 13.77 51.14 -20.65
CA ALA E 50 14.94 51.96 -20.97
C ALA E 50 16.15 51.54 -20.17
N GLU E 51 15.98 51.30 -18.88
CA GLU E 51 17.09 50.79 -18.08
C GLU E 51 17.64 49.51 -18.67
N SER E 52 16.75 48.62 -19.12
CA SER E 52 17.17 47.30 -19.62
C SER E 52 17.91 47.37 -20.95
N GLU E 53 17.58 48.37 -21.80
CA GLU E 53 18.39 48.71 -22.97
C GLU E 53 19.76 49.20 -22.54
N GLN E 54 19.77 50.18 -21.63
CA GLN E 54 20.97 50.96 -21.34
C GLN E 54 22.02 50.11 -20.63
N ARG E 55 21.61 49.19 -19.78
CA ARG E 55 22.53 48.68 -18.78
C ARG E 55 23.08 47.30 -19.15
N PRO E 56 24.25 46.96 -18.62
CA PRO E 56 24.74 45.58 -18.74
C PRO E 56 23.83 44.57 -18.05
N VAL E 57 23.25 43.67 -18.84
CA VAL E 57 22.39 42.62 -18.29
C VAL E 57 23.00 41.94 -17.05
N GLN E 58 24.35 41.81 -17.00
CA GLN E 58 24.98 41.09 -15.88
C GLN E 58 24.68 41.76 -14.54
N GLN E 59 24.58 43.08 -14.56
CA GLN E 59 24.30 43.81 -13.32
C GLN E 59 22.84 43.67 -12.96
N ILE E 60 21.95 43.85 -13.93
CA ILE E 60 20.54 43.65 -13.68
C ILE E 60 20.30 42.24 -13.17
N GLU E 61 20.86 41.26 -13.86
CA GLU E 61 20.71 39.87 -13.44
C GLU E 61 21.22 39.68 -12.01
N SER E 62 22.40 40.19 -11.70
CA SER E 62 22.93 40.00 -10.35
C SER E 62 21.99 40.59 -9.32
N GLU E 63 21.47 41.78 -9.62
CA GLU E 63 20.55 42.44 -8.71
C GLU E 63 19.25 41.66 -8.58
N ALA E 64 18.78 41.01 -9.64
CA ALA E 64 17.57 40.20 -9.50
C ALA E 64 17.83 38.99 -8.60
N HIS E 65 18.91 38.29 -8.83
CA HIS E 65 19.25 37.14 -8.02
C HIS E 65 19.40 37.51 -6.55
N GLN E 66 20.30 38.42 -6.27
CA GLN E 66 20.57 38.85 -4.89
C GLN E 66 19.26 39.20 -4.18
N ALA E 67 18.36 39.89 -4.88
CA ALA E 67 17.10 40.31 -4.24
C ALA E 67 16.20 39.10 -3.97
N TYR E 68 16.06 38.19 -4.94
CA TYR E 68 15.18 37.04 -4.80
C TYR E 68 15.73 36.06 -3.77
N PHE E 69 17.02 35.76 -3.83
CA PHE E 69 17.59 34.79 -2.90
C PHE E 69 17.55 35.30 -1.45
N THR E 70 17.92 36.58 -1.24
CA THR E 70 17.90 37.11 0.13
C THR E 70 16.48 37.25 0.63
N LEU E 71 15.54 37.63 -0.25
CA LEU E 71 14.12 37.67 0.13
C LEU E 71 13.75 36.41 0.89
N LEU E 72 14.18 35.27 0.36
CA LEU E 72 13.74 33.97 0.86
C LEU E 72 14.81 33.28 1.69
N GLY E 73 15.74 34.06 2.24
CA GLY E 73 16.67 33.53 3.21
C GLY E 73 17.82 32.75 2.65
N GLN E 74 17.94 32.66 1.33
CA GLN E 74 19.00 31.86 0.71
C GLN E 74 20.30 32.69 0.55
N HIS E 75 20.79 33.16 1.71
CA HIS E 75 21.94 34.05 1.75
C HIS E 75 23.20 33.40 1.14
N GLY E 76 23.47 32.14 1.46
CA GLY E 76 24.70 31.51 0.98
C GLY E 76 24.74 31.06 -0.48
N TYR E 77 23.81 31.51 -1.31
CA TYR E 77 23.81 31.08 -2.71
C TYR E 77 25.06 31.58 -3.46
N PRO E 78 25.60 30.79 -4.38
CA PRO E 78 26.78 31.25 -5.12
C PRO E 78 26.47 32.45 -6.01
N ALA E 79 27.02 33.59 -5.66
CA ALA E 79 26.74 34.80 -6.40
C ALA E 79 27.75 35.07 -7.50
N GLU E 80 28.83 34.30 -7.60
CA GLU E 80 29.78 34.58 -8.65
C GLU E 80 29.09 34.36 -10.01
N PRO E 81 29.35 35.23 -11.00
CA PRO E 81 28.72 35.09 -12.30
C PRO E 81 28.88 33.71 -12.94
N GLY E 82 27.78 33.19 -13.47
CA GLY E 82 27.75 31.93 -14.14
C GLY E 82 27.33 30.77 -13.28
N ARG E 83 27.29 30.96 -11.95
CA ARG E 83 26.88 29.84 -11.11
C ARG E 83 25.37 29.72 -10.98
N VAL E 84 24.62 30.80 -11.24
CA VAL E 84 23.15 30.77 -11.24
C VAL E 84 22.73 31.01 -12.70
N LEU E 85 22.10 29.99 -13.33
CA LEU E 85 21.73 30.06 -14.75
C LEU E 85 20.26 30.44 -14.87
N SER E 86 19.99 31.55 -15.54
CA SER E 86 18.64 32.06 -15.68
C SER E 86 18.01 31.45 -16.91
N CYS E 87 16.84 30.80 -16.74
CA CYS E 87 16.13 30.08 -17.77
C CYS E 87 14.73 30.66 -17.94
N TYR E 88 14.14 30.44 -19.12
CA TYR E 88 12.81 31.02 -19.35
C TYR E 88 11.80 30.45 -18.37
N SER E 89 12.01 29.22 -17.89
CA SER E 89 11.11 28.65 -16.90
C SER E 89 11.82 27.57 -16.10
N SER E 90 11.22 27.28 -14.96
CA SER E 90 11.56 26.11 -14.16
C SER E 90 11.53 24.83 -15.00
N SER E 91 10.54 24.68 -15.88
CA SER E 91 10.46 23.49 -16.71
C SER E 91 11.64 23.36 -17.66
N VAL E 92 12.16 24.49 -18.20
CA VAL E 92 13.32 24.34 -19.10
C VAL E 92 14.57 24.12 -18.27
N SER E 93 14.68 24.68 -17.06
CA SER E 93 15.78 24.27 -16.18
C SER E 93 15.76 22.77 -16.02
N MET E 94 14.56 22.23 -15.89
CA MET E 94 14.38 20.83 -15.59
C MET E 94 14.68 19.96 -16.80
N GLU E 95 14.32 20.42 -18.01
CA GLU E 95 14.77 19.75 -19.22
C GLU E 95 16.28 19.77 -19.29
N ILE E 96 16.91 20.92 -19.00
CA ILE E 96 18.38 20.97 -18.98
C ILE E 96 18.90 19.94 -18.01
N LEU E 97 18.30 19.85 -16.81
CA LEU E 97 18.83 18.95 -15.80
C LEU E 97 18.63 17.51 -16.21
N ALA E 98 17.43 17.19 -16.71
CA ALA E 98 17.08 15.82 -17.04
C ALA E 98 17.95 15.33 -18.18
N ARG E 99 18.19 16.18 -19.18
CA ARG E 99 19.08 15.71 -20.24
C ARG E 99 20.52 15.63 -19.76
N SER E 100 20.96 16.52 -18.86
CA SER E 100 22.31 16.43 -18.30
C SER E 100 22.51 15.15 -17.52
N LEU E 101 21.53 14.79 -16.67
CA LEU E 101 21.59 13.55 -15.90
C LEU E 101 21.73 12.31 -16.80
N SER E 102 20.98 12.26 -17.93
CA SER E 102 20.94 11.02 -18.72
C SER E 102 22.31 10.60 -19.22
N ALA E 103 23.29 11.52 -19.30
CA ALA E 103 24.62 11.17 -19.77
C ALA E 103 25.35 10.19 -18.83
N SER E 104 25.04 10.22 -17.54
CA SER E 104 25.79 9.41 -16.59
C SER E 104 24.95 8.73 -15.52
N VAL E 105 23.63 8.85 -15.57
CA VAL E 105 22.75 8.32 -14.53
C VAL E 105 21.68 7.47 -15.21
N ASP E 106 21.41 6.30 -14.63
CA ASP E 106 20.36 5.45 -15.13
C ASP E 106 19.08 5.62 -14.34
N ARG E 107 19.16 5.93 -13.05
CA ARG E 107 18.01 5.82 -12.16
C ARG E 107 17.95 7.00 -11.22
N VAL E 108 16.74 7.49 -10.98
CA VAL E 108 16.51 8.66 -10.15
C VAL E 108 15.48 8.32 -9.10
N ALA E 109 15.82 8.58 -7.84
CA ALA E 109 14.87 8.49 -6.74
C ALA E 109 14.12 9.82 -6.65
N LEU E 110 12.79 9.76 -6.70
CA LEU E 110 11.97 10.94 -6.84
C LEU E 110 10.86 10.90 -5.81
N VAL E 111 10.66 12.01 -5.12
CA VAL E 111 9.58 12.05 -4.16
C VAL E 111 8.25 11.85 -4.87
N HIS E 112 7.29 11.29 -4.14
CA HIS E 112 6.08 10.88 -4.78
C HIS E 112 5.00 11.04 -3.72
N PRO E 113 3.91 11.75 -4.02
CA PRO E 113 3.61 12.44 -5.28
C PRO E 113 4.48 13.66 -5.51
N THR E 114 4.40 14.21 -6.72
CA THR E 114 5.01 15.51 -7.05
C THR E 114 4.39 15.99 -8.37
N PHE E 115 4.78 17.19 -8.82
CA PHE E 115 4.20 17.64 -10.06
C PHE E 115 4.73 16.78 -11.20
N ASP E 116 3.84 16.41 -12.13
CA ASP E 116 4.08 15.21 -12.94
C ASP E 116 5.05 15.44 -14.08
N ASN E 117 5.20 16.69 -14.52
CA ASN E 117 6.19 16.96 -15.56
C ASN E 117 7.61 16.77 -15.07
N ILE E 118 7.83 16.68 -13.75
CA ILE E 118 9.18 16.34 -13.29
C ILE E 118 9.49 14.90 -13.69
N ALA E 119 8.52 14.00 -13.46
CA ALA E 119 8.72 12.61 -13.83
C ALA E 119 8.68 12.43 -15.35
N ASP E 120 7.74 13.09 -16.03
CA ASP E 120 7.64 13.01 -17.48
C ASP E 120 8.88 13.58 -18.16
N LEU E 121 9.44 14.66 -17.64
CA LEU E 121 10.61 15.19 -18.33
C LEU E 121 11.79 14.28 -18.10
N LEU E 122 11.86 13.72 -16.87
CA LEU E 122 12.92 12.77 -16.55
C LEU E 122 12.72 11.48 -17.34
N ARG E 123 11.51 10.90 -17.32
CA ARG E 123 11.29 9.67 -18.08
C ARG E 123 11.52 9.90 -19.58
N GLY E 124 11.03 11.01 -20.12
CA GLY E 124 11.27 11.32 -21.52
C GLY E 124 12.74 11.47 -21.88
N ASN E 125 13.63 11.65 -20.91
CA ASN E 125 15.05 11.82 -21.20
C ASN E 125 15.88 10.54 -20.95
N GLY E 126 15.22 9.40 -20.75
CA GLY E 126 15.89 8.13 -20.59
C GLY E 126 15.97 7.59 -19.18
N LEU E 127 15.56 8.35 -18.17
CA LEU E 127 15.79 7.97 -16.77
C LEU E 127 14.70 7.06 -16.26
N ASP E 128 15.09 6.06 -15.48
CA ASP E 128 14.13 5.23 -14.76
C ASP E 128 13.92 5.88 -13.40
N LEU E 129 12.72 5.76 -12.90
CA LEU E 129 12.37 6.42 -11.66
C LEU E 129 12.06 5.42 -10.57
N VAL E 130 12.44 5.80 -9.36
CA VAL E 130 12.12 5.05 -8.15
C VAL E 130 11.34 5.96 -7.21
N PRO E 131 10.09 5.64 -6.87
CA PRO E 131 9.33 6.52 -5.96
C PRO E 131 9.92 6.53 -4.55
N VAL E 132 9.87 7.69 -3.90
CA VAL E 132 10.02 7.78 -2.43
C VAL E 132 8.78 8.44 -1.82
N GLU E 133 8.03 7.71 -0.98
CA GLU E 133 6.89 8.31 -0.31
C GLU E 133 7.36 9.40 0.67
N GLU E 134 6.46 10.33 0.94
CA GLU E 134 6.84 11.46 1.77
C GLU E 134 7.25 11.03 3.19
N ASP E 135 6.48 10.13 3.82
CA ASP E 135 6.84 9.74 5.19
C ASP E 135 8.23 9.09 5.23
N ALA E 136 8.60 8.29 4.22
CA ALA E 136 9.96 7.72 4.16
C ALA E 136 11.00 8.80 4.02
N LEU E 137 10.71 9.82 3.19
CA LEU E 137 11.70 10.84 2.88
C LEU E 137 11.98 11.73 4.09
N HIS E 138 10.93 12.11 4.83
CA HIS E 138 11.02 13.09 5.92
C HIS E 138 11.38 12.47 7.25
N GLY E 139 10.96 11.23 7.47
CA GLY E 139 11.06 10.62 8.78
C GLY E 139 12.14 9.60 8.98
N ALA E 140 12.98 9.36 7.98
CA ALA E 140 14.01 8.32 8.06
C ALA E 140 15.06 8.47 6.94
N ASP E 141 16.26 7.94 7.22
CA ASP E 141 17.30 7.78 6.21
C ASP E 141 16.74 7.03 5.02
N LEU E 142 17.34 7.28 3.87
CA LEU E 142 17.13 6.44 2.71
C LEU E 142 18.06 5.24 2.80
N SER E 143 17.55 4.06 2.43
CA SER E 143 18.36 2.86 2.50
C SER E 143 19.62 2.95 1.63
N ALA E 144 20.59 2.12 2.02
CA ALA E 144 21.77 1.86 1.20
C ALA E 144 21.39 1.21 -0.13
N GLU E 145 20.46 0.26 -0.08
CA GLU E 145 19.97 -0.37 -1.31
C GLU E 145 19.45 0.66 -2.31
N LEU E 146 18.62 1.59 -1.87
CA LEU E 146 18.16 2.64 -2.77
C LEU E 146 19.33 3.50 -3.23
N LEU E 147 20.09 4.07 -2.31
CA LEU E 147 21.09 5.05 -2.69
C LEU E 147 22.12 4.46 -3.63
N SER E 148 22.47 3.18 -3.44
CA SER E 148 23.50 2.56 -4.25
C SER E 148 22.99 2.23 -5.65
N SER E 149 21.67 2.18 -5.84
CA SER E 149 21.06 1.84 -7.13
C SER E 149 20.65 3.07 -7.93
N VAL E 150 21.06 4.26 -7.52
CA VAL E 150 20.45 5.49 -8.00
C VAL E 150 21.54 6.55 -8.10
N GLY E 151 21.43 7.41 -9.10
CA GLY E 151 22.45 8.39 -9.28
C GLY E 151 22.00 9.77 -8.91
N CYS E 152 20.73 9.88 -8.51
CA CYS E 152 20.23 11.20 -8.16
C CYS E 152 19.05 10.99 -7.26
N VAL E 153 18.95 11.83 -6.23
CA VAL E 153 17.77 11.94 -5.36
C VAL E 153 17.15 13.29 -5.67
N PHE E 154 15.87 13.30 -6.02
CA PHE E 154 15.20 14.53 -6.43
C PHE E 154 13.99 14.77 -5.53
N VAL E 155 13.94 15.97 -4.95
CA VAL E 155 12.96 16.34 -3.91
C VAL E 155 12.41 17.71 -4.26
N THR E 156 11.10 17.77 -4.42
CA THR E 156 10.39 19.01 -4.57
C THR E 156 10.10 19.54 -3.17
N THR E 157 10.61 20.75 -2.80
CA THR E 157 10.26 21.26 -1.46
C THR E 157 10.11 22.78 -1.49
N PRO E 158 8.94 23.33 -1.11
CA PRO E 158 7.76 22.60 -0.63
C PRO E 158 7.13 21.78 -1.72
N ASN E 159 6.61 20.59 -1.40
CA ASN E 159 6.19 19.75 -2.48
C ASN E 159 4.87 20.24 -3.07
N ASN E 160 4.61 19.78 -4.28
CA ASN E 160 3.39 20.06 -5.04
C ASN E 160 2.86 18.71 -5.46
N PRO E 161 1.68 18.31 -5.02
CA PRO E 161 0.60 19.10 -4.41
C PRO E 161 0.47 19.18 -2.90
N THR E 162 1.43 18.66 -2.13
CA THR E 162 1.15 18.41 -0.72
C THR E 162 1.44 19.62 0.16
N GLY E 163 2.40 20.46 -0.25
CA GLY E 163 2.82 21.60 0.54
C GLY E 163 3.88 21.27 1.59
N ARG E 164 4.37 20.05 1.60
CA ARG E 164 5.23 19.57 2.66
C ARG E 164 6.65 20.06 2.43
N VAL E 165 7.27 20.50 3.51
CA VAL E 165 8.59 21.10 3.48
C VAL E 165 9.61 20.17 4.11
N LEU E 166 10.68 19.93 3.39
CA LEU E 166 11.79 19.17 3.91
C LEU E 166 12.56 20.03 4.91
N ALA E 167 12.45 19.69 6.18
CA ALA E 167 13.10 20.49 7.22
C ALA E 167 14.63 20.43 7.10
N GLU E 168 15.28 21.29 7.87
CA GLU E 168 16.72 21.46 7.82
C GLU E 168 17.47 20.22 8.31
N GLU E 169 17.05 19.58 9.40
CA GLU E 169 17.89 18.48 9.87
C GLU E 169 17.87 17.32 8.88
N ARG E 170 16.73 17.08 8.26
CA ARG E 170 16.62 15.98 7.31
C ARG E 170 17.31 16.31 6.01
N LEU E 171 17.28 17.58 5.61
CA LEU E 171 18.09 17.98 4.48
C LEU E 171 19.56 17.72 4.76
N ARG E 172 20.04 18.20 5.89
CA ARG E 172 21.44 18.06 6.26
C ARG E 172 21.84 16.58 6.19
N ARG E 173 21.04 15.73 6.82
CA ARG E 173 21.30 14.30 6.76
C ARG E 173 21.22 13.79 5.33
N LEU E 174 20.21 14.27 4.56
CA LEU E 174 20.04 13.78 3.19
C LEU E 174 21.21 14.16 2.32
N ALA E 175 21.65 15.41 2.40
CA ALA E 175 22.86 15.82 1.70
C ALA E 175 24.06 14.98 2.10
N GLU E 176 24.15 14.63 3.39
CA GLU E 176 25.29 13.84 3.87
C GLU E 176 25.24 12.43 3.30
N GLN E 177 24.07 11.79 3.30
CA GLN E 177 23.91 10.52 2.60
C GLN E 177 24.37 10.64 1.16
N CYS E 178 23.89 11.66 0.43
CA CYS E 178 24.23 11.77 -0.99
C CYS E 178 25.74 11.88 -1.16
N ALA E 179 26.41 12.57 -0.25
CA ALA E 179 27.84 12.72 -0.37
C ALA E 179 28.57 11.41 -0.12
N GLU E 180 28.07 10.55 0.76
CA GLU E 180 28.82 9.33 0.99
C GLU E 180 28.60 8.31 -0.13
N HIS E 181 27.62 8.52 -1.00
CA HIS E 181 27.42 7.63 -2.13
C HIS E 181 27.81 8.26 -3.46
N GLY E 182 28.32 9.50 -3.49
CA GLY E 182 28.56 10.25 -4.74
C GLY E 182 27.32 10.57 -5.56
N THR E 183 26.15 10.48 -4.94
CA THR E 183 24.87 10.82 -5.54
C THR E 183 24.68 12.32 -5.73
N VAL E 184 23.95 12.68 -6.78
CA VAL E 184 23.49 14.05 -6.94
C VAL E 184 22.19 14.24 -6.16
N LEU E 185 22.19 15.25 -5.26
CA LEU E 185 20.96 15.76 -4.64
C LEU E 185 20.43 16.95 -5.46
N ALA E 186 19.21 16.82 -5.94
CA ALA E 186 18.55 17.84 -6.76
C ALA E 186 17.33 18.35 -6.00
N LEU E 187 17.16 19.67 -5.89
CA LEU E 187 15.97 20.20 -5.26
C LEU E 187 15.19 21.07 -6.23
N ASP E 188 13.86 20.96 -6.18
CA ASP E 188 12.95 21.88 -6.84
C ASP E 188 12.25 22.70 -5.74
N THR E 189 12.48 24.00 -5.74
CA THR E 189 12.05 24.91 -4.69
C THR E 189 11.17 26.01 -5.26
N SER E 190 10.46 25.67 -6.34
CA SER E 190 9.51 26.58 -6.96
C SER E 190 8.54 27.22 -5.95
N PHE E 191 8.13 26.49 -4.91
CA PHE E 191 7.13 27.02 -3.99
C PHE E 191 7.75 27.59 -2.69
N ARG E 192 9.06 27.82 -2.67
CA ARG E 192 9.79 28.32 -1.51
C ARG E 192 9.12 29.54 -0.89
N GLY E 193 8.69 30.50 -1.73
CA GLY E 193 8.18 31.75 -1.20
C GLY E 193 6.91 31.62 -0.37
N PHE E 194 6.15 30.54 -0.52
CA PHE E 194 4.87 30.50 0.19
C PHE E 194 5.03 30.06 1.64
N ASP E 195 6.15 29.42 2.02
CA ASP E 195 6.26 28.80 3.33
C ASP E 195 7.54 29.18 4.01
N ALA E 196 7.43 29.96 5.10
CA ALA E 196 8.60 30.43 5.84
C ALA E 196 9.46 29.28 6.35
N ALA E 197 8.88 28.09 6.53
CA ALA E 197 9.66 26.90 6.92
C ALA E 197 10.68 26.51 5.87
N ALA E 198 10.53 27.02 4.65
CA ALA E 198 11.48 26.73 3.59
C ALA E 198 12.48 27.83 3.41
N HIS E 199 12.52 28.80 4.33
CA HIS E 199 13.41 29.94 4.16
C HIS E 199 14.71 29.84 4.93
N TYR E 200 14.94 28.76 5.67
CA TYR E 200 16.26 28.57 6.20
C TYR E 200 17.20 28.37 5.01
N ASP E 201 18.49 28.54 5.22
CA ASP E 201 19.41 28.64 4.10
C ASP E 201 19.76 27.23 3.59
N HIS E 202 19.23 26.90 2.43
CA HIS E 202 19.47 25.61 1.80
C HIS E 202 20.89 25.52 1.26
N TYR E 203 21.40 26.64 0.74
CA TYR E 203 22.70 26.61 0.11
C TYR E 203 23.78 26.46 1.13
N ALA E 204 23.51 26.90 2.37
CA ALA E 204 24.49 26.72 3.41
C ALA E 204 24.57 25.25 3.79
N VAL E 205 23.43 24.56 3.87
CA VAL E 205 23.55 23.16 4.31
C VAL E 205 24.12 22.30 3.19
N LEU E 206 23.72 22.55 1.94
CA LEU E 206 24.29 21.81 0.80
C LEU E 206 25.80 22.00 0.67
N GLN E 207 26.30 23.25 0.80
CA GLN E 207 27.73 23.51 0.64
C GLN E 207 28.54 22.92 1.80
N GLU E 208 27.97 22.90 3.01
CA GLU E 208 28.62 22.26 4.15
C GLU E 208 28.64 20.74 4.04
N ALA E 209 27.62 20.15 3.43
CA ALA E 209 27.61 18.70 3.32
C ALA E 209 28.64 18.21 2.31
N GLY E 210 29.01 19.06 1.34
CA GLY E 210 29.96 18.68 0.30
C GLY E 210 29.48 17.72 -0.77
N CYS E 211 28.19 17.36 -0.78
CA CYS E 211 27.65 16.48 -1.79
C CYS E 211 27.53 17.21 -3.14
N ARG E 212 27.29 16.43 -4.19
CA ARG E 212 26.96 16.99 -5.50
C ARG E 212 25.53 17.50 -5.45
N TRP E 213 25.27 18.72 -5.92
CA TRP E 213 23.92 19.25 -5.78
C TRP E 213 23.55 20.23 -6.89
N VAL E 214 22.24 20.29 -7.12
CA VAL E 214 21.60 21.24 -8.01
C VAL E 214 20.33 21.70 -7.33
N VAL E 215 20.05 23.00 -7.41
CA VAL E 215 18.75 23.54 -7.05
C VAL E 215 18.12 24.27 -8.24
N ILE E 216 16.82 24.07 -8.43
CA ILE E 216 16.03 24.89 -9.36
C ILE E 216 15.10 25.77 -8.52
N GLU E 217 15.37 27.07 -8.49
CA GLU E 217 14.44 28.07 -7.99
C GLU E 217 13.48 28.50 -9.11
N ASP E 218 12.39 29.15 -8.72
CA ASP E 218 11.36 29.63 -9.63
C ASP E 218 10.74 30.89 -9.04
N THR E 219 10.74 31.98 -9.83
CA THR E 219 10.04 33.22 -9.49
C THR E 219 8.56 33.24 -9.89
N GLY E 220 8.14 32.40 -10.83
CA GLY E 220 6.80 32.51 -11.39
C GLY E 220 5.66 32.38 -10.41
N LYS E 221 5.67 31.37 -9.57
CA LYS E 221 4.43 30.98 -8.89
C LYS E 221 3.90 32.02 -7.93
N LEU E 222 4.77 32.91 -7.51
CA LEU E 222 4.60 33.80 -6.35
C LEU E 222 3.77 35.02 -6.68
N TRP E 223 4.11 35.70 -7.78
CA TRP E 223 3.51 36.97 -8.13
C TRP E 223 2.76 36.88 -9.47
N PRO E 224 1.64 37.62 -9.62
CA PRO E 224 0.92 37.59 -10.92
C PRO E 224 1.59 38.49 -11.96
N THR E 225 2.59 37.93 -12.65
CA THR E 225 3.40 38.66 -13.61
C THR E 225 3.08 38.27 -15.04
N LEU E 226 1.85 37.82 -15.33
CA LEU E 226 1.49 37.37 -16.67
C LEU E 226 2.50 36.37 -17.23
N ASP E 227 3.03 35.52 -16.37
CA ASP E 227 3.88 34.41 -16.74
C ASP E 227 5.27 34.86 -17.18
N LEU E 228 5.63 36.08 -16.78
CA LEU E 228 6.96 36.63 -17.01
C LEU E 228 7.78 36.26 -15.78
N LYS E 229 8.77 35.41 -15.99
CA LYS E 229 9.38 34.73 -14.87
C LYS E 229 10.69 34.18 -15.36
N ALA E 230 11.47 33.63 -14.43
CA ALA E 230 12.66 32.88 -14.75
C ALA E 230 12.70 31.66 -13.86
N GLY E 231 13.25 30.58 -14.43
CA GLY E 231 13.75 29.49 -13.64
C GLY E 231 15.22 29.74 -13.40
N LEU E 232 15.70 29.28 -12.25
CA LEU E 232 17.02 29.66 -11.77
C LEU E 232 17.71 28.34 -11.46
N LEU E 233 18.67 27.95 -12.28
CA LEU E 233 19.30 26.64 -12.17
C LEU E 233 20.67 26.82 -11.51
N VAL E 234 20.84 26.28 -10.31
CA VAL E 234 21.99 26.58 -9.47
C VAL E 234 22.66 25.26 -9.19
N PHE E 235 23.99 25.21 -9.26
CA PHE E 235 24.69 23.92 -9.14
C PHE E 235 26.01 24.07 -8.40
N SER E 236 26.37 22.99 -7.68
CA SER E 236 27.68 22.85 -7.05
C SER E 236 28.78 22.78 -8.12
N GLU E 237 29.99 23.23 -7.74
CA GLU E 237 31.11 23.31 -8.69
C GLU E 237 31.48 21.92 -9.24
N ASP E 238 31.48 20.91 -8.37
CA ASP E 238 31.81 19.55 -8.73
C ASP E 238 30.61 18.77 -9.30
N ILE E 239 29.61 19.47 -9.85
CA ILE E 239 28.32 18.81 -10.16
C ILE E 239 28.54 17.62 -11.08
N GLY E 240 29.46 17.74 -12.04
CA GLY E 240 29.78 16.61 -12.91
C GLY E 240 28.69 16.19 -13.88
N LEU E 241 27.92 17.16 -14.38
CA LEU E 241 26.84 16.93 -15.31
C LEU E 241 26.96 18.10 -16.28
N PRO E 242 26.68 17.91 -17.61
CA PRO E 242 26.88 18.99 -18.58
C PRO E 242 25.75 20.02 -18.61
N VAL E 243 25.40 20.55 -17.41
CA VAL E 243 24.28 21.49 -17.32
C VAL E 243 24.66 22.80 -17.98
N GLU E 244 25.91 23.23 -17.83
CA GLU E 244 26.34 24.47 -18.46
C GLU E 244 26.34 24.35 -19.99
N LYS E 245 26.85 23.24 -20.52
CA LYS E 245 26.88 23.09 -21.97
C LYS E 245 25.47 23.09 -22.53
N ILE E 246 24.59 22.29 -21.92
CA ILE E 246 23.27 22.13 -22.48
C ILE E 246 22.43 23.40 -22.29
N TYR E 247 22.57 24.08 -21.14
CA TYR E 247 21.98 25.43 -21.02
C TYR E 247 22.34 26.27 -22.25
N SER E 248 23.65 26.37 -22.55
CA SER E 248 24.14 27.20 -23.65
C SER E 248 23.61 26.74 -25.02
N ASP E 249 23.38 25.43 -25.18
CA ASP E 249 22.72 24.96 -26.40
C ASP E 249 21.32 25.53 -26.55
N ILE E 250 20.63 25.84 -25.46
CA ILE E 250 19.24 26.23 -25.54
C ILE E 250 19.07 27.74 -25.54
N LEU E 251 19.85 28.49 -24.74
CA LEU E 251 19.65 29.94 -24.74
C LEU E 251 20.89 30.72 -24.36
N LEU E 252 20.90 31.97 -24.79
CA LEU E 252 21.93 32.92 -24.44
C LEU E 252 21.60 33.60 -23.12
N GLY E 253 20.36 33.53 -22.68
CA GLY E 253 19.94 34.23 -21.48
C GLY E 253 18.50 34.64 -21.62
N VAL E 254 17.96 35.20 -20.53
CA VAL E 254 16.59 35.68 -20.54
C VAL E 254 16.56 37.20 -20.68
N SER E 255 15.36 37.74 -20.92
CA SER E 255 15.19 39.16 -21.17
C SER E 255 15.68 40.00 -19.99
N PRO E 256 16.47 41.04 -20.23
CA PRO E 256 16.84 41.90 -19.09
C PRO E 256 15.65 42.58 -18.43
N LEU E 257 14.57 42.82 -19.18
CA LEU E 257 13.37 43.38 -18.59
C LEU E 257 12.74 42.40 -17.59
N ILE E 258 12.79 41.10 -17.89
CA ILE E 258 12.18 40.14 -16.98
C ILE E 258 13.05 40.07 -15.75
N LEU E 259 14.36 40.17 -15.92
CA LEU E 259 15.25 40.22 -14.76
C LEU E 259 14.95 41.45 -13.89
N ALA E 260 14.71 42.61 -14.53
CA ALA E 260 14.40 43.81 -13.77
C ALA E 260 13.08 43.65 -13.04
N LEU E 261 12.12 42.98 -13.67
CA LEU E 261 10.78 42.88 -13.08
C LEU E 261 10.83 41.99 -11.85
N ILE E 262 11.66 40.95 -11.91
CA ILE E 262 11.89 40.11 -10.77
C ILE E 262 12.53 40.92 -9.66
N ARG E 263 13.56 41.70 -10.00
CA ARG E 263 14.21 42.58 -9.05
C ARG E 263 13.18 43.42 -8.31
N GLU E 264 12.39 44.19 -9.05
CA GLU E 264 11.40 45.05 -8.43
C GLU E 264 10.41 44.27 -7.60
N PHE E 265 9.87 43.20 -8.18
CA PHE E 265 8.85 42.45 -7.44
C PHE E 265 9.43 41.86 -6.15
N SER E 266 10.65 41.32 -6.21
CA SER E 266 11.34 40.86 -5.00
C SER E 266 11.39 41.98 -3.97
N ARG E 267 11.77 43.18 -4.41
CA ARG E 267 11.89 44.33 -3.53
C ARG E 267 10.55 44.74 -2.95
N ASP E 268 9.50 44.81 -3.76
CA ASP E 268 8.19 45.07 -3.17
C ASP E 268 7.83 43.99 -2.16
N ALA E 269 8.22 42.74 -2.45
CA ALA E 269 7.97 41.65 -1.52
C ALA E 269 8.72 41.87 -0.20
N ALA E 270 9.96 42.33 -0.28
CA ALA E 270 10.74 42.50 0.95
C ALA E 270 10.20 43.63 1.80
N ASP E 271 9.38 44.52 1.22
CA ASP E 271 8.84 45.68 1.91
C ASP E 271 7.43 45.42 2.41
N GLY E 272 7.10 44.18 2.75
CA GLY E 272 5.77 43.84 3.22
C GLY E 272 4.92 43.07 2.23
N GLY E 273 5.30 43.04 0.95
CA GLY E 273 4.50 42.29 -0.02
C GLY E 273 4.39 40.81 0.28
N LEU E 274 5.50 40.19 0.68
CA LEU E 274 5.49 38.75 0.96
C LEU E 274 4.56 38.41 2.13
N ALA E 275 4.56 39.24 3.19
CA ALA E 275 3.59 39.08 4.28
C ALA E 275 2.18 39.18 3.76
N ASP E 276 1.90 40.18 2.90
CA ASP E 276 0.54 40.32 2.35
C ASP E 276 0.19 39.11 1.51
N LEU E 277 1.18 38.52 0.84
CA LEU E 277 0.89 37.32 0.05
C LEU E 277 0.52 36.17 0.97
N HIS E 278 1.33 35.93 2.01
CA HIS E 278 1.04 34.84 2.95
C HIS E 278 -0.36 34.97 3.54
N ALA E 279 -0.75 36.21 3.93
CA ALA E 279 -2.11 36.44 4.39
C ALA E 279 -3.14 36.16 3.30
N PHE E 280 -2.87 36.63 2.07
CA PHE E 280 -3.81 36.38 0.96
C PHE E 280 -4.04 34.89 0.74
N ILE E 281 -2.98 34.12 0.63
CA ILE E 281 -3.11 32.69 0.39
C ILE E 281 -3.81 32.01 1.59
N LEU E 282 -3.43 32.39 2.82
CA LEU E 282 -4.13 31.89 3.99
C LEU E 282 -5.62 32.18 3.87
N HIS E 283 -5.97 33.41 3.49
CA HIS E 283 -7.38 33.75 3.38
C HIS E 283 -8.06 32.88 2.35
N ASN E 284 -7.42 32.71 1.17
CA ASN E 284 -8.04 31.91 0.12
C ASN E 284 -8.19 30.46 0.53
N ARG E 285 -7.19 29.87 1.18
CA ARG E 285 -7.36 28.53 1.74
C ARG E 285 -8.49 28.49 2.74
N SER E 286 -8.63 29.53 3.57
CA SER E 286 -9.75 29.52 4.52
C SER E 286 -11.08 29.60 3.78
N VAL E 287 -11.14 30.36 2.67
CA VAL E 287 -12.38 30.44 1.88
C VAL E 287 -12.80 29.06 1.37
N VAL E 288 -11.86 28.31 0.81
CA VAL E 288 -12.13 26.97 0.27
C VAL E 288 -12.64 26.04 1.38
N ARG E 289 -11.98 26.04 2.53
CA ARG E 289 -12.30 25.02 3.54
C ARG E 289 -13.56 25.33 4.31
N ARG E 290 -13.86 26.61 4.55
CA ARG E 290 -15.15 26.91 5.18
C ARG E 290 -16.32 26.67 4.22
N ALA E 291 -16.07 26.76 2.91
CA ALA E 291 -17.19 26.55 2.00
C ALA E 291 -17.56 25.08 1.92
N LEU E 292 -16.60 24.18 2.18
CA LEU E 292 -16.87 22.76 2.19
C LEU E 292 -17.14 22.26 3.60
N ALA E 293 -17.28 23.18 4.56
CA ALA E 293 -17.43 22.80 5.94
C ALA E 293 -18.39 21.63 6.06
N GLY E 294 -19.67 21.87 6.01
CA GLY E 294 -20.50 20.79 6.51
C GLY E 294 -20.97 19.80 5.46
N VAL E 295 -20.07 19.35 4.62
CA VAL E 295 -20.36 18.49 3.48
C VAL E 295 -19.82 17.11 3.78
N GLU E 296 -20.69 16.10 3.77
CA GLU E 296 -20.25 14.75 4.11
C GLU E 296 -19.18 14.26 3.15
N GLY E 297 -18.20 13.56 3.70
CA GLY E 297 -17.17 12.91 2.93
C GLY E 297 -16.01 13.77 2.49
N VAL E 298 -16.02 15.07 2.79
CA VAL E 298 -14.88 15.95 2.50
C VAL E 298 -13.81 15.84 3.59
N SER E 299 -12.55 15.79 3.16
CA SER E 299 -11.44 16.01 4.05
C SER E 299 -10.34 16.74 3.31
N PHE E 300 -9.33 17.16 4.07
CA PHE E 300 -8.22 17.96 3.54
C PHE E 300 -6.91 17.27 3.87
N PRO E 301 -6.22 16.68 2.89
CA PRO E 301 -5.10 15.79 3.18
C PRO E 301 -3.90 16.49 3.78
N ASP E 302 -3.88 17.82 3.70
CA ASP E 302 -2.71 18.62 4.01
C ASP E 302 -3.21 19.79 4.84
N PRO E 303 -3.75 19.51 6.00
CA PRO E 303 -4.33 20.59 6.82
C PRO E 303 -3.35 21.71 7.13
N GLU E 304 -2.06 21.46 7.14
CA GLU E 304 -1.09 22.50 7.47
C GLU E 304 -0.43 23.12 6.24
N SER E 305 -0.77 22.71 5.04
CA SER E 305 -0.05 23.29 3.91
C SER E 305 -0.25 24.79 3.87
N ARG E 306 0.81 25.51 3.52
CA ARG E 306 0.75 26.91 3.14
C ARG E 306 0.89 27.15 1.65
N SER E 307 0.90 26.11 0.82
CA SER E 307 1.11 26.32 -0.60
C SER E 307 -0.05 27.09 -1.21
N SER E 308 0.19 27.68 -2.37
CA SER E 308 -0.84 28.28 -3.23
C SER E 308 -1.71 27.27 -3.97
N VAL E 309 -1.54 25.96 -3.74
CA VAL E 309 -2.50 24.95 -4.21
C VAL E 309 -2.96 24.08 -3.06
N GLU E 310 -4.14 23.52 -3.21
CA GLU E 310 -4.88 22.88 -2.12
C GLU E 310 -5.52 21.58 -2.59
N ARG E 311 -5.27 20.50 -1.86
CA ARG E 311 -5.92 19.24 -2.16
C ARG E 311 -7.22 19.14 -1.39
N VAL E 312 -8.24 18.58 -2.04
CA VAL E 312 -9.50 18.27 -1.38
C VAL E 312 -9.83 16.82 -1.68
N ALA E 313 -10.07 16.03 -0.65
CA ALA E 313 -10.40 14.62 -0.84
C ALA E 313 -11.87 14.36 -0.54
N PHE E 314 -12.45 13.37 -1.23
CA PHE E 314 -13.85 12.98 -0.99
C PHE E 314 -13.95 11.49 -0.82
N ALA E 315 -14.66 11.07 0.23
CA ALA E 315 -14.75 9.64 0.49
C ALA E 315 -15.38 8.90 -0.68
N GLY E 316 -16.50 9.42 -1.20
CA GLY E 316 -17.34 8.62 -2.07
C GLY E 316 -17.46 9.12 -3.49
N ARG E 317 -16.40 9.71 -4.01
CA ARG E 317 -16.35 10.08 -5.40
C ARG E 317 -14.88 10.31 -5.74
N THR E 318 -14.59 10.09 -7.00
CA THR E 318 -13.28 10.18 -7.60
C THR E 318 -12.99 11.63 -8.02
N GLY E 319 -11.69 11.97 -8.09
CA GLY E 319 -11.32 13.28 -8.62
C GLY E 319 -11.75 13.48 -10.07
N THR E 320 -11.61 12.44 -10.89
CA THR E 320 -12.13 12.39 -12.26
C THR E 320 -13.62 12.73 -12.31
N GLU E 321 -14.43 11.96 -11.56
CA GLU E 321 -15.87 12.18 -11.50
C GLU E 321 -16.21 13.58 -11.04
N VAL E 322 -15.58 14.05 -9.97
CA VAL E 322 -15.85 15.40 -9.52
C VAL E 322 -15.43 16.41 -10.59
N TRP E 323 -14.26 16.21 -11.21
CA TRP E 323 -13.78 17.17 -12.21
C TRP E 323 -14.72 17.26 -13.39
N GLU E 324 -15.29 16.10 -13.80
CA GLU E 324 -16.26 16.10 -14.90
C GLU E 324 -17.54 16.85 -14.52
N GLU E 325 -18.05 16.65 -13.30
CA GLU E 325 -19.17 17.45 -12.81
C GLU E 325 -18.87 18.94 -12.87
N LEU E 326 -17.72 19.38 -12.35
CA LEU E 326 -17.42 20.81 -12.31
C LEU E 326 -17.34 21.39 -13.71
N GLN E 327 -16.78 20.62 -14.65
CA GLN E 327 -16.70 21.07 -16.03
C GLN E 327 -18.09 21.41 -16.57
N ARG E 328 -19.11 20.57 -16.28
CA ARG E 328 -20.45 20.80 -16.77
C ARG E 328 -21.04 22.08 -16.23
N HIS E 329 -20.43 22.66 -15.20
CA HIS E 329 -20.82 23.96 -14.66
C HIS E 329 -19.74 24.99 -14.90
N HIS E 330 -18.75 24.66 -15.72
CA HIS E 330 -17.76 25.61 -16.21
C HIS E 330 -16.74 26.00 -15.13
N VAL E 331 -16.44 25.06 -14.24
CA VAL E 331 -15.40 25.23 -13.23
C VAL E 331 -14.31 24.22 -13.52
N PHE E 332 -13.06 24.68 -13.58
CA PHE E 332 -11.97 23.82 -14.05
C PHE E 332 -10.91 23.69 -12.97
N ALA E 333 -10.89 22.53 -12.32
CA ALA E 333 -9.88 22.20 -11.32
C ALA E 333 -8.89 21.22 -11.93
N LEU E 334 -8.21 20.46 -11.07
CA LEU E 334 -7.38 19.37 -11.56
C LEU E 334 -7.74 18.09 -10.83
N PRO E 335 -7.80 16.96 -11.54
CA PRO E 335 -7.82 15.66 -10.87
C PRO E 335 -6.40 15.28 -10.43
N CYS E 336 -6.32 14.63 -9.28
CA CYS E 336 -5.02 14.45 -8.64
C CYS E 336 -4.25 13.19 -9.07
N ARG E 337 -4.85 12.23 -9.81
CA ARG E 337 -4.15 10.97 -10.09
C ARG E 337 -2.73 11.19 -10.58
N GLN E 338 -2.54 12.09 -11.50
CA GLN E 338 -1.26 12.14 -12.18
C GLN E 338 -0.16 12.71 -11.33
N PHE E 339 -0.47 13.34 -10.17
CA PHE E 339 0.62 13.71 -9.25
C PHE E 339 1.32 12.46 -8.70
N HIS E 340 0.57 11.37 -8.57
CA HIS E 340 1.12 10.10 -8.12
C HIS E 340 1.62 9.31 -9.32
N TRP E 341 2.74 9.80 -9.84
CA TRP E 341 3.29 9.36 -11.09
C TRP E 341 3.73 7.91 -11.12
N ALA E 342 3.72 7.24 -10.00
CA ALA E 342 4.07 5.85 -9.96
C ALA E 342 2.88 4.98 -9.60
N GLU E 343 1.89 5.54 -8.93
CA GLU E 343 0.70 4.80 -8.55
C GLU E 343 -0.51 5.74 -8.66
N PRO E 344 -1.00 5.98 -9.89
CA PRO E 344 -2.08 6.95 -10.13
C PRO E 344 -3.32 6.81 -9.23
N SER E 345 -3.79 5.58 -8.98
CA SER E 345 -4.92 5.40 -8.07
C SER E 345 -4.70 6.01 -6.67
N ASP E 346 -3.46 6.32 -6.28
CA ASP E 346 -3.25 6.96 -4.98
C ASP E 346 -3.97 8.29 -4.90
N GLY E 347 -4.11 8.97 -6.04
CA GLY E 347 -4.79 10.24 -6.14
C GLY E 347 -6.23 10.17 -6.58
N ASP E 348 -6.79 8.96 -6.68
CA ASP E 348 -8.15 8.79 -7.19
C ASP E 348 -9.19 9.62 -6.50
N HIS E 349 -8.95 10.01 -5.26
CA HIS E 349 -10.02 10.62 -4.47
C HIS E 349 -9.73 12.06 -4.11
N MET E 350 -8.93 12.73 -4.92
CA MET E 350 -8.63 14.12 -4.65
C MET E 350 -8.73 14.94 -5.91
N VAL E 351 -9.08 16.20 -5.73
CA VAL E 351 -8.79 17.23 -6.74
C VAL E 351 -7.88 18.28 -6.12
N ARG E 352 -7.17 19.00 -6.99
CA ARG E 352 -6.35 20.15 -6.58
C ARG E 352 -7.01 21.46 -7.04
N ILE E 353 -7.06 22.43 -6.14
CA ILE E 353 -7.70 23.72 -6.34
C ILE E 353 -6.62 24.78 -6.31
N ALA E 354 -6.58 25.66 -7.30
CA ALA E 354 -5.58 26.72 -7.27
C ALA E 354 -6.07 27.90 -6.44
N LEU E 355 -5.20 28.40 -5.57
CA LEU E 355 -5.56 29.47 -4.64
C LEU E 355 -4.99 30.81 -5.03
N SER E 356 -4.04 30.83 -5.98
CA SER E 356 -3.48 32.10 -6.47
C SER E 356 -4.46 32.69 -7.49
N ARG E 357 -5.59 33.13 -6.97
CA ARG E 357 -6.69 33.68 -7.74
C ARG E 357 -7.30 34.81 -6.93
N SER E 358 -8.06 35.69 -7.60
CA SER E 358 -8.89 36.64 -6.87
C SER E 358 -9.93 35.88 -6.05
N THR E 359 -10.28 36.43 -4.91
CA THR E 359 -11.07 35.65 -3.99
C THR E 359 -12.47 35.42 -4.54
N GLU E 360 -12.97 36.37 -5.37
CA GLU E 360 -14.35 36.23 -5.86
C GLU E 360 -14.49 35.06 -6.81
N PRO E 361 -13.77 35.00 -7.92
CA PRO E 361 -13.83 33.79 -8.75
C PRO E 361 -13.57 32.49 -7.99
N LEU E 362 -12.66 32.48 -6.99
CA LEU E 362 -12.45 31.28 -6.19
C LEU E 362 -13.71 30.90 -5.45
N GLU E 363 -14.29 31.88 -4.74
CA GLU E 363 -15.48 31.63 -3.90
C GLU E 363 -16.64 31.09 -4.73
N LYS E 364 -16.89 31.72 -5.89
CA LYS E 364 -17.87 31.17 -6.82
C LYS E 364 -17.51 29.74 -7.21
N SER E 365 -16.25 29.51 -7.55
CA SER E 365 -15.87 28.15 -7.94
C SER E 365 -16.24 27.18 -6.83
N VAL E 366 -15.89 27.49 -5.57
CA VAL E 366 -16.09 26.46 -4.52
C VAL E 366 -17.57 26.32 -4.11
N GLN E 367 -18.40 27.34 -4.28
CA GLN E 367 -19.84 27.17 -4.03
C GLN E 367 -20.47 26.22 -5.04
N VAL E 368 -20.01 26.24 -6.29
CA VAL E 368 -20.43 25.19 -7.22
C VAL E 368 -19.94 23.82 -6.72
N LEU E 369 -18.68 23.71 -6.35
CA LEU E 369 -18.20 22.42 -5.78
C LEU E 369 -19.07 22.00 -4.61
N ARG E 370 -19.36 22.93 -3.69
CA ARG E 370 -20.24 22.62 -2.58
C ARG E 370 -21.56 22.02 -3.09
N THR E 371 -22.15 22.63 -4.11
CA THR E 371 -23.41 22.11 -4.63
C THR E 371 -23.20 20.73 -5.22
N VAL E 372 -22.07 20.51 -5.89
CA VAL E 372 -21.82 19.23 -6.54
C VAL E 372 -21.69 18.13 -5.50
N LEU E 373 -20.87 18.38 -4.46
CA LEU E 373 -20.67 17.38 -3.41
C LEU E 373 -21.95 17.11 -2.62
N GLU E 374 -22.80 18.12 -2.44
CA GLU E 374 -24.05 17.87 -1.72
C GLU E 374 -24.92 16.87 -2.47
N THR E 375 -24.87 16.91 -3.79
CA THR E 375 -25.68 15.96 -4.57
C THR E 375 -25.05 14.54 -4.53
N LYS F 8 35.63 27.14 -25.32
CA LYS F 8 34.39 27.59 -25.99
C LYS F 8 33.72 26.56 -26.88
N GLU F 9 32.77 25.82 -26.31
CA GLU F 9 32.22 24.60 -26.89
C GLU F 9 31.12 24.84 -27.96
N ASN F 10 30.62 26.08 -28.13
CA ASN F 10 29.66 26.39 -29.18
C ASN F 10 29.63 27.91 -29.38
N LEU F 11 28.85 28.37 -30.38
CA LEU F 11 28.86 29.79 -30.71
C LEU F 11 28.21 30.65 -29.62
N THR F 12 27.23 30.07 -28.92
CA THR F 12 26.58 30.77 -27.82
C THR F 12 27.62 31.15 -26.77
N GLN F 13 28.56 30.24 -26.48
CA GLN F 13 29.61 30.52 -25.49
C GLN F 13 30.49 31.69 -25.93
N TRP F 14 30.81 31.77 -27.23
CA TRP F 14 31.49 32.96 -27.73
C TRP F 14 30.62 34.21 -27.55
N ALA F 15 29.32 34.11 -27.86
CA ALA F 15 28.41 35.25 -27.67
C ALA F 15 28.47 35.77 -26.24
N TYR F 16 28.67 34.88 -25.25
CA TYR F 16 28.59 35.26 -23.84
C TYR F 16 29.55 36.40 -23.51
N LEU F 17 30.83 36.35 -23.96
CA LEU F 17 31.66 37.45 -23.45
C LEU F 17 31.37 38.77 -24.14
N ALA F 18 30.40 38.80 -25.05
CA ALA F 18 30.03 40.05 -25.72
C ALA F 18 28.85 40.79 -25.09
N LEU F 19 28.01 40.16 -24.25
CA LEU F 19 26.69 40.76 -24.00
C LEU F 19 26.71 41.98 -23.08
N ASN F 20 27.75 42.16 -22.26
CA ASN F 20 27.94 43.33 -21.40
C ASN F 20 28.97 44.29 -21.95
N SER F 21 29.43 44.06 -23.18
CA SER F 21 30.34 44.96 -23.87
C SER F 21 29.53 45.81 -24.84
N GLU F 22 29.86 47.10 -24.92
CA GLU F 22 29.05 48.01 -25.70
C GLU F 22 29.29 47.87 -27.21
N LEU F 23 30.43 47.31 -27.59
CA LEU F 23 30.71 47.01 -29.00
C LEU F 23 30.47 45.53 -29.28
N ASN F 24 29.25 45.13 -28.94
CA ASN F 24 28.78 43.77 -29.16
C ASN F 24 28.31 43.68 -30.60
N ILE F 25 29.02 42.90 -31.45
CA ILE F 25 28.58 42.64 -32.82
C ILE F 25 28.54 41.13 -33.04
N ALA F 26 28.08 40.40 -32.02
CA ALA F 26 28.23 38.96 -31.96
C ALA F 26 26.89 38.25 -32.13
N ASP F 27 26.09 38.22 -31.07
CA ASP F 27 24.81 37.54 -31.16
C ASP F 27 23.94 38.32 -32.14
N GLY F 28 23.00 37.60 -32.77
CA GLY F 28 22.18 38.10 -33.86
C GLY F 28 20.86 38.70 -33.47
N HIS F 29 20.58 38.76 -32.17
CA HIS F 29 19.40 39.42 -31.64
C HIS F 29 19.43 40.90 -32.01
N ALA F 30 18.26 41.51 -32.06
CA ALA F 30 18.14 42.91 -32.46
C ALA F 30 18.31 43.83 -31.26
N ARG F 31 19.38 44.65 -31.32
CA ARG F 31 19.72 45.59 -30.26
C ARG F 31 19.82 47.03 -30.75
N GLN F 32 19.34 47.32 -31.96
CA GLN F 32 19.22 48.71 -32.37
C GLN F 32 18.17 49.42 -31.53
N ALA F 33 18.07 50.72 -31.72
CA ALA F 33 17.08 51.48 -30.99
C ALA F 33 15.69 51.26 -31.57
N LEU F 34 14.69 51.41 -30.72
CA LEU F 34 13.31 51.34 -31.14
C LEU F 34 13.01 52.47 -32.12
N SER F 35 12.15 52.19 -33.09
CA SER F 35 11.62 53.25 -33.91
C SER F 35 10.62 54.07 -33.11
N PRO F 36 10.27 55.26 -33.58
CA PRO F 36 9.19 56.00 -32.94
C PRO F 36 7.89 55.21 -32.79
N GLY F 37 7.54 54.36 -33.76
CA GLY F 37 6.29 53.63 -33.66
C GLY F 37 6.36 52.49 -32.67
N GLN F 38 7.55 51.91 -32.52
CA GLN F 38 7.80 50.87 -31.53
C GLN F 38 7.90 51.45 -30.12
N GLN F 39 8.59 52.58 -29.97
CA GLN F 39 8.64 53.23 -28.68
C GLN F 39 7.24 53.64 -28.21
N LYS F 40 6.32 53.93 -29.12
CA LYS F 40 4.94 54.17 -28.72
C LYS F 40 4.31 52.92 -28.13
N ILE F 41 4.68 51.75 -28.65
CA ILE F 41 4.21 50.49 -28.10
C ILE F 41 4.72 50.31 -26.66
N VAL F 42 6.03 50.44 -26.47
CA VAL F 42 6.60 50.32 -25.13
C VAL F 42 5.84 51.22 -24.17
N ASN F 43 5.63 52.49 -24.55
CA ASN F 43 4.97 53.44 -23.65
C ASN F 43 3.54 53.00 -23.29
N GLU F 44 2.89 52.19 -24.11
CA GLU F 44 1.55 51.73 -23.77
C GLU F 44 1.58 50.36 -23.06
N LEU F 45 2.75 49.92 -22.56
CA LEU F 45 2.86 48.65 -21.86
C LEU F 45 1.86 48.50 -20.71
N PRO F 46 1.65 49.49 -19.83
CA PRO F 46 0.64 49.30 -18.76
C PRO F 46 -0.75 49.01 -19.31
N VAL F 47 -1.09 49.56 -20.47
CA VAL F 47 -2.40 49.28 -21.06
C VAL F 47 -2.41 47.88 -21.65
N LEU F 48 -1.30 47.47 -22.28
CA LEU F 48 -1.20 46.10 -22.79
C LEU F 48 -1.28 45.10 -21.66
N TRP F 49 -0.68 45.42 -20.51
CA TRP F 49 -0.71 44.52 -19.37
C TRP F 49 -2.12 44.29 -18.91
N ALA F 50 -2.89 45.37 -18.78
CA ALA F 50 -4.27 45.25 -18.36
C ALA F 50 -5.07 44.41 -19.35
N GLU F 51 -4.93 44.69 -20.65
CA GLU F 51 -5.60 43.86 -21.65
C GLU F 51 -5.17 42.40 -21.52
N SER F 52 -3.88 42.18 -21.34
CA SER F 52 -3.42 40.83 -21.12
C SER F 52 -4.03 40.21 -19.85
N GLU F 53 -4.29 41.02 -18.81
CA GLU F 53 -4.92 40.50 -17.59
C GLU F 53 -6.33 40.03 -17.86
N GLN F 54 -7.11 40.76 -18.65
CA GLN F 54 -8.53 40.50 -18.70
C GLN F 54 -8.99 39.74 -19.94
N ARG F 55 -8.26 39.78 -21.04
CA ARG F 55 -8.70 39.03 -22.20
C ARG F 55 -8.31 37.54 -22.11
N PRO F 56 -9.15 36.64 -22.61
CA PRO F 56 -8.72 35.24 -22.80
C PRO F 56 -7.51 35.13 -23.70
N VAL F 57 -6.44 34.51 -23.18
CA VAL F 57 -5.18 34.30 -23.92
C VAL F 57 -5.40 33.72 -25.31
N GLN F 58 -6.36 32.80 -25.49
CA GLN F 58 -6.57 32.24 -26.84
C GLN F 58 -6.81 33.33 -27.87
N GLN F 59 -7.59 34.36 -27.50
CA GLN F 59 -7.85 35.49 -28.41
C GLN F 59 -6.55 36.26 -28.71
N ILE F 60 -5.81 36.63 -27.68
CA ILE F 60 -4.56 37.35 -27.95
C ILE F 60 -3.64 36.48 -28.81
N GLU F 61 -3.55 35.19 -28.50
CA GLU F 61 -2.65 34.32 -29.25
C GLU F 61 -3.04 34.28 -30.72
N SER F 62 -4.34 34.17 -31.01
CA SER F 62 -4.75 34.12 -32.40
C SER F 62 -4.39 35.40 -33.15
N GLU F 63 -4.58 36.55 -32.51
CA GLU F 63 -4.27 37.83 -33.15
C GLU F 63 -2.77 37.99 -33.38
N ALA F 64 -1.93 37.48 -32.47
CA ALA F 64 -0.49 37.56 -32.65
C ALA F 64 -0.04 36.66 -33.79
N HIS F 65 -0.57 35.45 -33.84
CA HIS F 65 -0.24 34.60 -34.98
C HIS F 65 -0.75 35.24 -36.27
N GLN F 66 -2.05 35.50 -36.34
CA GLN F 66 -2.61 36.03 -37.58
C GLN F 66 -1.79 37.21 -38.07
N ALA F 67 -1.41 38.13 -37.17
CA ALA F 67 -0.69 39.32 -37.59
C ALA F 67 0.68 38.97 -38.14
N TYR F 68 1.40 38.06 -37.45
CA TYR F 68 2.78 37.80 -37.81
C TYR F 68 2.86 36.98 -39.10
N PHE F 69 1.99 35.98 -39.26
CA PHE F 69 2.00 35.16 -40.46
C PHE F 69 1.62 35.99 -41.68
N THR F 70 0.47 36.67 -41.64
CA THR F 70 0.07 37.50 -42.77
C THR F 70 1.13 38.53 -43.08
N LEU F 71 1.86 39.03 -42.07
CA LEU F 71 2.87 40.04 -42.33
C LEU F 71 3.91 39.52 -43.30
N LEU F 72 4.16 38.22 -43.28
CA LEU F 72 5.29 37.63 -43.99
C LEU F 72 4.83 36.62 -45.05
N GLY F 73 3.55 36.69 -45.43
CA GLY F 73 3.05 36.03 -46.60
C GLY F 73 2.54 34.63 -46.36
N GLN F 74 2.49 34.20 -45.11
CA GLN F 74 2.19 32.80 -44.79
C GLN F 74 0.71 32.59 -44.52
N HIS F 75 -0.09 32.95 -45.55
CA HIS F 75 -1.52 33.04 -45.38
C HIS F 75 -2.16 31.69 -45.12
N GLY F 76 -1.54 30.61 -45.62
CA GLY F 76 -2.09 29.28 -45.46
C GLY F 76 -1.69 28.55 -44.19
N TYR F 77 -1.11 29.28 -43.25
CA TYR F 77 -0.71 28.66 -42.00
C TYR F 77 -1.94 28.05 -41.31
N PRO F 78 -1.79 26.96 -40.58
CA PRO F 78 -2.95 26.33 -39.93
C PRO F 78 -3.40 27.10 -38.69
N ALA F 79 -4.57 27.69 -38.78
CA ALA F 79 -5.00 28.69 -37.81
C ALA F 79 -5.96 28.14 -36.78
N GLU F 80 -6.36 26.88 -36.91
CA GLU F 80 -7.13 26.23 -35.87
C GLU F 80 -6.35 26.27 -34.55
N PRO F 81 -7.02 26.48 -33.42
CA PRO F 81 -6.32 26.41 -32.14
C PRO F 81 -5.66 25.06 -31.91
N GLY F 82 -4.35 25.11 -31.64
CA GLY F 82 -3.55 23.96 -31.30
C GLY F 82 -2.45 23.64 -32.28
N ARG F 83 -2.51 24.20 -33.48
CA ARG F 83 -1.61 23.82 -34.55
C ARG F 83 -0.33 24.65 -34.56
N VAL F 84 -0.38 25.85 -33.98
CA VAL F 84 0.79 26.70 -33.77
C VAL F 84 1.08 26.70 -32.26
N LEU F 85 2.15 26.05 -31.85
CA LEU F 85 2.50 25.91 -30.45
C LEU F 85 3.49 27.01 -30.13
N SER F 86 3.06 27.95 -29.29
CA SER F 86 3.90 29.05 -28.82
C SER F 86 4.82 28.59 -27.70
N CYS F 87 6.12 28.88 -27.88
CA CYS F 87 7.25 28.44 -27.09
C CYS F 87 8.09 29.66 -26.73
N TYR F 88 8.79 29.57 -25.60
CA TYR F 88 9.52 30.72 -25.10
C TYR F 88 10.54 31.22 -26.09
N SER F 89 11.05 30.33 -26.97
CA SER F 89 12.05 30.68 -27.96
C SER F 89 12.08 29.60 -29.03
N SER F 90 12.73 29.92 -30.14
CA SER F 90 12.91 28.96 -31.22
C SER F 90 13.79 27.79 -30.78
N SER F 91 14.80 28.05 -29.94
CA SER F 91 15.60 26.97 -29.36
C SER F 91 14.72 25.97 -28.60
N VAL F 92 13.77 26.45 -27.81
CA VAL F 92 12.87 25.55 -27.08
C VAL F 92 12.03 24.73 -28.05
N SER F 93 11.53 25.37 -29.11
CA SER F 93 10.85 24.63 -30.17
C SER F 93 11.81 23.58 -30.75
N MET F 94 13.05 23.97 -31.02
CA MET F 94 14.04 23.03 -31.54
C MET F 94 14.20 21.83 -30.58
N GLU F 95 14.36 22.09 -29.28
CA GLU F 95 14.52 20.97 -28.35
C GLU F 95 13.29 20.07 -28.37
N ILE F 96 12.08 20.63 -28.45
CA ILE F 96 10.88 19.81 -28.51
C ILE F 96 10.93 18.87 -29.74
N LEU F 97 11.27 19.44 -30.91
CA LEU F 97 11.33 18.68 -32.16
C LEU F 97 12.43 17.63 -32.11
N ALA F 98 13.64 18.04 -31.74
CA ALA F 98 14.73 17.09 -31.66
C ALA F 98 14.36 15.90 -30.79
N ARG F 99 13.84 16.18 -29.60
CA ARG F 99 13.48 15.10 -28.71
C ARG F 99 12.29 14.29 -29.24
N SER F 100 11.39 14.93 -29.98
CA SER F 100 10.30 14.18 -30.57
C SER F 100 10.85 13.26 -31.65
N LEU F 101 11.84 13.74 -32.41
CA LEU F 101 12.35 12.94 -33.51
C LEU F 101 12.97 11.67 -32.97
N SER F 102 13.71 11.78 -31.86
CA SER F 102 14.52 10.67 -31.38
C SER F 102 13.65 9.45 -31.13
N ALA F 103 12.36 9.63 -30.94
CA ALA F 103 11.46 8.51 -30.72
C ALA F 103 11.37 7.60 -31.95
N SER F 104 11.45 8.16 -33.15
CA SER F 104 11.14 7.38 -34.36
C SER F 104 12.12 7.59 -35.50
N VAL F 105 13.24 8.30 -35.28
CA VAL F 105 14.19 8.65 -36.32
C VAL F 105 15.60 8.43 -35.82
N ASP F 106 16.48 8.00 -36.69
CA ASP F 106 17.86 7.76 -36.27
C ASP F 106 18.82 8.73 -36.87
N ARG F 107 18.49 9.33 -38.01
CA ARG F 107 19.44 10.17 -38.74
C ARG F 107 18.72 11.34 -39.36
N VAL F 108 19.41 12.47 -39.41
CA VAL F 108 18.81 13.69 -39.91
C VAL F 108 19.74 14.29 -40.94
N ALA F 109 19.15 14.68 -42.06
CA ALA F 109 19.86 15.39 -43.11
C ALA F 109 19.70 16.87 -42.83
N LEU F 110 20.83 17.57 -42.72
CA LEU F 110 20.84 18.94 -42.23
C LEU F 110 21.73 19.81 -43.08
N VAL F 111 21.17 20.93 -43.54
CA VAL F 111 21.93 21.92 -44.28
C VAL F 111 23.16 22.29 -43.48
N HIS F 112 24.25 22.50 -44.21
CA HIS F 112 25.54 22.75 -43.67
C HIS F 112 26.17 23.81 -44.56
N PRO F 113 26.63 24.92 -44.01
CA PRO F 113 26.55 25.35 -42.62
C PRO F 113 25.15 25.80 -42.17
N THR F 114 25.02 25.98 -40.86
CA THR F 114 23.80 26.49 -40.26
C THR F 114 24.12 26.81 -38.81
N PHE F 115 23.19 27.46 -38.11
CA PHE F 115 23.50 27.85 -36.74
C PHE F 115 23.68 26.60 -35.88
N ASP F 116 24.73 26.60 -35.05
CA ASP F 116 25.22 25.33 -34.50
C ASP F 116 24.32 24.73 -33.43
N ASN F 117 23.47 25.51 -32.76
CA ASN F 117 22.64 24.86 -31.74
C ASN F 117 21.66 23.90 -32.38
N ILE F 118 21.35 24.09 -33.66
CA ILE F 118 20.51 23.12 -34.38
C ILE F 118 21.21 21.77 -34.42
N ALA F 119 22.50 21.77 -34.76
CA ALA F 119 23.26 20.51 -34.71
C ALA F 119 23.30 19.96 -33.28
N ASP F 120 23.69 20.81 -32.32
CA ASP F 120 23.95 20.30 -30.97
C ASP F 120 22.68 19.82 -30.26
N LEU F 121 21.55 20.48 -30.50
CA LEU F 121 20.31 19.96 -29.95
C LEU F 121 19.94 18.63 -30.58
N LEU F 122 20.13 18.48 -31.90
CA LEU F 122 19.88 17.20 -32.55
C LEU F 122 20.85 16.13 -32.04
N ARG F 123 22.15 16.45 -32.02
CA ARG F 123 23.11 15.48 -31.52
C ARG F 123 22.85 15.18 -30.04
N GLY F 124 22.57 16.24 -29.27
CA GLY F 124 22.33 16.09 -27.84
C GLY F 124 21.16 15.18 -27.53
N ASN F 125 20.20 15.09 -28.45
CA ASN F 125 19.05 14.21 -28.30
C ASN F 125 19.24 12.88 -29.04
N GLY F 126 20.47 12.53 -29.39
CA GLY F 126 20.74 11.23 -29.96
C GLY F 126 20.40 11.04 -31.43
N LEU F 127 20.35 12.11 -32.21
CA LEU F 127 20.19 11.99 -33.65
C LEU F 127 21.55 12.10 -34.33
N ASP F 128 21.78 11.22 -35.30
CA ASP F 128 22.97 11.25 -36.14
C ASP F 128 22.68 12.18 -37.30
N LEU F 129 23.68 12.97 -37.67
CA LEU F 129 23.50 14.06 -38.61
C LEU F 129 24.31 13.79 -39.86
N VAL F 130 23.69 14.02 -41.02
CA VAL F 130 24.41 13.94 -42.28
C VAL F 130 24.24 15.27 -43.00
N PRO F 131 25.34 15.97 -43.29
CA PRO F 131 25.24 17.30 -43.86
C PRO F 131 24.79 17.28 -45.32
N VAL F 132 24.35 18.45 -45.75
CA VAL F 132 23.94 18.67 -47.12
C VAL F 132 24.38 20.09 -47.47
N GLU F 133 25.43 20.20 -48.29
CA GLU F 133 25.98 21.50 -48.62
C GLU F 133 24.96 22.31 -49.41
N GLU F 134 25.09 23.63 -49.32
CA GLU F 134 24.06 24.52 -49.86
C GLU F 134 23.90 24.35 -51.38
N ASP F 135 25.01 24.41 -52.13
CA ASP F 135 24.97 24.19 -53.58
C ASP F 135 24.11 22.98 -53.96
N ALA F 136 24.43 21.81 -53.41
CA ALA F 136 23.59 20.63 -53.62
C ALA F 136 22.17 20.82 -53.11
N LEU F 137 22.03 21.36 -51.89
CA LEU F 137 20.69 21.53 -51.34
C LEU F 137 19.78 22.24 -52.34
N HIS F 138 20.21 23.41 -52.81
CA HIS F 138 19.35 24.20 -53.69
C HIS F 138 19.41 23.71 -55.13
N GLY F 139 20.63 23.47 -55.62
CA GLY F 139 20.81 23.15 -57.04
C GLY F 139 19.98 21.96 -57.49
N ALA F 140 20.01 20.86 -56.73
CA ALA F 140 19.66 19.55 -57.26
C ALA F 140 18.77 18.76 -56.30
N ASP F 141 18.09 17.76 -56.87
CA ASP F 141 17.37 16.77 -56.08
C ASP F 141 18.34 16.20 -55.05
N LEU F 142 17.82 15.58 -54.00
CA LEU F 142 18.66 14.82 -53.09
C LEU F 142 18.65 13.39 -53.56
N SER F 143 19.79 12.71 -53.42
CA SER F 143 19.86 11.33 -53.86
C SER F 143 18.76 10.50 -53.20
N ALA F 144 18.39 9.40 -53.86
CA ALA F 144 17.53 8.44 -53.18
C ALA F 144 18.30 7.66 -52.13
N GLU F 145 19.62 7.56 -52.26
CA GLU F 145 20.42 6.92 -51.21
C GLU F 145 20.23 7.67 -49.89
N LEU F 146 20.21 9.01 -49.96
CA LEU F 146 20.08 9.85 -48.79
C LEU F 146 18.68 9.73 -48.16
N LEU F 147 17.64 10.04 -48.93
CA LEU F 147 16.28 10.14 -48.39
C LEU F 147 15.83 8.86 -47.71
N SER F 148 16.37 7.73 -48.15
CA SER F 148 16.06 6.45 -47.52
C SER F 148 16.93 6.17 -46.29
N SER F 149 18.03 6.91 -46.10
CA SER F 149 18.93 6.71 -44.97
C SER F 149 18.71 7.71 -43.85
N VAL F 150 17.55 8.38 -43.86
CA VAL F 150 17.34 9.57 -43.06
C VAL F 150 15.84 9.69 -42.83
N GLY F 151 15.46 9.89 -41.56
CA GLY F 151 14.07 10.06 -41.22
C GLY F 151 13.57 11.46 -41.34
N CYS F 152 14.47 12.42 -41.51
CA CYS F 152 14.06 13.81 -41.54
C CYS F 152 15.06 14.58 -42.35
N VAL F 153 14.57 15.66 -42.98
CA VAL F 153 15.42 16.62 -43.70
C VAL F 153 15.15 18.00 -43.14
N PHE F 154 16.22 18.73 -42.81
CA PHE F 154 16.11 19.94 -42.02
C PHE F 154 16.81 21.07 -42.73
N VAL F 155 16.05 22.11 -43.09
CA VAL F 155 16.60 23.26 -43.81
C VAL F 155 16.33 24.53 -43.02
N THR F 156 17.39 25.32 -42.81
CA THR F 156 17.25 26.67 -42.28
C THR F 156 17.14 27.62 -43.47
N THR F 157 16.05 28.38 -43.55
CA THR F 157 15.87 29.27 -44.69
C THR F 157 15.06 30.50 -44.33
N PRO F 158 15.61 31.71 -44.45
CA PRO F 158 16.97 32.06 -44.86
C PRO F 158 18.03 31.50 -43.90
N ASN F 159 18.99 30.76 -44.47
CA ASN F 159 20.00 30.12 -43.64
C ASN F 159 20.73 31.16 -42.80
N ASN F 160 21.32 30.68 -41.72
CA ASN F 160 22.20 31.45 -40.86
C ASN F 160 23.51 30.68 -40.88
N PRO F 161 24.63 31.30 -41.27
CA PRO F 161 24.99 32.69 -41.49
C PRO F 161 24.93 33.27 -42.90
N THR F 162 24.39 32.52 -43.87
CA THR F 162 24.67 32.82 -45.27
C THR F 162 23.63 33.72 -45.91
N GLY F 163 22.43 33.82 -45.34
CA GLY F 163 21.32 34.53 -45.98
C GLY F 163 20.59 33.74 -47.06
N ARG F 164 21.03 32.54 -47.37
CA ARG F 164 20.56 31.82 -48.54
C ARG F 164 19.11 31.36 -48.39
N VAL F 165 18.25 31.83 -49.27
CA VAL F 165 16.85 31.45 -49.27
C VAL F 165 16.65 30.24 -50.17
N LEU F 166 15.95 29.25 -49.63
CA LEU F 166 15.41 28.16 -50.42
C LEU F 166 14.19 28.66 -51.21
N ALA F 167 14.26 28.54 -52.56
CA ALA F 167 13.25 29.09 -53.45
C ALA F 167 12.02 28.20 -53.55
N GLU F 168 10.88 28.84 -53.88
CA GLU F 168 9.61 28.13 -53.93
C GLU F 168 9.70 26.87 -54.76
N GLU F 169 10.36 26.94 -55.90
CA GLU F 169 10.41 25.79 -56.79
C GLU F 169 11.06 24.61 -56.09
N ARG F 170 12.20 24.84 -55.48
CA ARG F 170 12.97 23.77 -54.87
C ARG F 170 12.29 23.22 -53.61
N LEU F 171 11.72 24.10 -52.79
CA LEU F 171 10.97 23.65 -51.62
C LEU F 171 9.89 22.66 -52.01
N ARG F 172 9.16 22.95 -53.10
CA ARG F 172 8.06 22.07 -53.50
C ARG F 172 8.58 20.72 -53.95
N ARG F 173 9.75 20.69 -54.59
CA ARG F 173 10.34 19.42 -55.00
C ARG F 173 10.89 18.68 -53.79
N LEU F 174 11.62 19.38 -52.93
CA LEU F 174 12.08 18.78 -51.68
C LEU F 174 10.91 18.18 -50.92
N ALA F 175 9.82 18.94 -50.76
CA ALA F 175 8.64 18.42 -50.08
C ALA F 175 8.15 17.15 -50.75
N GLU F 176 8.05 17.16 -52.09
CA GLU F 176 7.52 16.02 -52.83
C GLU F 176 8.40 14.80 -52.67
N GLN F 177 9.72 14.97 -52.83
CA GLN F 177 10.65 13.91 -52.47
C GLN F 177 10.29 13.31 -51.11
N CYS F 178 10.21 14.16 -50.07
CA CYS F 178 9.91 13.64 -48.73
C CYS F 178 8.56 12.93 -48.69
N ALA F 179 7.59 13.41 -49.46
CA ALA F 179 6.28 12.74 -49.45
C ALA F 179 6.42 11.29 -49.89
N GLU F 180 7.27 11.01 -50.89
CA GLU F 180 7.34 9.67 -51.46
C GLU F 180 8.23 8.72 -50.64
N HIS F 181 9.00 9.24 -49.69
CA HIS F 181 9.73 8.42 -48.73
C HIS F 181 9.11 8.42 -47.33
N GLY F 182 8.05 9.20 -47.08
CA GLY F 182 7.52 9.33 -45.72
C GLY F 182 8.50 9.99 -44.78
N THR F 183 9.37 10.83 -45.32
CA THR F 183 10.37 11.56 -44.57
C THR F 183 9.77 12.87 -44.07
N VAL F 184 10.36 13.38 -42.99
CA VAL F 184 9.92 14.64 -42.37
C VAL F 184 10.77 15.77 -42.94
N LEU F 185 10.10 16.77 -43.48
CA LEU F 185 10.75 17.98 -43.96
C LEU F 185 10.56 19.06 -42.90
N ALA F 186 11.66 19.62 -42.42
CA ALA F 186 11.59 20.56 -41.31
C ALA F 186 12.36 21.82 -41.64
N LEU F 187 11.71 22.96 -41.42
CA LEU F 187 12.25 24.25 -41.79
C LEU F 187 12.38 25.11 -40.56
N ASP F 188 13.55 25.70 -40.38
CA ASP F 188 13.77 26.77 -39.40
C ASP F 188 13.78 28.09 -40.18
N THR F 189 12.78 28.91 -39.91
CA THR F 189 12.55 30.14 -40.66
C THR F 189 12.68 31.34 -39.76
N SER F 190 13.65 31.25 -38.85
CA SER F 190 13.88 32.30 -37.88
C SER F 190 14.10 33.65 -38.57
N PHE F 191 14.79 33.64 -39.72
CA PHE F 191 15.16 34.87 -40.39
C PHE F 191 14.18 35.32 -41.43
N ARG F 192 12.99 34.73 -41.45
CA ARG F 192 12.08 34.93 -42.56
C ARG F 192 11.80 36.40 -42.83
N GLY F 193 11.69 37.20 -41.77
CA GLY F 193 11.27 38.57 -41.93
C GLY F 193 12.26 39.47 -42.61
N PHE F 194 13.51 39.05 -42.80
CA PHE F 194 14.53 39.96 -43.32
C PHE F 194 14.63 39.99 -44.85
N ASP F 195 13.90 39.14 -45.55
CA ASP F 195 14.18 38.92 -46.98
C ASP F 195 12.92 38.48 -47.70
N ALA F 196 12.34 39.35 -48.53
CA ALA F 196 11.06 39.05 -49.17
C ALA F 196 11.10 37.80 -50.05
N ALA F 197 12.29 37.30 -50.42
CA ALA F 197 12.32 36.04 -51.14
C ALA F 197 11.74 34.91 -50.31
N ALA F 198 11.59 35.13 -49.01
CA ALA F 198 11.12 34.10 -48.08
C ALA F 198 9.64 34.27 -47.75
N HIS F 199 8.95 35.18 -48.44
CA HIS F 199 7.59 35.48 -48.07
C HIS F 199 6.58 34.85 -49.02
N TYR F 200 7.01 33.98 -49.93
CA TYR F 200 6.04 33.14 -50.62
C TYR F 200 5.47 32.16 -49.60
N ASP F 201 4.15 31.97 -49.65
CA ASP F 201 3.44 31.10 -48.73
C ASP F 201 4.01 29.69 -48.65
N HIS F 202 4.90 29.42 -47.67
CA HIS F 202 5.44 28.07 -47.51
C HIS F 202 4.36 27.06 -47.10
N TYR F 203 3.34 27.49 -46.37
CA TYR F 203 2.36 26.53 -45.90
C TYR F 203 1.51 25.99 -47.03
N ALA F 204 1.30 26.81 -48.06
CA ALA F 204 0.67 26.37 -49.29
C ALA F 204 1.43 25.22 -49.95
N VAL F 205 2.73 25.39 -50.20
CA VAL F 205 3.42 24.35 -50.92
C VAL F 205 3.52 23.10 -50.04
N LEU F 206 3.70 23.29 -48.73
CA LEU F 206 3.83 22.13 -47.86
C LEU F 206 2.54 21.32 -47.80
N GLN F 207 1.41 21.98 -47.61
CA GLN F 207 0.16 21.25 -47.54
C GLN F 207 -0.20 20.64 -48.90
N GLU F 208 0.24 21.27 -50.00
CA GLU F 208 0.01 20.70 -51.34
C GLU F 208 0.79 19.42 -51.53
N ALA F 209 2.12 19.50 -51.39
CA ALA F 209 2.96 18.30 -51.48
C ALA F 209 2.43 17.17 -50.62
N GLY F 210 1.74 17.49 -49.54
CA GLY F 210 1.12 16.49 -48.69
C GLY F 210 2.07 15.67 -47.84
N CYS F 211 3.30 16.11 -47.64
CA CYS F 211 4.25 15.35 -46.85
C CYS F 211 4.06 15.59 -45.35
N ARG F 212 4.94 14.95 -44.57
CA ARG F 212 5.09 15.25 -43.15
C ARG F 212 6.07 16.41 -42.97
N TRP F 213 5.63 17.46 -42.27
CA TRP F 213 6.47 18.65 -42.19
C TRP F 213 6.31 19.33 -40.85
N VAL F 214 7.36 20.09 -40.53
CA VAL F 214 7.46 20.93 -39.35
C VAL F 214 8.20 22.21 -39.73
N VAL F 215 7.69 23.34 -39.26
CA VAL F 215 8.37 24.62 -39.39
C VAL F 215 8.37 25.31 -38.03
N ILE F 216 9.53 25.86 -37.69
CA ILE F 216 9.78 26.65 -36.50
C ILE F 216 9.89 28.09 -36.95
N GLU F 217 8.91 28.90 -36.60
CA GLU F 217 9.03 30.34 -36.79
C GLU F 217 9.60 31.02 -35.54
N ASP F 218 10.01 32.27 -35.69
CA ASP F 218 10.69 32.97 -34.60
C ASP F 218 10.52 34.46 -34.78
N THR F 219 9.87 35.11 -33.80
CA THR F 219 9.67 36.56 -33.77
C THR F 219 10.88 37.33 -33.25
N GLY F 220 11.98 36.66 -32.88
CA GLY F 220 13.01 37.27 -32.07
C GLY F 220 14.07 38.11 -32.74
N LYS F 221 14.52 37.69 -33.90
CA LYS F 221 15.64 38.38 -34.52
C LYS F 221 15.25 39.69 -35.17
N LEU F 222 13.96 39.90 -35.35
CA LEU F 222 13.45 40.98 -36.18
C LEU F 222 13.42 42.34 -35.51
N TRP F 223 12.96 42.39 -34.24
CA TRP F 223 12.70 43.67 -33.59
C TRP F 223 13.49 43.76 -32.29
N PRO F 224 13.90 44.95 -31.87
CA PRO F 224 14.55 45.08 -30.54
C PRO F 224 13.58 45.10 -29.36
N THR F 225 13.05 43.93 -29.03
CA THR F 225 12.12 43.73 -27.92
C THR F 225 12.79 43.13 -26.66
N LEU F 226 14.09 43.31 -26.48
CA LEU F 226 14.74 42.86 -25.26
C LEU F 226 14.51 41.37 -25.02
N ASP F 227 14.53 40.58 -26.09
CA ASP F 227 14.43 39.11 -25.98
C ASP F 227 13.07 38.65 -25.45
N LEU F 228 12.06 39.49 -25.56
CA LEU F 228 10.68 39.07 -25.43
C LEU F 228 10.25 38.62 -26.80
N LYS F 229 9.87 37.35 -26.93
CA LYS F 229 9.75 36.70 -28.22
C LYS F 229 8.99 35.39 -28.05
N ALA F 230 8.81 34.70 -29.15
CA ALA F 230 8.24 33.37 -29.12
C ALA F 230 8.74 32.62 -30.34
N GLY F 231 9.07 31.34 -30.15
CA GLY F 231 9.18 30.42 -31.25
C GLY F 231 7.81 29.84 -31.52
N LEU F 232 7.52 29.60 -32.78
CA LEU F 232 6.22 29.05 -33.17
C LEU F 232 6.44 27.71 -33.84
N LEU F 233 5.90 26.64 -33.24
CA LEU F 233 6.15 25.29 -33.69
C LEU F 233 4.90 24.83 -34.40
N VAL F 234 5.02 24.64 -35.73
CA VAL F 234 3.90 24.33 -36.63
C VAL F 234 4.15 22.97 -37.30
N PHE F 235 3.14 22.12 -37.33
CA PHE F 235 3.31 20.75 -37.76
C PHE F 235 2.10 20.30 -38.57
N SER F 236 2.36 19.39 -39.52
CA SER F 236 1.29 18.76 -40.26
C SER F 236 0.52 17.81 -39.35
N GLU F 237 -0.76 17.59 -39.66
CA GLU F 237 -1.59 16.74 -38.83
C GLU F 237 -1.06 15.31 -38.77
N ASP F 238 -0.27 14.90 -39.76
CA ASP F 238 0.23 13.54 -39.86
C ASP F 238 1.66 13.41 -39.38
N ILE F 239 2.18 14.42 -38.68
CA ILE F 239 3.60 14.45 -38.38
C ILE F 239 4.03 13.16 -37.70
N GLY F 240 3.13 12.52 -36.95
CA GLY F 240 3.50 11.26 -36.32
C GLY F 240 4.71 11.38 -35.43
N LEU F 241 4.91 12.54 -34.87
CA LEU F 241 5.87 12.79 -33.82
C LEU F 241 5.09 13.20 -32.58
N PRO F 242 5.68 13.07 -31.39
CA PRO F 242 5.00 13.53 -30.17
C PRO F 242 5.30 14.98 -29.80
N VAL F 243 5.34 15.92 -30.75
CA VAL F 243 5.72 17.28 -30.42
C VAL F 243 4.70 17.90 -29.48
N GLU F 244 3.46 17.45 -29.56
CA GLU F 244 2.40 17.97 -28.72
C GLU F 244 2.50 17.46 -27.30
N LYS F 245 2.84 16.18 -27.13
CA LYS F 245 3.01 15.64 -25.79
C LYS F 245 4.22 16.27 -25.10
N ILE F 246 5.33 16.38 -25.81
CA ILE F 246 6.53 16.92 -25.22
C ILE F 246 6.39 18.42 -24.98
N TYR F 247 5.72 19.13 -25.88
CA TYR F 247 5.46 20.54 -25.63
C TYR F 247 4.71 20.72 -24.33
N SER F 248 3.76 19.84 -24.01
CA SER F 248 2.98 20.03 -22.79
C SER F 248 3.74 19.58 -21.56
N ASP F 249 4.71 18.70 -21.71
CA ASP F 249 5.62 18.49 -20.61
C ASP F 249 6.35 19.78 -20.25
N ILE F 250 6.70 20.59 -21.24
CA ILE F 250 7.57 21.72 -20.98
C ILE F 250 6.80 22.99 -20.61
N LEU F 251 5.70 23.34 -21.28
CA LEU F 251 5.03 24.57 -20.92
C LEU F 251 3.53 24.48 -21.15
N LEU F 252 2.84 25.32 -20.37
CA LEU F 252 1.43 25.61 -20.50
C LEU F 252 1.17 26.59 -21.64
N GLY F 253 2.15 27.41 -21.99
CA GLY F 253 1.93 28.52 -22.88
C GLY F 253 2.91 29.61 -22.52
N VAL F 254 2.91 30.65 -23.34
CA VAL F 254 3.79 31.79 -23.13
C VAL F 254 2.95 32.92 -22.55
N SER F 255 3.62 33.99 -22.12
CA SER F 255 2.97 35.14 -21.52
C SER F 255 1.99 35.78 -22.50
N PRO F 256 0.74 36.01 -22.12
CA PRO F 256 -0.17 36.79 -23.00
C PRO F 256 0.33 38.20 -23.32
N LEU F 257 1.18 38.77 -22.47
CA LEU F 257 1.77 40.07 -22.77
C LEU F 257 2.82 39.96 -23.86
N ILE F 258 3.57 38.85 -23.89
CA ILE F 258 4.52 38.64 -24.98
C ILE F 258 3.76 38.50 -26.27
N LEU F 259 2.62 37.83 -26.21
CA LEU F 259 1.83 37.64 -27.41
C LEU F 259 1.19 38.95 -27.84
N ALA F 260 0.74 39.76 -26.87
CA ALA F 260 0.21 41.07 -27.21
C ALA F 260 1.29 41.93 -27.85
N LEU F 261 2.52 41.81 -27.39
CA LEU F 261 3.62 42.59 -27.92
C LEU F 261 3.94 42.16 -29.36
N ILE F 262 3.88 40.86 -29.66
CA ILE F 262 4.12 40.40 -31.02
C ILE F 262 3.05 40.94 -31.94
N ARG F 263 1.79 40.92 -31.49
CA ARG F 263 0.71 41.52 -32.26
C ARG F 263 1.04 42.94 -32.66
N GLU F 264 1.42 43.78 -31.68
CA GLU F 264 1.55 45.21 -31.93
C GLU F 264 2.78 45.54 -32.79
N PHE F 265 3.92 44.90 -32.53
CA PHE F 265 5.10 45.07 -33.37
C PHE F 265 4.87 44.59 -34.81
N SER F 266 4.09 43.51 -35.00
CA SER F 266 3.68 43.05 -36.33
C SER F 266 2.84 44.12 -37.04
N ARG F 267 1.83 44.64 -36.34
CA ARG F 267 0.97 45.66 -36.94
C ARG F 267 1.77 46.92 -37.26
N ASP F 268 2.82 47.21 -36.48
CA ASP F 268 3.67 48.34 -36.77
C ASP F 268 4.53 48.06 -37.98
N ALA F 269 4.87 46.79 -38.19
CA ALA F 269 5.72 46.47 -39.32
C ALA F 269 4.92 46.50 -40.60
N ALA F 270 3.63 46.15 -40.52
CA ALA F 270 2.72 46.18 -41.67
C ALA F 270 2.22 47.58 -42.04
N ASP F 271 2.33 48.56 -41.14
CA ASP F 271 2.05 49.95 -41.46
C ASP F 271 3.33 50.69 -41.79
N GLY F 272 4.35 49.96 -42.25
CA GLY F 272 5.58 50.56 -42.74
C GLY F 272 6.84 50.22 -41.99
N GLY F 273 6.75 49.56 -40.83
CA GLY F 273 7.95 49.23 -40.06
C GLY F 273 8.84 48.20 -40.72
N LEU F 274 8.26 47.23 -41.42
CA LEU F 274 9.11 46.21 -42.06
C LEU F 274 9.97 46.80 -43.17
N ALA F 275 9.38 47.67 -44.00
CA ALA F 275 10.20 48.35 -45.00
C ALA F 275 11.31 49.15 -44.34
N ASP F 276 10.98 49.88 -43.27
CA ASP F 276 12.01 50.60 -42.55
C ASP F 276 13.11 49.65 -42.11
N LEU F 277 12.74 48.48 -41.58
CA LEU F 277 13.74 47.53 -41.10
C LEU F 277 14.67 47.10 -42.22
N HIS F 278 14.09 46.68 -43.35
CA HIS F 278 14.88 46.32 -44.52
C HIS F 278 15.83 47.44 -44.91
N ALA F 279 15.30 48.67 -44.97
CA ALA F 279 16.15 49.82 -45.28
C ALA F 279 17.27 49.97 -44.25
N PHE F 280 16.97 49.74 -42.96
CA PHE F 280 18.00 49.89 -41.93
C PHE F 280 19.06 48.81 -42.05
N ILE F 281 18.63 47.56 -42.24
CA ILE F 281 19.58 46.45 -42.34
C ILE F 281 20.48 46.65 -43.55
N LEU F 282 19.89 47.09 -44.67
CA LEU F 282 20.66 47.37 -45.87
C LEU F 282 21.71 48.44 -45.62
N HIS F 283 21.30 49.55 -45.00
CA HIS F 283 22.24 50.64 -44.72
C HIS F 283 23.43 50.13 -43.88
N ASN F 284 23.15 49.35 -42.85
CA ASN F 284 24.25 48.86 -42.03
C ASN F 284 25.14 47.87 -42.80
N ARG F 285 24.55 47.07 -43.71
CA ARG F 285 25.35 46.18 -44.55
C ARG F 285 26.27 46.98 -45.50
N SER F 286 25.78 48.10 -46.04
CA SER F 286 26.62 48.99 -46.85
C SER F 286 27.74 49.59 -46.03
N VAL F 287 27.41 50.05 -44.82
CA VAL F 287 28.43 50.57 -43.91
C VAL F 287 29.58 49.57 -43.77
N VAL F 288 29.23 48.30 -43.63
CA VAL F 288 30.23 47.25 -43.45
C VAL F 288 31.04 47.04 -44.73
N ARG F 289 30.36 46.96 -45.87
CA ARG F 289 31.08 46.63 -47.11
C ARG F 289 31.92 47.80 -47.57
N ARG F 290 31.39 49.01 -47.46
CA ARG F 290 32.14 50.21 -47.77
C ARG F 290 33.44 50.30 -46.98
N ALA F 291 33.42 49.93 -45.71
CA ALA F 291 34.64 50.05 -44.94
C ALA F 291 35.63 48.95 -45.27
N LEU F 292 35.20 47.92 -45.99
CA LEU F 292 35.98 46.67 -46.00
C LEU F 292 36.09 45.99 -47.36
N ALA F 293 35.24 46.29 -48.35
CA ALA F 293 35.31 45.60 -49.63
C ALA F 293 36.66 45.77 -50.32
N GLY F 294 37.36 46.88 -50.06
CA GLY F 294 38.62 47.20 -50.68
C GLY F 294 39.87 46.79 -49.93
N VAL F 295 39.77 46.12 -48.78
CA VAL F 295 40.97 45.72 -48.05
C VAL F 295 41.60 44.50 -48.70
N GLU F 296 42.91 44.55 -48.93
CA GLU F 296 43.67 43.44 -49.46
C GLU F 296 43.25 42.11 -48.82
N GLY F 297 42.50 41.29 -49.55
CA GLY F 297 42.27 39.91 -49.18
C GLY F 297 40.99 39.63 -48.42
N VAL F 298 40.07 40.57 -48.36
CA VAL F 298 38.79 40.39 -47.70
C VAL F 298 37.69 40.32 -48.74
N SER F 299 36.76 39.39 -48.56
CA SER F 299 35.65 39.21 -49.48
C SER F 299 34.38 38.98 -48.69
N PHE F 300 33.23 39.16 -49.35
CA PHE F 300 31.95 38.91 -48.69
C PHE F 300 31.23 37.72 -49.31
N PRO F 301 31.25 36.56 -48.67
CA PRO F 301 30.85 35.33 -49.38
C PRO F 301 29.39 35.27 -49.81
N ASP F 302 28.51 36.05 -49.16
CA ASP F 302 27.09 36.08 -49.47
C ASP F 302 26.84 37.47 -50.01
N PRO F 303 27.03 37.68 -51.33
CA PRO F 303 26.81 39.03 -51.86
C PRO F 303 25.36 39.46 -51.81
N GLU F 304 24.41 38.54 -51.89
CA GLU F 304 23.02 38.96 -51.93
C GLU F 304 22.26 38.70 -50.63
N SER F 305 22.97 38.52 -49.51
CA SER F 305 22.30 38.30 -48.23
C SER F 305 21.53 39.54 -47.83
N ARG F 306 20.28 39.34 -47.44
CA ARG F 306 19.46 40.38 -46.81
C ARG F 306 19.28 40.13 -45.31
N SER F 307 20.07 39.21 -44.74
CA SER F 307 19.90 38.72 -43.38
C SER F 307 20.61 39.63 -42.40
N SER F 308 20.10 39.70 -41.16
CA SER F 308 20.61 40.67 -40.19
C SER F 308 21.97 40.28 -39.62
N VAL F 309 22.54 39.17 -40.05
CA VAL F 309 23.97 38.92 -39.85
C VAL F 309 24.64 38.81 -41.21
N GLU F 310 25.95 38.98 -41.18
CA GLU F 310 26.79 39.14 -42.34
C GLU F 310 28.11 38.45 -42.10
N ARG F 311 28.51 37.58 -43.02
CA ARG F 311 29.84 37.03 -42.98
C ARG F 311 30.88 37.95 -43.65
N VAL F 312 32.13 37.88 -43.16
CA VAL F 312 33.31 38.49 -43.80
C VAL F 312 34.44 37.46 -43.82
N ALA F 313 35.13 37.38 -44.95
CA ALA F 313 36.27 36.48 -45.13
C ALA F 313 37.51 37.30 -45.45
N PHE F 314 38.68 36.77 -45.06
CA PHE F 314 39.93 37.53 -45.13
C PHE F 314 41.04 36.64 -45.65
N ALA F 315 42.15 37.27 -45.98
CA ALA F 315 43.20 36.66 -46.78
C ALA F 315 43.82 35.46 -46.10
N GLY F 316 44.73 35.72 -45.17
CA GLY F 316 45.56 34.66 -44.61
C GLY F 316 45.65 34.80 -43.11
N ARG F 317 44.48 34.90 -42.50
CA ARG F 317 44.30 34.99 -41.06
C ARG F 317 43.09 34.14 -40.73
N THR F 318 43.04 33.63 -39.52
CA THR F 318 41.95 32.72 -39.16
C THR F 318 40.89 33.47 -38.37
N GLY F 319 39.65 32.96 -38.46
CA GLY F 319 38.55 33.59 -37.77
C GLY F 319 38.82 33.75 -36.30
N THR F 320 39.49 32.77 -35.70
CA THR F 320 39.82 32.86 -34.28
C THR F 320 40.89 33.94 -34.05
N GLU F 321 41.92 33.95 -34.89
CA GLU F 321 42.98 34.97 -34.83
C GLU F 321 42.42 36.38 -34.90
N VAL F 322 41.51 36.62 -35.84
CA VAL F 322 40.93 37.95 -36.00
C VAL F 322 40.06 38.29 -34.80
N TRP F 323 39.27 37.33 -34.35
CA TRP F 323 38.46 37.57 -33.17
C TRP F 323 39.32 37.94 -31.97
N GLU F 324 40.43 37.23 -31.78
CA GLU F 324 41.35 37.53 -30.68
C GLU F 324 41.78 38.99 -30.72
N GLU F 325 42.01 39.51 -31.92
CA GLU F 325 42.50 40.87 -32.06
C GLU F 325 41.38 41.89 -31.90
N LEU F 326 40.18 41.61 -32.42
CA LEU F 326 39.04 42.47 -32.10
C LEU F 326 38.78 42.51 -30.58
N GLN F 327 38.94 41.36 -29.89
CA GLN F 327 38.71 41.34 -28.44
C GLN F 327 39.64 42.29 -27.70
N ARG F 328 40.93 42.29 -28.06
CA ARG F 328 41.89 43.18 -27.40
C ARG F 328 41.48 44.63 -27.50
N HIS F 329 40.65 44.98 -28.49
CA HIS F 329 40.12 46.32 -28.66
C HIS F 329 38.64 46.38 -28.31
N HIS F 330 38.15 45.37 -27.58
CA HIS F 330 36.83 45.37 -26.93
C HIS F 330 35.68 45.31 -27.94
N VAL F 331 35.93 44.60 -29.04
CA VAL F 331 34.94 44.32 -30.07
C VAL F 331 34.80 42.79 -30.14
N PHE F 332 33.56 42.31 -30.09
CA PHE F 332 33.27 40.89 -30.03
C PHE F 332 32.39 40.48 -31.23
N ALA F 333 32.99 39.74 -32.14
CA ALA F 333 32.28 39.08 -33.23
C ALA F 333 32.25 37.59 -32.91
N LEU F 334 31.89 36.76 -33.90
CA LEU F 334 31.89 35.30 -33.77
C LEU F 334 32.87 34.67 -34.75
N PRO F 335 33.76 33.79 -34.30
CA PRO F 335 34.51 32.95 -35.25
C PRO F 335 33.56 32.00 -35.94
N CYS F 336 33.72 31.83 -37.26
CA CYS F 336 32.69 31.12 -38.01
C CYS F 336 32.89 29.60 -38.03
N ARG F 337 33.98 29.08 -37.48
CA ARG F 337 34.24 27.63 -37.57
C ARG F 337 33.00 26.83 -37.22
N GLN F 338 32.37 27.13 -36.08
CA GLN F 338 31.34 26.25 -35.53
C GLN F 338 30.02 26.32 -36.29
N PHE F 339 29.83 27.23 -37.22
CA PHE F 339 28.65 27.14 -38.08
C PHE F 339 28.73 25.90 -38.98
N HIS F 340 29.95 25.51 -39.37
CA HIS F 340 30.18 24.35 -40.22
C HIS F 340 30.39 23.14 -39.32
N TRP F 341 29.25 22.71 -38.76
CA TRP F 341 29.17 21.77 -37.66
C TRP F 341 29.64 20.37 -38.03
N ALA F 342 29.71 20.07 -39.33
CA ALA F 342 30.26 18.81 -39.81
C ALA F 342 31.75 18.93 -40.17
N GLU F 343 32.19 20.11 -40.58
CA GLU F 343 33.59 20.35 -40.89
C GLU F 343 33.90 21.74 -40.39
N PRO F 344 34.40 21.86 -39.17
CA PRO F 344 34.71 23.19 -38.63
C PRO F 344 35.69 23.97 -39.47
N SER F 345 36.68 23.30 -40.03
CA SER F 345 37.72 23.99 -40.78
C SER F 345 37.16 24.77 -41.96
N ASP F 346 35.99 24.40 -42.48
CA ASP F 346 35.35 25.18 -43.54
C ASP F 346 35.25 26.67 -43.18
N GLY F 347 35.16 27.00 -41.89
CA GLY F 347 34.94 28.37 -41.43
C GLY F 347 36.16 29.03 -40.80
N ASP F 348 37.34 28.43 -40.96
CA ASP F 348 38.56 28.95 -40.33
C ASP F 348 38.87 30.38 -40.74
N HIS F 349 38.37 30.85 -41.89
CA HIS F 349 38.81 32.15 -42.43
C HIS F 349 37.65 33.15 -42.60
N MET F 350 36.59 33.00 -41.80
CA MET F 350 35.53 33.98 -41.73
C MET F 350 35.19 34.31 -40.28
N VAL F 351 34.67 35.52 -40.06
CA VAL F 351 34.00 35.93 -38.82
C VAL F 351 32.66 36.57 -39.18
N ARG F 352 31.65 36.34 -38.33
CA ARG F 352 30.29 36.81 -38.54
C ARG F 352 30.07 38.08 -37.75
N ILE F 353 29.26 38.98 -38.30
CA ILE F 353 29.01 40.29 -37.72
C ILE F 353 27.51 40.46 -37.53
N ALA F 354 27.14 41.08 -36.41
CA ALA F 354 25.75 41.43 -36.18
C ALA F 354 25.47 42.80 -36.78
N LEU F 355 24.39 42.89 -37.55
CA LEU F 355 23.98 44.14 -38.15
C LEU F 355 22.74 44.71 -37.48
N SER F 356 22.08 43.94 -36.63
CA SER F 356 20.88 44.42 -35.92
C SER F 356 21.34 45.17 -34.67
N ARG F 357 22.13 46.21 -34.96
CA ARG F 357 22.68 47.15 -33.99
C ARG F 357 22.44 48.56 -34.50
N SER F 358 22.48 49.54 -33.61
CA SER F 358 22.41 50.90 -34.09
C SER F 358 23.69 51.24 -34.84
N THR F 359 23.61 52.23 -35.74
CA THR F 359 24.65 52.40 -36.76
C THR F 359 25.97 52.86 -36.15
N GLU F 360 25.92 53.73 -35.14
CA GLU F 360 27.16 54.26 -34.56
C GLU F 360 28.05 53.16 -33.99
N PRO F 361 27.64 52.41 -32.97
CA PRO F 361 28.55 51.38 -32.44
C PRO F 361 28.94 50.35 -33.48
N LEU F 362 28.06 50.08 -34.45
CA LEU F 362 28.47 49.24 -35.58
C LEU F 362 29.63 49.88 -36.32
N GLU F 363 29.49 51.16 -36.70
CA GLU F 363 30.57 51.83 -37.42
C GLU F 363 31.88 51.76 -36.64
N LYS F 364 31.82 52.05 -35.33
CA LYS F 364 33.03 51.92 -34.52
C LYS F 364 33.60 50.52 -34.62
N SER F 365 32.74 49.51 -34.66
CA SER F 365 33.25 48.14 -34.71
C SER F 365 33.92 47.86 -36.04
N VAL F 366 33.29 48.27 -37.16
CA VAL F 366 33.88 47.97 -38.47
C VAL F 366 35.24 48.64 -38.61
N GLN F 367 35.37 49.87 -38.07
CA GLN F 367 36.63 50.60 -38.15
C GLN F 367 37.74 49.89 -37.39
N VAL F 368 37.40 49.27 -36.26
CA VAL F 368 38.41 48.49 -35.56
C VAL F 368 38.80 47.30 -36.41
N LEU F 369 37.83 46.69 -37.09
CA LEU F 369 38.12 45.54 -37.92
C LEU F 369 39.02 45.94 -39.09
N ARG F 370 38.71 47.08 -39.73
CA ARG F 370 39.52 47.56 -40.84
C ARG F 370 41.00 47.51 -40.49
N THR F 371 41.37 48.14 -39.38
CA THR F 371 42.78 48.23 -39.04
C THR F 371 43.37 46.85 -38.79
N VAL F 372 42.63 45.98 -38.11
CA VAL F 372 43.14 44.63 -37.83
C VAL F 372 43.50 43.95 -39.14
N LEU F 373 42.70 44.19 -40.19
CA LEU F 373 42.93 43.52 -41.45
C LEU F 373 43.99 44.21 -42.27
N GLU F 374 44.14 45.53 -42.11
CA GLU F 374 45.19 46.27 -42.82
C GLU F 374 46.54 46.19 -42.10
N THR F 375 46.76 45.12 -41.32
CA THR F 375 48.08 44.80 -40.76
C THR F 375 48.42 43.32 -41.00
N LYS G 8 15.35 -25.03 -54.67
CA LYS G 8 16.30 -25.35 -53.60
C LYS G 8 17.35 -24.29 -53.30
N GLU G 9 17.15 -23.56 -52.21
CA GLU G 9 17.91 -22.34 -51.92
C GLU G 9 19.36 -22.60 -51.50
N ASN G 10 19.76 -23.83 -51.19
CA ASN G 10 21.13 -24.10 -50.76
C ASN G 10 21.40 -25.60 -50.83
N LEU G 11 22.63 -25.99 -50.49
CA LEU G 11 23.06 -27.38 -50.64
C LEU G 11 22.33 -28.30 -49.65
N THR G 12 22.07 -27.80 -48.44
CA THR G 12 21.34 -28.57 -47.44
C THR G 12 19.93 -28.91 -47.93
N GLN G 13 19.30 -27.98 -48.64
CA GLN G 13 17.98 -28.22 -49.25
C GLN G 13 18.03 -29.39 -50.23
N TRP G 14 19.10 -29.47 -51.03
CA TRP G 14 19.30 -30.62 -51.93
C TRP G 14 19.51 -31.89 -51.13
N ALA G 15 20.40 -31.83 -50.12
CA ALA G 15 20.71 -33.00 -49.29
C ALA G 15 19.45 -33.58 -48.64
N TYR G 16 18.50 -32.72 -48.26
CA TYR G 16 17.23 -33.16 -47.65
C TYR G 16 16.55 -34.26 -48.46
N LEU G 17 16.49 -34.11 -49.79
CA LEU G 17 15.80 -35.09 -50.63
C LEU G 17 16.45 -36.47 -50.58
N ALA G 18 17.68 -36.57 -50.07
CA ALA G 18 18.45 -37.81 -50.02
C ALA G 18 18.28 -38.58 -48.71
N LEU G 19 17.79 -37.92 -47.65
CA LEU G 19 17.99 -38.40 -46.29
C LEU G 19 17.36 -39.76 -46.02
N ASN G 20 16.29 -40.11 -46.74
CA ASN G 20 15.56 -41.35 -46.48
C ASN G 20 15.77 -42.40 -47.55
N SER G 21 16.67 -42.17 -48.50
CA SER G 21 16.88 -43.09 -49.60
C SER G 21 18.12 -43.94 -49.35
N GLU G 22 18.04 -45.22 -49.75
CA GLU G 22 19.14 -46.14 -49.50
C GLU G 22 20.39 -45.72 -50.26
N LEU G 23 20.21 -45.19 -51.47
CA LEU G 23 21.32 -44.75 -52.31
C LEU G 23 21.59 -43.26 -52.12
N ASN G 24 21.85 -42.90 -50.87
CA ASN G 24 22.15 -41.52 -50.52
C ASN G 24 23.62 -41.25 -50.74
N ILE G 25 23.93 -40.34 -51.66
CA ILE G 25 25.30 -39.99 -52.04
C ILE G 25 25.42 -38.48 -51.94
N ALA G 26 24.89 -37.93 -50.86
CA ALA G 26 24.74 -36.49 -50.84
C ALA G 26 25.51 -35.88 -49.69
N ASP G 27 24.86 -35.79 -48.53
CA ASP G 27 25.46 -35.11 -47.41
C ASP G 27 26.76 -35.79 -47.04
N GLY G 28 27.66 -35.04 -46.41
CA GLY G 28 29.01 -35.52 -46.13
C GLY G 28 29.18 -36.33 -44.86
N HIS G 29 28.12 -36.46 -44.07
CA HIS G 29 28.16 -37.15 -42.78
C HIS G 29 28.58 -38.62 -42.94
N ALA G 30 29.28 -39.14 -41.94
CA ALA G 30 29.70 -40.53 -41.99
C ALA G 30 28.51 -41.48 -41.75
N ARG G 31 28.29 -42.38 -42.69
CA ARG G 31 27.17 -43.31 -42.58
C ARG G 31 27.54 -44.73 -42.94
N GLN G 32 28.82 -45.04 -43.10
CA GLN G 32 29.23 -46.44 -43.24
C GLN G 32 28.90 -47.19 -41.94
N ALA G 33 29.00 -48.50 -42.02
CA ALA G 33 28.88 -49.33 -40.84
C ALA G 33 30.01 -49.06 -39.85
N LEU G 34 29.70 -49.31 -38.58
CA LEU G 34 30.69 -49.17 -37.53
C LEU G 34 31.79 -50.20 -37.71
N SER G 35 33.00 -49.83 -37.29
CA SER G 35 34.04 -50.82 -37.16
C SER G 35 33.68 -51.77 -36.03
N PRO G 36 34.34 -52.92 -35.95
CA PRO G 36 34.11 -53.80 -34.80
C PRO G 36 34.51 -53.16 -33.49
N GLY G 37 35.54 -52.32 -33.51
CA GLY G 37 35.91 -51.60 -32.30
C GLY G 37 34.91 -50.51 -31.96
N GLN G 38 34.36 -49.86 -32.99
CA GLN G 38 33.36 -48.83 -32.76
C GLN G 38 32.10 -49.43 -32.15
N GLN G 39 31.64 -50.55 -32.70
CA GLN G 39 30.45 -51.23 -32.21
C GLN G 39 30.63 -51.70 -30.78
N LYS G 40 31.87 -51.94 -30.34
CA LYS G 40 32.06 -52.30 -28.95
C LYS G 40 31.73 -51.11 -28.07
N ILE G 41 32.05 -49.91 -28.54
CA ILE G 41 31.67 -48.68 -27.85
C ILE G 41 30.15 -48.59 -27.75
N VAL G 42 29.46 -48.61 -28.89
CA VAL G 42 28.02 -48.61 -28.89
C VAL G 42 27.48 -49.61 -27.88
N ASN G 43 28.09 -50.79 -27.79
CA ASN G 43 27.53 -51.82 -26.92
C ASN G 43 27.65 -51.41 -25.47
N GLU G 44 28.64 -50.59 -25.14
CA GLU G 44 28.86 -50.17 -23.76
C GLU G 44 28.25 -48.80 -23.45
N LEU G 45 27.35 -48.31 -24.31
CA LEU G 45 26.59 -47.09 -24.04
C LEU G 45 25.94 -47.07 -22.66
N PRO G 46 25.26 -48.12 -22.20
CA PRO G 46 24.72 -48.09 -20.82
C PRO G 46 25.77 -47.73 -19.79
N VAL G 47 27.01 -48.19 -19.97
CA VAL G 47 28.10 -47.88 -19.02
C VAL G 47 28.59 -46.45 -19.21
N LEU G 48 28.60 -45.98 -20.45
CA LEU G 48 29.00 -44.60 -20.69
C LEU G 48 27.98 -43.66 -20.10
N TRP G 49 26.72 -44.06 -20.12
CA TRP G 49 25.67 -43.24 -19.54
C TRP G 49 25.92 -43.08 -18.05
N ALA G 50 26.27 -44.17 -17.37
CA ALA G 50 26.53 -44.09 -15.94
C ALA G 50 27.66 -43.12 -15.60
N GLU G 51 28.82 -43.28 -16.28
CA GLU G 51 29.97 -42.38 -16.08
C GLU G 51 29.56 -40.93 -16.33
N SER G 52 28.87 -40.69 -17.43
CA SER G 52 28.35 -39.37 -17.75
C SER G 52 27.43 -38.81 -16.65
N GLU G 53 26.54 -39.65 -16.04
CA GLU G 53 25.72 -39.18 -14.91
C GLU G 53 26.59 -38.77 -13.74
N GLN G 54 27.67 -39.51 -13.51
CA GLN G 54 28.38 -39.46 -12.24
C GLN G 54 29.60 -38.55 -12.28
N ARG G 55 30.20 -38.41 -13.36
CA ARG G 55 31.44 -37.64 -13.38
C ARG G 55 31.15 -36.16 -13.60
N PRO G 56 31.97 -35.27 -13.05
CA PRO G 56 31.91 -33.88 -13.49
C PRO G 56 32.18 -33.77 -14.98
N VAL G 57 31.24 -33.11 -15.69
CA VAL G 57 31.36 -32.91 -17.13
C VAL G 57 32.70 -32.28 -17.50
N GLN G 58 33.23 -31.39 -16.65
CA GLN G 58 34.50 -30.73 -16.96
C GLN G 58 35.58 -31.76 -17.29
N GLN G 59 35.63 -32.83 -16.49
CA GLN G 59 36.66 -33.87 -16.65
C GLN G 59 36.40 -34.69 -17.91
N ILE G 60 35.16 -35.08 -18.14
CA ILE G 60 34.88 -35.77 -19.38
C ILE G 60 35.21 -34.88 -20.58
N GLU G 61 34.84 -33.60 -20.51
CA GLU G 61 35.08 -32.72 -21.66
C GLU G 61 36.57 -32.56 -21.93
N SER G 62 37.36 -32.34 -20.88
CA SER G 62 38.80 -32.25 -21.03
C SER G 62 39.36 -33.52 -21.68
N GLU G 63 38.85 -34.67 -21.29
CA GLU G 63 39.37 -35.93 -21.83
C GLU G 63 39.00 -36.08 -23.29
N ALA G 64 37.81 -35.60 -23.68
CA ALA G 64 37.44 -35.62 -25.09
C ALA G 64 38.33 -34.67 -25.90
N HIS G 65 38.48 -33.44 -25.43
CA HIS G 65 39.34 -32.49 -26.13
C HIS G 65 40.77 -33.02 -26.26
N GLN G 66 41.35 -33.47 -25.15
CA GLN G 66 42.72 -33.97 -25.20
C GLN G 66 42.83 -35.13 -26.18
N ALA G 67 41.87 -36.05 -26.17
CA ALA G 67 41.92 -37.19 -27.09
C ALA G 67 41.84 -36.76 -28.55
N TYR G 68 40.95 -35.80 -28.85
CA TYR G 68 40.70 -35.49 -30.26
C TYR G 68 41.78 -34.55 -30.83
N PHE G 69 42.27 -33.60 -30.05
CA PHE G 69 43.32 -32.74 -30.59
C PHE G 69 44.61 -33.54 -30.77
N THR G 70 44.97 -34.39 -29.79
CA THR G 70 46.21 -35.12 -29.90
C THR G 70 46.16 -36.11 -31.04
N LEU G 71 44.98 -36.71 -31.25
CA LEU G 71 44.79 -37.69 -32.32
C LEU G 71 45.22 -37.12 -33.64
N LEU G 72 45.03 -35.81 -33.81
CA LEU G 72 45.25 -35.13 -35.08
C LEU G 72 46.38 -34.08 -35.00
N GLY G 73 47.23 -34.13 -33.98
CA GLY G 73 48.49 -33.40 -33.99
C GLY G 73 48.44 -31.99 -33.46
N GLN G 74 47.38 -31.61 -32.75
CA GLN G 74 47.17 -30.22 -32.36
C GLN G 74 47.52 -30.03 -30.90
N HIS G 75 48.77 -30.41 -30.63
CA HIS G 75 49.25 -30.55 -29.26
C HIS G 75 49.26 -29.21 -28.55
N GLY G 76 49.42 -28.10 -29.28
CA GLY G 76 49.42 -26.78 -28.68
C GLY G 76 48.05 -26.22 -28.35
N TYR G 77 46.99 -26.96 -28.65
CA TYR G 77 45.65 -26.40 -28.48
C TYR G 77 45.52 -25.87 -27.06
N PRO G 78 44.87 -24.74 -26.85
CA PRO G 78 44.74 -24.21 -25.50
C PRO G 78 43.84 -25.07 -24.65
N ALA G 79 44.42 -25.78 -23.69
CA ALA G 79 43.68 -26.74 -22.91
C ALA G 79 43.12 -26.16 -21.62
N GLU G 80 43.28 -24.87 -21.40
CA GLU G 80 42.76 -24.28 -20.16
C GLU G 80 41.22 -24.20 -20.24
N PRO G 81 40.51 -24.56 -19.17
CA PRO G 81 39.05 -24.46 -19.16
C PRO G 81 38.51 -23.11 -19.64
N GLY G 82 37.65 -23.18 -20.65
CA GLY G 82 37.00 -22.04 -21.27
C GLY G 82 37.44 -21.76 -22.68
N ARG G 83 38.62 -22.26 -23.05
CA ARG G 83 39.28 -21.85 -24.28
C ARG G 83 38.69 -22.53 -25.50
N VAL G 84 38.29 -23.79 -25.36
CA VAL G 84 37.62 -24.56 -26.39
C VAL G 84 36.14 -24.64 -26.01
N LEU G 85 35.26 -24.12 -26.87
CA LEU G 85 33.82 -24.10 -26.61
C LEU G 85 33.14 -25.21 -27.42
N SER G 86 32.71 -26.25 -26.70
CA SER G 86 31.95 -27.33 -27.33
C SER G 86 30.54 -26.84 -27.66
N CYS G 87 30.16 -27.08 -28.91
CA CYS G 87 28.95 -26.63 -29.56
C CYS G 87 28.23 -27.84 -30.15
N TYR G 88 26.93 -27.71 -30.36
CA TYR G 88 26.16 -28.83 -30.89
C TYR G 88 26.70 -29.29 -32.23
N SER G 89 27.26 -28.38 -32.99
CA SER G 89 27.66 -28.66 -34.34
C SER G 89 28.63 -27.58 -34.81
N SER G 90 29.37 -27.93 -35.84
CA SER G 90 30.18 -26.96 -36.54
C SER G 90 29.34 -25.80 -37.09
N SER G 91 28.11 -26.07 -37.54
CA SER G 91 27.29 -24.95 -38.00
C SER G 91 26.89 -24.01 -36.84
N VAL G 92 26.68 -24.52 -35.61
CA VAL G 92 26.37 -23.54 -34.56
C VAL G 92 27.62 -22.81 -34.10
N SER G 93 28.80 -23.44 -34.21
CA SER G 93 30.04 -22.68 -34.03
C SER G 93 30.08 -21.54 -35.04
N MET G 94 29.80 -21.86 -36.29
CA MET G 94 29.89 -20.85 -37.32
C MET G 94 28.90 -19.71 -37.07
N GLU G 95 27.68 -20.05 -36.66
CA GLU G 95 26.71 -18.99 -36.42
C GLU G 95 27.18 -18.08 -35.27
N ILE G 96 27.78 -18.66 -34.24
CA ILE G 96 28.30 -17.85 -33.15
C ILE G 96 29.40 -16.91 -33.65
N LEU G 97 30.29 -17.45 -34.48
CA LEU G 97 31.39 -16.67 -35.04
C LEU G 97 30.87 -15.54 -35.94
N ALA G 98 29.95 -15.88 -36.86
CA ALA G 98 29.41 -14.90 -37.80
C ALA G 98 28.71 -13.74 -37.07
N ARG G 99 27.85 -14.06 -36.10
CA ARG G 99 27.22 -13.00 -35.32
C ARG G 99 28.25 -12.21 -34.52
N SER G 100 29.27 -12.91 -34.04
CA SER G 100 30.32 -12.25 -33.27
C SER G 100 31.04 -11.24 -34.13
N LEU G 101 31.48 -11.67 -35.31
CA LEU G 101 32.16 -10.79 -36.25
C LEU G 101 31.34 -9.55 -36.55
N SER G 102 30.05 -9.74 -36.83
CA SER G 102 29.26 -8.65 -37.39
C SER G 102 29.23 -7.44 -36.47
N ALA G 103 29.69 -7.58 -35.22
CA ALA G 103 29.70 -6.48 -34.27
C ALA G 103 30.81 -5.47 -34.56
N SER G 104 31.90 -5.91 -35.22
CA SER G 104 33.02 -5.02 -35.50
C SER G 104 33.61 -5.21 -36.91
N VAL G 105 32.99 -6.02 -37.75
CA VAL G 105 33.52 -6.31 -39.07
C VAL G 105 32.42 -6.13 -40.09
N ASP G 106 32.80 -5.69 -41.29
CA ASP G 106 31.84 -5.47 -42.36
C ASP G 106 32.05 -6.40 -43.51
N ARG G 107 33.27 -6.90 -43.66
CA ARG G 107 33.71 -7.55 -44.89
C ARG G 107 34.61 -8.70 -44.51
N VAL G 108 34.43 -9.84 -45.16
CA VAL G 108 35.20 -11.03 -44.87
C VAL G 108 35.76 -11.58 -46.16
N ALA G 109 37.06 -11.86 -46.15
CA ALA G 109 37.68 -12.59 -47.23
C ALA G 109 37.53 -14.07 -46.93
N LEU G 110 36.95 -14.80 -47.90
CA LEU G 110 36.51 -16.19 -47.75
C LEU G 110 36.93 -17.00 -48.97
N VAL G 111 37.48 -18.19 -48.72
CA VAL G 111 37.97 -19.02 -49.82
C VAL G 111 36.81 -19.44 -50.70
N HIS G 112 37.01 -19.36 -52.02
CA HIS G 112 35.94 -19.61 -52.97
C HIS G 112 36.27 -20.64 -54.02
N PRO G 113 36.10 -21.93 -53.70
CA PRO G 113 34.89 -22.71 -53.50
C PRO G 113 34.95 -23.12 -52.04
N THR G 114 33.81 -23.47 -51.43
CA THR G 114 33.76 -23.96 -50.05
C THR G 114 32.29 -24.26 -49.75
N PHE G 115 32.03 -24.88 -48.60
CA PHE G 115 30.65 -25.27 -48.30
C PHE G 115 29.80 -24.01 -48.07
N ASP G 116 28.62 -23.97 -48.70
CA ASP G 116 27.84 -22.72 -48.82
C ASP G 116 27.22 -22.21 -47.52
N ASN G 117 26.96 -23.07 -46.51
CA ASN G 117 26.42 -22.53 -45.26
C ASN G 117 27.43 -21.62 -44.58
N ILE G 118 28.71 -21.84 -44.79
CA ILE G 118 29.70 -20.87 -44.31
C ILE G 118 29.40 -19.49 -44.89
N ALA G 119 29.16 -19.41 -46.20
CA ALA G 119 28.80 -18.14 -46.83
C ALA G 119 27.43 -17.66 -46.36
N ASP G 120 26.40 -18.51 -46.47
CA ASP G 120 25.04 -18.12 -46.16
C ASP G 120 24.84 -17.69 -44.69
N LEU G 121 25.66 -18.21 -43.78
CA LEU G 121 25.60 -17.76 -42.39
C LEU G 121 26.30 -16.42 -42.22
N LEU G 122 27.43 -16.22 -42.90
CA LEU G 122 28.13 -14.94 -42.79
C LEU G 122 27.29 -13.84 -43.41
N ARG G 123 26.75 -14.10 -44.59
CA ARG G 123 25.85 -13.16 -45.22
C ARG G 123 24.58 -12.98 -44.40
N GLY G 124 24.04 -14.10 -43.86
CA GLY G 124 22.82 -14.04 -43.08
C GLY G 124 22.96 -13.10 -41.91
N ASN G 125 24.18 -12.97 -41.40
CA ASN G 125 24.49 -12.11 -40.26
C ASN G 125 25.06 -10.76 -40.66
N GLY G 126 24.98 -10.40 -41.93
CA GLY G 126 25.29 -9.04 -42.33
C GLY G 126 26.67 -8.82 -42.89
N LEU G 127 27.45 -9.87 -43.11
CA LEU G 127 28.81 -9.72 -43.59
C LEU G 127 28.83 -9.74 -45.11
N ASP G 128 29.57 -8.80 -45.69
CA ASP G 128 29.87 -8.85 -47.10
C ASP G 128 31.10 -9.72 -47.28
N LEU G 129 31.09 -10.49 -48.35
CA LEU G 129 32.10 -11.50 -48.60
C LEU G 129 32.96 -11.10 -49.80
N VAL G 130 34.25 -11.40 -49.70
CA VAL G 130 35.20 -11.21 -50.81
C VAL G 130 35.79 -12.58 -51.15
N PRO G 131 35.51 -13.14 -52.32
CA PRO G 131 36.07 -14.45 -52.65
C PRO G 131 37.58 -14.39 -52.79
N VAL G 132 38.20 -15.57 -52.73
CA VAL G 132 39.63 -15.75 -52.93
C VAL G 132 39.84 -17.13 -53.52
N GLU G 133 40.10 -17.21 -54.83
CA GLU G 133 40.28 -18.49 -55.46
C GLU G 133 41.40 -19.27 -54.78
N GLU G 134 41.40 -20.59 -54.98
CA GLU G 134 42.33 -21.44 -54.25
C GLU G 134 43.78 -21.16 -54.66
N ASP G 135 44.07 -21.23 -55.95
CA ASP G 135 45.39 -20.90 -56.48
C ASP G 135 46.04 -19.71 -55.74
N ALA G 136 45.36 -18.55 -55.73
CA ALA G 136 45.93 -17.34 -55.11
C ALA G 136 46.08 -17.47 -53.59
N LEU G 137 45.12 -18.12 -52.93
CA LEU G 137 45.18 -18.21 -51.47
C LEU G 137 46.44 -18.92 -51.02
N HIS G 138 46.69 -20.09 -51.61
CA HIS G 138 47.80 -20.94 -51.18
C HIS G 138 49.14 -20.45 -51.72
N GLY G 139 49.17 -20.01 -52.98
CA GLY G 139 50.43 -19.76 -53.65
C GLY G 139 51.07 -18.44 -53.35
N ALA G 140 50.29 -17.39 -53.12
CA ALA G 140 50.80 -16.03 -53.11
C ALA G 140 50.26 -15.26 -51.91
N ASP G 141 51.09 -14.37 -51.37
CA ASP G 141 50.67 -13.42 -50.35
C ASP G 141 49.33 -12.80 -50.73
N LEU G 142 48.55 -12.35 -49.76
CA LEU G 142 47.30 -11.66 -50.07
C LEU G 142 47.57 -10.17 -50.19
N SER G 143 46.93 -9.53 -51.16
CA SER G 143 47.26 -8.15 -51.45
C SER G 143 47.03 -7.27 -50.22
N ALA G 144 47.72 -6.13 -50.17
CA ALA G 144 47.52 -5.20 -49.07
C ALA G 144 46.23 -4.42 -49.20
N GLU G 145 45.72 -4.22 -50.42
CA GLU G 145 44.42 -3.56 -50.54
C GLU G 145 43.32 -4.46 -50.01
N LEU G 146 43.50 -5.78 -50.12
CA LEU G 146 42.53 -6.74 -49.61
C LEU G 146 42.53 -6.72 -48.09
N LEU G 147 43.68 -7.04 -47.48
CA LEU G 147 43.75 -7.11 -46.02
C LEU G 147 43.29 -5.82 -45.36
N SER G 148 43.57 -4.70 -45.99
CA SER G 148 43.06 -3.43 -45.50
C SER G 148 41.57 -3.29 -45.69
N SER G 149 40.93 -4.13 -46.51
CA SER G 149 39.51 -4.02 -46.84
C SER G 149 38.63 -5.10 -46.19
N VAL G 150 39.17 -5.93 -45.29
CA VAL G 150 38.43 -7.01 -44.66
C VAL G 150 38.85 -7.10 -43.21
N GLY G 151 37.88 -7.46 -42.37
CA GLY G 151 38.12 -7.54 -40.94
C GLY G 151 38.49 -8.95 -40.54
N CYS G 152 38.26 -9.90 -41.45
CA CYS G 152 38.54 -11.30 -41.18
C CYS G 152 38.96 -12.01 -42.46
N VAL G 153 39.88 -12.96 -42.31
CA VAL G 153 40.22 -13.91 -43.37
C VAL G 153 39.81 -15.30 -42.91
N PHE G 154 39.10 -16.02 -43.79
CA PHE G 154 38.45 -17.25 -43.39
C PHE G 154 38.80 -18.35 -44.37
N VAL G 155 39.48 -19.38 -43.89
CA VAL G 155 39.87 -20.50 -44.74
C VAL G 155 39.34 -21.82 -44.20
N THR G 156 38.79 -22.63 -45.12
CA THR G 156 38.38 -24.01 -44.83
C THR G 156 39.50 -24.96 -45.26
N THR G 157 40.12 -25.64 -44.29
CA THR G 157 41.20 -26.57 -44.64
C THR G 157 41.16 -27.82 -43.77
N PRO G 158 41.11 -29.03 -44.36
CA PRO G 158 40.95 -29.32 -45.78
C PRO G 158 39.65 -28.78 -46.33
N ASN G 159 39.70 -28.30 -47.56
CA ASN G 159 38.53 -27.62 -48.08
C ASN G 159 37.49 -28.63 -48.53
N ASN G 160 36.24 -28.21 -48.51
CA ASN G 160 35.12 -29.01 -49.00
C ASN G 160 34.54 -28.19 -50.14
N PRO G 161 34.42 -28.72 -51.36
CA PRO G 161 34.52 -30.07 -51.91
C PRO G 161 35.87 -30.48 -52.48
N THR G 162 36.84 -29.58 -52.44
CA THR G 162 38.08 -29.80 -53.18
C THR G 162 39.11 -30.63 -52.42
N GLY G 163 39.08 -30.62 -51.09
CA GLY G 163 40.05 -31.38 -50.33
C GLY G 163 41.39 -30.70 -50.14
N ARG G 164 41.52 -29.46 -50.57
CA ARG G 164 42.82 -28.80 -50.61
C ARG G 164 43.24 -28.35 -49.21
N VAL G 165 44.50 -28.64 -48.88
CA VAL G 165 45.04 -28.33 -47.59
C VAL G 165 45.94 -27.13 -47.73
N LEU G 166 45.62 -26.10 -46.96
CA LEU G 166 46.58 -25.05 -46.67
C LEU G 166 47.80 -25.65 -46.00
N ALA G 167 48.95 -25.53 -46.66
CA ALA G 167 50.19 -26.04 -46.12
C ALA G 167 50.72 -25.13 -45.00
N GLU G 168 51.57 -25.72 -44.12
CA GLU G 168 52.08 -24.99 -42.96
C GLU G 168 52.76 -23.68 -43.37
N GLU G 169 53.58 -23.72 -44.41
CA GLU G 169 54.31 -22.51 -44.78
C GLU G 169 53.36 -21.39 -45.16
N ARG G 170 52.24 -21.71 -45.82
CA ARG G 170 51.30 -20.66 -46.19
C ARG G 170 50.48 -20.18 -45.01
N LEU G 171 50.11 -21.10 -44.11
CA LEU G 171 49.35 -20.71 -42.94
C LEU G 171 50.15 -19.77 -42.06
N ARG G 172 51.49 -19.95 -41.98
CA ARG G 172 52.32 -19.05 -41.18
C ARG G 172 52.43 -17.67 -41.82
N ARG G 173 52.54 -17.60 -43.14
CA ARG G 173 52.60 -16.29 -43.80
C ARG G 173 51.29 -15.56 -43.62
N LEU G 174 50.19 -16.25 -43.90
CA LEU G 174 48.86 -15.71 -43.69
C LEU G 174 48.66 -15.24 -42.25
N ALA G 175 48.93 -16.10 -41.28
CA ALA G 175 48.86 -15.66 -39.90
C ALA G 175 49.69 -14.40 -39.66
N GLU G 176 50.84 -14.29 -40.33
CA GLU G 176 51.70 -13.12 -40.19
C GLU G 176 51.09 -11.89 -40.86
N GLN G 177 50.66 -12.06 -42.11
CA GLN G 177 49.95 -10.98 -42.82
C GLN G 177 48.78 -10.43 -42.00
N CYS G 178 47.91 -11.32 -41.51
CA CYS G 178 46.79 -10.90 -40.68
C CYS G 178 47.26 -10.12 -39.46
N ALA G 179 48.35 -10.56 -38.84
CA ALA G 179 48.82 -9.92 -37.62
C ALA G 179 49.24 -8.48 -37.86
N GLU G 180 49.80 -8.19 -39.02
CA GLU G 180 50.25 -6.82 -39.25
C GLU G 180 49.10 -5.88 -39.58
N HIS G 181 47.99 -6.39 -40.11
CA HIS G 181 46.77 -5.60 -40.32
C HIS G 181 45.76 -5.73 -39.17
N GLY G 182 46.10 -6.39 -38.06
CA GLY G 182 45.14 -6.63 -36.99
C GLY G 182 43.84 -7.25 -37.44
N THR G 183 43.91 -8.13 -38.44
CA THR G 183 42.79 -8.87 -39.01
C THR G 183 42.61 -10.20 -38.28
N VAL G 184 41.37 -10.73 -38.32
CA VAL G 184 41.08 -12.04 -37.73
C VAL G 184 41.33 -13.10 -38.79
N LEU G 185 42.08 -14.13 -38.41
CA LEU G 185 42.22 -15.31 -39.26
C LEU G 185 41.34 -16.42 -38.71
N ALA G 186 40.55 -17.04 -39.58
CA ALA G 186 39.55 -18.03 -39.16
C ALA G 186 39.70 -19.29 -39.97
N LEU G 187 39.77 -20.42 -39.27
CA LEU G 187 39.93 -21.73 -39.89
C LEU G 187 38.77 -22.67 -39.54
N ASP G 188 38.20 -23.29 -40.55
CA ASP G 188 37.23 -24.36 -40.38
C ASP G 188 37.91 -25.64 -40.83
N THR G 189 38.16 -26.53 -39.88
CA THR G 189 38.96 -27.73 -40.10
C THR G 189 38.13 -29.00 -39.90
N SER G 190 36.86 -28.91 -40.29
CA SER G 190 35.93 -30.03 -40.14
C SER G 190 36.53 -31.32 -40.68
N PHE G 191 37.24 -31.25 -41.82
CA PHE G 191 37.78 -32.43 -42.48
C PHE G 191 39.21 -32.76 -42.06
N ARG G 192 39.72 -32.16 -40.99
CA ARG G 192 41.12 -32.32 -40.62
C ARG G 192 41.53 -33.78 -40.59
N GLY G 193 40.61 -34.67 -40.19
CA GLY G 193 41.00 -36.01 -39.84
C GLY G 193 41.24 -36.93 -41.01
N PHE G 194 40.77 -36.56 -42.19
CA PHE G 194 40.88 -37.44 -43.35
C PHE G 194 42.22 -37.37 -44.09
N ASP G 195 43.11 -36.42 -43.76
CA ASP G 195 44.27 -36.13 -44.59
C ASP G 195 45.39 -35.62 -43.69
N ALA G 196 46.40 -36.46 -43.46
CA ALA G 196 47.46 -36.12 -42.52
C ALA G 196 48.30 -34.91 -42.94
N ALA G 197 48.08 -34.38 -44.15
CA ALA G 197 48.69 -33.10 -44.47
C ALA G 197 48.13 -31.97 -43.62
N ALA G 198 47.10 -32.24 -42.82
CA ALA G 198 46.47 -31.22 -41.97
C ALA G 198 46.80 -31.39 -40.50
N HIS G 199 47.72 -32.31 -40.18
CA HIS G 199 47.98 -32.65 -38.79
C HIS G 199 49.24 -32.01 -38.23
N TYR G 200 49.83 -31.00 -38.91
CA TYR G 200 50.85 -30.18 -38.28
C TYR G 200 50.16 -29.22 -37.32
N ASP G 201 50.81 -29.00 -36.19
CA ASP G 201 50.18 -28.26 -35.11
C ASP G 201 49.77 -26.87 -35.56
N HIS G 202 48.52 -26.70 -36.07
CA HIS G 202 48.05 -25.36 -36.40
C HIS G 202 48.12 -24.42 -35.20
N TYR G 203 47.88 -24.91 -33.98
CA TYR G 203 47.80 -24.01 -32.83
C TYR G 203 49.17 -23.48 -32.47
N ALA G 204 50.22 -24.28 -32.70
CA ALA G 204 51.60 -23.82 -32.61
C ALA G 204 51.85 -22.65 -33.57
N VAL G 205 51.58 -22.85 -34.86
CA VAL G 205 51.72 -21.78 -35.83
C VAL G 205 50.99 -20.52 -35.37
N LEU G 206 49.65 -20.60 -35.33
CA LEU G 206 48.83 -19.44 -34.99
C LEU G 206 49.34 -18.72 -33.76
N GLN G 207 49.66 -19.45 -32.69
CA GLN G 207 50.07 -18.77 -31.48
C GLN G 207 51.42 -18.04 -31.65
N GLU G 208 52.34 -18.52 -32.51
CA GLU G 208 53.59 -17.77 -32.68
C GLU G 208 53.36 -16.50 -33.47
N ALA G 209 52.63 -16.62 -34.59
CA ALA G 209 52.30 -15.45 -35.40
C ALA G 209 51.62 -14.34 -34.57
N GLY G 210 50.94 -14.69 -33.47
CA GLY G 210 50.36 -13.70 -32.61
C GLY G 210 49.11 -13.03 -33.12
N CYS G 211 48.61 -13.44 -34.28
CA CYS G 211 47.42 -12.82 -34.83
C CYS G 211 46.20 -13.15 -34.00
N ARG G 212 45.12 -12.42 -34.28
CA ARG G 212 43.80 -12.79 -33.79
C ARG G 212 43.32 -13.97 -34.62
N TRP G 213 42.95 -15.08 -33.96
CA TRP G 213 42.51 -16.26 -34.70
C TRP G 213 41.35 -16.90 -33.97
N VAL G 214 40.61 -17.69 -34.76
CA VAL G 214 39.57 -18.59 -34.31
C VAL G 214 39.62 -19.84 -35.18
N VAL G 215 39.46 -21.01 -34.55
CA VAL G 215 39.40 -22.30 -35.26
C VAL G 215 38.13 -23.05 -34.87
N ILE G 216 37.40 -23.52 -35.86
CA ILE G 216 36.23 -24.35 -35.68
C ILE G 216 36.62 -25.76 -36.07
N GLU G 217 36.85 -26.64 -35.08
CA GLU G 217 36.94 -28.07 -35.34
C GLU G 217 35.55 -28.71 -35.35
N ASP G 218 35.50 -29.99 -35.75
CA ASP G 218 34.26 -30.75 -35.85
C ASP G 218 34.59 -32.23 -35.68
N THR G 219 33.84 -32.95 -34.83
CA THR G 219 34.02 -34.39 -34.68
C THR G 219 33.14 -35.21 -35.62
N GLY G 220 32.35 -34.55 -36.46
CA GLY G 220 31.22 -35.21 -37.10
C GLY G 220 31.43 -35.94 -38.40
N LYS G 221 32.24 -35.44 -39.32
CA LYS G 221 32.35 -36.04 -40.65
C LYS G 221 33.01 -37.40 -40.62
N LEU G 222 33.74 -37.63 -39.57
CA LEU G 222 34.78 -38.66 -39.44
C LEU G 222 34.22 -40.05 -39.13
N TRP G 223 33.38 -40.16 -38.09
CA TRP G 223 32.90 -41.45 -37.63
C TRP G 223 31.39 -41.55 -37.78
N PRO G 224 30.87 -42.74 -38.07
CA PRO G 224 29.41 -42.91 -38.24
C PRO G 224 28.69 -43.04 -36.91
N THR G 225 28.44 -41.87 -36.29
CA THR G 225 27.92 -41.79 -34.94
C THR G 225 26.50 -41.26 -34.89
N LEU G 226 25.73 -41.40 -35.98
CA LEU G 226 24.37 -40.93 -36.07
C LEU G 226 24.27 -39.45 -35.65
N ASP G 227 25.24 -38.66 -36.06
CA ASP G 227 25.25 -37.21 -35.84
C ASP G 227 25.36 -36.84 -34.37
N LEU G 228 25.84 -37.75 -33.54
CA LEU G 228 26.26 -37.37 -32.19
C LEU G 228 27.64 -36.77 -32.38
N LYS G 229 27.76 -35.46 -32.14
CA LYS G 229 28.99 -34.79 -32.53
C LYS G 229 29.18 -33.54 -31.68
N ALA G 230 30.26 -32.84 -31.96
CA ALA G 230 30.41 -31.50 -31.43
C ALA G 230 31.23 -30.69 -32.42
N GLY G 231 30.83 -29.41 -32.58
CA GLY G 231 31.72 -28.42 -33.07
C GLY G 231 32.56 -27.90 -31.92
N LEU G 232 33.82 -27.53 -32.21
CA LEU G 232 34.74 -27.02 -31.19
C LEU G 232 35.23 -25.65 -31.60
N LEU G 233 34.87 -24.63 -30.82
CA LEU G 233 35.20 -23.25 -31.14
C LEU G 233 36.38 -22.85 -30.28
N VAL G 234 37.51 -22.59 -30.94
CA VAL G 234 38.79 -22.24 -30.31
C VAL G 234 39.21 -20.86 -30.81
N PHE G 235 39.67 -20.01 -29.90
CA PHE G 235 39.90 -18.62 -30.25
C PHE G 235 41.10 -18.11 -29.45
N SER G 236 41.84 -17.17 -30.05
CA SER G 236 42.96 -16.50 -29.38
C SER G 236 42.45 -15.65 -28.21
N GLU G 237 43.31 -15.47 -27.20
CA GLU G 237 42.90 -14.63 -26.06
C GLU G 237 42.52 -13.22 -26.52
N ASP G 238 43.08 -12.78 -27.63
CA ASP G 238 42.89 -11.41 -28.11
C ASP G 238 41.87 -11.32 -29.25
N ILE G 239 41.06 -12.37 -29.46
CA ILE G 239 40.15 -12.40 -30.60
C ILE G 239 39.36 -11.11 -30.68
N GLY G 240 39.02 -10.53 -29.53
CA GLY G 240 38.33 -9.25 -29.52
C GLY G 240 36.98 -9.31 -30.20
N LEU G 241 36.26 -10.40 -29.98
CA LEU G 241 34.97 -10.73 -30.53
C LEU G 241 34.17 -11.34 -29.39
N PRO G 242 32.86 -11.11 -29.35
CA PRO G 242 32.03 -11.61 -28.24
C PRO G 242 31.59 -13.07 -28.42
N VAL G 243 32.47 -13.92 -28.94
CA VAL G 243 32.16 -15.33 -29.13
C VAL G 243 31.76 -15.99 -27.83
N GLU G 244 32.39 -15.60 -26.72
CA GLU G 244 32.08 -16.21 -25.43
C GLU G 244 30.70 -15.75 -24.87
N LYS G 245 30.32 -14.49 -25.11
CA LYS G 245 29.00 -14.05 -24.67
C LYS G 245 27.90 -14.71 -25.51
N ILE G 246 28.05 -14.69 -26.83
CA ILE G 246 27.01 -15.25 -27.70
C ILE G 246 26.89 -16.77 -27.47
N TYR G 247 28.02 -17.44 -27.29
CA TYR G 247 27.94 -18.86 -27.00
C TYR G 247 27.10 -19.14 -25.75
N SER G 248 27.29 -18.35 -24.68
CA SER G 248 26.49 -18.52 -23.45
C SER G 248 25.04 -18.09 -23.66
N ASP G 249 24.79 -17.17 -24.59
CA ASP G 249 23.42 -16.95 -25.00
C ASP G 249 22.81 -18.24 -25.55
N ILE G 250 23.55 -18.95 -26.39
CA ILE G 250 22.97 -20.11 -27.04
C ILE G 250 22.99 -21.35 -26.14
N LEU G 251 24.09 -21.69 -25.45
CA LEU G 251 24.05 -22.98 -24.77
C LEU G 251 24.87 -23.00 -23.49
N LEU G 252 24.43 -23.86 -22.58
CA LEU G 252 25.13 -24.14 -21.34
C LEU G 252 26.32 -25.09 -21.55
N GLY G 253 26.34 -25.83 -22.66
CA GLY G 253 27.35 -26.82 -22.92
C GLY G 253 26.70 -27.96 -23.67
N VAL G 254 27.42 -29.03 -23.97
CA VAL G 254 26.83 -30.14 -24.69
C VAL G 254 26.70 -31.34 -23.74
N SER G 255 26.00 -32.37 -24.26
CA SER G 255 25.75 -33.61 -23.54
C SER G 255 27.07 -34.24 -23.07
N PRO G 256 27.23 -34.53 -21.78
CA PRO G 256 28.43 -35.30 -21.37
C PRO G 256 28.54 -36.64 -22.05
N LEU G 257 27.43 -37.23 -22.51
CA LEU G 257 27.50 -38.51 -23.19
C LEU G 257 28.04 -38.39 -24.60
N ILE G 258 27.68 -37.32 -25.31
CA ILE G 258 28.30 -37.06 -26.61
C ILE G 258 29.80 -36.87 -26.42
N LEU G 259 30.18 -36.16 -25.37
CA LEU G 259 31.59 -35.91 -25.10
C LEU G 259 32.35 -37.22 -24.85
N ALA G 260 31.81 -38.06 -23.96
CA ALA G 260 32.45 -39.33 -23.66
C ALA G 260 32.54 -40.22 -24.90
N LEU G 261 31.58 -40.08 -25.83
CA LEU G 261 31.63 -40.79 -27.11
C LEU G 261 32.76 -40.25 -28.01
N ILE G 262 32.91 -38.94 -28.10
CA ILE G 262 34.08 -38.39 -28.79
C ILE G 262 35.37 -38.98 -28.21
N ARG G 263 35.47 -39.06 -26.89
CA ARG G 263 36.67 -39.62 -26.28
C ARG G 263 36.94 -41.04 -26.78
N GLU G 264 35.93 -41.91 -26.74
CA GLU G 264 36.13 -43.32 -27.06
C GLU G 264 36.36 -43.54 -28.54
N PHE G 265 35.62 -42.85 -29.41
CA PHE G 265 35.88 -42.96 -30.83
C PHE G 265 37.26 -42.39 -31.18
N SER G 266 37.70 -41.34 -30.47
CA SER G 266 39.05 -40.83 -30.66
C SER G 266 40.08 -41.87 -30.28
N ARG G 267 39.91 -42.49 -29.10
CA ARG G 267 40.83 -43.51 -28.62
C ARG G 267 40.86 -44.73 -29.54
N ASP G 268 39.75 -45.07 -30.15
CA ASP G 268 39.73 -46.18 -31.10
C ASP G 268 40.43 -45.76 -32.38
N ALA G 269 40.26 -44.51 -32.79
CA ALA G 269 41.00 -43.97 -33.91
C ALA G 269 42.50 -44.03 -33.67
N ALA G 270 42.94 -43.77 -32.43
CA ALA G 270 44.36 -43.73 -32.10
C ALA G 270 45.04 -45.11 -31.97
N ASP G 271 44.27 -46.16 -31.69
CA ASP G 271 44.80 -47.53 -31.65
C ASP G 271 44.50 -48.27 -32.95
N GLY G 272 44.68 -47.60 -34.11
CA GLY G 272 44.54 -48.20 -35.41
C GLY G 272 43.27 -47.86 -36.16
N GLY G 273 42.31 -47.21 -35.52
CA GLY G 273 41.08 -46.87 -36.22
C GLY G 273 41.26 -45.74 -37.21
N LEU G 274 42.17 -44.79 -36.94
CA LEU G 274 42.32 -43.69 -37.90
C LEU G 274 42.96 -44.19 -39.20
N ALA G 275 43.89 -45.14 -39.10
CA ALA G 275 44.46 -45.71 -40.31
C ALA G 275 43.41 -46.51 -41.09
N ASP G 276 42.57 -47.28 -40.39
CA ASP G 276 41.51 -48.04 -41.06
C ASP G 276 40.57 -47.14 -41.86
N LEU G 277 40.25 -45.96 -41.32
CA LEU G 277 39.36 -45.03 -42.04
C LEU G 277 40.01 -44.51 -43.32
N HIS G 278 41.25 -44.00 -43.22
CA HIS G 278 41.96 -43.55 -44.41
C HIS G 278 41.92 -44.61 -45.51
N ALA G 279 42.16 -45.88 -45.13
CA ALA G 279 42.09 -47.00 -46.07
C ALA G 279 40.69 -47.23 -46.63
N PHE G 280 39.65 -47.10 -45.79
CA PHE G 280 38.29 -47.23 -46.30
C PHE G 280 37.97 -46.08 -47.25
N ILE G 281 38.41 -44.86 -46.92
CA ILE G 281 38.11 -43.72 -47.79
C ILE G 281 38.85 -43.84 -49.11
N LEU G 282 40.09 -44.31 -49.06
CA LEU G 282 40.87 -44.52 -50.29
C LEU G 282 40.23 -45.57 -51.17
N HIS G 283 39.88 -46.73 -50.59
CA HIS G 283 39.22 -47.78 -51.34
C HIS G 283 37.97 -47.27 -52.04
N ASN G 284 37.12 -46.55 -51.29
CA ASN G 284 35.89 -46.02 -51.87
C ASN G 284 36.18 -44.95 -52.92
N ARG G 285 37.26 -44.16 -52.75
CA ARG G 285 37.66 -43.24 -53.81
C ARG G 285 38.09 -43.99 -55.07
N SER G 286 38.92 -45.03 -54.92
CA SER G 286 39.27 -45.88 -56.07
C SER G 286 38.03 -46.46 -56.75
N VAL G 287 37.03 -46.90 -55.94
CA VAL G 287 35.83 -47.55 -56.48
C VAL G 287 35.07 -46.63 -57.42
N VAL G 288 35.04 -45.34 -57.10
CA VAL G 288 34.36 -44.37 -57.96
C VAL G 288 35.21 -44.09 -59.19
N ARG G 289 36.51 -43.86 -58.97
CA ARG G 289 37.41 -43.44 -60.05
C ARG G 289 37.61 -44.55 -61.07
N ARG G 290 37.99 -45.74 -60.60
CA ARG G 290 37.97 -46.94 -61.43
C ARG G 290 36.80 -46.95 -62.40
N ALA G 291 35.60 -46.78 -61.89
CA ALA G 291 34.39 -46.97 -62.67
C ALA G 291 34.08 -45.81 -63.60
N LEU G 292 34.75 -44.67 -63.43
CA LEU G 292 34.30 -43.45 -64.09
C LEU G 292 35.39 -42.70 -64.87
N ALA G 293 36.67 -42.84 -64.45
CA ALA G 293 37.75 -42.04 -65.03
C ALA G 293 37.96 -42.30 -66.51
N GLY G 294 37.39 -43.39 -67.04
CA GLY G 294 37.50 -43.76 -68.43
C GLY G 294 36.43 -43.16 -69.32
N VAL G 295 35.23 -42.97 -68.77
CA VAL G 295 34.14 -42.38 -69.55
C VAL G 295 34.57 -41.04 -70.14
N GLU G 296 34.33 -40.85 -71.43
CA GLU G 296 34.77 -39.62 -72.09
C GLU G 296 33.95 -38.43 -71.60
N GLY G 297 34.65 -37.33 -71.35
CA GLY G 297 34.08 -36.16 -70.72
C GLY G 297 34.25 -36.13 -69.20
N VAL G 298 34.56 -37.27 -68.62
CA VAL G 298 34.60 -37.42 -67.16
C VAL G 298 36.02 -37.20 -66.65
N SER G 299 36.15 -36.37 -65.62
CA SER G 299 37.44 -36.09 -65.03
C SER G 299 37.26 -35.88 -63.54
N PHE G 300 38.38 -35.91 -62.82
CA PHE G 300 38.38 -35.70 -61.38
C PHE G 300 39.21 -34.48 -61.01
N PRO G 301 38.58 -33.36 -60.62
CA PRO G 301 39.34 -32.11 -60.46
C PRO G 301 40.26 -32.06 -59.25
N ASP G 302 40.13 -32.99 -58.29
CA ASP G 302 40.98 -33.02 -57.10
C ASP G 302 41.64 -34.38 -57.04
N PRO G 303 42.66 -34.62 -57.87
CA PRO G 303 43.25 -35.95 -57.91
C PRO G 303 43.96 -36.36 -56.63
N GLU G 304 44.43 -35.42 -55.83
CA GLU G 304 45.08 -35.77 -54.57
C GLU G 304 44.17 -35.63 -53.35
N SER G 305 42.86 -35.47 -53.55
CA SER G 305 41.95 -35.32 -52.42
C SER G 305 41.92 -36.60 -51.62
N ARG G 306 42.03 -36.48 -50.29
CA ARG G 306 41.73 -37.56 -49.36
C ARG G 306 40.43 -37.30 -48.57
N SER G 307 39.65 -36.30 -48.97
CA SER G 307 38.44 -35.92 -48.25
C SER G 307 37.37 -37.00 -48.41
N SER G 308 36.45 -37.02 -47.44
CA SER G 308 35.38 -38.01 -47.50
C SER G 308 34.34 -37.70 -48.57
N VAL G 309 34.51 -36.61 -49.32
CA VAL G 309 33.67 -36.31 -50.48
C VAL G 309 34.55 -36.09 -51.70
N GLU G 310 33.96 -36.34 -52.87
CA GLU G 310 34.63 -36.36 -54.15
C GLU G 310 33.84 -35.60 -55.19
N ARG G 311 34.49 -34.73 -55.94
CA ARG G 311 33.87 -34.11 -57.10
C ARG G 311 34.10 -34.94 -58.35
N VAL G 312 33.08 -34.99 -59.21
CA VAL G 312 33.18 -35.58 -60.54
C VAL G 312 32.72 -34.55 -61.57
N ALA G 313 33.56 -34.31 -62.60
CA ALA G 313 33.29 -33.36 -63.67
C ALA G 313 32.90 -34.09 -64.95
N PHE G 314 32.12 -33.43 -65.80
CA PHE G 314 31.69 -34.04 -67.05
C PHE G 314 31.61 -32.97 -68.12
N ALA G 315 31.58 -33.42 -69.37
CA ALA G 315 31.92 -32.57 -70.49
C ALA G 315 30.79 -31.64 -70.87
N GLY G 316 29.78 -32.15 -71.57
CA GLY G 316 28.83 -31.28 -72.22
C GLY G 316 27.51 -31.40 -71.53
N ARG G 317 27.60 -31.58 -70.22
CA ARG G 317 26.43 -31.89 -69.44
C ARG G 317 26.48 -31.17 -68.10
N THR G 318 25.29 -30.79 -67.63
CA THR G 318 25.11 -29.98 -66.43
C THR G 318 25.06 -30.85 -65.19
N GLY G 319 25.68 -30.37 -64.10
CA GLY G 319 25.49 -31.00 -62.81
C GLY G 319 24.02 -31.18 -62.44
N THR G 320 23.22 -30.14 -62.70
CA THR G 320 21.78 -30.24 -62.55
C THR G 320 21.22 -31.42 -63.35
N GLU G 321 21.32 -31.35 -64.69
CA GLU G 321 20.75 -32.41 -65.53
C GLU G 321 21.24 -33.77 -65.09
N VAL G 322 22.50 -33.87 -64.68
CA VAL G 322 23.05 -35.13 -64.17
C VAL G 322 22.39 -35.52 -62.85
N TRP G 323 22.26 -34.57 -61.92
CA TRP G 323 21.57 -34.89 -60.68
C TRP G 323 20.15 -35.39 -60.95
N GLU G 324 19.42 -34.72 -61.86
CA GLU G 324 18.03 -35.07 -62.15
C GLU G 324 17.91 -36.45 -62.75
N GLU G 325 18.90 -36.88 -63.52
CA GLU G 325 18.85 -38.20 -64.13
C GLU G 325 19.12 -39.27 -63.08
N LEU G 326 20.21 -39.14 -62.33
CA LEU G 326 20.46 -40.01 -61.18
C LEU G 326 19.24 -40.10 -60.27
N GLN G 327 18.64 -38.94 -59.96
CA GLN G 327 17.49 -38.91 -59.06
C GLN G 327 16.32 -39.72 -59.62
N ARG G 328 16.15 -39.73 -60.95
CA ARG G 328 15.11 -40.57 -61.55
C ARG G 328 15.29 -42.04 -61.17
N HIS G 329 16.53 -42.47 -60.93
CA HIS G 329 16.81 -43.84 -60.54
C HIS G 329 17.24 -43.94 -59.08
N HIS G 330 16.70 -43.08 -58.22
CA HIS G 330 16.77 -43.22 -56.75
C HIS G 330 18.18 -43.07 -56.23
N VAL G 331 19.02 -42.32 -56.95
CA VAL G 331 20.35 -41.95 -56.50
C VAL G 331 20.38 -40.43 -56.29
N PHE G 332 20.99 -40.01 -55.18
CA PHE G 332 21.03 -38.61 -54.79
C PHE G 332 22.46 -38.21 -54.49
N ALA G 333 22.99 -37.34 -55.33
CA ALA G 333 24.24 -36.65 -55.11
C ALA G 333 23.93 -35.15 -54.94
N LEU G 334 24.95 -34.31 -55.10
CA LEU G 334 24.80 -32.86 -54.98
C LEU G 334 25.30 -32.16 -56.24
N PRO G 335 24.53 -31.24 -56.84
CA PRO G 335 25.12 -30.35 -57.83
C PRO G 335 26.08 -29.41 -57.15
N CYS G 336 27.15 -29.06 -57.86
CA CYS G 336 28.25 -28.35 -57.22
C CYS G 336 28.15 -26.84 -57.37
N ARG G 337 27.10 -26.33 -58.03
CA ARG G 337 27.00 -24.89 -58.29
C ARG G 337 27.15 -24.07 -57.01
N GLN G 338 26.44 -24.48 -55.96
CA GLN G 338 26.33 -23.65 -54.77
C GLN G 338 27.56 -23.69 -53.91
N PHE G 339 28.47 -24.63 -54.14
CA PHE G 339 29.79 -24.52 -53.52
C PHE G 339 30.50 -23.25 -53.99
N HIS G 340 30.28 -22.88 -55.26
CA HIS G 340 30.85 -21.65 -55.83
C HIS G 340 29.89 -20.51 -55.53
N TRP G 341 29.93 -20.11 -54.26
CA TRP G 341 28.96 -19.18 -53.69
C TRP G 341 29.04 -17.77 -54.26
N ALA G 342 30.16 -17.37 -54.83
CA ALA G 342 30.32 -16.05 -55.43
C ALA G 342 30.11 -16.03 -56.93
N GLU G 343 30.35 -17.15 -57.59
CA GLU G 343 30.08 -17.31 -59.02
C GLU G 343 29.55 -18.71 -59.19
N PRO G 344 28.23 -18.90 -59.01
CA PRO G 344 27.65 -20.25 -59.13
C PRO G 344 28.02 -20.95 -60.41
N SER G 345 28.14 -20.19 -61.51
CA SER G 345 28.41 -20.80 -62.81
C SER G 345 29.73 -21.57 -62.80
N ASP G 346 30.68 -21.18 -61.94
CA ASP G 346 31.94 -21.90 -61.85
C ASP G 346 31.75 -23.37 -61.53
N GLY G 347 30.55 -23.80 -61.10
CA GLY G 347 30.33 -25.17 -60.67
C GLY G 347 29.24 -25.99 -61.33
N ASP G 348 28.69 -25.57 -62.48
CA ASP G 348 27.57 -26.32 -63.04
C ASP G 348 28.00 -27.39 -64.05
N HIS G 349 29.27 -27.84 -63.99
CA HIS G 349 29.70 -29.02 -64.73
C HIS G 349 30.32 -30.07 -63.80
N MET G 350 29.92 -30.08 -62.52
CA MET G 350 30.35 -31.08 -61.55
C MET G 350 29.21 -31.43 -60.60
N VAL G 351 29.26 -32.67 -60.08
CA VAL G 351 28.44 -33.10 -58.95
C VAL G 351 29.35 -33.70 -57.89
N ARG G 352 28.90 -33.62 -56.65
CA ARG G 352 29.66 -34.13 -55.52
C ARG G 352 29.05 -35.43 -55.03
N ILE G 353 29.93 -36.35 -54.71
CA ILE G 353 29.58 -37.68 -54.26
C ILE G 353 30.09 -37.83 -52.85
N ALA G 354 29.41 -38.64 -52.05
CA ALA G 354 29.82 -38.90 -50.69
C ALA G 354 30.45 -40.27 -50.58
N LEU G 355 31.59 -40.34 -49.87
CA LEU G 355 32.37 -41.55 -49.74
C LEU G 355 32.21 -42.22 -48.40
N SER G 356 31.81 -41.47 -47.36
CA SER G 356 31.55 -42.04 -46.03
C SER G 356 30.21 -42.78 -46.09
N ARG G 357 30.24 -43.86 -46.86
CA ARG G 357 29.15 -44.79 -47.07
C ARG G 357 29.81 -46.14 -47.20
N SER G 358 29.09 -47.20 -46.85
CA SER G 358 29.65 -48.51 -47.06
C SER G 358 29.77 -48.79 -48.56
N THR G 359 30.69 -49.69 -48.92
CA THR G 359 31.08 -49.84 -50.32
C THR G 359 29.93 -50.33 -51.20
N GLU G 360 29.05 -51.20 -50.68
CA GLU G 360 27.98 -51.72 -51.52
C GLU G 360 27.07 -50.63 -52.06
N PRO G 361 26.35 -49.87 -51.25
CA PRO G 361 25.48 -48.82 -51.81
C PRO G 361 26.25 -47.76 -52.57
N LEU G 362 27.52 -47.53 -52.22
CA LEU G 362 28.34 -46.62 -53.00
C LEU G 362 28.54 -47.14 -54.41
N GLU G 363 28.99 -48.40 -54.51
CA GLU G 363 29.21 -49.04 -55.81
C GLU G 363 27.96 -49.05 -56.66
N LYS G 364 26.84 -49.49 -56.07
CA LYS G 364 25.58 -49.49 -56.78
C LYS G 364 25.26 -48.10 -57.31
N SER G 365 25.70 -47.05 -56.60
CA SER G 365 25.41 -45.70 -57.04
C SER G 365 26.30 -45.28 -58.20
N VAL G 366 27.60 -45.57 -58.12
CA VAL G 366 28.49 -45.18 -59.20
C VAL G 366 28.10 -45.90 -60.48
N GLN G 367 27.65 -47.16 -60.39
CA GLN G 367 27.27 -47.91 -61.59
C GLN G 367 26.03 -47.32 -62.26
N VAL G 368 25.19 -46.64 -61.49
CA VAL G 368 24.11 -45.88 -62.11
C VAL G 368 24.68 -44.63 -62.76
N LEU G 369 25.64 -44.01 -62.10
CA LEU G 369 26.22 -42.79 -62.64
C LEU G 369 26.84 -43.04 -64.01
N ARG G 370 27.69 -44.07 -64.12
CA ARG G 370 28.32 -44.35 -65.41
C ARG G 370 27.27 -44.54 -66.50
N THR G 371 26.19 -45.26 -66.21
CA THR G 371 25.16 -45.45 -67.21
C THR G 371 24.53 -44.13 -67.62
N VAL G 372 24.39 -43.20 -66.69
CA VAL G 372 23.92 -41.86 -67.03
C VAL G 372 24.91 -41.19 -67.96
N LEU G 373 26.19 -41.26 -67.61
CA LEU G 373 27.22 -40.51 -68.32
C LEU G 373 27.57 -41.14 -69.66
N GLU G 374 27.36 -42.46 -69.80
CA GLU G 374 27.69 -43.16 -71.04
C GLU G 374 26.61 -43.02 -72.11
N THR G 375 25.54 -42.29 -71.85
CA THR G 375 24.49 -42.00 -72.85
C THR G 375 24.48 -40.53 -73.22
N LEU H 7 32.73 -10.61 -14.38
CA LEU H 7 31.30 -10.29 -14.49
C LEU H 7 30.48 -11.37 -15.23
N LYS H 8 29.33 -11.73 -14.64
CA LYS H 8 28.42 -12.72 -15.23
C LYS H 8 27.35 -11.95 -16.03
N GLU H 9 27.43 -11.99 -17.35
CA GLU H 9 26.58 -11.16 -18.20
C GLU H 9 25.18 -11.74 -18.43
N ASN H 10 24.88 -12.91 -17.87
CA ASN H 10 23.57 -13.53 -18.08
C ASN H 10 23.51 -14.73 -17.17
N LEU H 11 22.32 -15.33 -17.09
CA LEU H 11 22.08 -16.39 -16.13
C LEU H 11 22.81 -17.66 -16.51
N THR H 12 22.99 -17.93 -17.79
CA THR H 12 23.82 -19.08 -18.18
C THR H 12 25.22 -19.00 -17.53
N GLN H 13 25.83 -17.80 -17.51
CA GLN H 13 27.17 -17.66 -16.95
C GLN H 13 27.16 -17.89 -15.45
N TRP H 14 26.14 -17.43 -14.74
CA TRP H 14 26.00 -17.84 -13.35
C TRP H 14 25.93 -19.35 -13.25
N ALA H 15 25.25 -19.96 -14.22
CA ALA H 15 24.94 -21.38 -14.17
C ALA H 15 26.13 -22.26 -14.49
N TYR H 16 27.15 -21.72 -15.21
CA TYR H 16 28.43 -22.40 -15.40
C TYR H 16 29.11 -22.75 -14.08
N LEU H 17 29.08 -21.80 -13.12
CA LEU H 17 29.75 -21.97 -11.84
C LEU H 17 29.30 -23.20 -11.11
N ALA H 18 28.12 -23.72 -11.46
CA ALA H 18 27.51 -24.84 -10.75
C ALA H 18 27.74 -26.20 -11.42
N LEU H 19 28.31 -26.23 -12.62
CA LEU H 19 28.14 -27.39 -13.49
C LEU H 19 28.90 -28.64 -13.00
N ASN H 20 29.92 -28.48 -12.15
CA ASN H 20 30.68 -29.63 -11.65
C ASN H 20 30.56 -29.81 -10.14
N SER H 21 29.52 -29.26 -9.52
CA SER H 21 29.35 -29.34 -8.08
C SER H 21 28.24 -30.29 -7.70
N GLU H 22 28.46 -31.07 -6.65
CA GLU H 22 27.42 -31.95 -6.10
C GLU H 22 26.16 -31.16 -5.75
N LEU H 23 26.31 -29.93 -5.30
CA LEU H 23 25.14 -29.17 -4.88
C LEU H 23 24.80 -28.11 -5.92
N ASN H 24 24.65 -28.57 -7.17
CA ASN H 24 24.12 -27.77 -8.27
C ASN H 24 22.60 -27.73 -8.15
N ILE H 25 22.05 -26.56 -7.82
CA ILE H 25 20.60 -26.32 -7.88
C ILE H 25 20.34 -25.08 -8.72
N ALA H 26 21.15 -24.90 -9.79
CA ALA H 26 21.11 -23.72 -10.63
C ALA H 26 20.35 -23.99 -11.94
N ASP H 27 21.01 -24.55 -12.96
CA ASP H 27 20.33 -24.70 -14.25
C ASP H 27 19.08 -25.58 -14.07
N GLY H 28 18.10 -25.36 -14.96
CA GLY H 28 16.84 -26.07 -14.91
C GLY H 28 16.82 -27.36 -15.69
N HIS H 29 17.98 -27.86 -16.10
CA HIS H 29 18.04 -29.15 -16.78
C HIS H 29 17.70 -30.24 -15.78
N ALA H 30 17.04 -31.27 -16.30
CA ALA H 30 16.66 -32.45 -15.53
C ALA H 30 17.92 -33.27 -15.22
N ARG H 31 18.24 -33.40 -13.94
CA ARG H 31 19.48 -34.03 -13.51
C ARG H 31 19.21 -35.06 -12.45
N GLN H 32 17.94 -35.39 -12.18
CA GLN H 32 17.65 -36.43 -11.21
C GLN H 32 17.99 -37.80 -11.84
N ALA H 33 18.04 -38.81 -10.98
CA ALA H 33 18.26 -40.18 -11.44
C ALA H 33 17.09 -40.71 -12.26
N LEU H 34 17.44 -41.47 -13.32
CA LEU H 34 16.48 -42.18 -14.13
C LEU H 34 15.49 -42.91 -13.24
N SER H 35 14.25 -42.97 -13.68
CA SER H 35 13.32 -43.89 -13.09
C SER H 35 13.70 -45.31 -13.54
N PRO H 36 13.10 -46.35 -12.94
CA PRO H 36 13.26 -47.71 -13.51
C PRO H 36 12.83 -47.83 -14.97
N GLY H 37 11.71 -47.23 -15.39
CA GLY H 37 11.32 -47.35 -16.77
C GLY H 37 12.31 -46.69 -17.71
N GLN H 38 12.95 -45.62 -17.25
CA GLN H 38 13.88 -44.88 -18.11
C GLN H 38 15.22 -45.58 -18.22
N GLN H 39 15.64 -46.22 -17.14
CA GLN H 39 16.92 -46.91 -17.15
C GLN H 39 16.86 -48.06 -18.13
N LYS H 40 15.71 -48.72 -18.22
CA LYS H 40 15.56 -49.80 -19.17
C LYS H 40 15.67 -49.26 -20.58
N ILE H 41 15.23 -48.02 -20.82
CA ILE H 41 15.49 -47.40 -22.12
C ILE H 41 16.99 -47.25 -22.35
N VAL H 42 17.71 -46.75 -21.34
CA VAL H 42 19.14 -46.56 -21.51
C VAL H 42 19.81 -47.89 -21.78
N ASN H 43 19.37 -48.95 -21.07
CA ASN H 43 19.91 -50.29 -21.23
C ASN H 43 19.73 -50.79 -22.64
N GLU H 44 18.69 -50.36 -23.33
CA GLU H 44 18.46 -50.82 -24.68
C GLU H 44 19.09 -49.89 -25.72
N LEU H 45 20.02 -49.02 -25.34
CA LEU H 45 20.61 -48.11 -26.30
C LEU H 45 21.26 -48.81 -27.49
N PRO H 46 22.10 -49.84 -27.30
CA PRO H 46 22.63 -50.57 -28.47
C PRO H 46 21.56 -50.95 -29.48
N VAL H 47 20.37 -51.29 -29.01
CA VAL H 47 19.32 -51.67 -29.91
C VAL H 47 18.72 -50.45 -30.59
N LEU H 48 18.58 -49.33 -29.86
CA LEU H 48 18.05 -48.12 -30.50
C LEU H 48 19.04 -47.63 -31.52
N TRP H 49 20.34 -47.79 -31.22
CA TRP H 49 21.37 -47.41 -32.18
C TRP H 49 21.15 -48.17 -33.50
N ALA H 50 21.00 -49.49 -33.40
CA ALA H 50 20.79 -50.27 -34.61
C ALA H 50 19.54 -49.82 -35.36
N GLU H 51 18.46 -49.48 -34.65
CA GLU H 51 17.28 -49.03 -35.37
C GLU H 51 17.55 -47.71 -36.07
N SER H 52 18.32 -46.83 -35.44
CA SER H 52 18.65 -45.52 -36.00
C SER H 52 19.55 -45.63 -37.23
N GLU H 53 20.50 -46.59 -37.23
CA GLU H 53 21.22 -46.95 -38.47
C GLU H 53 20.26 -47.41 -39.54
N GLN H 54 19.43 -48.42 -39.22
CA GLN H 54 18.68 -49.13 -40.25
C GLN H 54 17.55 -48.28 -40.84
N ARG H 55 16.90 -47.45 -40.03
CA ARG H 55 15.60 -47.01 -40.44
C ARG H 55 15.63 -45.60 -41.04
N PRO H 56 14.68 -45.28 -41.91
CA PRO H 56 14.58 -43.91 -42.45
C PRO H 56 14.28 -42.91 -41.34
N VAL H 57 15.17 -41.91 -41.19
CA VAL H 57 15.01 -40.94 -40.12
C VAL H 57 13.62 -40.31 -40.13
N GLN H 58 13.02 -40.08 -41.32
CA GLN H 58 11.68 -39.50 -41.38
C GLN H 58 10.69 -40.27 -40.51
N GLN H 59 10.75 -41.59 -40.57
CA GLN H 59 9.78 -42.41 -39.84
C GLN H 59 10.02 -42.31 -38.34
N ILE H 60 11.29 -42.24 -37.92
CA ILE H 60 11.59 -42.11 -36.50
C ILE H 60 11.17 -40.72 -36.02
N GLU H 61 11.51 -39.69 -36.79
CA GLU H 61 11.17 -38.34 -36.42
C GLU H 61 9.68 -38.21 -36.17
N SER H 62 8.88 -38.60 -37.17
CA SER H 62 7.45 -38.52 -37.06
C SER H 62 6.95 -39.25 -35.82
N GLU H 63 7.53 -40.40 -35.54
CA GLU H 63 7.10 -41.17 -34.41
C GLU H 63 7.40 -40.44 -33.12
N ALA H 64 8.56 -39.77 -33.07
CA ALA H 64 8.90 -39.01 -31.87
C ALA H 64 7.99 -37.80 -31.71
N HIS H 65 7.69 -37.12 -32.81
CA HIS H 65 6.84 -35.94 -32.72
C HIS H 65 5.45 -36.31 -32.24
N GLN H 66 4.84 -37.30 -32.90
CA GLN H 66 3.52 -37.79 -32.54
C GLN H 66 3.51 -38.13 -31.05
N ALA H 67 4.47 -38.91 -30.59
CA ALA H 67 4.47 -39.34 -29.21
C ALA H 67 4.56 -38.14 -28.26
N TYR H 68 5.46 -37.19 -28.53
CA TYR H 68 5.67 -36.08 -27.63
C TYR H 68 4.44 -35.21 -27.61
N PHE H 69 3.96 -34.81 -28.79
CA PHE H 69 2.84 -33.88 -28.87
C PHE H 69 1.56 -34.48 -28.28
N THR H 70 1.25 -35.74 -28.61
CA THR H 70 0.05 -36.38 -28.06
C THR H 70 0.12 -36.43 -26.55
N LEU H 71 1.30 -36.81 -26.02
CA LEU H 71 1.49 -36.95 -24.58
C LEU H 71 1.04 -35.72 -23.85
N LEU H 72 1.34 -34.54 -24.42
CA LEU H 72 1.05 -33.25 -23.82
C LEU H 72 -0.16 -32.59 -24.47
N GLY H 73 -1.02 -33.38 -25.12
CA GLY H 73 -2.32 -32.87 -25.49
C GLY H 73 -2.37 -32.03 -26.74
N GLN H 74 -1.29 -32.01 -27.50
CA GLN H 74 -1.18 -31.11 -28.65
C GLN H 74 -1.61 -31.82 -29.95
N HIS H 75 -2.85 -32.37 -29.94
CA HIS H 75 -3.27 -33.27 -31.01
C HIS H 75 -3.32 -32.55 -32.38
N GLY H 76 -3.75 -31.28 -32.41
CA GLY H 76 -3.85 -30.60 -33.68
C GLY H 76 -2.54 -30.08 -34.23
N TYR H 77 -1.41 -30.51 -33.70
CA TYR H 77 -0.16 -30.03 -34.27
C TYR H 77 -0.04 -30.47 -35.74
N PRO H 78 0.60 -29.63 -36.61
CA PRO H 78 0.75 -30.00 -38.03
C PRO H 78 1.75 -31.11 -38.23
N ALA H 79 1.29 -32.26 -38.69
CA ALA H 79 2.08 -33.47 -38.73
C ALA H 79 2.70 -33.76 -40.10
N GLU H 80 2.44 -32.94 -41.10
CA GLU H 80 3.02 -33.15 -42.40
C GLU H 80 4.53 -32.82 -42.34
N PRO H 81 5.37 -33.61 -43.00
CA PRO H 81 6.81 -33.40 -42.91
C PRO H 81 7.26 -31.99 -43.29
N GLY H 82 8.27 -31.50 -42.57
CA GLY H 82 8.72 -30.15 -42.74
C GLY H 82 8.02 -29.16 -41.87
N ARG H 83 6.83 -29.47 -41.38
CA ARG H 83 6.13 -28.45 -40.64
C ARG H 83 6.69 -28.30 -39.24
N VAL H 84 7.26 -29.37 -38.68
CA VAL H 84 7.90 -29.36 -37.35
C VAL H 84 9.38 -29.57 -37.57
N LEU H 85 10.18 -28.57 -37.22
CA LEU H 85 11.62 -28.56 -37.48
C LEU H 85 12.36 -28.93 -36.21
N SER H 86 13.07 -30.04 -36.26
CA SER H 86 13.78 -30.56 -35.11
C SER H 86 15.17 -29.93 -35.06
N CYS H 87 15.51 -29.34 -33.92
CA CYS H 87 16.65 -28.46 -33.74
C CYS H 87 17.41 -29.01 -32.54
N TYR H 88 18.71 -28.70 -32.45
CA TYR H 88 19.55 -29.31 -31.41
C TYR H 88 19.10 -28.90 -30.03
N SER H 89 18.61 -27.68 -29.90
CA SER H 89 18.04 -27.27 -28.64
C SER H 89 16.95 -26.24 -28.86
N SER H 90 16.20 -26.00 -27.80
CA SER H 90 15.28 -24.89 -27.76
C SER H 90 15.96 -23.58 -28.14
N SER H 91 17.21 -23.35 -27.66
CA SER H 91 17.94 -22.11 -27.95
C SER H 91 18.31 -21.97 -29.43
N VAL H 92 18.72 -23.05 -30.12
CA VAL H 92 18.97 -22.83 -31.53
C VAL H 92 17.65 -22.59 -32.28
N SER H 93 16.54 -23.16 -31.84
CA SER H 93 15.27 -22.72 -32.44
C SER H 93 15.07 -21.25 -32.23
N MET H 94 15.42 -20.76 -31.04
CA MET H 94 15.20 -19.37 -30.73
C MET H 94 16.07 -18.49 -31.60
N GLU H 95 17.33 -18.91 -31.82
CA GLU H 95 18.23 -18.17 -32.68
C GLU H 95 17.69 -18.10 -34.08
N ILE H 96 17.18 -19.23 -34.60
CA ILE H 96 16.58 -19.20 -35.94
C ILE H 96 15.45 -18.19 -35.98
N LEU H 97 14.52 -18.30 -35.02
CA LEU H 97 13.39 -17.38 -34.99
C LEU H 97 13.85 -15.92 -34.92
N ALA H 98 14.80 -15.65 -34.03
CA ALA H 98 15.21 -14.27 -33.78
C ALA H 98 15.89 -13.66 -35.00
N ARG H 99 16.67 -14.45 -35.71
CA ARG H 99 17.28 -13.87 -36.90
C ARG H 99 16.25 -13.77 -38.02
N SER H 100 15.27 -14.70 -38.08
CA SER H 100 14.19 -14.62 -39.08
C SER H 100 13.33 -13.36 -38.89
N LEU H 101 13.01 -13.06 -37.63
CA LEU H 101 12.28 -11.84 -37.26
C LEU H 101 13.00 -10.57 -37.70
N SER H 102 14.34 -10.52 -37.56
CA SER H 102 15.07 -9.27 -37.82
C SER H 102 14.93 -8.81 -39.26
N ALA H 103 14.62 -9.71 -40.19
CA ALA H 103 14.45 -9.32 -41.60
C ALA H 103 13.23 -8.41 -41.83
N SER H 104 12.25 -8.39 -40.91
CA SER H 104 10.99 -7.70 -41.16
C SER H 104 10.34 -7.13 -39.90
N VAL H 105 10.96 -7.25 -38.72
CA VAL H 105 10.39 -6.74 -37.47
C VAL H 105 11.42 -5.89 -36.72
N ASP H 106 10.98 -4.74 -36.23
CA ASP H 106 11.80 -3.83 -35.44
C ASP H 106 11.61 -4.04 -33.94
N ARG H 107 10.40 -4.37 -33.48
CA ARG H 107 10.06 -4.46 -32.05
C ARG H 107 9.27 -5.71 -31.74
N VAL H 108 9.58 -6.29 -30.59
CA VAL H 108 8.93 -7.49 -30.09
C VAL H 108 8.38 -7.18 -28.71
N ALA H 109 7.11 -7.56 -28.49
CA ALA H 109 6.54 -7.53 -27.15
C ALA H 109 6.82 -8.87 -26.49
N LEU H 110 7.49 -8.83 -25.33
CA LEU H 110 8.02 -10.01 -24.70
C LEU H 110 7.57 -10.02 -23.24
N VAL H 111 7.04 -11.16 -22.77
CA VAL H 111 6.65 -11.23 -21.36
C VAL H 111 7.85 -11.02 -20.40
N HIS H 112 7.55 -10.50 -19.20
CA HIS H 112 8.56 -10.03 -18.27
C HIS H 112 8.05 -10.34 -16.87
N PRO H 113 8.81 -11.09 -16.05
CA PRO H 113 10.12 -11.65 -16.34
C PRO H 113 10.06 -12.81 -17.29
N THR H 114 11.22 -13.24 -17.78
CA THR H 114 11.28 -14.53 -18.44
C THR H 114 12.74 -14.97 -18.57
N PHE H 115 12.96 -16.17 -19.13
CA PHE H 115 14.34 -16.64 -19.18
C PHE H 115 15.15 -15.74 -20.09
N ASP H 116 16.35 -15.34 -19.65
CA ASP H 116 16.95 -14.14 -20.21
C ASP H 116 17.56 -14.35 -21.60
N ASN H 117 17.87 -15.58 -22.00
CA ASN H 117 18.44 -15.69 -23.33
C ASN H 117 17.40 -15.41 -24.42
N ILE H 118 16.12 -15.36 -24.09
CA ILE H 118 15.12 -15.00 -25.11
C ILE H 118 15.27 -13.54 -25.49
N ALA H 119 15.46 -12.69 -24.46
CA ALA H 119 15.71 -11.28 -24.65
C ALA H 119 17.09 -11.06 -25.28
N ASP H 120 18.12 -11.75 -24.77
CA ASP H 120 19.48 -11.60 -25.31
C ASP H 120 19.60 -12.15 -26.74
N LEU H 121 18.94 -13.26 -27.05
CA LEU H 121 18.97 -13.67 -28.46
C LEU H 121 18.16 -12.72 -29.33
N LEU H 122 17.09 -12.12 -28.81
CA LEU H 122 16.36 -11.15 -29.62
C LEU H 122 17.17 -9.86 -29.78
N ARG H 123 17.61 -9.27 -28.66
CA ARG H 123 18.45 -8.07 -28.75
C ARG H 123 19.70 -8.36 -29.56
N GLY H 124 20.32 -9.52 -29.33
CA GLY H 124 21.50 -9.90 -30.10
C GLY H 124 21.30 -9.89 -31.60
N ASN H 125 20.08 -10.04 -32.08
CA ASN H 125 19.84 -10.13 -33.52
C ASN H 125 19.27 -8.84 -34.10
N GLY H 126 19.30 -7.74 -33.34
CA GLY H 126 18.80 -6.47 -33.84
C GLY H 126 17.42 -6.02 -33.36
N LEU H 127 16.65 -6.85 -32.66
CA LEU H 127 15.30 -6.50 -32.26
C LEU H 127 15.33 -5.73 -30.96
N ASP H 128 14.49 -4.69 -30.88
CA ASP H 128 14.22 -4.00 -29.62
C ASP H 128 13.02 -4.70 -28.98
N LEU H 129 12.92 -4.53 -27.68
CA LEU H 129 11.96 -5.28 -26.89
C LEU H 129 11.08 -4.34 -26.12
N VAL H 130 9.84 -4.77 -25.93
CA VAL H 130 8.90 -4.06 -25.07
C VAL H 130 8.36 -5.05 -24.05
N PRO H 131 8.40 -4.76 -22.76
CA PRO H 131 8.00 -5.76 -21.78
C PRO H 131 6.50 -5.72 -21.55
N VAL H 132 5.95 -6.91 -21.29
CA VAL H 132 4.56 -7.05 -20.86
C VAL H 132 4.61 -7.81 -19.53
N GLU H 133 4.21 -7.15 -18.44
CA GLU H 133 4.09 -7.82 -17.17
C GLU H 133 3.04 -8.93 -17.24
N GLU H 134 3.10 -9.82 -16.26
CA GLU H 134 2.29 -11.01 -16.31
C GLU H 134 0.81 -10.67 -16.14
N ASP H 135 0.48 -9.87 -15.11
CA ASP H 135 -0.91 -9.50 -14.88
C ASP H 135 -1.48 -8.81 -16.11
N ALA H 136 -0.72 -7.95 -16.75
CA ALA H 136 -1.23 -7.29 -17.95
C ALA H 136 -1.55 -8.32 -19.02
N LEU H 137 -0.62 -9.26 -19.22
CA LEU H 137 -0.73 -10.27 -20.28
C LEU H 137 -1.97 -11.15 -20.07
N HIS H 138 -2.15 -11.63 -18.84
CA HIS H 138 -3.14 -12.68 -18.55
C HIS H 138 -4.53 -12.16 -18.25
N GLY H 139 -4.65 -10.88 -17.82
CA GLY H 139 -5.87 -10.30 -17.25
C GLY H 139 -6.59 -9.27 -18.14
N ALA H 140 -5.96 -8.93 -19.26
CA ALA H 140 -6.47 -7.90 -20.16
C ALA H 140 -5.91 -8.07 -21.57
N ASP H 141 -6.68 -7.52 -22.53
CA ASP H 141 -6.18 -7.25 -23.86
C ASP H 141 -4.90 -6.42 -23.81
N LEU H 142 -4.00 -6.68 -24.76
CA LEU H 142 -2.91 -5.74 -25.08
C LEU H 142 -3.47 -4.53 -25.84
N SER H 143 -2.99 -3.34 -25.48
CA SER H 143 -3.47 -2.13 -26.13
C SER H 143 -3.19 -2.15 -27.63
N ALA H 144 -3.95 -1.31 -28.32
CA ALA H 144 -3.70 -1.08 -29.75
C ALA H 144 -2.39 -0.33 -29.97
N GLU H 145 -2.06 0.67 -29.11
CA GLU H 145 -0.77 1.35 -29.23
C GLU H 145 0.40 0.36 -29.19
N LEU H 146 0.31 -0.65 -28.32
CA LEU H 146 1.36 -1.65 -28.25
C LEU H 146 1.35 -2.56 -29.48
N LEU H 147 0.19 -3.07 -29.89
CA LEU H 147 0.18 -4.05 -30.98
C LEU H 147 0.59 -3.44 -32.31
N SER H 148 0.38 -2.16 -32.51
CA SER H 148 0.84 -1.52 -33.74
C SER H 148 2.31 -1.11 -33.68
N SER H 149 2.91 -1.00 -32.49
CA SER H 149 4.34 -0.67 -32.36
C SER H 149 5.27 -1.89 -32.46
N VAL H 150 4.73 -3.06 -32.81
CA VAL H 150 5.39 -4.33 -32.57
C VAL H 150 5.02 -5.33 -33.68
N GLY H 151 5.95 -6.16 -34.09
CA GLY H 151 5.69 -7.10 -35.17
C GLY H 151 5.54 -8.52 -34.65
N CYS H 152 5.75 -8.72 -33.36
CA CYS H 152 5.73 -10.04 -32.75
C CYS H 152 5.36 -9.91 -31.27
N VAL H 153 4.53 -10.82 -30.79
CA VAL H 153 4.23 -10.94 -29.36
C VAL H 153 4.77 -12.30 -28.96
N PHE H 154 5.64 -12.32 -27.95
CA PHE H 154 6.38 -13.51 -27.55
C PHE H 154 6.04 -13.84 -26.12
N VAL H 155 5.58 -15.07 -25.90
CA VAL H 155 5.05 -15.50 -24.60
C VAL H 155 5.69 -16.83 -24.26
N THR H 156 6.31 -16.89 -23.10
CA THR H 156 6.79 -18.13 -22.54
C THR H 156 5.68 -18.70 -21.65
N THR H 157 5.15 -19.87 -21.99
CA THR H 157 4.07 -20.44 -21.20
C THR H 157 4.22 -21.95 -21.21
N PRO H 158 4.30 -22.62 -20.05
CA PRO H 158 4.39 -22.04 -18.71
C PRO H 158 5.64 -21.18 -18.60
N ASN H 159 5.59 -20.09 -17.85
CA ASN H 159 6.69 -19.14 -17.92
C ASN H 159 7.82 -19.55 -16.97
N ASN H 160 9.04 -19.18 -17.34
CA ASN H 160 10.19 -19.39 -16.47
C ASN H 160 10.72 -18.00 -16.14
N PRO H 161 10.79 -17.59 -14.86
CA PRO H 161 10.81 -18.36 -13.60
C PRO H 161 9.51 -18.54 -12.83
N THR H 162 8.36 -18.03 -13.34
CA THR H 162 7.19 -17.88 -12.46
C THR H 162 6.27 -19.09 -12.45
N GLY H 163 6.36 -19.96 -13.47
CA GLY H 163 5.47 -21.09 -13.63
C GLY H 163 4.09 -20.74 -14.16
N ARG H 164 3.80 -19.49 -14.44
CA ARG H 164 2.46 -19.07 -14.82
C ARG H 164 2.11 -19.57 -16.21
N VAL H 165 0.93 -20.17 -16.33
CA VAL H 165 0.44 -20.74 -17.58
C VAL H 165 -0.57 -19.80 -18.22
N LEU H 166 -0.39 -19.51 -19.50
CA LEU H 166 -1.36 -18.72 -20.26
C LEU H 166 -2.59 -19.57 -20.60
N ALA H 167 -3.73 -19.21 -20.00
CA ALA H 167 -4.96 -20.00 -20.13
C ALA H 167 -5.55 -19.92 -21.54
N GLU H 168 -6.51 -20.79 -21.82
CA GLU H 168 -6.93 -20.98 -23.21
C GLU H 168 -7.79 -19.80 -23.69
N GLU H 169 -8.65 -19.23 -22.82
CA GLU H 169 -9.46 -18.09 -23.24
C GLU H 169 -8.59 -16.90 -23.57
N ARG H 170 -7.54 -16.68 -22.77
CA ARG H 170 -6.64 -15.58 -23.04
C ARG H 170 -5.79 -15.83 -24.29
N LEU H 171 -5.32 -17.08 -24.50
CA LEU H 171 -4.56 -17.34 -25.73
C LEU H 171 -5.44 -17.14 -26.96
N ARG H 172 -6.69 -17.56 -26.88
CA ARG H 172 -7.63 -17.38 -27.98
C ARG H 172 -7.83 -15.89 -28.25
N ARG H 173 -8.08 -15.11 -27.19
CA ARG H 173 -8.20 -13.68 -27.40
C ARG H 173 -6.91 -13.08 -27.96
N LEU H 174 -5.75 -13.47 -27.41
CA LEU H 174 -4.47 -12.91 -27.88
C LEU H 174 -4.20 -13.29 -29.33
N ALA H 175 -4.54 -14.53 -29.70
CA ALA H 175 -4.28 -14.94 -31.07
C ALA H 175 -5.19 -14.18 -32.03
N GLU H 176 -6.43 -13.90 -31.58
CA GLU H 176 -7.35 -13.03 -32.32
C GLU H 176 -6.82 -11.61 -32.46
N GLN H 177 -6.31 -11.05 -31.37
CA GLN H 177 -5.74 -9.71 -31.42
C GLN H 177 -4.59 -9.64 -32.43
N CYS H 178 -3.75 -10.68 -32.42
CA CYS H 178 -2.60 -10.71 -33.33
C CYS H 178 -3.06 -10.86 -34.79
N ALA H 179 -4.15 -11.60 -35.02
CA ALA H 179 -4.70 -11.73 -36.38
C ALA H 179 -5.24 -10.40 -36.88
N GLU H 180 -5.90 -9.61 -36.02
CA GLU H 180 -6.43 -8.31 -36.39
C GLU H 180 -5.32 -7.34 -36.80
N HIS H 181 -4.13 -7.50 -36.24
CA HIS H 181 -3.02 -6.57 -36.47
C HIS H 181 -1.93 -7.15 -37.38
N GLY H 182 -2.09 -8.36 -37.90
CA GLY H 182 -1.04 -8.97 -38.70
C GLY H 182 0.21 -9.35 -37.95
N THR H 183 0.15 -9.43 -36.62
CA THR H 183 1.29 -9.71 -35.76
C THR H 183 1.67 -11.21 -35.72
N VAL H 184 2.95 -11.48 -35.53
CA VAL H 184 3.36 -12.85 -35.22
C VAL H 184 3.19 -13.11 -33.72
N LEU H 185 2.41 -14.14 -33.38
CA LEU H 185 2.33 -14.64 -32.01
C LEU H 185 3.32 -15.80 -31.83
N ALA H 186 4.27 -15.63 -30.92
CA ALA H 186 5.31 -16.63 -30.69
C ALA H 186 5.21 -17.19 -29.27
N LEU H 187 5.15 -18.51 -29.17
CA LEU H 187 5.10 -19.19 -27.89
C LEU H 187 6.37 -20.02 -27.69
N ASP H 188 6.88 -19.99 -26.46
CA ASP H 188 7.91 -20.90 -25.97
C ASP H 188 7.26 -21.78 -24.90
N THR H 189 7.09 -23.07 -25.22
CA THR H 189 6.38 -24.02 -24.37
C THR H 189 7.32 -25.09 -23.83
N SER H 190 8.56 -24.67 -23.59
CA SER H 190 9.57 -25.57 -23.05
C SER H 190 9.11 -26.32 -21.81
N PHE H 191 8.41 -25.63 -20.90
CA PHE H 191 8.00 -26.23 -19.64
C PHE H 191 6.61 -26.86 -19.69
N ARG H 192 6.08 -27.10 -20.89
CA ARG H 192 4.72 -27.55 -21.05
C ARG H 192 4.45 -28.81 -20.25
N GLY H 193 5.39 -29.75 -20.28
CA GLY H 193 5.10 -31.06 -19.71
C GLY H 193 4.88 -31.06 -18.21
N PHE H 194 5.25 -30.00 -17.53
CA PHE H 194 5.18 -30.03 -16.07
C PHE H 194 3.80 -29.63 -15.54
N ASP H 195 2.97 -28.93 -16.34
CA ASP H 195 1.70 -28.40 -15.85
C ASP H 195 0.55 -28.73 -16.80
N ALA H 196 -0.37 -29.58 -16.33
CA ALA H 196 -1.49 -30.02 -17.18
C ALA H 196 -2.38 -28.88 -17.59
N ALA H 197 -2.36 -27.76 -16.87
CA ALA H 197 -3.11 -26.59 -17.34
C ALA H 197 -2.57 -26.05 -18.65
N ALA H 198 -1.36 -26.48 -19.05
CA ALA H 198 -0.81 -26.08 -20.34
C ALA H 198 -0.98 -27.16 -21.40
N HIS H 199 -1.86 -28.16 -21.17
CA HIS H 199 -2.02 -29.27 -22.12
C HIS H 199 -3.31 -29.21 -22.90
N TYR H 200 -4.09 -28.16 -22.77
CA TYR H 200 -5.11 -27.97 -23.78
C TYR H 200 -4.41 -27.65 -25.11
N ASP H 201 -5.17 -27.79 -26.19
CA ASP H 201 -4.56 -27.92 -27.51
C ASP H 201 -4.30 -26.53 -28.03
N HIS H 202 -3.02 -26.16 -28.04
CA HIS H 202 -2.63 -24.83 -28.43
C HIS H 202 -2.73 -24.67 -29.92
N TYR H 203 -2.48 -25.77 -30.64
CA TYR H 203 -2.44 -25.70 -32.09
C TYR H 203 -3.84 -25.48 -32.61
N ALA H 204 -4.82 -26.09 -31.94
CA ALA H 204 -6.21 -25.88 -32.27
C ALA H 204 -6.59 -24.41 -32.11
N VAL H 205 -6.17 -23.78 -31.01
CA VAL H 205 -6.47 -22.36 -30.81
C VAL H 205 -5.81 -21.52 -31.87
N LEU H 206 -4.51 -21.75 -32.09
CA LEU H 206 -3.74 -20.94 -33.03
C LEU H 206 -4.25 -21.09 -34.46
N GLN H 207 -4.53 -22.34 -34.88
CA GLN H 207 -5.01 -22.55 -36.23
C GLN H 207 -6.44 -22.02 -36.40
N GLU H 208 -7.26 -22.09 -35.36
CA GLU H 208 -8.60 -21.53 -35.46
C GLU H 208 -8.57 -20.02 -35.58
N ALA H 209 -7.60 -19.36 -34.94
CA ALA H 209 -7.62 -17.91 -35.00
C ALA H 209 -7.05 -17.39 -36.32
N GLY H 210 -6.29 -18.22 -37.03
CA GLY H 210 -5.70 -17.79 -38.28
C GLY H 210 -4.70 -16.65 -38.17
N CYS H 211 -4.05 -16.47 -37.01
CA CYS H 211 -2.92 -15.55 -36.90
C CYS H 211 -1.66 -16.21 -37.48
N ARG H 212 -0.65 -15.38 -37.73
CA ARG H 212 0.70 -15.88 -37.94
C ARG H 212 1.23 -16.33 -36.60
N TRP H 213 1.83 -17.52 -36.56
CA TRP H 213 2.21 -18.11 -35.30
C TRP H 213 3.43 -18.99 -35.43
N VAL H 214 4.21 -19.01 -34.34
CA VAL H 214 5.35 -19.87 -34.15
C VAL H 214 5.29 -20.42 -32.74
N VAL H 215 5.51 -21.72 -32.60
CA VAL H 215 5.75 -22.32 -31.30
C VAL H 215 7.12 -22.97 -31.28
N ILE H 216 7.77 -22.87 -30.13
CA ILE H 216 8.98 -23.55 -29.87
C ILE H 216 8.70 -24.46 -28.69
N GLU H 217 8.49 -25.75 -28.97
CA GLU H 217 8.47 -26.83 -27.99
C GLU H 217 9.90 -27.25 -27.66
N ASP H 218 10.06 -28.00 -26.56
CA ASP H 218 11.35 -28.46 -26.04
C ASP H 218 11.16 -29.75 -25.24
N THR H 219 11.88 -30.84 -25.63
CA THR H 219 11.88 -32.10 -24.89
C THR H 219 12.87 -32.12 -23.70
N GLY H 220 13.87 -31.24 -23.71
CA GLY H 220 15.00 -31.36 -22.79
C GLY H 220 14.68 -31.27 -21.31
N LYS H 221 13.86 -30.31 -20.90
CA LYS H 221 13.73 -30.04 -19.47
C LYS H 221 13.19 -31.20 -18.68
N LEU H 222 12.34 -31.99 -19.32
CA LEU H 222 11.39 -32.85 -18.64
C LEU H 222 12.04 -34.09 -18.07
N TRP H 223 13.02 -34.64 -18.78
CA TRP H 223 13.59 -35.94 -18.44
C TRP H 223 15.11 -35.87 -18.30
N PRO H 224 15.71 -36.63 -17.35
CA PRO H 224 17.19 -36.65 -17.22
C PRO H 224 17.87 -37.49 -18.30
N THR H 225 17.92 -36.91 -19.51
CA THR H 225 18.50 -37.55 -20.69
C THR H 225 19.92 -37.05 -20.97
N LEU H 226 20.59 -36.46 -19.98
CA LEU H 226 21.96 -36.00 -20.16
C LEU H 226 22.05 -34.99 -21.32
N ASP H 227 21.07 -34.09 -21.38
CA ASP H 227 20.99 -32.98 -22.34
C ASP H 227 20.82 -33.48 -23.77
N LEU H 228 20.33 -34.71 -23.93
CA LEU H 228 20.02 -35.29 -25.21
C LEU H 228 18.57 -34.96 -25.54
N LYS H 229 18.38 -34.03 -26.46
CA LYS H 229 17.08 -33.38 -26.57
C LYS H 229 16.93 -32.84 -27.96
N ALA H 230 15.78 -32.23 -28.20
CA ALA H 230 15.52 -31.50 -29.41
C ALA H 230 14.61 -30.32 -29.09
N GLY H 231 14.91 -29.19 -29.71
CA GLY H 231 13.96 -28.12 -29.82
C GLY H 231 13.11 -28.38 -31.05
N LEU H 232 11.86 -27.99 -30.98
CA LEU H 232 10.91 -28.31 -32.05
C LEU H 232 10.24 -27.01 -32.48
N LEU H 233 10.54 -26.57 -33.70
CA LEU H 233 10.15 -25.25 -34.17
C LEU H 233 9.00 -25.45 -35.13
N VAL H 234 7.81 -25.02 -34.71
CA VAL H 234 6.58 -25.26 -35.47
C VAL H 234 6.03 -23.92 -35.92
N PHE H 235 5.46 -23.86 -37.11
CA PHE H 235 5.08 -22.55 -37.61
C PHE H 235 3.84 -22.65 -38.49
N SER H 236 3.09 -21.54 -38.57
CA SER H 236 1.96 -21.46 -39.48
C SER H 236 2.43 -21.39 -40.92
N GLU H 237 1.60 -21.88 -41.83
CA GLU H 237 1.99 -21.90 -43.23
C GLU H 237 2.27 -20.49 -43.75
N ASP H 238 1.49 -19.51 -43.28
CA ASP H 238 1.64 -18.14 -43.71
C ASP H 238 2.64 -17.37 -42.89
N ILE H 239 3.56 -18.05 -42.19
CA ILE H 239 4.35 -17.35 -41.17
C ILE H 239 5.02 -16.14 -41.78
N GLY H 240 5.60 -16.30 -42.97
CA GLY H 240 6.16 -15.13 -43.65
C GLY H 240 7.47 -14.60 -43.09
N LEU H 241 8.23 -15.46 -42.39
CA LEU H 241 9.57 -15.24 -41.90
C LEU H 241 10.42 -16.34 -42.48
N PRO H 242 11.70 -16.07 -42.77
CA PRO H 242 12.53 -17.10 -43.40
C PRO H 242 13.00 -18.22 -42.46
N VAL H 243 12.12 -18.78 -41.60
CA VAL H 243 12.55 -19.78 -40.64
C VAL H 243 13.02 -21.05 -41.34
N GLU H 244 12.36 -21.41 -42.43
CA GLU H 244 12.80 -22.61 -43.13
C GLU H 244 14.19 -22.41 -43.70
N LYS H 245 14.45 -21.22 -44.27
CA LYS H 245 15.74 -21.03 -44.92
C LYS H 245 16.86 -21.09 -43.90
N ILE H 246 16.72 -20.32 -42.81
CA ILE H 246 17.81 -20.16 -41.87
C ILE H 246 18.04 -21.46 -41.13
N TYR H 247 16.96 -22.20 -40.85
CA TYR H 247 17.09 -23.54 -40.31
C TYR H 247 18.01 -24.39 -41.19
N SER H 248 17.74 -24.44 -42.47
CA SER H 248 18.55 -25.25 -43.38
C SER H 248 19.97 -24.73 -43.49
N ASP H 249 20.19 -23.42 -43.30
CA ASP H 249 21.56 -22.91 -43.19
C ASP H 249 22.27 -23.51 -41.99
N ILE H 250 21.55 -23.84 -40.92
CA ILE H 250 22.20 -24.27 -39.69
C ILE H 250 22.31 -25.78 -39.60
N LEU H 251 21.32 -26.54 -40.08
CA LEU H 251 21.44 -27.98 -39.89
C LEU H 251 20.62 -28.76 -40.91
N LEU H 252 21.10 -29.99 -41.15
CA LEU H 252 20.39 -30.99 -41.92
C LEU H 252 19.34 -31.74 -41.10
N GLY H 253 19.41 -31.70 -39.79
CA GLY H 253 18.47 -32.43 -38.95
C GLY H 253 19.19 -32.77 -37.67
N VAL H 254 18.52 -33.52 -36.79
CA VAL H 254 19.14 -33.97 -35.54
C VAL H 254 19.36 -35.49 -35.60
N SER H 255 20.07 -36.00 -34.60
CA SER H 255 20.39 -37.42 -34.56
C SER H 255 19.14 -38.29 -34.59
N PRO H 256 19.11 -39.35 -35.40
CA PRO H 256 17.99 -40.30 -35.27
C PRO H 256 17.98 -41.01 -33.96
N LEU H 257 19.13 -41.15 -33.32
CA LEU H 257 19.13 -41.78 -32.00
C LEU H 257 18.41 -40.90 -30.97
N ILE H 258 18.76 -39.61 -30.93
CA ILE H 258 18.09 -38.66 -30.04
C ILE H 258 16.60 -38.70 -30.32
N LEU H 259 16.24 -38.71 -31.60
CA LEU H 259 14.83 -38.76 -31.98
C LEU H 259 14.15 -40.03 -31.44
N ALA H 260 14.87 -41.16 -31.51
CA ALA H 260 14.37 -42.42 -30.99
C ALA H 260 14.19 -42.35 -29.49
N LEU H 261 15.20 -41.82 -28.79
CA LEU H 261 15.12 -41.65 -27.34
C LEU H 261 13.91 -40.80 -26.93
N ILE H 262 13.60 -39.75 -27.69
CA ILE H 262 12.46 -38.94 -27.32
C ILE H 262 11.20 -39.79 -27.42
N ARG H 263 11.07 -40.56 -28.50
CA ARG H 263 9.95 -41.46 -28.71
C ARG H 263 9.79 -42.40 -27.53
N GLU H 264 10.88 -43.05 -27.14
CA GLU H 264 10.79 -44.01 -26.04
C GLU H 264 10.44 -43.31 -24.74
N PHE H 265 11.10 -42.20 -24.46
CA PHE H 265 10.86 -41.49 -23.21
C PHE H 265 9.42 -40.93 -23.18
N SER H 266 8.98 -40.36 -24.32
CA SER H 266 7.59 -39.92 -24.45
C SER H 266 6.63 -41.05 -24.14
N ARG H 267 6.95 -42.26 -24.60
CA ARG H 267 6.07 -43.41 -24.38
C ARG H 267 6.14 -43.92 -22.97
N ASP H 268 7.32 -43.94 -22.37
CA ASP H 268 7.34 -44.26 -20.95
C ASP H 268 6.49 -43.24 -20.19
N ALA H 269 6.54 -41.96 -20.59
CA ALA H 269 5.78 -40.93 -19.87
C ALA H 269 4.29 -41.20 -19.96
N ALA H 270 3.84 -41.62 -21.13
CA ALA H 270 2.41 -41.84 -21.33
C ALA H 270 1.88 -43.05 -20.55
N ASP H 271 2.74 -43.99 -20.22
CA ASP H 271 2.35 -45.20 -19.49
C ASP H 271 2.53 -45.01 -17.99
N GLY H 272 2.35 -43.80 -17.49
CA GLY H 272 2.52 -43.50 -16.08
C GLY H 272 3.71 -42.61 -15.75
N GLY H 273 4.68 -42.41 -16.65
CA GLY H 273 5.89 -41.71 -16.23
C GLY H 273 5.63 -40.23 -15.93
N LEU H 274 4.76 -39.58 -16.71
CA LEU H 274 4.47 -38.16 -16.51
C LEU H 274 3.83 -37.93 -15.15
N ALA H 275 2.83 -38.73 -14.82
CA ALA H 275 2.24 -38.65 -13.49
C ALA H 275 3.29 -38.76 -12.40
N ASP H 276 4.24 -39.70 -12.58
CA ASP H 276 5.28 -39.88 -11.56
C ASP H 276 6.17 -38.64 -11.48
N LEU H 277 6.40 -38.01 -12.63
CA LEU H 277 7.25 -36.83 -12.67
C LEU H 277 6.57 -35.69 -11.93
N HIS H 278 5.28 -35.50 -12.16
CA HIS H 278 4.56 -34.43 -11.47
C HIS H 278 4.63 -34.63 -9.95
N ALA H 279 4.48 -35.87 -9.49
CA ALA H 279 4.58 -36.16 -8.05
C ALA H 279 5.96 -35.88 -7.52
N PHE H 280 6.97 -36.22 -8.33
CA PHE H 280 8.34 -36.00 -7.96
C PHE H 280 8.61 -34.51 -7.79
N ILE H 281 8.20 -33.70 -8.78
CA ILE H 281 8.47 -32.27 -8.69
C ILE H 281 7.72 -31.68 -7.52
N LEU H 282 6.45 -32.07 -7.38
CA LEU H 282 5.64 -31.66 -6.24
C LEU H 282 6.35 -31.97 -4.92
N HIS H 283 6.87 -33.19 -4.77
CA HIS H 283 7.57 -33.53 -3.53
C HIS H 283 8.78 -32.61 -3.31
N ASN H 284 9.56 -32.39 -4.38
CA ASN H 284 10.76 -31.56 -4.26
C ASN H 284 10.42 -30.13 -3.95
N ARG H 285 9.38 -29.56 -4.59
CA ARG H 285 8.89 -28.25 -4.19
C ARG H 285 8.50 -28.26 -2.73
N SER H 286 7.82 -29.33 -2.26
CA SER H 286 7.46 -29.41 -0.83
C SER H 286 8.71 -29.48 0.05
N VAL H 287 9.73 -30.20 -0.37
CA VAL H 287 10.97 -30.26 0.39
C VAL H 287 11.51 -28.86 0.66
N VAL H 288 11.59 -28.05 -0.38
CA VAL H 288 12.17 -26.71 -0.28
C VAL H 288 11.35 -25.85 0.66
N ARG H 289 10.03 -25.86 0.48
CA ARG H 289 9.20 -24.91 1.19
C ARG H 289 9.08 -25.29 2.63
N ARG H 290 9.11 -26.59 2.96
CA ARG H 290 9.05 -26.95 4.37
C ARG H 290 10.42 -26.79 5.02
N ALA H 291 11.50 -26.84 4.24
CA ALA H 291 12.79 -26.62 4.87
C ALA H 291 12.96 -25.17 5.29
N LEU H 292 12.18 -24.28 4.69
CA LEU H 292 12.27 -22.85 4.93
C LEU H 292 11.12 -22.34 5.77
N ALA H 293 10.23 -23.24 6.22
CA ALA H 293 9.04 -22.85 6.97
C ALA H 293 9.34 -21.73 7.96
N GLY H 294 9.83 -22.02 9.15
CA GLY H 294 9.73 -20.97 10.18
C GLY H 294 10.83 -19.91 10.20
N VAL H 295 11.24 -19.45 9.02
CA VAL H 295 12.41 -18.59 8.81
C VAL H 295 11.94 -17.22 8.41
N GLU H 296 12.26 -16.22 9.21
CA GLU H 296 11.66 -14.91 9.06
C GLU H 296 11.99 -14.37 7.69
N GLY H 297 11.05 -13.66 7.09
CA GLY H 297 11.33 -12.92 5.88
C GLY H 297 11.31 -13.71 4.60
N VAL H 298 11.05 -15.05 4.66
CA VAL H 298 10.98 -15.88 3.46
C VAL H 298 9.55 -15.83 2.94
N SER H 299 9.42 -15.71 1.63
CA SER H 299 8.15 -15.94 0.98
C SER H 299 8.37 -16.61 -0.35
N PHE H 300 7.25 -17.11 -0.89
CA PHE H 300 7.28 -17.87 -2.15
C PHE H 300 6.40 -17.16 -3.17
N PRO H 301 6.97 -16.48 -4.14
CA PRO H 301 6.17 -15.60 -5.02
C PRO H 301 5.19 -16.33 -5.91
N ASP H 302 5.38 -17.61 -6.21
CA ASP H 302 4.56 -18.35 -7.14
C ASP H 302 4.05 -19.55 -6.36
N PRO H 303 3.20 -19.32 -5.37
CA PRO H 303 2.78 -20.43 -4.51
C PRO H 303 2.11 -21.57 -5.26
N GLU H 304 1.56 -21.31 -6.44
CA GLU H 304 0.88 -22.34 -7.19
C GLU H 304 1.75 -22.93 -8.31
N SER H 305 2.97 -22.47 -8.50
CA SER H 305 3.74 -23.01 -9.62
C SER H 305 3.90 -24.52 -9.52
N ARG H 306 3.81 -25.18 -10.68
CA ARG H 306 4.21 -26.58 -10.84
C ARG H 306 5.48 -26.75 -11.69
N SER H 307 6.23 -25.66 -11.95
CA SER H 307 7.45 -25.77 -12.72
C SER H 307 8.54 -26.57 -12.00
N SER H 308 9.53 -27.00 -12.77
CA SER H 308 10.72 -27.62 -12.21
C SER H 308 11.72 -26.59 -11.65
N VAL H 309 11.38 -25.30 -11.68
CA VAL H 309 12.14 -24.30 -10.92
C VAL H 309 11.24 -23.53 -9.98
N GLU H 310 11.83 -23.04 -8.89
CA GLU H 310 11.13 -22.43 -7.79
C GLU H 310 11.85 -21.16 -7.34
N ARG H 311 11.09 -20.06 -7.28
CA ARG H 311 11.57 -18.80 -6.74
C ARG H 311 11.35 -18.76 -5.23
N VAL H 312 12.35 -18.25 -4.53
CA VAL H 312 12.25 -17.88 -3.13
C VAL H 312 12.61 -16.40 -2.98
N ALA H 313 11.80 -15.66 -2.27
CA ALA H 313 12.06 -14.24 -2.02
C ALA H 313 12.42 -14.02 -0.56
N PHE H 314 13.22 -12.97 -0.30
CA PHE H 314 13.65 -12.62 1.06
C PHE H 314 13.40 -11.14 1.35
N ALA H 315 12.77 -10.85 2.48
CA ALA H 315 12.47 -9.45 2.78
C ALA H 315 13.75 -8.66 3.01
N GLY H 316 14.67 -9.23 3.76
CA GLY H 316 15.78 -8.45 4.25
C GLY H 316 17.10 -8.77 3.61
N ARG H 317 17.07 -9.37 2.42
CA ARG H 317 18.29 -9.80 1.77
C ARG H 317 18.10 -9.77 0.28
N THR H 318 19.20 -9.62 -0.39
CA THR H 318 19.27 -9.59 -1.83
C THR H 318 19.51 -11.01 -2.33
N GLY H 319 19.06 -11.28 -3.54
CA GLY H 319 19.39 -12.56 -4.16
C GLY H 319 20.89 -12.73 -4.38
N THR H 320 21.58 -11.63 -4.73
CA THR H 320 23.02 -11.67 -4.92
C THR H 320 23.75 -12.02 -3.63
N GLU H 321 23.35 -11.39 -2.51
CA GLU H 321 23.92 -11.68 -1.20
C GLU H 321 23.67 -13.13 -0.82
N VAL H 322 22.43 -13.58 -0.96
CA VAL H 322 22.15 -14.97 -0.65
C VAL H 322 22.97 -15.87 -1.58
N TRP H 323 22.97 -15.59 -2.88
CA TRP H 323 23.74 -16.44 -3.79
C TRP H 323 25.21 -16.52 -3.34
N GLU H 324 25.79 -15.40 -2.89
CA GLU H 324 27.20 -15.37 -2.52
C GLU H 324 27.46 -16.19 -1.25
N GLU H 325 26.54 -16.15 -0.29
CA GLU H 325 26.71 -16.92 0.93
C GLU H 325 26.57 -18.41 0.65
N LEU H 326 25.55 -18.77 -0.11
CA LEU H 326 25.41 -20.16 -0.51
C LEU H 326 26.69 -20.67 -1.15
N GLN H 327 27.28 -19.85 -2.00
CA GLN H 327 28.44 -20.28 -2.76
C GLN H 327 29.64 -20.63 -1.87
N ARG H 328 29.78 -19.93 -0.74
CA ARG H 328 30.82 -20.16 0.25
C ARG H 328 30.68 -21.52 0.92
N HIS H 329 29.51 -22.12 0.83
CA HIS H 329 29.25 -23.46 1.33
C HIS H 329 28.99 -24.42 0.18
N HIS H 330 29.41 -24.05 -1.03
CA HIS H 330 29.44 -24.94 -2.19
C HIS H 330 28.03 -25.31 -2.69
N VAL H 331 27.09 -24.39 -2.57
CA VAL H 331 25.73 -24.57 -3.07
C VAL H 331 25.55 -23.50 -4.13
N PHE H 332 25.03 -23.90 -5.28
CA PHE H 332 24.94 -23.01 -6.43
C PHE H 332 23.50 -22.92 -6.89
N ALA H 333 22.88 -21.79 -6.59
CA ALA H 333 21.56 -21.44 -7.11
C ALA H 333 21.68 -20.44 -8.26
N LEU H 334 20.61 -19.68 -8.53
CA LEU H 334 20.65 -18.56 -9.44
C LEU H 334 20.09 -17.32 -8.77
N PRO H 335 20.71 -16.15 -8.97
CA PRO H 335 20.08 -14.89 -8.56
C PRO H 335 19.14 -14.42 -9.66
N CYS H 336 18.01 -13.83 -9.26
CA CYS H 336 16.89 -13.62 -10.15
C CYS H 336 16.95 -12.35 -10.97
N ARG H 337 17.86 -11.41 -10.64
CA ARG H 337 17.82 -10.10 -11.30
C ARG H 337 17.61 -10.19 -12.80
N GLN H 338 18.32 -11.12 -13.46
CA GLN H 338 18.41 -11.11 -14.92
C GLN H 338 17.25 -11.79 -15.63
N PHE H 339 16.39 -12.53 -14.90
CA PHE H 339 15.08 -12.89 -15.43
C PHE H 339 14.25 -11.66 -15.78
N HIS H 340 14.42 -10.58 -15.01
CA HIS H 340 13.67 -9.34 -15.24
C HIS H 340 14.50 -8.50 -16.17
N TRP H 341 14.42 -8.86 -17.43
CA TRP H 341 15.35 -8.37 -18.42
C TRP H 341 15.19 -6.90 -18.74
N ALA H 342 14.12 -6.27 -18.30
CA ALA H 342 13.89 -4.86 -18.58
C ALA H 342 14.03 -3.99 -17.35
N GLU H 343 13.95 -4.55 -16.16
CA GLU H 343 14.20 -3.82 -14.92
C GLU H 343 14.76 -4.81 -13.90
N PRO H 344 16.09 -5.08 -13.97
CA PRO H 344 16.70 -6.12 -13.11
C PRO H 344 16.40 -5.97 -11.64
N SER H 345 16.32 -4.74 -11.12
CA SER H 345 15.99 -4.52 -9.71
C SER H 345 14.68 -5.19 -9.31
N ASP H 346 13.80 -5.54 -10.28
CA ASP H 346 12.55 -6.24 -9.93
C ASP H 346 12.83 -7.57 -9.25
N GLY H 347 13.96 -8.21 -9.55
CA GLY H 347 14.30 -9.52 -9.02
C GLY H 347 15.39 -9.50 -7.96
N ASP H 348 15.59 -8.35 -7.35
CA ASP H 348 16.75 -8.13 -6.49
C ASP H 348 16.70 -8.97 -5.22
N HIS H 349 15.53 -9.48 -4.87
CA HIS H 349 15.29 -10.08 -3.57
C HIS H 349 14.90 -11.53 -3.69
N MET H 350 15.30 -12.20 -4.77
CA MET H 350 14.88 -13.56 -4.99
C MET H 350 16.03 -14.38 -5.55
N VAL H 351 16.00 -15.66 -5.23
CA VAL H 351 16.81 -16.66 -5.92
C VAL H 351 15.87 -17.69 -6.51
N ARG H 352 16.40 -18.42 -7.50
CA ARG H 352 15.71 -19.54 -8.12
C ARG H 352 16.46 -20.83 -7.85
N ILE H 353 15.70 -21.85 -7.47
CA ILE H 353 16.21 -23.15 -7.06
C ILE H 353 15.77 -24.18 -8.09
N ALA H 354 16.71 -25.04 -8.52
CA ALA H 354 16.38 -26.10 -9.48
C ALA H 354 15.86 -27.33 -8.73
N LEU H 355 14.68 -27.82 -9.15
CA LEU H 355 13.97 -28.93 -8.48
C LEU H 355 14.12 -30.28 -9.17
N SER H 356 14.50 -30.25 -10.44
CA SER H 356 14.77 -31.46 -11.24
C SER H 356 16.14 -31.99 -10.80
N ARG H 357 16.14 -32.52 -9.58
CA ARG H 357 17.31 -33.05 -8.90
C ARG H 357 16.85 -34.17 -7.98
N SER H 358 17.75 -35.11 -7.73
CA SER H 358 17.49 -36.10 -6.70
C SER H 358 17.24 -35.40 -5.37
N THR H 359 16.33 -35.96 -4.58
CA THR H 359 15.86 -35.24 -3.42
C THR H 359 16.97 -35.03 -2.45
N GLU H 360 17.94 -35.94 -2.41
CA GLU H 360 18.95 -35.84 -1.35
C GLU H 360 19.85 -34.64 -1.58
N PRO H 361 20.47 -34.47 -2.73
CA PRO H 361 21.24 -33.23 -2.92
C PRO H 361 20.36 -31.99 -2.77
N LEU H 362 19.07 -32.04 -3.16
CA LEU H 362 18.22 -30.85 -2.99
C LEU H 362 18.05 -30.51 -1.51
N GLU H 363 17.66 -31.50 -0.70
CA GLU H 363 17.49 -31.32 0.75
C GLU H 363 18.75 -30.76 1.41
N LYS H 364 19.92 -31.37 1.12
CA LYS H 364 21.19 -30.84 1.62
C LYS H 364 21.34 -29.37 1.25
N SER H 365 21.04 -29.01 0.01
CA SER H 365 21.25 -27.64 -0.44
C SER H 365 20.34 -26.67 0.29
N VAL H 366 19.06 -27.01 0.53
CA VAL H 366 18.17 -26.04 1.17
C VAL H 366 18.36 -26.04 2.67
N GLN H 367 18.85 -27.13 3.26
CA GLN H 367 19.29 -27.05 4.65
C GLN H 367 20.42 -26.03 4.83
N VAL H 368 21.37 -25.98 3.91
CA VAL H 368 22.37 -24.91 3.98
C VAL H 368 21.67 -23.56 3.89
N LEU H 369 20.83 -23.36 2.86
CA LEU H 369 20.12 -22.09 2.75
C LEU H 369 19.43 -21.78 4.06
N ARG H 370 18.74 -22.75 4.62
CA ARG H 370 18.09 -22.52 5.88
C ARG H 370 19.06 -22.01 6.90
N THR H 371 20.24 -22.63 6.99
CA THR H 371 21.21 -22.16 7.96
C THR H 371 21.69 -20.74 7.62
N VAL H 372 21.93 -20.46 6.35
CA VAL H 372 22.32 -19.12 5.92
C VAL H 372 21.30 -18.07 6.36
N LEU H 373 20.00 -18.37 6.24
CA LEU H 373 18.99 -17.35 6.48
C LEU H 373 18.79 -17.13 7.97
N GLU H 374 19.01 -18.17 8.77
CA GLU H 374 18.92 -18.11 10.21
C GLU H 374 20.07 -17.34 10.82
N THR H 375 21.02 -16.89 10.01
CA THR H 375 22.14 -16.12 10.54
C THR H 375 21.81 -14.62 10.56
C01 EQJ I . -1.26 15.97 28.04
C02 EQJ I . -0.99 15.80 29.53
C04 EQJ I . -1.84 16.10 31.70
C05 EQJ I . -0.69 15.54 32.20
C06 EQJ I . -0.59 15.43 33.73
C12 EQJ I . 0.34 15.07 31.34
C13 EQJ I . 1.67 14.53 31.89
C15 EQJ I . 3.78 13.42 31.61
C16 EQJ I . 3.90 12.99 33.10
C17 EQJ I . 2.92 11.92 33.46
C18 EQJ I . 2.91 11.83 34.97
C20 EQJ I . 0.65 11.28 36.02
C23 EQJ I . 4.39 12.44 30.63
C26 EQJ I . 0.18 15.23 29.96
N03 EQJ I . -1.95 16.19 30.40
N14 EQJ I . 2.44 13.78 31.15
N19 EQJ I . 1.89 10.85 35.35
N21 EQJ I . -0.32 10.27 36.41
N22 EQJ I . 0.42 12.55 36.24
O07 EQJ I . 0.53 16.21 34.13
O09 EQJ I . 1.64 17.26 36.15
O10 EQJ I . 1.78 14.75 35.83
O11 EQJ I . -0.36 15.80 36.47
O24 EQJ I . 3.96 12.44 29.42
O25 EQJ I . 5.33 11.70 31.06
O27 EQJ I . 1.15 14.82 29.04
P08 EQJ I . 0.93 16.00 35.71
H011 EQJ I . -0.54 15.58 27.53
H012 EQJ I . -2.10 15.54 27.81
H013 EQJ I . -1.33 16.92 27.84
H041 EQJ I . -2.52 16.38 32.26
H062 EQJ I . -0.44 14.51 34.00
H061 EQJ I . -1.39 15.78 34.16
H131 EQJ I . 1.97 14.81 32.73
H151 EQJ I . 4.32 14.23 31.54
H161 EQJ I . 4.80 12.66 33.26
H162 EQJ I . 3.75 13.77 33.66
H172 EQJ I . 3.19 11.07 33.08
H171 EQJ I . 2.02 12.16 33.14
H181 EQJ I . 3.78 11.54 35.28
H182 EQJ I . 2.69 12.70 35.34
H191 EQJ I . 2.04 10.01 35.22
H211 EQJ I . -0.16 9.44 36.25
H1 EQJ I . -0.34 12.81 36.65
H271 EQJ I . 1.86 15.28 29.15
C01 EQJ J . -9.80 16.23 58.87
C02 EQJ J . -9.38 16.89 57.56
C04 EQJ J . -8.62 16.62 55.36
C05 EQJ J . -8.61 17.99 55.17
C06 EQJ J . -8.16 18.63 53.80
C12 EQJ J . -9.01 18.83 56.24
C13 EQJ J . -8.99 20.34 56.01
C15 EQJ J . -9.63 22.55 56.42
C16 EQJ J . -10.25 22.79 55.03
C17 EQJ J . -9.50 23.87 54.25
C18 EQJ J . -9.24 23.29 52.84
C20 EQJ J . -10.58 21.73 51.31
C23 EQJ J . -10.47 23.30 57.42
C26 EQJ J . -9.40 18.27 57.43
N03 EQJ J . -9.00 16.12 56.53
N14 EQJ J . -9.73 21.14 56.70
N19 EQJ J . -10.51 22.94 52.18
N21 EQJ J . -11.79 21.38 50.64
N22 EQJ J . -9.54 20.96 51.15
O07 EQJ J . -6.92 19.29 54.00
O09 EQJ J . -4.80 20.37 53.07
O10 EQJ J . -6.23 19.11 51.53
O11 EQJ J . -6.96 21.25 52.39
O24 EQJ J . -10.34 24.53 57.60
O25 EQJ J . -11.34 22.68 58.07
O27 EQJ J . -9.80 19.04 58.49
P08 EQJ J . -6.21 20.02 52.72
H011 EQJ J . -10.13 16.92 59.48
H012 EQJ J . -10.50 15.59 58.70
H013 EQJ J . -9.04 15.79 59.27
H041 EQJ J . -8.36 16.05 54.68
H062 EQJ J . -8.05 17.92 53.14
H061 EQJ J . -8.83 19.26 53.50
H131 EQJ J . -8.44 20.69 55.35
H151 EQJ J . -8.71 22.85 56.44
H161 EQJ J . -10.23 21.95 54.54
H162 EQJ J . -11.17 23.07 55.15
H172 EQJ J . -10.06 24.66 54.18
H171 EQJ J . -8.66 24.08 54.68
H181 EQJ J . -8.77 23.95 52.31
H182 EQJ J . -8.69 22.50 52.92
H191 EQJ J . -11.20 23.44 52.28
H211 EQJ J . -11.83 20.68 50.15
H1 EQJ J . -9.60 20.24 50.63
H271 EQJ J . -9.20 19.01 59.10
C01 EQJ K . -42.13 -18.74 22.87
C02 EQJ K . -41.15 -19.22 21.82
C04 EQJ K . -39.69 -18.71 20.06
C05 EQJ K . -39.36 -20.04 19.93
C06 EQJ K . -38.33 -20.50 18.83
C12 EQJ K . -39.93 -20.97 20.81
C13 EQJ K . -39.59 -22.44 20.63
C15 EQJ K . -40.21 -24.77 21.11
C16 EQJ K . -38.95 -25.26 20.36
C17 EQJ K . -37.58 -24.88 20.94
C18 EQJ K . -36.49 -25.39 19.97
C20 EQJ K . -34.52 -23.77 19.88
C23 EQJ K . -40.41 -25.51 22.44
C26 EQJ K . -40.86 -20.57 21.74
N03 EQJ K . -40.56 -18.35 21.00
N14 EQJ K . -40.32 -23.32 21.25
N19 EQJ K . -35.17 -24.98 20.45
N21 EQJ K . -33.22 -23.40 20.39
N22 EQJ K . -35.12 -23.08 18.95
O07 EQJ K . -38.90 -21.47 17.97
O09 EQJ K . -37.34 -23.36 17.43
O10 EQJ K . -36.82 -21.17 16.39
O11 EQJ K . -38.75 -22.46 15.54
O24 EQJ K . -40.23 -26.76 22.47
O25 EQJ K . -40.81 -24.91 23.47
O27 EQJ K . -41.47 -21.44 22.61
P08 EQJ K . -37.93 -22.14 16.79
H011 EQJ K . -42.39 -19.47 23.43
H012 EQJ K . -41.71 -18.04 23.41
H013 EQJ K . -42.91 -18.37 22.42
H041 EQJ K . -39.30 -18.06 19.50
H062 EQJ K . -37.55 -20.88 19.26
H061 EQJ K . -38.06 -19.73 18.30
H131 EQJ K . -38.91 -22.70 20.06
H151 EQJ K . -40.96 -25.04 20.56
H161 EQJ K . -38.99 -26.23 20.31
H162 EQJ K . -38.99 -24.91 19.46
H172 EQJ K . -37.52 -23.92 21.02
H171 EQJ K . -37.46 -25.29 21.81
H181 EQJ K . -36.53 -26.35 19.91
H182 EQJ K . -36.64 -25.01 19.09
H191 EQJ K . -34.77 -25.43 21.07
H211 EQJ K . -32.81 -22.72 20.07
H1 EQJ K . -34.73 -22.35 18.62
H271 EQJ K . -40.89 -21.79 23.12
C01 EQJ L . -17.90 -16.93 1.82
C02 EQJ L . -19.36 -16.82 2.25
C04 EQJ L . -20.95 -17.30 3.89
C05 EQJ L . -21.95 -16.67 3.13
C06 EQJ L . -23.42 -16.60 3.67
C12 EQJ L . -21.63 -16.06 1.89
C13 EQJ L . -22.74 -15.42 1.06
C15 EQJ L . -23.47 -14.47 -1.08
C16 EQJ L . -24.85 -14.15 -0.44
C17 EQJ L . -24.86 -13.09 0.66
C18 EQJ L . -26.27 -13.01 1.31
C20 EQJ L . -26.08 -12.27 3.74
C23 EQJ L . -22.86 -13.35 -1.91
C26 EQJ L . -20.31 -16.16 1.45
N03 EQJ L . -19.70 -17.36 3.43
N14 EQJ L . -22.47 -14.98 -0.13
N19 EQJ L . -26.21 -11.92 2.29
N21 EQJ L . -26.04 -13.66 4.10
N22 EQJ L . -26.02 -11.31 4.64
O07 EQJ L . -24.23 -17.49 2.89
O09 EQJ L . -26.51 -18.55 2.50
O10 EQJ L . -26.31 -16.09 2.46
O11 EQJ L . -26.00 -17.24 4.56
O24 EQJ L . -21.62 -13.19 -1.82
O25 EQJ L . -23.56 -12.65 -2.73
O27 EQJ L . -19.94 -15.63 0.26
P08 EQJ L . -25.82 -17.35 3.08
H011 EQJ L . -17.76 -16.45 1.00
H012 EQJ L . -17.33 -16.57 2.53
H013 EQJ L . -17.68 -17.87 1.69
H041 EQJ L . -21.16 -17.68 4.72
H062 EQJ L . -23.76 -15.70 3.57
H061 EQJ L . -23.45 -16.86 4.60
H131 EQJ L . -23.61 -15.40 1.39
H151 EQJ L . -23.63 -15.20 -1.70
H161 EQJ L . -25.44 -13.86 -1.14
H162 EQJ L . -25.19 -14.98 -0.07
H172 EQJ L . -24.21 -13.33 1.34
H171 EQJ L . -24.63 -12.23 0.28
H181 EQJ L . -26.93 -12.81 0.63
H182 EQJ L . -26.49 -13.85 1.75
H191 EQJ L . -26.23 -11.10 2.04
H211 EQJ L . -25.97 -13.88 4.92
H1 EQJ L . -25.95 -11.51 5.51
H271 EQJ L . -19.16 -15.31 0.32
C01 EQJ M . 7.29 21.91 -8.49
C02 EQJ M . 7.25 22.58 -9.87
C04 EQJ M . 8.38 23.44 -11.75
C05 EQJ M . 7.19 23.79 -12.35
C06 EQJ M . 7.21 24.46 -13.75
C12 EQJ M . 5.98 23.49 -11.67
C13 EQJ M . 4.67 23.92 -12.31
C15 EQJ M . 2.32 24.19 -12.34
C16 EQJ M . 2.29 23.68 -13.80
C17 EQJ M . 1.85 24.73 -14.78
C18 EQJ M . 2.80 24.60 -15.96
C20 EQJ M . 3.99 22.83 -17.35
C23 EQJ M . 1.15 23.57 -11.60
C26 EQJ M . 6.03 22.90 -10.41
N03 EQJ M . 8.37 22.85 -10.55
N14 EQJ M . 3.53 23.73 -11.70
N19 EQJ M . 2.71 23.32 -16.71
N21 EQJ M . 5.22 23.56 -17.17
N22 EQJ M . 4.00 21.74 -18.07
O07 EQJ M . 7.06 25.84 -13.61
O09 EQJ M . 5.57 26.08 -15.51
O10 EQJ M . 7.87 26.11 -16.05
O11 EQJ M . 6.76 28.01 -14.94
O24 EQJ M . -0.01 23.82 -12.01
O25 EQJ M . 1.31 22.84 -10.57
O27 EQJ M . 4.92 22.62 -9.68
P08 EQJ M . 6.85 26.54 -15.06
H011 EQJ M . 8.21 21.82 -8.19
H012 EQJ M . 6.81 22.47 -7.86
H013 EQJ M . 6.88 21.04 -8.54
H041 EQJ M . 9.19 23.59 -12.18
H062 EQJ M . 6.48 24.11 -14.29
H061 EQJ M . 8.06 24.27 -14.19
H131 EQJ M . 4.67 24.33 -13.14
H151 EQJ M . 2.26 25.16 -12.32
H161 EQJ M . 3.18 23.37 -14.04
H162 EQJ M . 1.68 22.93 -13.86
H172 EQJ M . 0.94 24.56 -15.06
H171 EQJ M . 1.93 25.61 -14.38
H181 EQJ M . 2.61 25.33 -16.58
H182 EQJ M . 3.71 24.70 -15.64
H191 EQJ M . 1.97 22.92 -16.83
H211 EQJ M . 5.95 23.27 -17.53
H1 EQJ M . 4.76 21.45 -18.43
H271 EQJ M . 4.43 22.07 -10.11
C01 EQJ N . 18.42 29.64 -37.57
C02 EQJ N . 18.13 29.84 -36.09
C04 EQJ N . 16.83 29.26 -34.23
C05 EQJ N . 17.53 30.15 -33.44
C06 EQJ N . 17.14 30.27 -31.93
C12 EQJ N . 18.56 30.91 -34.03
C13 EQJ N . 19.34 31.89 -33.19
C15 EQJ N . 21.10 33.42 -32.74
C16 EQJ N . 21.42 32.55 -31.52
C17 EQJ N . 22.24 33.20 -30.42
C18 EQJ N . 21.63 32.71 -29.11
C20 EQJ N . 21.16 30.21 -28.41
C23 EQJ N . 22.39 33.92 -33.37
C26 EQJ N . 18.86 30.75 -35.36
N03 EQJ N . 17.15 29.14 -35.51
N14 EQJ N . 20.39 32.52 -33.64
N19 EQJ N . 22.08 31.33 -28.76
N21 EQJ N . 21.70 28.93 -28.07
N22 EQJ N . 19.87 30.35 -28.42
O07 EQJ N . 16.96 31.61 -31.54
O09 EQJ N . 16.55 30.77 -29.12
O10 EQJ N . 18.25 32.45 -29.45
O11 EQJ N . 15.85 33.08 -29.76
O24 EQJ N . 22.95 33.28 -34.32
O25 EQJ N . 22.97 34.96 -32.98
O27 EQJ N . 19.85 31.48 -35.94
P08 EQJ N . 16.90 31.97 -29.93
H011 EQJ N . 17.76 29.04 -37.95
H012 EQJ N . 18.38 30.50 -38.02
H013 EQJ N . 19.30 29.27 -37.67
H041 EQJ N . 16.15 28.74 -33.86
H062 EQJ N . 17.86 29.89 -31.39
H061 EQJ N . 16.32 29.78 -31.76
H131 EQJ N . 19.07 32.04 -32.31
H151 EQJ N . 20.53 34.17 -32.49
H161 EQJ N . 20.58 32.25 -31.14
H162 EQJ N . 21.90 31.77 -31.83
H172 EQJ N . 23.16 32.93 -30.48
H171 EQJ N . 22.16 34.17 -30.48
H181 EQJ N . 21.89 33.31 -28.39
H182 EQJ N . 20.65 32.71 -29.18
H191 EQJ N . 22.93 31.18 -28.73
H211 EQJ N . 21.18 28.27 -27.88
H1 EQJ N . 19.50 31.13 -28.62
H271 EQJ N . 19.61 32.28 -36.00
C01 EQJ O . 33.51 -27.25 -43.84
C02 EQJ O . 32.25 -27.52 -43.03
C04 EQJ O . 31.00 -27.09 -41.12
C05 EQJ O . 30.02 -27.96 -41.54
C06 EQJ O . 28.76 -28.19 -40.66
C12 EQJ O . 30.16 -28.62 -42.78
C13 EQJ O . 29.08 -29.59 -43.22
C15 EQJ O . 28.41 -31.49 -44.65
C16 EQJ O . 27.02 -31.41 -43.98
C17 EQJ O . 26.18 -30.19 -44.38
C18 EQJ O . 24.83 -30.24 -43.65
C20 EQJ O . 24.26 -27.99 -42.60
C23 EQJ O . 28.30 -31.48 -46.17
C26 EQJ O . 31.31 -28.40 -43.52
N03 EQJ O . 32.07 -26.90 -41.87
N14 EQJ O . 29.35 -30.47 -44.16
N19 EQJ O . 24.14 -28.94 -43.74
N21 EQJ O . 23.58 -26.72 -42.71
N22 EQJ O . 24.98 -28.32 -41.54
O07 EQJ O . 28.84 -29.51 -40.16
O09 EQJ O . 27.82 -31.18 -38.44
O10 EQJ O . 26.47 -30.36 -40.38
O11 EQJ O . 27.04 -28.84 -38.58
O24 EQJ O . 29.06 -30.78 -46.88
O25 EQJ O . 27.46 -32.24 -46.72
O27 EQJ O . 31.53 -29.02 -44.73
P08 EQJ O . 27.51 -30.03 -39.36
H011 EQJ O . 34.11 -26.67 -43.33
H012 EQJ O . 33.96 -28.09 -44.02
H013 EQJ O . 33.27 -26.82 -44.67
H041 EQJ O . 30.91 -26.63 -40.31
H062 EQJ O . 27.96 -28.09 -41.20
H061 EQJ O . 28.75 -27.55 -39.92
H131 EQJ O . 28.24 -29.57 -42.82
H151 EQJ O . 28.79 -32.35 -44.40
H161 EQJ O . 26.53 -32.21 -44.21
H162 EQJ O . 27.15 -31.39 -43.02
H172 EQJ O . 26.65 -29.39 -44.15
H171 EQJ O . 26.03 -30.21 -45.35
H181 EQJ O . 24.27 -30.93 -44.06
H182 EQJ O . 24.98 -30.46 -42.72
H191 EQJ O . 23.68 -28.73 -44.44
H211 EQJ O . 23.62 -26.15 -42.08
H1 EQJ O . 25.04 -27.75 -40.85
H271 EQJ O . 30.85 -28.89 -45.23
C01 EQJ P . 11.59 -20.98 -21.39
C02 EQJ P . 12.91 -21.48 -21.95
C04 EQJ P . 14.18 -21.96 -23.82
C05 EQJ P . 15.20 -22.39 -22.99
C06 EQJ P . 16.49 -22.88 -23.67
C12 EQJ P . 15.10 -22.35 -21.58
C13 EQJ P . 16.23 -22.87 -20.71
C15 EQJ P . 17.23 -23.35 -18.49
C16 EQJ P . 18.59 -23.71 -19.16
C17 EQJ P . 19.44 -22.49 -19.47
C18 EQJ P . 20.58 -22.91 -20.39
C20 EQJ P . 21.24 -21.36 -22.26
C23 EQJ P . 17.41 -22.51 -17.24
C26 EQJ P . 13.90 -21.92 -21.05
N03 EQJ P . 13.07 -21.50 -23.28
N14 EQJ P . 16.22 -22.78 -19.41
N19 EQJ P . 21.29 -21.70 -20.85
N21 EQJ P . 20.52 -22.19 -23.16
N22 EQJ P . 21.85 -20.26 -22.68
O07 EQJ P . 16.70 -24.22 -23.34
O09 EQJ P . 18.11 -26.13 -23.91
O10 EQJ P . 18.52 -24.22 -25.26
O11 EQJ P . 19.17 -24.63 -22.98
O24 EQJ P . 18.36 -22.74 -16.41
O25 EQJ P . 16.54 -21.62 -16.96
O27 EQJ P . 13.70 -21.88 -19.69
P08 EQJ P . 18.11 -24.72 -23.94
H011 EQJ P . 10.98 -20.80 -22.11
H012 EQJ P . 11.19 -21.65 -20.80
H013 EQJ P . 11.74 -20.17 -20.88
H041 EQJ P . 14.29 -21.95 -24.75
H062 EQJ P . 17.25 -22.36 -23.35
H061 EQJ P . 16.41 -22.80 -24.63
H131 EQJ P . 16.93 -23.33 -21.12
H151 EQJ P . 16.87 -24.20 -18.19
H161 EQJ P . 19.09 -24.29 -18.56
H162 EQJ P . 18.43 -24.19 -19.99
H172 EQJ P . 18.90 -21.82 -19.91
H171 EQJ P . 19.81 -22.12 -18.65
H181 EQJ P . 20.23 -23.39 -21.15
H182 EQJ P . 21.20 -23.48 -19.91
H191 EQJ P . 21.71 -21.20 -20.29
H211 EQJ P . 20.49 -22.00 -23.99
H1 EQJ P . 21.83 -20.05 -23.54
H271 EQJ P . 14.31 -21.43 -19.32
#